data_8P52
#
_entry.id   8P52
#
_entity_poly.entity_id   1
_entity_poly.type   'polypeptide(L)'
_entity_poly.pdbx_seq_one_letter_code
;MGSSHHHHHHSSGLVPRGSHSEQKLISEEDLSMASISKDFTNLLNTLIDGQIGAASRQTEWFNMSPDERTDYIKQVDERL
QEMQQSTLSVLAAQHFQMQDNPVSVGDQLQTLQKRRQQMTDVPGTPAINAYKQQLDRDILLYRRQQTAMTHFDSTWRKVL
VMLGPDDSKPLNATTLRENAVDKQAKLDTEIKRLEQQLTIQVADSTFSQKYVTLFSELQAYKDVNARYNALLKASATEEA
AALGALTKVPQASDDLPVNISLLMMEERPGYIRMNVALVNASTDGRFKDFFLENGRLVVLTDGVLNFSFGTAARSLAWQQ
QYRLKSEPPSFRSPTYTPIRSVLVKTEFVEKYFANYLVSESTLRGGFKAQLLGNGRKMLLTSVDRKVPNQIGIQVSGQAP
NTTITREVPLASALSDLINQNADIASFRTIGLEGFRQSSYHPDRDGLFVNIHELERSVGFAGRQYLLEMPQDNDYLSATP
FGVMSVDGDKVSSSHLSKAQTDTLYQYNAAFFEKLEQLRSGGMKASRLFEGSIERTAFVQQLVRLLERNHITPAGVLAPE
YPRDNMRDIKGNNLNKVLWEQAFAASVWRSRDNDPLLFRLATRLVKNPAVVKVLQNGYVQSDIAQARELLAPLYEQWRTR
AVEAETQRVASANAAQHPSNPKVHVFDQAEVERSLDDKLLILLLTGPQSLEGTDVQLRPMVEAALLSNEGRSLRKQILFH
ALRPVADSFSKAAAPVNPHAELGVGKIMINNRLNQPDPYLILNTSSEEQAYRDGSYLIKDDKYRSYNQFRPDFKNDATRY
MNDLDTPFVGGISGTTQTVSNVLTELFGGALSVKQYWQFQMANAAFMIRNGYHSFFETFYVAARYEPEGADSIGKEMLQM
FDKYRVEGSKKALQGKLYDGVMARVLPIINQGLSAADEFHPPRFTRIGPRPALLGQAVKDLELKAGLTSVGDGFEPRQGS
ADIHQFVTDPVLFAKTHTVSAEALVRSGRLPAEGSAQLVKVGSGLYELEYTEQSANDISSSSIPAYFLGYNGPNQANAVP
AYVDIPKRTIAGNFLFTGTLSGGSLVVTSLDANTFRVYHDGRVNSSLLYDNVVMAVDYKDYQIAGTAEGLAAAYMQYVNH
EWQLVLQRQEYQRDGQMLRLRLRDDEEPLSIQVADSQVVERNQAQFVAYREQIHQQLKKVATQFEVSISGVSDGVYTEGE
FSPDHPAIAAWAKLCAEVYDRINADTKQLVDKRNKLYENRRNTIRRDLINQQIKQLNITLEYYKAQYDTVLREAGFVEQS
WLWQQIKAKNGSAAVVRIDDTAIQGGGKQRTDSVGERYAISEAYQRGARGTGFSDGLRNFREIEIPGVDDKMSALEMKRL
FLEGKLTSEQQGALSGRITETSRAEYIDKVLRQTAVFSEDFHDAGSVFDRLVPQDFYLSLVGDRSGGRCYPLVRAMTVAL
ASGGEAGINSLVQKLFFASADPQAGSSTLLRNSLIKLHSNVEAVQASTELGQFGLSEVVSRLAATTGTSMFALNTQNHSM
MVGSTVTTEGRRYYFYDPNVGIFAFDNTKSLSRAMEQHLVGRRLAVHYGSFGSKSAPAFNLIEIDTGKMAEVPVGNGLNV
ADLTRFEELSSVIGQRRQVEQVMSAQERITEDLQLSTALQAFDAEQWGARFEAASTRLAQEHQLDSRWLPIIATTEEQGE
GRYRVQFINRDQPEQTRWLDTDDSTFVEFRRFVDEHMSVLNEHFTLESGRMRPRGGVGEAAPVDGLNAGFAVQALIQWFS
DKNRHDAANGMASPDLATALKVHSYLNFVQMVHGGVQDVIKVTALVRTALRGEVVAAQTSFKEFALSLGHTVNEGVGVLF
GGAMIGLDAYELAHAENDVQKAVFGTQLAFDSASFVTGAAGIGAGLVGASTAGAVLGGAGVILGGLAVGFTALAQAFGAV
AEDAKAVGRYFDTVDKAYKGNGYRYDNEKQVLVPLAGAVIKTLDLSKNQIDFDSQYIYRTHSGSTGSGKINYFFWVGDFP
RMVHDRGQAIEVRSGIGYKDVSRPLEHGDSNVVILPGTPKSYISYEYMLLPGATTRHDAGFDVIRRLEEDKRFDYDFYIF
PGEETIRRIHHEYVDTPIEVVLDQRNRQLVAPELPKELHGFLCYEIKGAGGEYLIGLNEGAKVNLTSDVASTWIIDSSQL
ASDSISVSKDQLLVGEKGKEVVVKLYLAQNSQVLVVNGKGEVRKVDFTSLTAQVISEDASKWQVPGQQIEQHLSDLAKAH
QLHGQYVVVENYRHQGRDVGRAFYDVTKDRMLFTDTTNEQAKRAQLGAVMGDYAYFYDADNAVAWRVDIATGQVDAQFEP
WFNQNAGHISRFWQEGDVVYLARRYRLKEREAELGYRIIGDRMELVSAVGDDALLQLSARIGRHGDELEAILQGYRSNST
QRGTLMYTLGARLIQPTSAALVTVFGVDAAGVPHRYWIRTSDGTLIKPNLAPPADQTLHFEAHEQTRSAWQIPADLVLAG
SMPLLGGKEVFFFYSKEQKTLFRQEGPGQEVLDANQPSALRVTTPALTNVINLNGHLVVVTEDGRVARLDALGQLSYAAV
NEHWLKGRIHWWQDLTSVTDGRATLAVFGVKDTDGKSLLPVWYHNGQVVVASAALQDKHPQFLGFEVDGSSARLFEPASG
KLYRQPAMTADALAAAFGTDEVLEASAQLPAANELEPELHLKAAEQVDAGLRLTTVKGEILLRTHDGKLQLVAVDKDWQQ
DNLVRLSQALAEVAGQWRVKGVLTLQGDDTQGWFDVGSGQVFSIGGIPATDNLRFIGIAVGKKGAYVYNPTDQMLYQVKE
SGAQKLNHYADVERIGSSLLLQDGGKGDLSPMLIAGVDSVVLHGGAGSDTYRLSQTMWSYYRTVVIDNDDPNQVLDRLII
LAVDAEKIFVSRHEDDLMLTDSVNGTVLVIRKVFGSQAVTHRHLQIDLEGSSSVISVDHLVKGFTRLGTANIGLFELPWA
IELDYKDDDDK
;
_entity_poly.pdbx_strand_id   A
#
# COMPACT_ATOMS: atom_id res chain seq x y z
N ILE A 36 -7.58 -18.65 31.84
CA ILE A 36 -8.11 -18.18 30.56
C ILE A 36 -9.55 -17.68 30.73
N SER A 37 -10.41 -18.48 31.37
CA SER A 37 -11.82 -18.16 31.45
C SER A 37 -12.05 -16.85 32.18
N LYS A 38 -12.94 -16.02 31.63
CA LYS A 38 -13.34 -14.79 32.30
C LYS A 38 -14.01 -15.06 33.65
N ASP A 39 -14.75 -16.17 33.76
CA ASP A 39 -15.42 -16.49 35.01
C ASP A 39 -14.42 -16.73 36.15
N PHE A 40 -13.38 -17.53 35.88
CA PHE A 40 -12.31 -17.73 36.85
C PHE A 40 -11.64 -16.40 37.24
N THR A 41 -11.43 -15.51 36.27
CA THR A 41 -10.82 -14.22 36.58
C THR A 41 -11.73 -13.37 37.46
N ASN A 42 -13.03 -13.39 37.20
CA ASN A 42 -13.98 -12.66 38.04
C ASN A 42 -14.05 -13.26 39.43
N LEU A 43 -13.97 -14.59 39.54
CA LEU A 43 -13.96 -15.23 40.85
C LEU A 43 -12.73 -14.81 41.65
N LEU A 44 -11.56 -14.82 41.01
CA LEU A 44 -10.34 -14.39 41.68
C LEU A 44 -10.44 -12.92 42.11
N ASN A 45 -10.91 -12.05 41.23
CA ASN A 45 -11.10 -10.65 41.60
C ASN A 45 -12.07 -10.50 42.76
N THR A 46 -13.12 -11.32 42.80
CA THR A 46 -14.09 -11.28 43.88
C THR A 46 -13.44 -11.66 45.20
N LEU A 47 -12.73 -12.79 45.23
CA LEU A 47 -12.13 -13.20 46.50
C LEU A 47 -11.00 -12.26 46.91
N ILE A 48 -10.29 -11.66 45.95
CA ILE A 48 -9.26 -10.69 46.29
C ILE A 48 -9.89 -9.49 46.99
N ASP A 49 -10.87 -8.86 46.32
CA ASP A 49 -11.54 -7.71 46.90
C ASP A 49 -12.13 -8.02 48.27
N GLY A 50 -12.80 -9.17 48.40
CA GLY A 50 -13.41 -9.53 49.67
C GLY A 50 -12.39 -9.76 50.77
N GLN A 51 -11.29 -10.43 50.46
CA GLN A 51 -10.26 -10.69 51.46
C GLN A 51 -9.54 -9.41 51.88
N ILE A 52 -9.37 -8.47 50.94
CA ILE A 52 -8.86 -7.16 51.33
C ILE A 52 -9.84 -6.44 52.24
N GLY A 53 -11.12 -6.42 51.86
CA GLY A 53 -12.09 -5.72 52.68
C GLY A 53 -12.22 -6.27 54.09
N ALA A 54 -12.02 -7.59 54.24
CA ALA A 54 -12.03 -8.22 55.56
C ALA A 54 -10.76 -7.95 56.36
N ALA A 55 -9.74 -7.34 55.76
CA ALA A 55 -8.42 -7.32 56.39
C ALA A 55 -8.43 -6.44 57.64
N SER A 56 -7.81 -6.95 58.71
CA SER A 56 -7.22 -6.11 59.74
C SER A 56 -5.93 -5.48 59.24
N ARG A 57 -5.27 -4.72 60.11
CA ARG A 57 -3.84 -4.53 59.99
C ARG A 57 -3.12 -5.88 60.13
N GLN A 58 -1.89 -5.93 59.60
CA GLN A 58 -1.09 -7.14 59.56
C GLN A 58 -1.82 -8.24 58.79
N THR A 59 -1.77 -8.17 57.45
CA THR A 59 -2.35 -9.19 56.60
C THR A 59 -1.45 -9.40 55.39
N GLU A 60 -1.47 -10.63 54.86
CA GLU A 60 -0.70 -10.95 53.67
C GLU A 60 -1.35 -10.48 52.39
N TRP A 61 -2.65 -10.18 52.41
CA TRP A 61 -3.25 -9.42 51.32
C TRP A 61 -3.02 -7.91 51.50
N PHE A 62 -2.89 -7.23 50.37
CA PHE A 62 -2.88 -5.78 50.29
C PHE A 62 -3.42 -5.36 48.94
N ASN A 63 -3.79 -4.10 48.82
CA ASN A 63 -4.27 -3.59 47.54
C ASN A 63 -3.11 -3.45 46.56
N MET A 64 -3.35 -3.86 45.32
CA MET A 64 -2.32 -3.99 44.31
C MET A 64 -2.45 -2.88 43.27
N SER A 65 -1.36 -2.65 42.54
CA SER A 65 -1.44 -1.92 41.29
C SER A 65 -2.28 -2.72 40.29
N PRO A 66 -3.03 -2.04 39.40
CA PRO A 66 -3.81 -2.75 38.39
C PRO A 66 -2.98 -3.46 37.34
N ASP A 67 -1.66 -3.36 37.38
CA ASP A 67 -0.79 -4.24 36.59
C ASP A 67 -0.32 -5.46 37.38
N GLU A 68 0.10 -5.25 38.64
CA GLU A 68 0.50 -6.36 39.49
C GLU A 68 -0.60 -7.41 39.61
N ARG A 69 -1.86 -6.97 39.69
CA ARG A 69 -3.04 -7.84 39.62
C ARG A 69 -2.90 -8.98 38.60
N THR A 70 -2.50 -8.65 37.36
CA THR A 70 -2.41 -9.67 36.33
C THR A 70 -1.23 -10.61 36.55
N ASP A 71 -0.08 -10.08 36.97
CA ASP A 71 1.04 -10.97 37.27
C ASP A 71 0.70 -11.92 38.40
N TYR A 72 -0.02 -11.42 39.41
CA TYR A 72 -0.50 -12.25 40.50
C TYR A 72 -1.40 -13.37 40.00
N ILE A 73 -2.41 -13.03 39.19
CA ILE A 73 -3.32 -14.05 38.67
C ILE A 73 -2.57 -15.08 37.82
N LYS A 74 -1.63 -14.61 37.00
CA LYS A 74 -0.78 -15.51 36.22
C LYS A 74 0.02 -16.47 37.10
N GLN A 75 0.60 -15.96 38.19
CA GLN A 75 1.33 -16.86 39.10
C GLN A 75 0.41 -17.78 39.87
N VAL A 76 -0.82 -17.33 40.16
CA VAL A 76 -1.81 -18.21 40.77
C VAL A 76 -2.08 -19.40 39.86
N ASP A 77 -2.40 -19.12 38.60
CA ASP A 77 -2.71 -20.18 37.65
C ASP A 77 -1.51 -21.12 37.48
N GLU A 78 -0.32 -20.54 37.27
CA GLU A 78 0.89 -21.34 37.11
C GLU A 78 1.10 -22.27 38.30
N ARG A 79 1.01 -21.74 39.52
CA ARG A 79 1.29 -22.58 40.68
C ARG A 79 0.19 -23.59 40.95
N LEU A 80 -1.06 -23.30 40.56
CA LEU A 80 -2.09 -24.33 40.58
C LEU A 80 -1.77 -25.47 39.63
N GLN A 81 -1.28 -25.15 38.43
CA GLN A 81 -0.87 -26.21 37.51
C GLN A 81 0.32 -26.98 38.07
N GLU A 82 1.26 -26.28 38.71
CA GLU A 82 2.37 -26.95 39.37
C GLU A 82 1.88 -27.91 40.43
N MET A 83 0.88 -27.49 41.23
CA MET A 83 0.31 -28.36 42.24
C MET A 83 -0.26 -29.61 41.60
N GLN A 84 -1.09 -29.42 40.57
CA GLN A 84 -1.73 -30.53 39.88
C GLN A 84 -0.70 -31.53 39.38
N GLN A 85 0.37 -31.04 38.76
CA GLN A 85 1.38 -31.92 38.19
C GLN A 85 2.31 -32.55 39.23
N SER A 86 2.48 -31.92 40.40
CA SER A 86 3.63 -32.23 41.24
C SER A 86 3.29 -32.58 42.69
N THR A 87 2.02 -32.56 43.09
CA THR A 87 1.66 -33.10 44.40
C THR A 87 0.42 -33.97 44.34
N LEU A 88 -0.60 -33.55 43.59
CA LEU A 88 -1.76 -34.40 43.43
C LEU A 88 -1.42 -35.66 42.64
N SER A 89 -0.53 -35.54 41.64
CA SER A 89 -0.09 -36.72 40.90
C SER A 89 0.56 -37.77 41.81
N VAL A 90 1.50 -37.35 42.66
CA VAL A 90 2.11 -38.28 43.60
C VAL A 90 1.12 -38.78 44.65
N LEU A 91 0.09 -38.00 44.99
CA LEU A 91 -0.95 -38.56 45.84
C LEU A 91 -1.77 -39.62 45.13
N ALA A 92 -2.05 -39.41 43.84
CA ALA A 92 -2.71 -40.42 43.02
C ALA A 92 -1.89 -41.70 42.98
N ALA A 93 -0.56 -41.57 42.88
CA ALA A 93 0.32 -42.72 42.90
C ALA A 93 0.39 -43.41 44.27
N GLN A 94 -0.45 -43.00 45.25
CA GLN A 94 -0.61 -43.77 46.48
C GLN A 94 -2.07 -44.09 46.80
N HIS A 95 -3.04 -43.46 46.12
CA HIS A 95 -4.41 -43.96 46.10
C HIS A 95 -4.57 -45.18 45.19
N PHE A 96 -4.01 -45.09 43.98
CA PHE A 96 -4.03 -46.21 43.05
C PHE A 96 -2.99 -47.27 43.42
N GLN A 97 -3.22 -47.84 44.62
CA GLN A 97 -2.43 -48.93 45.19
C GLN A 97 -3.36 -49.86 45.97
N MET A 98 -4.65 -49.83 45.67
CA MET A 98 -5.65 -50.58 46.42
C MET A 98 -5.46 -52.08 46.26
N GLN A 99 -4.92 -52.52 45.13
CA GLN A 99 -4.44 -53.87 44.95
C GLN A 99 -2.92 -53.88 44.94
N ASP A 100 -2.35 -54.84 45.66
CA ASP A 100 -0.91 -55.10 45.63
C ASP A 100 -0.53 -55.75 44.31
N ASN A 101 0.02 -54.95 43.40
CA ASN A 101 0.57 -55.45 42.14
C ASN A 101 1.72 -56.40 42.43
N PRO A 102 2.21 -57.16 41.44
CA PRO A 102 3.51 -57.82 41.58
C PRO A 102 4.62 -56.79 41.77
N VAL A 103 5.32 -56.90 42.90
CA VAL A 103 6.34 -55.96 43.30
C VAL A 103 7.61 -56.74 43.61
N SER A 104 8.75 -56.23 43.14
CA SER A 104 10.03 -56.90 43.34
C SER A 104 11.14 -55.90 43.03
N VAL A 105 12.16 -55.88 43.91
CA VAL A 105 13.29 -54.99 43.72
C VAL A 105 14.14 -55.39 42.51
N GLY A 106 14.09 -56.65 42.09
CA GLY A 106 14.82 -57.05 40.91
C GLY A 106 14.03 -56.85 39.62
N ASP A 107 12.75 -57.20 39.64
CA ASP A 107 11.90 -57.04 38.47
C ASP A 107 11.36 -55.62 38.36
N GLN A 108 12.25 -54.63 38.44
CA GLN A 108 11.84 -53.23 38.38
C GLN A 108 11.03 -52.94 37.12
N LEU A 109 11.57 -53.29 35.95
CA LEU A 109 10.87 -53.02 34.70
C LEU A 109 9.49 -53.66 34.67
N GLN A 110 9.37 -54.90 35.16
CA GLN A 110 8.08 -55.59 35.13
C GLN A 110 7.13 -54.98 36.15
N THR A 111 7.63 -54.64 37.33
CA THR A 111 6.81 -53.98 38.33
C THR A 111 6.22 -52.68 37.80
N LEU A 112 7.06 -51.84 37.18
CA LEU A 112 6.56 -50.60 36.57
C LEU A 112 5.58 -50.89 35.45
N GLN A 113 5.88 -51.89 34.61
CA GLN A 113 5.03 -52.19 33.46
C GLN A 113 3.62 -52.58 33.91
N LYS A 114 3.53 -53.47 34.90
CA LYS A 114 2.22 -53.85 35.43
C LYS A 114 1.56 -52.72 36.24
N ARG A 115 2.35 -51.90 36.94
CA ARG A 115 1.79 -50.70 37.55
C ARG A 115 1.15 -49.77 36.51
N ARG A 116 1.71 -49.74 35.29
CA ARG A 116 1.09 -48.98 34.21
C ARG A 116 -0.15 -49.69 33.69
N GLN A 117 -0.06 -50.99 33.44
CA GLN A 117 -1.21 -51.75 32.96
C GLN A 117 -2.31 -51.85 34.01
N GLN A 118 -1.98 -51.68 35.29
CA GLN A 118 -3.01 -51.52 36.31
C GLN A 118 -3.87 -50.29 36.08
N MET A 119 -3.33 -49.28 35.38
CA MET A 119 -3.94 -47.96 35.36
C MET A 119 -4.20 -47.42 33.96
N THR A 120 -3.97 -48.21 32.91
CA THR A 120 -4.42 -47.83 31.57
C THR A 120 -5.93 -47.70 31.50
N ASP A 121 -6.67 -48.27 32.46
CA ASP A 121 -8.11 -48.12 32.54
C ASP A 121 -8.54 -46.83 33.22
N VAL A 122 -7.64 -46.17 33.93
CA VAL A 122 -8.02 -45.03 34.78
C VAL A 122 -8.40 -43.85 33.90
N PRO A 123 -9.45 -43.10 34.24
CA PRO A 123 -9.86 -41.96 33.40
C PRO A 123 -8.78 -40.89 33.29
N GLY A 124 -8.84 -40.16 32.18
CA GLY A 124 -7.90 -39.08 31.94
C GLY A 124 -8.07 -37.95 32.94
N THR A 125 -6.95 -37.43 33.43
CA THR A 125 -6.86 -36.37 34.43
C THR A 125 -5.42 -35.90 34.50
N PRO A 126 -5.16 -34.59 34.60
CA PRO A 126 -3.79 -34.09 34.49
C PRO A 126 -2.79 -34.73 35.46
N ALA A 127 -3.20 -34.94 36.72
CA ALA A 127 -2.33 -35.66 37.65
C ALA A 127 -2.10 -37.10 37.20
N ILE A 128 -3.13 -37.71 36.60
CA ILE A 128 -2.97 -39.07 36.06
C ILE A 128 -2.06 -39.05 34.84
N ASN A 129 -2.27 -38.08 33.94
CA ASN A 129 -1.44 -38.02 32.75
C ASN A 129 0.02 -37.79 33.11
N ALA A 130 0.29 -36.87 34.03
CA ALA A 130 1.66 -36.65 34.51
C ALA A 130 2.24 -37.91 35.15
N TYR A 131 1.43 -38.67 35.89
CA TYR A 131 1.93 -39.90 36.49
C TYR A 131 2.28 -40.92 35.41
N LYS A 132 1.35 -41.11 34.46
CA LYS A 132 1.60 -42.02 33.35
C LYS A 132 2.89 -41.65 32.61
N GLN A 133 3.06 -40.37 32.30
CA GLN A 133 4.23 -39.94 31.52
C GLN A 133 5.53 -40.18 32.30
N GLN A 134 5.51 -39.88 33.62
CA GLN A 134 6.68 -40.19 34.45
C GLN A 134 6.99 -41.68 34.45
N LEU A 135 5.96 -42.50 34.65
CA LEU A 135 6.16 -43.95 34.70
C LEU A 135 6.64 -44.48 33.36
N ASP A 136 6.12 -43.93 32.27
CA ASP A 136 6.58 -44.29 30.93
C ASP A 136 8.05 -43.98 30.73
N ARG A 137 8.46 -42.75 31.05
CA ARG A 137 9.87 -42.40 30.91
C ARG A 137 10.77 -43.27 31.77
N ASP A 138 10.37 -43.55 33.01
CA ASP A 138 11.15 -44.48 33.84
C ASP A 138 11.16 -45.89 33.26
N ILE A 139 10.07 -46.32 32.64
CA ILE A 139 10.04 -47.61 31.96
C ILE A 139 11.04 -47.64 30.82
N LEU A 140 11.11 -46.55 30.04
CA LEU A 140 12.06 -46.44 28.95
C LEU A 140 13.49 -46.55 29.47
N LEU A 141 13.80 -45.80 30.53
CA LEU A 141 15.15 -45.83 31.08
C LEU A 141 15.51 -47.21 31.60
N TYR A 142 14.63 -47.81 32.38
CA TYR A 142 14.93 -49.13 32.93
C TYR A 142 15.04 -50.18 31.83
N ARG A 143 14.20 -50.09 30.80
CA ARG A 143 14.30 -50.98 29.64
C ARG A 143 15.67 -50.85 28.99
N ARG A 144 16.09 -49.62 28.72
CA ARG A 144 17.40 -49.38 28.12
C ARG A 144 18.50 -50.02 28.96
N GLN A 145 18.51 -49.71 30.26
CA GLN A 145 19.54 -50.25 31.15
C GLN A 145 19.56 -51.77 31.15
N GLN A 146 18.38 -52.39 31.24
CA GLN A 146 18.30 -53.86 31.25
C GLN A 146 18.79 -54.46 29.94
N THR A 147 18.43 -53.84 28.81
CA THR A 147 18.97 -54.25 27.52
C THR A 147 20.49 -54.19 27.51
N ALA A 148 21.04 -53.04 27.93
CA ALA A 148 22.49 -52.87 27.92
C ALA A 148 23.17 -53.92 28.78
N MET A 149 22.68 -54.11 30.02
CA MET A 149 23.26 -55.11 30.91
C MET A 149 23.17 -56.52 30.31
N THR A 150 22.06 -56.84 29.66
CA THR A 150 21.93 -58.15 29.03
C THR A 150 22.96 -58.35 27.94
N HIS A 151 23.08 -57.37 27.03
CA HIS A 151 23.99 -57.56 25.91
C HIS A 151 25.45 -57.47 26.36
N PHE A 152 25.71 -56.69 27.41
CA PHE A 152 27.02 -56.71 28.06
C PHE A 152 27.36 -58.10 28.54
N ASP A 153 26.44 -58.74 29.28
CA ASP A 153 26.71 -60.07 29.82
C ASP A 153 26.92 -61.08 28.70
N SER A 154 26.07 -61.05 27.67
CA SER A 154 26.24 -61.96 26.55
C SER A 154 27.57 -61.74 25.82
N THR A 155 27.99 -60.48 25.67
CA THR A 155 29.27 -60.20 25.04
C THR A 155 30.43 -60.68 25.92
N TRP A 156 30.33 -60.47 27.22
CA TRP A 156 31.35 -60.96 28.15
C TRP A 156 31.52 -62.47 28.03
N ARG A 157 30.41 -63.20 28.06
CA ARG A 157 30.48 -64.65 27.91
C ARG A 157 31.05 -65.06 26.56
N LYS A 158 30.62 -64.40 25.48
CA LYS A 158 31.18 -64.67 24.16
C LYS A 158 32.69 -64.45 24.11
N VAL A 159 33.17 -63.36 24.68
CA VAL A 159 34.61 -63.08 24.63
C VAL A 159 35.40 -64.05 25.51
N LEU A 160 34.86 -64.43 26.67
CA LEU A 160 35.51 -65.48 27.46
C LEU A 160 35.56 -66.81 26.73
N VAL A 161 34.52 -67.13 25.96
CA VAL A 161 34.57 -68.34 25.11
C VAL A 161 35.61 -68.20 24.01
N MET A 162 35.71 -67.01 23.41
CA MET A 162 36.70 -66.77 22.36
C MET A 162 38.13 -66.85 22.88
N LEU A 163 38.38 -66.31 24.07
CA LEU A 163 39.72 -66.35 24.65
C LEU A 163 40.07 -67.68 25.28
N GLY A 164 39.08 -68.45 25.72
CA GLY A 164 39.36 -69.72 26.34
C GLY A 164 39.83 -70.75 25.34
N PRO A 165 40.37 -71.87 25.85
CA PRO A 165 40.71 -72.99 24.97
C PRO A 165 39.48 -73.69 24.43
N ASP A 166 39.73 -74.58 23.47
CA ASP A 166 38.72 -75.54 23.06
C ASP A 166 38.30 -76.44 24.23
N ASP A 167 37.13 -77.08 24.06
CA ASP A 167 36.56 -77.91 25.12
C ASP A 167 37.44 -79.13 25.46
N SER A 168 38.51 -79.38 24.71
CA SER A 168 39.48 -80.39 25.11
C SER A 168 40.22 -80.03 26.39
N LYS A 169 40.17 -78.77 26.82
CA LYS A 169 40.83 -78.34 28.04
C LYS A 169 39.91 -77.46 28.86
N PRO A 170 40.05 -77.48 30.18
CA PRO A 170 39.34 -76.51 31.01
C PRO A 170 39.93 -75.11 30.88
N LEU A 171 39.09 -74.11 31.08
CA LEU A 171 39.55 -72.73 31.11
C LEU A 171 40.51 -72.51 32.27
N ASN A 172 41.74 -72.11 31.96
CA ASN A 172 42.75 -71.90 32.98
C ASN A 172 43.75 -70.85 32.50
N ALA A 173 44.49 -70.31 33.47
CA ALA A 173 45.45 -69.25 33.20
C ALA A 173 46.53 -69.68 32.22
N THR A 174 46.96 -70.94 32.26
CA THR A 174 48.00 -71.42 31.35
C THR A 174 47.56 -71.35 29.89
N THR A 175 46.37 -71.87 29.58
CA THR A 175 45.88 -71.81 28.20
C THR A 175 45.61 -70.38 27.76
N LEU A 176 45.14 -69.53 28.67
CA LEU A 176 44.98 -68.11 28.34
C LEU A 176 46.31 -67.44 28.02
N ARG A 177 47.36 -67.78 28.78
CA ARG A 177 48.69 -67.27 28.46
C ARG A 177 49.18 -67.77 27.10
N GLU A 178 48.95 -69.06 26.81
CA GLU A 178 49.34 -69.61 25.51
C GLU A 178 48.62 -68.90 24.37
N ASN A 179 47.39 -68.45 24.60
CA ASN A 179 46.60 -67.74 23.60
C ASN A 179 47.01 -66.27 23.43
N ALA A 180 47.85 -65.74 24.31
CA ALA A 180 48.08 -64.30 24.40
C ALA A 180 48.52 -63.69 23.08
N VAL A 181 49.57 -64.24 22.46
CA VAL A 181 50.21 -63.58 21.33
C VAL A 181 49.24 -63.42 20.15
N ASP A 182 48.33 -64.37 19.96
CA ASP A 182 47.28 -64.20 18.95
C ASP A 182 46.14 -63.32 19.46
N LYS A 183 45.56 -63.68 20.60
CA LYS A 183 44.25 -63.16 20.93
C LYS A 183 44.27 -61.80 21.61
N GLN A 184 45.41 -61.35 22.14
CA GLN A 184 45.56 -59.93 22.44
C GLN A 184 45.40 -59.08 21.18
N ALA A 185 46.05 -59.49 20.09
CA ALA A 185 45.89 -58.79 18.81
C ALA A 185 44.48 -58.93 18.26
N LYS A 186 43.85 -60.09 18.49
CA LYS A 186 42.45 -60.24 18.10
C LYS A 186 41.53 -59.29 18.87
N LEU A 187 41.71 -59.24 20.21
CA LEU A 187 40.98 -58.29 21.03
C LEU A 187 41.18 -56.85 20.55
N ASP A 188 42.43 -56.45 20.30
CA ASP A 188 42.69 -55.12 19.75
C ASP A 188 41.94 -54.89 18.43
N THR A 189 41.96 -55.87 17.53
CA THR A 189 41.29 -55.73 16.25
C THR A 189 39.79 -55.54 16.42
N GLU A 190 39.18 -56.35 17.29
CA GLU A 190 37.75 -56.20 17.56
C GLU A 190 37.43 -54.88 18.22
N ILE A 191 38.26 -54.45 19.17
CA ILE A 191 38.08 -53.14 19.80
C ILE A 191 38.10 -52.03 18.76
N LYS A 192 39.08 -52.07 17.85
CA LYS A 192 39.16 -51.07 16.79
C LYS A 192 37.92 -51.07 15.91
N ARG A 193 37.52 -52.26 15.43
CA ARG A 193 36.31 -52.39 14.63
C ARG A 193 35.10 -51.81 15.34
N LEU A 194 34.92 -52.18 16.61
CA LEU A 194 33.77 -51.70 17.39
C LEU A 194 33.80 -50.18 17.55
N GLU A 195 34.96 -49.63 17.91
CA GLU A 195 35.10 -48.18 18.03
C GLU A 195 34.73 -47.48 16.74
N GLN A 196 35.20 -48.00 15.60
CA GLN A 196 34.85 -47.43 14.31
C GLN A 196 33.35 -47.46 14.06
N GLN A 197 32.75 -48.65 14.18
CA GLN A 197 31.32 -48.80 13.93
C GLN A 197 30.47 -47.94 14.87
N LEU A 198 30.86 -47.86 16.14
CA LEU A 198 30.15 -47.01 17.09
C LEU A 198 30.32 -45.52 16.76
N THR A 199 31.51 -45.10 16.35
CA THR A 199 31.70 -43.71 15.96
C THR A 199 30.85 -43.36 14.74
N ILE A 200 30.69 -44.31 13.81
CA ILE A 200 29.73 -44.13 12.72
C ILE A 200 28.30 -44.05 13.24
N GLN A 201 27.94 -44.96 14.14
CA GLN A 201 26.58 -45.03 14.69
C GLN A 201 26.22 -43.80 15.51
N VAL A 202 27.20 -43.09 16.05
CA VAL A 202 26.94 -41.83 16.75
C VAL A 202 26.23 -40.80 15.86
N ALA A 203 26.27 -40.99 14.54
CA ALA A 203 25.43 -40.17 13.66
C ALA A 203 23.94 -40.42 13.84
N ASP A 204 23.56 -41.50 14.52
CA ASP A 204 22.14 -41.77 14.78
C ASP A 204 21.54 -40.69 15.67
N SER A 205 20.33 -40.27 15.32
CA SER A 205 19.72 -39.08 15.91
C SER A 205 19.14 -39.33 17.30
N THR A 206 19.04 -40.59 17.74
CA THR A 206 18.52 -40.90 19.07
C THR A 206 19.03 -42.28 19.45
N PHE A 207 18.99 -42.57 20.76
CA PHE A 207 19.37 -43.89 21.27
C PHE A 207 18.57 -44.99 20.55
N SER A 208 19.26 -46.10 20.29
CA SER A 208 18.69 -47.15 19.45
C SER A 208 19.28 -48.49 19.86
N GLN A 209 18.57 -49.55 19.48
CA GLN A 209 19.01 -50.93 19.73
C GLN A 209 20.45 -51.15 19.28
N LYS A 210 20.76 -50.78 18.03
CA LYS A 210 22.11 -50.92 17.52
C LYS A 210 23.13 -50.12 18.32
N TYR A 211 22.79 -48.86 18.66
CA TYR A 211 23.70 -48.04 19.44
C TYR A 211 24.01 -48.66 20.80
N VAL A 212 22.97 -49.01 21.56
CA VAL A 212 23.18 -49.59 22.89
C VAL A 212 23.90 -50.93 22.78
N THR A 213 23.57 -51.72 21.76
CA THR A 213 24.25 -52.98 21.49
C THR A 213 25.75 -52.77 21.32
N LEU A 214 26.13 -52.01 20.29
CA LEU A 214 27.54 -51.76 20.00
C LEU A 214 28.26 -51.14 21.21
N PHE A 215 27.62 -50.21 21.92
CA PHE A 215 28.22 -49.64 23.12
C PHE A 215 28.53 -50.70 24.17
N SER A 216 27.53 -51.53 24.50
CA SER A 216 27.73 -52.58 25.49
C SER A 216 28.81 -53.56 25.06
N GLU A 217 28.83 -53.92 23.77
CA GLU A 217 29.90 -54.77 23.25
C GLU A 217 31.27 -54.13 23.44
N LEU A 218 31.39 -52.84 23.09
CA LEU A 218 32.68 -52.16 23.22
C LEU A 218 33.15 -52.15 24.66
N GLN A 219 32.25 -51.83 25.59
CA GLN A 219 32.63 -51.83 27.02
C GLN A 219 33.02 -53.23 27.50
N ALA A 220 32.27 -54.24 27.09
CA ALA A 220 32.61 -55.61 27.48
C ALA A 220 33.98 -56.01 26.95
N TYR A 221 34.22 -55.76 25.65
CA TYR A 221 35.52 -56.08 25.06
C TYR A 221 36.66 -55.34 25.75
N LYS A 222 36.47 -54.05 26.03
CA LYS A 222 37.51 -53.27 26.70
C LYS A 222 37.81 -53.83 28.09
N ASP A 223 36.77 -54.09 28.88
CA ASP A 223 36.98 -54.57 30.25
C ASP A 223 37.60 -55.96 30.27
N VAL A 224 37.13 -56.87 29.42
CA VAL A 224 37.72 -58.20 29.36
C VAL A 224 39.16 -58.15 28.85
N ASN A 225 39.45 -57.31 27.85
CA ASN A 225 40.83 -57.09 27.43
C ASN A 225 41.71 -56.62 28.59
N ALA A 226 41.25 -55.61 29.32
CA ALA A 226 42.02 -55.10 30.45
C ALA A 226 42.28 -56.18 31.50
N ARG A 227 41.24 -56.94 31.86
CA ARG A 227 41.40 -58.01 32.84
C ARG A 227 42.31 -59.12 32.34
N TYR A 228 42.24 -59.44 31.04
CA TYR A 228 43.13 -60.43 30.45
C TYR A 228 44.59 -59.99 30.51
N ASN A 229 44.85 -58.75 30.08
CA ASN A 229 46.21 -58.22 30.15
C ASN A 229 46.72 -58.16 31.58
N ALA A 230 45.85 -57.80 32.53
CA ALA A 230 46.23 -57.86 33.95
C ALA A 230 46.58 -59.27 34.39
N LEU A 231 45.81 -60.26 33.93
CA LEU A 231 46.16 -61.65 34.24
C LEU A 231 47.51 -62.03 33.66
N LEU A 232 47.78 -61.65 32.41
CA LEU A 232 49.07 -61.94 31.80
C LEU A 232 50.19 -61.27 32.57
N LYS A 233 49.95 -60.06 33.08
CA LYS A 233 50.93 -59.36 33.91
C LYS A 233 50.92 -59.82 35.36
N ALA A 234 49.87 -60.53 35.79
CA ALA A 234 49.76 -60.96 37.17
C ALA A 234 50.87 -61.94 37.53
N SER A 235 51.42 -61.75 38.71
CA SER A 235 52.38 -62.69 39.29
C SER A 235 51.67 -63.98 39.71
N ALA A 236 52.48 -64.97 40.10
CA ALA A 236 51.94 -66.23 40.60
C ALA A 236 51.00 -66.03 41.78
N THR A 237 51.22 -64.98 42.58
CA THR A 237 50.34 -64.70 43.72
C THR A 237 49.09 -63.95 43.29
N GLU A 238 49.14 -63.24 42.17
CA GLU A 238 48.00 -62.47 41.68
C GLU A 238 47.17 -63.25 40.67
N GLU A 239 47.78 -64.22 39.99
CA GLU A 239 47.17 -64.90 38.85
C GLU A 239 45.80 -65.48 39.19
N ALA A 240 45.67 -66.12 40.36
CA ALA A 240 44.39 -66.68 40.77
C ALA A 240 43.33 -65.59 40.98
N ALA A 241 43.74 -64.44 41.52
CA ALA A 241 42.81 -63.33 41.71
C ALA A 241 42.38 -62.74 40.37
N ALA A 242 43.31 -62.62 39.43
CA ALA A 242 42.96 -62.10 38.10
C ALA A 242 42.07 -63.08 37.34
N LEU A 243 42.32 -64.38 37.48
CA LEU A 243 41.40 -65.37 36.93
C LEU A 243 40.02 -65.29 37.56
N GLY A 244 39.96 -65.08 38.88
CA GLY A 244 38.70 -64.74 39.52
C GLY A 244 38.01 -63.55 38.88
N ALA A 245 38.74 -62.45 38.73
CA ALA A 245 38.18 -61.24 38.14
C ALA A 245 37.72 -61.47 36.71
N LEU A 246 38.30 -62.43 36.00
CA LEU A 246 37.77 -62.80 34.69
C LEU A 246 36.52 -63.65 34.78
N THR A 247 36.51 -64.65 35.66
CA THR A 247 35.34 -65.52 35.78
C THR A 247 34.20 -64.83 36.53
N LYS A 248 34.50 -63.86 37.39
CA LYS A 248 33.45 -63.10 38.07
C LYS A 248 32.78 -62.14 37.09
N VAL A 249 31.94 -62.68 36.22
CA VAL A 249 30.91 -61.92 35.52
C VAL A 249 30.08 -61.14 36.53
N PRO A 250 29.67 -59.89 36.22
CA PRO A 250 28.80 -59.15 37.15
C PRO A 250 27.36 -59.59 37.10
N GLN A 251 27.13 -60.91 36.93
CA GLN A 251 25.80 -61.42 36.62
C GLN A 251 24.84 -61.26 37.80
N ALA A 252 25.34 -60.98 39.00
CA ALA A 252 24.48 -60.61 40.11
C ALA A 252 23.76 -59.28 39.90
N SER A 253 24.26 -58.44 38.99
CA SER A 253 23.66 -57.14 38.69
C SER A 253 23.53 -56.27 39.93
N ASP A 254 24.46 -56.43 40.88
CA ASP A 254 24.42 -55.62 42.09
C ASP A 254 24.91 -54.19 41.85
N ASP A 255 25.77 -54.00 40.85
CA ASP A 255 26.03 -52.66 40.32
C ASP A 255 26.37 -52.76 38.84
N LEU A 256 26.12 -51.68 38.12
CA LEU A 256 26.37 -51.65 36.69
C LEU A 256 27.87 -51.56 36.40
N PRO A 257 28.30 -51.99 35.21
CA PRO A 257 29.56 -51.50 34.66
C PRO A 257 29.58 -49.99 34.56
N VAL A 258 30.73 -49.40 34.95
CA VAL A 258 30.85 -47.95 35.07
C VAL A 258 30.46 -47.27 33.76
N ASN A 259 31.04 -47.75 32.65
CA ASN A 259 30.76 -47.16 31.34
C ASN A 259 29.30 -47.31 30.96
N ILE A 260 28.62 -48.34 31.47
CA ILE A 260 27.18 -48.45 31.20
C ILE A 260 26.38 -47.48 32.06
N SER A 261 26.83 -47.20 33.28
CA SER A 261 26.27 -46.09 34.04
C SER A 261 26.42 -44.76 33.30
N LEU A 262 27.60 -44.52 32.71
CA LEU A 262 27.78 -43.33 31.90
C LEU A 262 26.88 -43.33 30.67
N LEU A 263 26.68 -44.50 30.05
CA LEU A 263 25.71 -44.61 28.97
C LEU A 263 24.33 -44.19 29.44
N MET A 264 23.90 -44.66 30.60
CA MET A 264 22.60 -44.28 31.14
C MET A 264 22.54 -42.80 31.52
N MET A 265 23.69 -42.17 31.79
CA MET A 265 23.71 -40.73 32.02
C MET A 265 23.74 -39.91 30.74
N GLU A 266 23.95 -40.55 29.59
CA GLU A 266 24.00 -39.83 28.32
C GLU A 266 22.68 -39.12 28.03
N GLU A 267 22.77 -37.83 27.69
CA GLU A 267 21.58 -37.08 27.29
C GLU A 267 21.23 -37.32 25.82
N ARG A 268 22.23 -37.53 24.98
CA ARG A 268 22.05 -38.00 23.62
C ARG A 268 23.18 -38.97 23.30
N PRO A 269 22.95 -39.92 22.37
CA PRO A 269 23.97 -40.94 22.09
C PRO A 269 25.35 -40.37 21.77
N GLY A 270 26.34 -40.78 22.56
CA GLY A 270 27.71 -40.34 22.39
C GLY A 270 28.09 -39.09 23.18
N TYR A 271 27.14 -38.46 23.87
CA TYR A 271 27.42 -37.25 24.63
C TYR A 271 26.83 -37.36 26.02
N ILE A 272 27.56 -36.83 27.01
CA ILE A 272 27.08 -36.69 28.37
C ILE A 272 26.94 -35.20 28.65
N ARG A 273 25.91 -34.82 29.40
CA ARG A 273 25.80 -33.46 29.91
C ARG A 273 26.75 -33.27 31.09
N MET A 274 27.71 -32.37 30.94
CA MET A 274 28.52 -31.88 32.05
C MET A 274 27.84 -30.65 32.64
N ASN A 275 28.02 -30.45 33.95
CA ASN A 275 27.67 -29.18 34.55
C ASN A 275 28.71 -28.80 35.59
N VAL A 276 28.73 -27.52 35.94
CA VAL A 276 29.49 -27.01 37.07
C VAL A 276 28.66 -25.95 37.77
N ALA A 277 28.61 -26.01 39.10
CA ALA A 277 27.70 -25.19 39.89
C ALA A 277 28.46 -24.03 40.53
N LEU A 278 27.87 -22.84 40.46
CA LEU A 278 28.54 -21.65 40.99
C LEU A 278 28.31 -21.53 42.50
N VAL A 279 29.17 -20.75 43.14
CA VAL A 279 28.82 -20.17 44.44
C VAL A 279 27.87 -18.99 44.25
N ASN A 280 28.29 -18.00 43.45
CA ASN A 280 27.42 -16.97 42.93
C ASN A 280 27.85 -16.61 41.52
N ALA A 281 26.95 -15.99 40.77
CA ALA A 281 27.30 -15.48 39.45
C ALA A 281 28.43 -14.46 39.56
N SER A 282 29.57 -14.78 38.95
CA SER A 282 30.85 -14.14 39.27
C SER A 282 31.13 -13.03 38.26
N THR A 283 30.34 -11.96 38.36
CA THR A 283 30.54 -10.80 37.49
C THR A 283 31.81 -10.03 37.82
N ASP A 284 32.39 -10.24 39.01
CA ASP A 284 33.58 -9.51 39.43
C ASP A 284 34.75 -10.41 39.78
N GLY A 285 34.60 -11.73 39.65
CA GLY A 285 35.68 -12.66 39.90
C GLY A 285 35.79 -13.15 41.32
N ARG A 286 34.88 -12.75 42.20
CA ARG A 286 34.93 -13.17 43.60
C ARG A 286 34.66 -14.66 43.76
N PHE A 287 34.01 -15.29 42.79
CA PHE A 287 33.53 -16.66 42.91
C PHE A 287 34.00 -17.50 41.74
N LYS A 288 34.10 -18.81 41.98
CA LYS A 288 34.32 -19.77 40.90
C LYS A 288 33.22 -19.64 39.86
N ASP A 289 33.60 -19.70 38.59
CA ASP A 289 32.64 -19.51 37.51
C ASP A 289 33.14 -20.17 36.23
N PHE A 290 32.21 -20.38 35.31
CA PHE A 290 32.47 -20.99 34.02
C PHE A 290 31.44 -20.47 33.03
N PHE A 291 31.89 -19.73 32.02
CA PHE A 291 30.99 -18.87 31.26
C PHE A 291 31.45 -18.77 29.82
N LEU A 292 30.50 -18.47 28.94
CA LEU A 292 30.79 -18.24 27.54
C LEU A 292 31.38 -16.85 27.35
N GLU A 293 32.54 -16.79 26.69
CA GLU A 293 33.16 -15.51 26.32
C GLU A 293 33.70 -15.65 24.91
N ASN A 294 33.15 -14.86 23.99
CA ASN A 294 33.53 -14.87 22.58
C ASN A 294 33.42 -16.28 22.00
N GLY A 295 32.26 -16.89 22.21
CA GLY A 295 31.92 -18.17 21.62
C GLY A 295 32.61 -19.36 22.26
N ARG A 296 33.86 -19.18 22.65
CA ARG A 296 34.53 -20.17 23.49
C ARG A 296 33.94 -20.19 24.89
N LEU A 297 33.92 -21.38 25.50
CA LEU A 297 33.67 -21.48 26.93
C LEU A 297 34.93 -21.15 27.71
N VAL A 298 34.76 -20.48 28.84
CA VAL A 298 35.88 -19.97 29.63
C VAL A 298 35.61 -20.26 31.11
N VAL A 299 36.51 -21.00 31.75
CA VAL A 299 36.51 -21.10 33.21
C VAL A 299 37.12 -19.83 33.78
N LEU A 300 36.43 -19.21 34.73
CA LEU A 300 36.92 -17.95 35.30
C LEU A 300 38.10 -18.18 36.25
N THR A 301 38.28 -19.41 36.74
CA THR A 301 39.34 -19.71 37.67
C THR A 301 39.91 -21.09 37.36
N ASP A 302 41.09 -21.36 37.90
CA ASP A 302 41.92 -22.43 37.37
C ASP A 302 41.43 -23.83 37.77
N GLY A 303 40.56 -23.92 38.76
CA GLY A 303 39.84 -25.16 39.03
C GLY A 303 38.64 -24.90 39.90
N VAL A 304 37.63 -25.76 39.76
CA VAL A 304 36.37 -25.60 40.48
C VAL A 304 36.00 -26.94 41.10
N LEU A 305 35.66 -26.91 42.39
CA LEU A 305 35.33 -28.09 43.17
C LEU A 305 33.93 -28.63 42.90
N ASN A 306 33.16 -27.98 42.02
CA ASN A 306 31.71 -28.10 42.01
C ASN A 306 31.16 -28.64 40.69
N PHE A 307 32.01 -29.26 39.86
CA PHE A 307 31.51 -29.91 38.66
C PHE A 307 30.57 -31.05 39.03
N SER A 308 29.63 -31.35 38.13
CA SER A 308 28.84 -32.56 38.21
C SER A 308 28.42 -33.00 36.81
N PHE A 309 28.09 -34.27 36.68
CA PHE A 309 27.70 -34.86 35.41
C PHE A 309 26.31 -35.48 35.51
N GLY A 310 25.60 -35.47 34.40
CA GLY A 310 24.25 -36.00 34.33
C GLY A 310 23.20 -35.07 34.93
N THR A 311 22.02 -35.64 35.12
CA THR A 311 20.91 -34.96 35.76
C THR A 311 19.99 -36.01 36.39
N ALA A 312 19.35 -35.64 37.49
CA ALA A 312 18.46 -36.57 38.17
C ALA A 312 17.30 -36.95 37.27
N ALA A 313 16.95 -38.25 37.28
CA ALA A 313 15.86 -38.72 36.44
C ALA A 313 14.49 -38.26 36.95
N ARG A 314 14.37 -37.98 38.24
CA ARG A 314 13.07 -37.64 38.80
C ARG A 314 13.27 -36.84 40.09
N SER A 315 12.22 -36.10 40.45
CA SER A 315 12.23 -35.35 41.71
C SER A 315 12.27 -36.29 42.90
N LEU A 316 12.68 -35.75 44.05
CA LEU A 316 12.74 -36.53 45.28
C LEU A 316 11.36 -37.06 45.67
N ALA A 317 10.29 -36.36 45.30
CA ALA A 317 8.94 -36.86 45.54
C ALA A 317 8.72 -38.21 44.85
N TRP A 318 8.94 -38.27 43.54
CA TRP A 318 8.82 -39.53 42.82
C TRP A 318 9.82 -40.57 43.36
N GLN A 319 11.03 -40.13 43.67
CA GLN A 319 12.04 -41.04 44.22
C GLN A 319 11.56 -41.74 45.48
N GLN A 320 10.89 -40.99 46.36
CA GLN A 320 10.30 -41.60 47.56
C GLN A 320 9.02 -42.38 47.26
N GLN A 321 8.28 -41.99 46.23
CA GLN A 321 7.09 -42.76 45.86
C GLN A 321 7.48 -44.15 45.38
N TYR A 322 8.56 -44.26 44.59
CA TYR A 322 9.13 -45.55 44.25
C TYR A 322 9.80 -46.23 45.44
N ARG A 323 10.01 -45.51 46.54
CA ARG A 323 10.68 -46.03 47.74
C ARG A 323 12.08 -46.53 47.42
N LEU A 324 12.72 -45.93 46.41
CA LEU A 324 14.14 -46.13 46.14
C LEU A 324 14.97 -45.35 47.14
N LYS A 325 16.28 -45.65 47.15
CA LYS A 325 17.22 -44.81 47.87
C LYS A 325 17.28 -43.43 47.22
N SER A 326 17.17 -42.40 48.04
CA SER A 326 17.39 -41.04 47.58
C SER A 326 18.87 -40.69 47.55
N GLU A 327 19.24 -39.85 46.58
CA GLU A 327 20.62 -39.42 46.45
C GLU A 327 21.03 -38.61 47.67
N PRO A 328 22.24 -38.81 48.19
CA PRO A 328 22.62 -38.15 49.44
C PRO A 328 22.54 -36.65 49.31
N PRO A 329 22.16 -35.94 50.38
CA PRO A 329 21.99 -34.48 50.30
C PRO A 329 23.29 -33.72 50.09
N SER A 330 24.44 -34.32 50.37
CA SER A 330 25.72 -33.68 50.08
C SER A 330 25.92 -33.39 48.59
N PHE A 331 25.12 -33.99 47.71
CA PHE A 331 25.08 -33.51 46.33
C PHE A 331 24.28 -32.21 46.21
N ARG A 332 23.17 -32.10 46.94
CA ARG A 332 22.23 -31.00 46.73
C ARG A 332 22.49 -29.82 47.66
N SER A 333 23.09 -30.08 48.82
CA SER A 333 23.34 -29.08 49.85
C SER A 333 24.34 -27.98 49.50
N PRO A 334 25.48 -28.27 48.85
CA PRO A 334 26.60 -27.32 48.90
C PRO A 334 26.39 -26.03 48.12
N THR A 335 25.49 -25.98 47.14
CA THR A 335 25.18 -24.71 46.50
C THR A 335 23.79 -24.73 45.90
N TYR A 336 23.27 -23.53 45.64
CA TYR A 336 21.86 -23.30 45.37
C TYR A 336 21.61 -22.22 44.33
N THR A 337 22.65 -21.59 43.80
CA THR A 337 22.54 -20.55 42.78
C THR A 337 22.58 -21.17 41.40
N PRO A 338 22.33 -20.37 40.34
CA PRO A 338 22.30 -20.94 38.98
C PRO A 338 23.57 -21.72 38.65
N ILE A 339 23.42 -22.68 37.74
CA ILE A 339 24.44 -23.68 37.46
C ILE A 339 24.75 -23.66 35.97
N ARG A 340 26.03 -23.89 35.65
CA ARG A 340 26.54 -23.79 34.28
C ARG A 340 26.68 -25.20 33.73
N SER A 341 26.22 -25.40 32.49
CA SER A 341 26.22 -26.75 31.93
C SER A 341 26.37 -26.69 30.41
N VAL A 342 26.97 -27.75 29.87
CA VAL A 342 27.05 -27.95 28.41
C VAL A 342 27.18 -29.44 28.16
N LEU A 343 26.86 -29.87 26.95
CA LEU A 343 27.17 -31.22 26.50
C LEU A 343 28.66 -31.35 26.19
N VAL A 344 29.25 -32.46 26.65
CA VAL A 344 30.65 -32.79 26.40
C VAL A 344 30.76 -34.20 25.85
N LYS A 345 31.80 -34.41 25.03
CA LYS A 345 32.02 -35.70 24.40
C LYS A 345 32.29 -36.79 25.44
N THR A 346 31.52 -37.88 25.35
CA THR A 346 31.58 -38.92 26.38
C THR A 346 32.96 -39.56 26.50
N GLU A 347 33.71 -39.61 25.39
CA GLU A 347 35.04 -40.22 25.43
C GLU A 347 35.98 -39.48 26.39
N PHE A 348 35.92 -38.15 26.38
CA PHE A 348 36.73 -37.35 27.29
C PHE A 348 36.33 -37.62 28.75
N VAL A 349 35.03 -37.62 29.03
CA VAL A 349 34.57 -37.91 30.39
C VAL A 349 35.04 -39.28 30.84
N GLU A 350 34.87 -40.29 29.98
CA GLU A 350 35.22 -41.66 30.35
C GLU A 350 36.72 -41.88 30.41
N LYS A 351 37.53 -40.96 29.89
CA LYS A 351 38.97 -41.20 29.90
C LYS A 351 39.55 -40.84 31.26
N TYR A 352 39.54 -39.54 31.61
CA TYR A 352 40.03 -39.12 32.91
C TYR A 352 39.05 -39.36 34.05
N PHE A 353 37.77 -38.99 33.86
CA PHE A 353 36.83 -38.85 34.97
C PHE A 353 36.07 -40.13 35.33
N ALA A 354 35.95 -41.09 34.41
CA ALA A 354 35.48 -42.42 34.79
C ALA A 354 36.39 -43.10 35.81
N ASN A 355 37.67 -42.74 35.84
CA ASN A 355 38.55 -43.20 36.91
C ASN A 355 38.03 -42.79 38.28
N TYR A 356 37.41 -41.61 38.36
CA TYR A 356 36.80 -41.09 39.59
C TYR A 356 35.37 -41.58 39.80
N LEU A 357 34.52 -41.45 38.79
CA LEU A 357 33.06 -41.40 38.89
C LEU A 357 32.43 -42.69 39.40
N VAL A 358 33.21 -43.74 39.66
CA VAL A 358 32.61 -45.01 40.06
C VAL A 358 31.90 -44.84 41.40
N SER A 359 30.66 -45.31 41.46
CA SER A 359 29.92 -45.32 42.73
C SER A 359 30.46 -46.37 43.68
N GLU A 360 30.87 -47.52 43.16
CA GLU A 360 31.47 -48.55 43.98
C GLU A 360 32.76 -48.07 44.62
N SER A 361 33.00 -48.51 45.86
CA SER A 361 34.12 -48.06 46.68
C SER A 361 35.41 -48.71 46.20
N THR A 362 35.87 -48.25 45.04
CA THR A 362 37.27 -48.36 44.69
C THR A 362 38.09 -47.38 45.52
N LEU A 363 39.16 -47.89 46.13
CA LEU A 363 40.22 -47.10 46.77
C LEU A 363 40.56 -45.82 46.01
N ARG A 364 40.26 -44.67 46.63
CA ARG A 364 40.71 -43.37 46.17
C ARG A 364 41.12 -42.54 47.36
N GLY A 365 42.21 -41.78 47.20
CA GLY A 365 42.62 -40.83 48.21
C GLY A 365 41.88 -39.51 48.10
N GLY A 366 42.52 -38.46 48.63
CA GLY A 366 42.05 -37.10 48.40
C GLY A 366 42.23 -36.59 47.00
N PHE A 367 43.14 -37.18 46.22
CA PHE A 367 43.56 -36.56 44.98
C PHE A 367 43.94 -37.63 43.96
N LYS A 368 43.86 -37.25 42.69
CA LYS A 368 44.51 -37.94 41.59
C LYS A 368 45.02 -36.89 40.60
N ALA A 369 46.18 -37.14 40.01
CA ALA A 369 46.79 -36.23 39.05
C ALA A 369 46.91 -36.91 37.70
N GLN A 370 46.34 -36.29 36.66
CA GLN A 370 46.22 -36.88 35.35
C GLN A 370 47.11 -36.11 34.39
N LEU A 371 48.02 -36.82 33.71
CA LEU A 371 48.85 -36.19 32.68
C LEU A 371 48.01 -35.88 31.45
N LEU A 372 47.89 -34.60 31.12
CA LEU A 372 47.41 -34.20 29.80
C LEU A 372 48.52 -34.33 28.77
N GLY A 373 48.12 -34.64 27.53
CA GLY A 373 49.09 -34.93 26.49
C GLY A 373 50.03 -33.79 26.17
N ASN A 374 49.67 -32.57 26.56
CA ASN A 374 50.53 -31.40 26.41
C ASN A 374 51.56 -31.27 27.54
N GLY A 375 51.73 -32.30 28.35
CA GLY A 375 52.60 -32.25 29.50
C GLY A 375 52.03 -31.59 30.75
N ARG A 376 50.80 -31.09 30.69
CA ARG A 376 50.15 -30.53 31.87
C ARG A 376 49.62 -31.66 32.75
N LYS A 377 49.43 -31.34 34.03
CA LYS A 377 48.58 -32.14 34.90
C LYS A 377 47.13 -31.67 34.85
N MET A 378 46.22 -32.61 35.04
CA MET A 378 44.89 -32.36 35.59
C MET A 378 44.77 -33.02 36.95
N LEU A 379 44.36 -32.24 37.95
CA LEU A 379 44.17 -32.75 39.30
C LEU A 379 42.68 -33.01 39.53
N LEU A 380 42.36 -34.23 39.95
CA LEU A 380 41.01 -34.63 40.33
C LEU A 380 40.93 -34.78 41.84
N THR A 381 39.85 -34.26 42.42
CA THR A 381 39.76 -34.06 43.86
C THR A 381 38.51 -34.75 44.39
N SER A 382 38.70 -35.59 45.41
CA SER A 382 37.60 -36.32 46.06
C SER A 382 36.81 -35.34 46.93
N VAL A 383 35.99 -34.51 46.27
CA VAL A 383 35.23 -33.50 47.01
C VAL A 383 34.01 -34.09 47.71
N ASP A 384 33.63 -35.32 47.38
CA ASP A 384 32.60 -36.04 48.12
C ASP A 384 33.03 -37.49 48.23
N ARG A 385 32.94 -38.03 49.45
CA ARG A 385 33.38 -39.39 49.73
C ARG A 385 32.28 -40.43 49.56
N LYS A 386 31.08 -40.01 49.16
CA LYS A 386 29.99 -40.95 48.93
C LYS A 386 29.39 -40.83 47.53
N VAL A 387 29.10 -39.61 47.08
CA VAL A 387 28.36 -39.42 45.85
C VAL A 387 29.31 -39.63 44.66
N PRO A 388 28.86 -40.32 43.60
CA PRO A 388 29.73 -40.56 42.44
C PRO A 388 29.93 -39.35 41.54
N ASN A 389 28.85 -38.64 41.23
CA ASN A 389 28.75 -37.87 40.00
C ASN A 389 29.06 -36.39 40.15
N GLN A 390 29.63 -35.98 41.28
CA GLN A 390 30.18 -34.62 41.42
C GLN A 390 31.67 -34.69 41.70
N ILE A 391 32.42 -33.79 41.06
CA ILE A 391 33.87 -33.91 40.98
C ILE A 391 34.50 -32.54 41.23
N GLY A 392 35.63 -32.53 41.94
CA GLY A 392 36.54 -31.39 41.94
C GLY A 392 37.67 -31.58 40.96
N ILE A 393 37.86 -30.59 40.09
CA ILE A 393 38.77 -30.69 38.95
C ILE A 393 39.68 -29.47 38.94
N GLN A 394 40.97 -29.70 38.67
CA GLN A 394 41.94 -28.65 38.49
C GLN A 394 42.92 -29.06 37.40
N VAL A 395 43.23 -28.14 36.49
CA VAL A 395 44.33 -28.30 35.54
C VAL A 395 45.52 -27.48 36.01
N SER A 396 46.72 -28.03 35.82
CA SER A 396 47.95 -27.35 36.23
C SER A 396 49.08 -27.78 35.31
N GLY A 397 50.13 -26.97 35.26
CA GLY A 397 51.27 -27.30 34.42
C GLY A 397 52.36 -26.25 34.53
N GLN A 398 53.47 -26.55 33.86
CA GLN A 398 54.64 -25.68 33.86
C GLN A 398 54.29 -24.27 33.38
N ALA A 399 54.53 -23.28 34.24
CA ALA A 399 54.02 -21.93 34.03
C ALA A 399 54.54 -21.36 32.71
N PRO A 400 53.66 -21.00 31.78
CA PRO A 400 54.11 -20.41 30.51
C PRO A 400 54.97 -19.16 30.72
N ASN A 401 56.10 -19.12 29.99
CA ASN A 401 56.97 -17.94 29.92
C ASN A 401 57.47 -17.50 31.30
N THR A 402 58.16 -18.42 31.97
CA THR A 402 58.69 -18.13 33.31
C THR A 402 60.12 -18.63 33.40
N THR A 403 60.86 -18.07 34.36
CA THR A 403 62.27 -18.39 34.51
C THR A 403 62.52 -19.74 35.16
N ILE A 404 61.53 -20.29 35.88
CA ILE A 404 61.66 -21.55 36.57
C ILE A 404 60.46 -22.41 36.22
N THR A 405 60.71 -23.71 36.01
CA THR A 405 59.68 -24.63 35.53
C THR A 405 58.68 -25.03 36.62
N ARG A 406 58.23 -24.07 37.43
CA ARG A 406 57.21 -24.34 38.42
C ARG A 406 55.90 -24.70 37.73
N GLU A 407 55.28 -25.79 38.17
CA GLU A 407 53.94 -26.12 37.71
C GLU A 407 52.90 -25.23 38.41
N VAL A 408 51.99 -24.68 37.63
CA VAL A 408 50.95 -23.78 38.16
C VAL A 408 49.62 -24.12 37.51
N PRO A 409 48.53 -23.86 38.22
CA PRO A 409 47.20 -24.06 37.62
C PRO A 409 46.98 -23.14 36.43
N LEU A 410 46.15 -23.60 35.48
CA LEU A 410 46.02 -22.98 34.15
C LEU A 410 44.56 -23.03 33.71
N ALA A 411 43.81 -21.97 34.03
CA ALA A 411 42.42 -21.87 33.60
C ALA A 411 42.28 -21.89 32.08
N SER A 412 43.20 -21.23 31.37
CA SER A 412 43.13 -21.19 29.92
C SER A 412 43.29 -22.57 29.29
N ALA A 413 44.20 -23.39 29.84
CA ALA A 413 44.36 -24.75 29.33
C ALA A 413 43.08 -25.57 29.50
N LEU A 414 42.47 -25.51 30.67
CA LEU A 414 41.19 -26.18 30.89
C LEU A 414 40.11 -25.65 29.96
N SER A 415 40.04 -24.33 29.77
CA SER A 415 39.06 -23.75 28.85
C SER A 415 39.24 -24.28 27.44
N ASP A 416 40.48 -24.30 26.94
CA ASP A 416 40.73 -24.80 25.59
C ASP A 416 40.43 -26.28 25.46
N LEU A 417 40.84 -27.09 26.44
CA LEU A 417 40.54 -28.52 26.42
C LEU A 417 39.03 -28.78 26.42
N ILE A 418 38.28 -28.03 27.23
CA ILE A 418 36.82 -28.15 27.21
C ILE A 418 36.26 -27.74 25.85
N ASN A 419 36.70 -26.59 25.33
CA ASN A 419 36.20 -26.14 24.03
C ASN A 419 36.49 -27.13 22.93
N GLN A 420 37.59 -27.88 23.06
CA GLN A 420 37.82 -28.99 22.14
C GLN A 420 36.83 -30.13 22.38
N ASN A 421 36.60 -30.49 23.64
CA ASN A 421 35.74 -31.62 23.96
C ASN A 421 34.27 -31.25 24.09
N ALA A 422 33.92 -29.98 24.22
CA ALA A 422 32.53 -29.61 24.33
C ALA A 422 31.88 -29.47 22.96
N ASP A 423 30.56 -29.58 22.93
CA ASP A 423 29.76 -28.96 21.88
C ASP A 423 29.59 -27.47 22.18
N ILE A 424 29.79 -26.65 21.16
CA ILE A 424 29.55 -25.21 21.31
C ILE A 424 28.07 -24.90 21.35
N ALA A 425 27.24 -25.75 20.73
CA ALA A 425 25.79 -25.61 20.80
C ALA A 425 25.25 -26.11 22.14
N SER A 426 24.09 -25.55 22.53
CA SER A 426 23.33 -25.96 23.71
C SER A 426 24.15 -25.83 25.00
N PHE A 427 25.10 -24.90 25.05
CA PHE A 427 25.47 -24.32 26.32
C PHE A 427 24.30 -23.54 26.90
N ARG A 428 24.07 -23.69 28.20
CA ARG A 428 23.06 -22.92 28.89
C ARG A 428 23.43 -22.74 30.35
N THR A 429 22.87 -21.71 30.97
CA THR A 429 22.89 -21.53 32.42
C THR A 429 21.49 -21.78 32.96
N ILE A 430 21.37 -22.71 33.91
CA ILE A 430 20.07 -23.10 34.44
C ILE A 430 19.54 -21.99 35.34
N GLY A 431 18.31 -21.54 35.07
CA GLY A 431 17.65 -20.59 35.95
C GLY A 431 18.18 -19.18 35.90
N LEU A 432 18.98 -18.83 34.89
CA LEU A 432 19.68 -17.56 34.91
C LEU A 432 18.71 -16.38 34.82
N GLU A 433 17.79 -16.43 33.85
CA GLU A 433 16.73 -15.43 33.78
C GLU A 433 15.88 -15.43 35.04
N GLY A 434 15.62 -16.61 35.60
CA GLY A 434 14.87 -16.69 36.85
C GLY A 434 15.57 -15.94 37.98
N PHE A 435 16.88 -16.12 38.09
CA PHE A 435 17.66 -15.36 39.07
C PHE A 435 17.59 -13.86 38.79
N ARG A 436 17.86 -13.45 37.54
CA ARG A 436 17.87 -12.04 37.20
C ARG A 436 16.48 -11.40 37.22
N GLN A 437 15.41 -12.19 37.16
CA GLN A 437 14.05 -11.67 37.26
C GLN A 437 13.43 -11.86 38.64
N SER A 438 14.20 -12.29 39.64
CA SER A 438 13.66 -12.43 40.98
C SER A 438 14.63 -11.91 42.05
N SER A 439 15.91 -12.25 41.91
CA SER A 439 16.92 -11.71 42.81
C SER A 439 17.69 -10.55 42.22
N TYR A 440 17.83 -10.50 40.89
CA TYR A 440 18.58 -9.48 40.16
C TYR A 440 20.07 -9.54 40.45
N HIS A 441 20.43 -9.71 41.72
CA HIS A 441 21.80 -9.82 42.17
C HIS A 441 21.80 -10.51 43.53
N PRO A 442 22.96 -10.73 44.18
CA PRO A 442 22.91 -11.13 45.61
C PRO A 442 22.25 -10.05 46.45
N ASP A 443 21.00 -10.28 46.84
CA ASP A 443 20.08 -9.18 47.12
C ASP A 443 20.39 -8.53 48.47
N ARG A 444 20.38 -9.31 49.55
CA ARG A 444 20.32 -8.74 50.89
C ARG A 444 21.08 -9.65 51.85
N ASP A 445 21.53 -9.05 52.95
CA ASP A 445 22.22 -9.77 54.02
C ASP A 445 21.27 -10.08 55.18
N GLY A 446 20.17 -10.75 54.88
CA GLY A 446 19.19 -11.06 55.90
C GLY A 446 18.19 -12.08 55.42
N LEU A 447 17.22 -12.36 56.30
CA LEU A 447 16.27 -13.43 56.08
C LEU A 447 15.36 -13.14 54.89
N PHE A 448 14.62 -14.16 54.48
CA PHE A 448 13.74 -14.06 53.32
C PHE A 448 12.55 -13.14 53.60
N VAL A 449 11.96 -12.65 52.51
CA VAL A 449 10.89 -11.65 52.58
C VAL A 449 9.74 -12.14 51.73
N ASN A 450 10.05 -12.99 50.75
CA ASN A 450 9.05 -13.60 49.90
C ASN A 450 9.56 -14.97 49.47
N ILE A 451 8.68 -15.75 48.83
CA ILE A 451 9.02 -17.13 48.52
C ILE A 451 10.14 -17.23 47.49
N HIS A 452 10.33 -16.21 46.66
CA HIS A 452 11.46 -16.23 45.73
C HIS A 452 12.79 -16.21 46.47
N GLU A 453 12.89 -15.35 47.50
CA GLU A 453 14.12 -15.30 48.31
C GLU A 453 14.28 -16.55 49.16
N LEU A 454 13.17 -17.15 49.60
CA LEU A 454 13.24 -18.45 50.28
C LEU A 454 13.81 -19.50 49.34
N GLU A 455 13.25 -19.60 48.13
CA GLU A 455 13.66 -20.64 47.20
C GLU A 455 15.10 -20.43 46.74
N ARG A 456 15.56 -19.18 46.69
CA ARG A 456 16.98 -18.94 46.43
C ARG A 456 17.85 -19.25 47.65
N SER A 457 17.27 -19.17 48.85
CA SER A 457 18.06 -19.27 50.08
C SER A 457 18.64 -20.67 50.23
N VAL A 458 19.71 -20.73 51.04
CA VAL A 458 20.41 -21.98 51.35
C VAL A 458 19.46 -23.04 51.93
N GLY A 459 18.38 -22.61 52.57
CA GLY A 459 17.41 -23.54 53.12
C GLY A 459 16.59 -24.30 52.10
N PHE A 460 16.72 -24.00 50.81
CA PHE A 460 15.83 -24.63 49.85
C PHE A 460 16.31 -26.04 49.51
N ALA A 461 15.40 -26.83 48.95
CA ALA A 461 15.72 -28.18 48.48
C ALA A 461 14.79 -28.56 47.35
N GLY A 462 13.49 -28.29 47.52
CA GLY A 462 12.50 -28.52 46.49
C GLY A 462 11.13 -28.04 46.93
N ARG A 463 10.37 -27.48 46.00
CA ARG A 463 9.11 -26.81 46.33
C ARG A 463 8.04 -27.85 46.62
N GLN A 464 7.64 -27.96 47.88
CA GLN A 464 6.65 -28.94 48.32
C GLN A 464 5.37 -28.18 48.67
N TYR A 465 4.39 -28.24 47.78
CA TYR A 465 3.06 -27.71 48.08
C TYR A 465 2.32 -28.63 49.06
N LEU A 466 1.55 -28.01 49.95
CA LEU A 466 0.68 -28.75 50.85
C LEU A 466 -0.77 -28.71 50.37
N LEU A 467 -1.55 -29.70 50.79
CA LEU A 467 -2.97 -29.75 50.47
C LEU A 467 -3.75 -30.25 51.69
N GLU A 468 -5.08 -30.15 51.60
CA GLU A 468 -5.96 -30.07 52.76
C GLU A 468 -6.52 -31.45 53.10
N MET A 469 -6.61 -31.74 54.40
CA MET A 469 -7.19 -32.98 54.93
C MET A 469 -8.43 -32.64 55.75
N PRO A 470 -9.55 -32.34 55.09
CA PRO A 470 -10.65 -31.61 55.75
C PRO A 470 -11.64 -32.46 56.54
N GLN A 471 -11.50 -33.78 56.58
CA GLN A 471 -12.53 -34.60 57.20
C GLN A 471 -12.42 -34.66 58.72
N ASP A 472 -11.36 -34.09 59.29
CA ASP A 472 -11.37 -33.78 60.71
C ASP A 472 -12.38 -32.67 61.01
N ASN A 473 -12.66 -32.50 62.30
CA ASN A 473 -13.58 -31.46 62.77
C ASN A 473 -13.19 -30.09 62.26
N ASP A 474 -11.90 -29.83 62.09
CA ASP A 474 -11.42 -28.61 61.46
C ASP A 474 -10.24 -28.93 60.55
N TYR A 475 -10.07 -28.10 59.52
CA TYR A 475 -9.23 -28.47 58.39
C TYR A 475 -7.76 -28.50 58.79
N LEU A 476 -7.01 -29.41 58.16
CA LEU A 476 -5.64 -29.69 58.54
C LEU A 476 -4.82 -29.95 57.29
N SER A 477 -3.51 -29.81 57.42
CA SER A 477 -2.59 -29.84 56.30
C SER A 477 -1.82 -31.15 56.28
N ALA A 478 -1.70 -31.75 55.10
CA ALA A 478 -1.02 -33.02 54.94
C ALA A 478 -0.15 -32.99 53.69
N THR A 479 0.97 -33.71 53.75
CA THR A 479 1.68 -34.12 52.56
C THR A 479 1.05 -35.38 51.98
N PRO A 480 1.38 -35.72 50.72
CA PRO A 480 0.95 -37.02 50.18
C PRO A 480 1.38 -38.21 51.02
N PHE A 481 2.43 -38.08 51.83
CA PHE A 481 2.93 -39.19 52.61
C PHE A 481 2.45 -39.18 54.05
N GLY A 482 1.96 -38.03 54.55
CA GLY A 482 1.70 -37.89 55.98
C GLY A 482 1.00 -36.60 56.35
N VAL A 483 0.18 -36.64 57.39
CA VAL A 483 -0.53 -35.48 57.88
C VAL A 483 0.31 -34.79 58.94
N MET A 484 0.31 -33.45 58.93
CA MET A 484 1.23 -32.68 59.76
C MET A 484 0.68 -32.55 61.17
N SER A 485 1.27 -33.30 62.10
CA SER A 485 1.01 -33.09 63.51
C SER A 485 1.68 -31.80 63.98
N VAL A 486 0.95 -30.96 64.70
CA VAL A 486 1.50 -29.71 65.20
C VAL A 486 1.22 -29.60 66.69
N ASP A 487 2.18 -29.02 67.43
CA ASP A 487 2.10 -28.88 68.86
C ASP A 487 2.88 -27.64 69.27
N GLY A 488 2.61 -27.15 70.48
CA GLY A 488 3.29 -25.95 70.95
C GLY A 488 4.80 -26.08 70.98
N ASP A 489 5.29 -27.27 71.35
CA ASP A 489 6.73 -27.52 71.36
C ASP A 489 7.24 -28.13 70.07
N LYS A 490 6.40 -28.84 69.32
CA LYS A 490 6.87 -29.84 68.37
C LYS A 490 6.02 -29.80 67.10
N VAL A 491 6.64 -30.13 65.98
CA VAL A 491 5.95 -30.33 64.72
C VAL A 491 6.39 -31.66 64.13
N SER A 492 5.42 -32.45 63.66
CA SER A 492 5.64 -33.84 63.29
C SER A 492 4.71 -34.18 62.15
N SER A 493 4.97 -35.31 61.48
CA SER A 493 3.97 -35.91 60.62
C SER A 493 3.71 -37.36 60.99
N SER A 494 2.44 -37.74 60.97
CA SER A 494 2.01 -39.13 61.03
C SER A 494 1.73 -39.62 59.62
N HIS A 495 2.36 -40.72 59.24
CA HIS A 495 2.19 -41.21 57.87
C HIS A 495 0.78 -41.78 57.67
N LEU A 496 0.28 -41.61 56.45
CA LEU A 496 -1.11 -41.93 56.13
C LEU A 496 -1.31 -43.44 56.00
N SER A 497 -2.30 -43.96 56.72
CA SER A 497 -2.83 -45.28 56.38
C SER A 497 -3.80 -45.18 55.21
N LYS A 498 -4.16 -46.35 54.67
CA LYS A 498 -4.85 -46.42 53.38
C LYS A 498 -6.16 -45.65 53.35
N ALA A 499 -6.98 -45.76 54.41
CA ALA A 499 -8.22 -45.01 54.47
C ALA A 499 -8.00 -43.51 54.40
N GLN A 500 -6.95 -43.03 55.07
CA GLN A 500 -6.62 -41.61 55.02
C GLN A 500 -6.17 -41.19 53.62
N THR A 501 -5.41 -42.04 52.94
CA THR A 501 -5.04 -41.74 51.56
C THR A 501 -6.25 -41.70 50.65
N ASP A 502 -7.20 -42.62 50.83
CA ASP A 502 -8.40 -42.61 49.99
C ASP A 502 -9.24 -41.37 50.24
N THR A 503 -9.42 -40.99 51.51
CA THR A 503 -10.07 -39.74 51.86
C THR A 503 -9.41 -38.56 51.17
N LEU A 504 -8.11 -38.40 51.42
CA LEU A 504 -7.39 -37.22 50.96
C LEU A 504 -7.42 -37.13 49.44
N TYR A 505 -7.16 -38.25 48.77
CA TYR A 505 -7.20 -38.25 47.31
C TYR A 505 -8.58 -37.90 46.80
N GLN A 506 -9.62 -38.62 47.25
CA GLN A 506 -10.92 -38.43 46.63
C GLN A 506 -11.43 -37.00 46.84
N TYR A 507 -11.24 -36.46 48.05
CA TYR A 507 -11.64 -35.08 48.31
C TYR A 507 -10.87 -34.10 47.43
N ASN A 508 -9.53 -34.12 47.55
CA ASN A 508 -8.71 -33.15 46.83
C ASN A 508 -8.91 -33.27 45.32
N ALA A 509 -9.02 -34.49 44.80
CA ALA A 509 -9.27 -34.69 43.38
C ALA A 509 -10.62 -34.13 42.96
N ALA A 510 -11.67 -34.29 43.78
CA ALA A 510 -12.95 -33.67 43.46
C ALA A 510 -12.85 -32.16 43.41
N PHE A 511 -12.10 -31.58 44.35
CA PHE A 511 -11.87 -30.14 44.33
C PHE A 511 -11.11 -29.70 43.09
N PHE A 512 -10.00 -30.39 42.78
CA PHE A 512 -9.22 -30.00 41.62
C PHE A 512 -10.00 -30.23 40.33
N GLU A 513 -10.85 -31.26 40.28
CA GLU A 513 -11.70 -31.46 39.10
C GLU A 513 -12.66 -30.29 38.94
N LYS A 514 -13.17 -29.76 40.06
CA LYS A 514 -14.05 -28.60 39.98
C LYS A 514 -13.29 -27.38 39.46
N LEU A 515 -12.08 -27.16 39.99
CA LEU A 515 -11.25 -26.06 39.53
C LEU A 515 -10.93 -26.20 38.04
N GLU A 516 -10.58 -27.41 37.61
CA GLU A 516 -10.28 -27.67 36.21
C GLU A 516 -11.47 -27.41 35.31
N GLN A 517 -12.68 -27.77 35.78
CA GLN A 517 -13.87 -27.43 35.02
C GLN A 517 -14.06 -25.92 34.94
N LEU A 518 -13.86 -25.22 36.06
CA LEU A 518 -14.14 -23.79 36.09
C LEU A 518 -13.25 -23.02 35.11
N ARG A 519 -11.99 -23.44 34.97
CA ARG A 519 -11.09 -22.78 34.03
C ARG A 519 -11.50 -22.93 32.58
N SER A 520 -12.32 -23.93 32.25
CA SER A 520 -12.62 -24.23 30.85
C SER A 520 -14.12 -24.24 30.58
N GLY A 521 -14.88 -25.12 31.23
CA GLY A 521 -16.32 -25.12 31.07
C GLY A 521 -17.04 -24.00 31.79
N GLY A 522 -16.35 -23.27 32.67
CA GLY A 522 -16.91 -22.10 33.29
C GLY A 522 -18.02 -22.44 34.27
N MET A 523 -18.83 -21.43 34.58
CA MET A 523 -19.89 -21.58 35.57
C MET A 523 -20.97 -22.54 35.09
N LYS A 524 -21.22 -22.60 33.77
CA LYS A 524 -22.14 -23.59 33.22
C LYS A 524 -21.74 -25.01 33.60
N ALA A 525 -20.46 -25.34 33.42
CA ALA A 525 -20.00 -26.68 33.75
C ALA A 525 -19.91 -26.88 35.27
N SER A 526 -19.28 -25.95 35.97
CA SER A 526 -18.98 -26.15 37.38
C SER A 526 -20.20 -25.94 38.27
N ARG A 527 -21.26 -25.29 37.76
CA ARG A 527 -22.50 -25.06 38.50
C ARG A 527 -22.28 -24.23 39.77
N LEU A 528 -21.12 -23.58 39.88
CA LEU A 528 -20.86 -22.63 40.96
C LEU A 528 -21.58 -21.30 40.72
N PHE A 529 -22.89 -21.35 40.51
CA PHE A 529 -23.67 -20.15 40.25
C PHE A 529 -23.59 -19.18 41.43
N GLU A 530 -23.82 -17.90 41.14
CA GLU A 530 -23.50 -16.83 42.08
C GLU A 530 -24.25 -16.99 43.40
N GLY A 531 -25.41 -17.62 43.39
CA GLY A 531 -26.14 -17.88 44.61
C GLY A 531 -25.87 -19.20 45.27
N SER A 532 -25.04 -20.05 44.67
CA SER A 532 -24.86 -21.42 45.16
C SER A 532 -24.15 -21.43 46.50
N ILE A 533 -24.68 -22.19 47.47
CA ILE A 533 -23.94 -22.49 48.68
C ILE A 533 -22.69 -23.29 48.36
N GLU A 534 -22.74 -24.10 47.29
CA GLU A 534 -21.53 -24.80 46.83
C GLU A 534 -20.47 -23.81 46.35
N ARG A 535 -20.88 -22.72 45.69
CA ARG A 535 -19.94 -21.68 45.30
C ARG A 535 -19.26 -21.07 46.52
N THR A 536 -20.03 -20.75 47.56
CA THR A 536 -19.45 -20.17 48.76
C THR A 536 -18.51 -21.15 49.47
N ALA A 537 -18.90 -22.43 49.54
CA ALA A 537 -17.98 -23.43 50.09
C ALA A 537 -16.70 -23.53 49.27
N PHE A 538 -16.83 -23.48 47.94
CA PHE A 538 -15.66 -23.55 47.06
C PHE A 538 -14.72 -22.39 47.32
N VAL A 539 -15.25 -21.16 47.35
CA VAL A 539 -14.41 -19.99 47.63
C VAL A 539 -13.80 -20.07 49.03
N GLN A 540 -14.59 -20.47 50.04
CA GLN A 540 -14.06 -20.65 51.39
C GLN A 540 -12.95 -21.69 51.45
N GLN A 541 -12.93 -22.63 50.51
CA GLN A 541 -11.83 -23.58 50.45
C GLN A 541 -10.64 -23.02 49.68
N LEU A 542 -10.90 -22.39 48.54
CA LEU A 542 -9.82 -21.83 47.74
C LEU A 542 -9.01 -20.79 48.52
N VAL A 543 -9.69 -19.90 49.24
CA VAL A 543 -8.98 -18.88 50.01
C VAL A 543 -8.03 -19.51 51.03
N ARG A 544 -8.47 -20.58 51.72
CA ARG A 544 -7.58 -21.21 52.68
C ARG A 544 -6.51 -22.07 52.01
N LEU A 545 -6.77 -22.56 50.80
CA LEU A 545 -5.70 -23.17 50.01
C LEU A 545 -4.62 -22.15 49.67
N LEU A 546 -5.04 -20.96 49.21
CA LEU A 546 -4.13 -19.88 48.84
C LEU A 546 -3.50 -19.22 50.05
N GLU A 547 -3.98 -19.49 51.25
CA GLU A 547 -3.27 -19.10 52.46
C GLU A 547 -2.30 -20.18 52.93
N ARG A 548 -2.69 -21.46 52.81
CA ARG A 548 -1.88 -22.55 53.33
C ARG A 548 -0.53 -22.59 52.63
N ASN A 549 -0.53 -22.56 51.30
CA ASN A 549 0.64 -22.15 50.55
C ASN A 549 0.68 -20.63 50.46
N HIS A 550 1.88 -20.07 50.61
CA HIS A 550 2.01 -18.62 50.61
C HIS A 550 1.96 -18.04 49.20
N ILE A 551 0.90 -18.40 48.45
CA ILE A 551 0.70 -17.88 47.10
C ILE A 551 0.09 -16.49 47.12
N THR A 552 -0.23 -15.97 48.31
CA THR A 552 -0.70 -14.61 48.55
C THR A 552 0.15 -13.56 47.84
N PRO A 553 -0.39 -12.37 47.57
CA PRO A 553 0.39 -11.36 46.82
C PRO A 553 1.72 -11.02 47.47
N ALA A 554 1.75 -10.85 48.80
CA ALA A 554 3.01 -10.60 49.48
C ALA A 554 4.01 -11.74 49.32
N GLY A 555 3.53 -12.94 48.98
CA GLY A 555 4.44 -14.06 48.75
C GLY A 555 5.14 -14.06 47.42
N VAL A 556 4.51 -13.49 46.38
CA VAL A 556 4.92 -13.79 45.01
C VAL A 556 5.23 -12.54 44.19
N LEU A 557 4.85 -11.36 44.68
CA LEU A 557 4.94 -10.18 43.80
C LEU A 557 6.37 -9.70 43.63
N ALA A 558 7.16 -9.69 44.70
CA ALA A 558 8.59 -9.37 44.69
C ALA A 558 8.89 -8.15 43.81
N PRO A 559 8.36 -6.97 44.12
CA PRO A 559 8.51 -5.83 43.22
C PRO A 559 9.93 -5.27 43.24
N GLU A 560 10.19 -4.40 42.26
CA GLU A 560 11.51 -3.79 42.13
C GLU A 560 11.73 -2.75 43.22
N TYR A 561 10.77 -1.86 43.42
CA TYR A 561 10.88 -0.78 44.41
C TYR A 561 9.63 -0.78 45.28
N PRO A 562 9.75 -1.09 46.57
CA PRO A 562 8.58 -1.46 47.38
C PRO A 562 7.82 -0.24 47.86
N ARG A 563 6.65 0.00 47.26
CA ARG A 563 5.70 0.96 47.80
C ARG A 563 5.43 0.70 49.28
N ASP A 564 5.27 1.78 50.04
CA ASP A 564 5.07 1.65 51.47
C ASP A 564 3.72 1.04 51.84
N ASN A 565 2.82 0.87 50.87
CA ASN A 565 1.57 0.15 51.12
C ASN A 565 1.82 -1.34 51.33
N MET A 566 2.82 -1.91 50.66
CA MET A 566 2.95 -3.35 50.56
C MET A 566 3.39 -3.94 51.91
N ARG A 567 3.03 -5.22 52.11
CA ARG A 567 3.28 -5.93 53.35
C ARG A 567 4.06 -7.20 53.06
N ASP A 568 4.85 -7.64 54.04
CA ASP A 568 5.68 -8.82 53.86
C ASP A 568 4.87 -10.11 53.99
N ILE A 569 5.56 -11.25 53.83
CA ILE A 569 4.94 -12.56 53.90
C ILE A 569 4.25 -12.84 55.24
N LYS A 570 4.51 -12.04 56.27
CA LYS A 570 3.81 -12.17 57.55
C LYS A 570 2.86 -11.01 57.79
N GLY A 571 2.69 -10.12 56.81
CA GLY A 571 1.86 -8.95 56.95
C GLY A 571 2.50 -7.79 57.68
N ASN A 572 3.78 -7.89 58.04
CA ASN A 572 4.50 -6.73 58.51
C ASN A 572 4.66 -5.73 57.35
N ASN A 573 4.82 -4.46 57.68
CA ASN A 573 5.03 -3.48 56.63
C ASN A 573 6.36 -3.75 55.93
N LEU A 574 6.32 -3.81 54.60
CA LEU A 574 7.47 -4.29 53.84
C LEU A 574 8.68 -3.38 54.02
N ASN A 575 8.48 -2.08 53.80
CA ASN A 575 9.60 -1.15 53.77
C ASN A 575 10.30 -1.06 55.12
N LYS A 576 9.54 -1.15 56.22
CA LYS A 576 10.14 -1.13 57.54
C LYS A 576 10.98 -2.38 57.79
N VAL A 577 10.54 -3.52 57.27
CA VAL A 577 11.35 -4.74 57.39
C VAL A 577 12.64 -4.60 56.60
N LEU A 578 12.54 -4.14 55.35
CA LEU A 578 13.74 -3.92 54.55
C LEU A 578 14.70 -2.96 55.23
N TRP A 579 14.17 -1.86 55.78
CA TRP A 579 15.03 -0.88 56.45
C TRP A 579 15.69 -1.47 57.69
N GLU A 580 14.93 -2.22 58.50
CA GLU A 580 15.51 -2.83 59.69
C GLU A 580 16.58 -3.85 59.33
N GLN A 581 16.41 -4.55 58.21
CA GLN A 581 17.45 -5.48 57.76
C GLN A 581 18.70 -4.74 57.31
N ALA A 582 18.53 -3.67 56.53
CA ALA A 582 19.68 -2.89 56.10
C ALA A 582 20.40 -2.25 57.29
N PHE A 583 19.64 -1.80 58.29
CA PHE A 583 20.23 -1.31 59.53
C PHE A 583 21.04 -2.40 60.22
N ALA A 584 20.46 -3.57 60.42
CA ALA A 584 21.16 -4.66 61.09
C ALA A 584 22.45 -5.01 60.36
N ALA A 585 22.36 -5.13 59.03
CA ALA A 585 23.54 -5.39 58.21
C ALA A 585 24.61 -4.33 58.42
N SER A 586 24.24 -3.05 58.35
CA SER A 586 25.22 -1.98 58.45
C SER A 586 25.89 -1.97 59.83
N VAL A 587 25.09 -2.13 60.89
CA VAL A 587 25.65 -2.19 62.24
C VAL A 587 26.58 -3.40 62.37
N TRP A 588 26.18 -4.53 61.79
CA TRP A 588 26.96 -5.76 61.89
C TRP A 588 28.31 -5.63 61.19
N ARG A 589 28.33 -4.99 60.02
CA ARG A 589 29.55 -4.87 59.25
C ARG A 589 30.53 -3.86 59.85
N SER A 590 30.03 -2.86 60.58
CA SER A 590 30.93 -1.85 61.14
C SER A 590 31.88 -2.48 62.16
N ARG A 591 33.12 -1.97 62.18
CA ARG A 591 34.16 -2.37 63.11
C ARG A 591 34.13 -1.57 64.42
N ASP A 592 33.05 -0.86 64.70
CA ASP A 592 33.11 0.19 65.71
C ASP A 592 32.95 -0.35 67.13
N ASN A 593 31.99 -1.25 67.34
CA ASN A 593 31.72 -1.77 68.67
C ASN A 593 32.71 -2.86 69.11
N ASP A 594 33.51 -3.40 68.19
CA ASP A 594 34.32 -4.58 68.48
C ASP A 594 35.22 -4.45 69.71
N PRO A 595 35.87 -3.31 70.00
CA PRO A 595 36.70 -3.26 71.21
C PRO A 595 35.92 -3.47 72.50
N LEU A 596 34.63 -3.12 72.50
CA LEU A 596 33.78 -3.38 73.65
C LEU A 596 33.33 -4.84 73.69
N LEU A 597 32.84 -5.34 72.57
CA LEU A 597 32.31 -6.70 72.51
C LEU A 597 33.38 -7.73 72.82
N PHE A 598 34.61 -7.55 72.30
CA PHE A 598 35.63 -8.53 72.59
C PHE A 598 36.20 -8.43 74.00
N ARG A 599 36.09 -7.26 74.63
CA ARG A 599 36.34 -7.16 76.07
C ARG A 599 35.30 -7.94 76.86
N LEU A 600 34.03 -7.78 76.47
CA LEU A 600 32.96 -8.57 77.07
C LEU A 600 33.25 -10.05 76.95
N ALA A 601 33.53 -10.52 75.73
CA ALA A 601 33.84 -11.93 75.51
C ALA A 601 35.02 -12.39 76.36
N THR A 602 36.09 -11.59 76.41
CA THR A 602 37.26 -11.94 77.18
C THR A 602 36.95 -12.10 78.66
N ARG A 603 36.03 -11.29 79.19
CA ARG A 603 35.65 -11.50 80.59
C ARG A 603 34.70 -12.69 80.73
N LEU A 604 33.71 -12.77 79.85
CA LEU A 604 32.65 -13.77 79.93
C LEU A 604 33.22 -15.19 79.90
N VAL A 605 34.26 -15.42 79.09
CA VAL A 605 34.75 -16.78 78.87
C VAL A 605 35.18 -17.46 80.16
N LYS A 606 35.39 -16.70 81.24
CA LYS A 606 35.81 -17.28 82.50
C LYS A 606 34.67 -17.92 83.29
N ASN A 607 33.42 -17.67 82.92
CA ASN A 607 32.30 -18.26 83.64
C ASN A 607 32.13 -19.74 83.30
N PRO A 608 32.02 -20.62 84.30
CA PRO A 608 31.84 -22.05 84.01
C PRO A 608 30.59 -22.37 83.19
N ALA A 609 29.55 -21.55 83.29
CA ALA A 609 28.29 -21.80 82.58
C ALA A 609 28.43 -21.73 81.07
N VAL A 610 29.51 -21.14 80.56
CA VAL A 610 29.67 -20.96 79.11
C VAL A 610 29.66 -22.31 78.38
N VAL A 611 30.10 -23.37 79.05
CA VAL A 611 30.04 -24.71 78.46
C VAL A 611 28.62 -25.07 78.05
N LYS A 612 27.62 -24.62 78.81
CA LYS A 612 26.23 -24.91 78.46
C LYS A 612 25.86 -24.41 77.07
N VAL A 613 26.55 -23.39 76.57
CA VAL A 613 26.23 -22.80 75.27
C VAL A 613 26.40 -23.84 74.15
N LEU A 614 27.38 -24.74 74.29
CA LEU A 614 27.75 -25.62 73.20
C LEU A 614 26.67 -26.66 72.90
N GLN A 615 25.91 -27.09 73.90
CA GLN A 615 24.84 -28.05 73.68
C GLN A 615 23.56 -27.42 73.14
N ASN A 616 23.51 -26.10 73.00
CA ASN A 616 22.41 -25.48 72.26
C ASN A 616 22.37 -26.00 70.84
N GLY A 617 21.15 -26.22 70.34
CA GLY A 617 20.97 -26.70 68.97
C GLY A 617 21.34 -25.72 67.88
N TYR A 618 21.14 -24.42 68.11
CA TYR A 618 21.45 -23.43 67.08
C TYR A 618 22.92 -23.08 67.01
N VAL A 619 23.62 -23.07 68.14
CA VAL A 619 25.08 -22.83 68.12
C VAL A 619 25.77 -23.84 67.23
N GLN A 620 25.34 -25.10 67.26
CA GLN A 620 25.94 -26.14 66.43
C GLN A 620 25.74 -25.93 64.94
N SER A 621 24.92 -24.97 64.52
CA SER A 621 24.90 -24.56 63.12
C SER A 621 26.17 -23.83 62.71
N ASP A 622 26.78 -23.08 63.63
CA ASP A 622 27.74 -22.04 63.27
C ASP A 622 29.17 -22.32 63.74
N ILE A 623 29.33 -23.02 64.87
CA ILE A 623 30.63 -23.58 65.22
C ILE A 623 31.16 -24.52 64.15
N ALA A 624 30.26 -25.13 63.36
CA ALA A 624 30.71 -25.89 62.19
C ALA A 624 31.45 -25.01 61.19
N GLN A 625 31.01 -23.76 61.02
CA GLN A 625 31.76 -22.87 60.16
C GLN A 625 33.10 -22.47 60.79
N ALA A 626 33.18 -22.37 62.11
CA ALA A 626 34.49 -22.16 62.72
C ALA A 626 35.40 -23.38 62.52
N ARG A 627 34.83 -24.59 62.56
CA ARG A 627 35.58 -25.79 62.21
C ARG A 627 36.08 -25.75 60.78
N GLU A 628 35.35 -25.06 59.89
CA GLU A 628 35.81 -24.93 58.52
C GLU A 628 36.90 -23.87 58.38
N LEU A 629 36.66 -22.67 58.92
CA LEU A 629 37.62 -21.58 58.83
C LEU A 629 38.98 -21.96 59.41
N LEU A 630 38.98 -22.64 60.56
CA LEU A 630 40.20 -23.06 61.22
C LEU A 630 40.60 -24.50 60.89
N ALA A 631 40.31 -24.96 59.67
CA ALA A 631 40.68 -26.30 59.21
C ALA A 631 42.06 -26.77 59.66
N PRO A 632 43.15 -26.01 59.50
CA PRO A 632 44.46 -26.52 59.98
C PRO A 632 44.50 -26.76 61.49
N LEU A 633 43.88 -25.87 62.26
CA LEU A 633 43.74 -26.08 63.70
C LEU A 633 42.78 -27.22 64.00
N TYR A 634 41.63 -27.25 63.33
CA TYR A 634 40.68 -28.33 63.55
C TYR A 634 41.31 -29.71 63.31
N GLU A 635 42.15 -29.82 62.28
CA GLU A 635 42.91 -31.03 62.03
C GLU A 635 43.98 -31.31 63.08
N GLN A 636 44.80 -30.31 63.43
CA GLN A 636 45.82 -30.56 64.44
C GLN A 636 45.20 -30.93 65.79
N TRP A 637 44.15 -30.22 66.19
CA TRP A 637 43.43 -30.52 67.41
C TRP A 637 42.87 -31.94 67.39
N ARG A 638 42.20 -32.34 66.30
CA ARG A 638 41.67 -33.69 66.22
C ARG A 638 42.77 -34.75 66.25
N THR A 639 43.91 -34.47 65.61
CA THR A 639 45.06 -35.37 65.67
C THR A 639 45.65 -35.46 67.07
N ARG A 640 45.53 -34.41 67.88
CA ARG A 640 45.79 -34.56 69.31
C ARG A 640 44.72 -35.42 69.99
N ALA A 641 43.45 -35.10 69.74
CA ALA A 641 42.36 -35.71 70.50
C ALA A 641 42.31 -37.22 70.31
N VAL A 642 42.56 -37.70 69.09
CA VAL A 642 42.53 -39.14 68.83
C VAL A 642 43.60 -39.89 69.63
N GLU A 643 44.59 -39.20 70.17
CA GLU A 643 45.49 -39.82 71.14
C GLU A 643 44.72 -40.35 72.36
N ALA A 644 43.75 -39.57 72.84
CA ALA A 644 43.09 -39.86 74.11
C ALA A 644 42.48 -41.26 74.15
N GLU A 645 42.00 -41.77 73.02
CA GLU A 645 41.56 -43.16 72.93
C GLU A 645 42.59 -44.12 73.50
N THR A 646 43.87 -43.90 73.19
CA THR A 646 44.92 -44.78 73.69
C THR A 646 45.03 -44.75 75.21
N GLN A 647 44.90 -43.56 75.81
CA GLN A 647 44.86 -43.50 77.27
C GLN A 647 43.59 -44.12 77.84
N ARG A 648 42.46 -44.02 77.12
CA ARG A 648 41.24 -44.65 77.59
C ARG A 648 41.37 -46.17 77.64
N VAL A 649 41.84 -46.77 76.54
CA VAL A 649 42.05 -48.22 76.52
C VAL A 649 43.12 -48.63 77.53
N ALA A 650 44.19 -47.83 77.68
CA ALA A 650 45.21 -48.15 78.66
C ALA A 650 44.64 -48.16 80.07
N SER A 651 43.84 -47.14 80.42
CA SER A 651 43.24 -47.08 81.74
C SER A 651 42.25 -48.23 81.96
N ALA A 652 41.47 -48.56 80.93
CA ALA A 652 40.55 -49.70 81.02
C ALA A 652 41.28 -51.02 81.21
N ASN A 653 42.51 -51.14 80.68
CA ASN A 653 43.30 -52.34 80.94
C ASN A 653 44.03 -52.28 82.28
N ALA A 654 44.32 -51.09 82.78
CA ALA A 654 44.99 -50.91 84.07
C ALA A 654 44.04 -51.12 85.24
N ALA A 655 42.73 -50.95 85.06
CA ALA A 655 41.77 -51.30 86.09
C ALA A 655 41.93 -52.77 86.48
N GLN A 656 41.79 -53.05 87.77
CA GLN A 656 42.07 -54.37 88.31
C GLN A 656 41.03 -55.37 87.83
N HIS A 657 41.50 -56.43 87.15
CA HIS A 657 40.70 -57.54 86.64
C HIS A 657 39.42 -57.06 85.97
N PRO A 658 39.51 -56.39 84.82
CA PRO A 658 38.32 -55.73 84.24
C PRO A 658 37.23 -56.73 83.91
N SER A 659 36.09 -56.58 84.57
CA SER A 659 34.89 -57.34 84.23
C SER A 659 34.13 -56.74 83.06
N ASN A 660 34.57 -55.62 82.53
CA ASN A 660 33.92 -54.93 81.42
C ASN A 660 34.98 -54.16 80.66
N PRO A 661 34.81 -53.95 79.36
CA PRO A 661 35.65 -52.97 78.65
C PRO A 661 35.34 -51.53 79.06
N LYS A 662 35.55 -51.23 80.35
CA LYS A 662 34.92 -50.09 81.02
C LYS A 662 34.97 -48.81 80.20
N VAL A 663 36.13 -48.49 79.62
CA VAL A 663 36.21 -47.44 78.62
C VAL A 663 37.20 -47.86 77.53
N HIS A 664 37.25 -49.17 77.25
CA HIS A 664 38.16 -49.71 76.25
C HIS A 664 37.56 -49.54 74.84
N VAL A 665 37.22 -48.29 74.53
CA VAL A 665 36.53 -47.95 73.29
C VAL A 665 36.93 -46.54 72.90
N PHE A 666 36.90 -46.27 71.59
CA PHE A 666 36.94 -44.90 71.07
C PHE A 666 35.60 -44.21 71.30
N ASP A 667 35.55 -43.34 72.30
CA ASP A 667 34.36 -42.53 72.57
C ASP A 667 34.36 -41.32 71.65
N GLN A 668 33.61 -41.43 70.55
CA GLN A 668 33.48 -40.32 69.61
C GLN A 668 32.91 -39.08 70.29
N ALA A 669 31.87 -39.25 71.11
CA ALA A 669 31.22 -38.09 71.73
C ALA A 669 32.15 -37.35 72.69
N GLU A 670 32.97 -38.07 73.46
CA GLU A 670 33.94 -37.41 74.32
C GLU A 670 34.90 -36.51 73.55
N VAL A 671 35.56 -37.07 72.53
CA VAL A 671 36.54 -36.28 71.78
C VAL A 671 35.86 -35.14 71.04
N GLU A 672 34.67 -35.39 70.47
CA GLU A 672 33.96 -34.35 69.74
C GLU A 672 33.54 -33.20 70.66
N ARG A 673 33.03 -33.52 71.85
CA ARG A 673 32.75 -32.51 72.85
C ARG A 673 34.00 -31.71 73.20
N SER A 674 35.09 -32.40 73.54
CA SER A 674 36.30 -31.69 73.96
C SER A 674 36.84 -30.79 72.86
N LEU A 675 36.78 -31.28 71.61
CA LEU A 675 37.19 -30.48 70.46
C LEU A 675 36.33 -29.25 70.26
N ASP A 676 35.01 -29.41 70.32
CA ASP A 676 34.12 -28.26 70.19
C ASP A 676 34.31 -27.26 71.33
N ASP A 677 34.52 -27.76 72.55
CA ASP A 677 34.80 -26.88 73.68
C ASP A 677 36.09 -26.09 73.47
N LYS A 678 37.14 -26.75 72.96
CA LYS A 678 38.37 -26.03 72.63
C LYS A 678 38.13 -24.95 71.58
N LEU A 679 37.36 -25.28 70.54
CA LEU A 679 37.09 -24.31 69.49
C LEU A 679 36.27 -23.14 70.03
N LEU A 680 35.31 -23.43 70.91
CA LEU A 680 34.53 -22.37 71.54
C LEU A 680 35.42 -21.44 72.34
N ILE A 681 36.27 -22.00 73.19
CA ILE A 681 37.16 -21.17 74.00
C ILE A 681 38.07 -20.34 73.10
N LEU A 682 38.65 -20.96 72.08
CA LEU A 682 39.50 -20.24 71.12
C LEU A 682 38.74 -19.19 70.33
N LEU A 683 37.41 -19.29 70.27
CA LEU A 683 36.62 -18.24 69.64
C LEU A 683 36.27 -17.10 70.59
N LEU A 684 36.04 -17.40 71.87
CA LEU A 684 35.69 -16.35 72.82
C LEU A 684 36.90 -15.48 73.14
N THR A 685 37.90 -16.02 73.84
CA THR A 685 39.14 -15.30 74.02
C THR A 685 39.94 -15.26 72.72
N GLY A 686 40.72 -14.20 72.55
CA GLY A 686 41.39 -13.95 71.30
C GLY A 686 42.49 -14.96 71.01
N PRO A 687 43.08 -14.83 69.82
CA PRO A 687 44.21 -15.72 69.45
C PRO A 687 45.38 -15.68 70.41
N GLN A 688 45.51 -14.62 71.22
CA GLN A 688 46.46 -14.60 72.33
C GLN A 688 46.36 -15.83 73.23
N SER A 689 45.22 -16.51 73.26
CA SER A 689 45.07 -17.72 74.06
C SER A 689 45.88 -18.89 73.51
N LEU A 690 46.34 -18.82 72.26
CA LEU A 690 47.13 -19.92 71.71
C LEU A 690 48.43 -20.09 72.50
N GLU A 691 48.88 -21.34 72.60
CA GLU A 691 50.03 -21.67 73.43
C GLU A 691 50.72 -22.90 72.85
N GLY A 692 51.94 -23.14 73.34
CA GLY A 692 52.74 -24.27 72.92
C GLY A 692 53.10 -24.25 71.44
N THR A 693 53.15 -25.45 70.85
CA THR A 693 53.54 -25.60 69.46
C THR A 693 52.63 -24.81 68.52
N ASP A 694 51.36 -24.64 68.88
CA ASP A 694 50.42 -23.93 68.00
C ASP A 694 50.76 -22.46 67.85
N VAL A 695 51.62 -21.89 68.71
CA VAL A 695 52.13 -20.54 68.47
C VAL A 695 52.84 -20.43 67.13
N GLN A 696 53.44 -21.53 66.65
CA GLN A 696 54.01 -21.54 65.30
C GLN A 696 52.94 -21.26 64.25
N LEU A 697 51.71 -21.71 64.50
CA LEU A 697 50.58 -21.47 63.61
C LEU A 697 49.82 -20.20 63.97
N ARG A 698 50.17 -19.56 65.08
CA ARG A 698 49.41 -18.39 65.54
C ARG A 698 49.34 -17.24 64.53
N PRO A 699 50.39 -16.89 63.78
CA PRO A 699 50.23 -15.82 62.76
C PRO A 699 49.14 -16.14 61.73
N MET A 700 48.98 -17.42 61.37
CA MET A 700 47.89 -17.81 60.47
C MET A 700 46.54 -17.59 61.13
N VAL A 701 46.40 -18.00 62.39
CA VAL A 701 45.12 -17.86 63.07
C VAL A 701 44.78 -16.39 63.28
N GLU A 702 45.78 -15.57 63.57
CA GLU A 702 45.59 -14.12 63.63
C GLU A 702 45.11 -13.56 62.30
N ALA A 703 45.74 -13.99 61.19
CA ALA A 703 45.29 -13.53 59.89
C ALA A 703 43.87 -13.99 59.57
N ALA A 704 43.47 -15.16 60.07
CA ALA A 704 42.13 -15.68 59.84
C ALA A 704 41.09 -14.90 60.64
N LEU A 705 41.26 -14.87 61.96
CA LEU A 705 40.24 -14.36 62.89
C LEU A 705 39.91 -12.90 62.65
N LEU A 706 40.81 -12.13 62.04
CA LEU A 706 40.56 -10.72 61.77
C LEU A 706 39.85 -10.48 60.45
N SER A 707 39.55 -11.53 59.68
CA SER A 707 38.69 -11.37 58.52
C SER A 707 37.30 -10.89 58.96
N ASN A 708 36.53 -10.39 57.99
CA ASN A 708 35.14 -10.04 58.27
C ASN A 708 34.33 -11.24 58.72
N GLU A 709 34.46 -12.38 58.04
CA GLU A 709 33.82 -13.60 58.49
C GLU A 709 34.31 -14.06 59.84
N GLY A 710 35.53 -13.69 60.23
CA GLY A 710 36.06 -14.07 61.52
C GLY A 710 35.44 -13.24 62.61
N ARG A 711 35.50 -11.92 62.48
CA ARG A 711 34.88 -11.05 63.47
C ARG A 711 33.39 -11.37 63.62
N SER A 712 32.70 -11.52 62.47
CA SER A 712 31.26 -11.74 62.50
C SER A 712 30.89 -13.08 63.14
N LEU A 713 31.67 -14.14 62.89
CA LEU A 713 31.48 -15.40 63.63
C LEU A 713 31.79 -15.22 65.12
N ARG A 714 32.89 -14.57 65.44
CA ARG A 714 33.29 -14.36 66.83
C ARG A 714 32.21 -13.68 67.65
N LYS A 715 31.63 -12.61 67.12
CA LYS A 715 30.53 -11.95 67.82
C LYS A 715 29.18 -12.67 67.69
N GLN A 716 28.93 -13.39 66.59
CA GLN A 716 27.69 -14.17 66.53
C GLN A 716 27.68 -15.28 67.57
N ILE A 717 28.84 -15.90 67.81
CA ILE A 717 28.93 -16.89 68.87
C ILE A 717 28.92 -16.22 70.24
N LEU A 718 29.54 -15.04 70.36
CA LEU A 718 29.49 -14.28 71.61
C LEU A 718 28.05 -14.01 72.06
N PHE A 719 27.20 -13.56 71.14
CA PHE A 719 25.84 -13.21 71.53
C PHE A 719 25.02 -14.45 71.89
N HIS A 720 25.24 -15.57 71.21
CA HIS A 720 24.64 -16.82 71.66
C HIS A 720 25.15 -17.23 73.03
N ALA A 721 26.44 -17.01 73.30
CA ALA A 721 27.00 -17.33 74.61
C ALA A 721 26.47 -16.43 75.71
N LEU A 722 25.96 -15.25 75.35
CA LEU A 722 25.57 -14.28 76.37
C LEU A 722 24.34 -14.73 77.14
N ARG A 723 23.37 -15.36 76.45
CA ARG A 723 22.09 -15.68 77.08
C ARG A 723 22.21 -16.64 78.26
N PRO A 724 22.86 -17.82 78.13
CA PRO A 724 23.00 -18.68 79.32
C PRO A 724 23.75 -18.04 80.48
N VAL A 725 24.74 -17.19 80.22
CA VAL A 725 25.43 -16.51 81.32
C VAL A 725 24.47 -15.55 82.02
N ALA A 726 23.73 -14.76 81.25
CA ALA A 726 22.74 -13.86 81.85
C ALA A 726 21.74 -14.63 82.70
N ASP A 727 21.21 -15.73 82.16
CA ASP A 727 20.29 -16.58 82.91
C ASP A 727 20.92 -17.11 84.20
N SER A 728 22.22 -17.39 84.16
CA SER A 728 22.88 -18.02 85.30
C SER A 728 22.94 -17.12 86.53
N PHE A 729 22.77 -15.80 86.38
CA PHE A 729 22.68 -14.94 87.55
C PHE A 729 21.31 -15.00 88.22
N SER A 730 20.26 -15.38 87.49
CA SER A 730 18.89 -15.48 88.02
C SER A 730 18.43 -14.22 88.75
N LYS A 731 19.07 -13.08 88.50
CA LYS A 731 18.63 -11.84 89.11
C LYS A 731 17.21 -11.49 88.65
N ALA A 732 16.40 -10.99 89.58
CA ALA A 732 15.02 -10.67 89.27
C ALA A 732 14.90 -9.45 88.35
N ALA A 733 13.74 -9.35 87.70
CA ALA A 733 13.40 -8.19 86.88
C ALA A 733 13.29 -6.93 87.73
N ALA A 734 13.81 -5.83 87.21
CA ALA A 734 13.85 -4.56 87.93
C ALA A 734 14.09 -3.40 86.96
N PRO A 735 13.17 -3.15 86.02
CA PRO A 735 13.34 -2.01 85.11
C PRO A 735 13.44 -0.70 85.86
N VAL A 736 14.33 0.17 85.39
CA VAL A 736 14.62 1.42 86.10
C VAL A 736 13.74 2.58 85.64
N ASN A 737 13.18 2.54 84.44
CA ASN A 737 12.24 3.55 83.98
C ASN A 737 10.82 3.00 84.00
N PRO A 738 9.91 3.59 84.77
CA PRO A 738 8.51 3.17 84.75
C PRO A 738 7.79 3.66 83.51
N HIS A 739 6.75 2.93 83.13
CA HIS A 739 5.94 3.29 81.97
C HIS A 739 4.47 3.01 82.27
N ALA A 740 3.63 4.03 82.07
CA ALA A 740 2.23 3.98 82.50
C ALA A 740 1.34 3.28 81.49
N GLU A 741 1.64 3.44 80.19
CA GLU A 741 0.74 2.94 79.14
C GLU A 741 0.63 1.42 79.13
N LEU A 742 1.63 0.72 79.63
CA LEU A 742 1.77 -0.71 79.37
C LEU A 742 2.10 -1.46 80.67
N GLY A 743 1.48 -1.03 81.76
CA GLY A 743 1.66 -1.69 83.04
C GLY A 743 2.91 -1.26 83.77
N VAL A 744 2.75 -0.69 84.97
CA VAL A 744 3.89 -0.24 85.75
C VAL A 744 4.61 -1.46 86.32
N GLY A 745 5.94 -1.40 86.34
CA GLY A 745 6.75 -2.39 87.00
C GLY A 745 6.91 -3.71 86.27
N LYS A 746 6.18 -3.93 85.17
CA LYS A 746 6.35 -5.12 84.36
C LYS A 746 6.31 -4.71 82.89
N ILE A 747 6.43 -5.71 82.01
CA ILE A 747 6.81 -5.46 80.63
C ILE A 747 5.95 -6.20 79.61
N MET A 748 5.23 -7.27 80.00
CA MET A 748 4.44 -8.07 79.07
C MET A 748 5.34 -8.71 78.01
N ILE A 749 6.43 -9.33 78.49
CA ILE A 749 7.41 -9.98 77.64
C ILE A 749 6.85 -11.16 76.87
N ASN A 750 7.64 -11.65 75.91
CA ASN A 750 7.38 -12.83 75.09
C ASN A 750 6.17 -12.62 74.19
N ASN A 751 4.97 -12.54 74.78
CA ASN A 751 3.78 -12.05 74.08
C ASN A 751 3.51 -12.83 72.78
N ARG A 752 3.70 -14.15 72.83
CA ARG A 752 3.63 -14.97 71.63
C ARG A 752 2.45 -15.94 71.70
N LEU A 753 1.92 -16.27 70.52
CA LEU A 753 1.07 -17.43 70.31
C LEU A 753 1.84 -18.40 69.42
N ASN A 754 2.03 -19.63 69.90
CA ASN A 754 2.71 -20.65 69.11
C ASN A 754 1.76 -21.18 68.03
N GLN A 755 2.10 -20.89 66.77
CA GLN A 755 1.26 -21.28 65.63
C GLN A 755 2.16 -21.63 64.45
N PRO A 756 2.92 -22.72 64.56
CA PRO A 756 3.98 -22.99 63.57
C PRO A 756 3.43 -23.12 62.17
N ASP A 757 4.05 -22.42 61.22
CA ASP A 757 3.63 -22.48 59.83
C ASP A 757 4.17 -23.75 59.17
N PRO A 758 3.32 -24.66 58.71
CA PRO A 758 3.84 -25.92 58.16
C PRO A 758 4.51 -25.77 56.81
N TYR A 759 4.05 -24.82 55.99
CA TYR A 759 4.64 -24.65 54.66
C TYR A 759 6.05 -24.08 54.77
N LEU A 760 6.25 -23.07 55.63
CA LEU A 760 7.59 -22.51 55.78
C LEU A 760 8.54 -23.48 56.47
N ILE A 761 8.00 -24.40 57.28
CA ILE A 761 8.81 -25.49 57.83
C ILE A 761 9.24 -26.46 56.73
N LEU A 762 8.27 -26.99 55.98
CA LEU A 762 8.60 -28.03 55.02
C LEU A 762 9.38 -27.52 53.82
N ASN A 763 9.19 -26.24 53.44
CA ASN A 763 9.99 -25.61 52.41
C ASN A 763 11.34 -25.09 52.90
N THR A 764 11.82 -25.53 54.06
CA THR A 764 13.24 -25.46 54.38
C THR A 764 13.74 -26.88 54.67
N SER A 765 15.00 -27.13 54.32
CA SER A 765 15.50 -28.50 54.22
C SER A 765 15.49 -29.22 55.55
N SER A 766 14.40 -29.92 55.83
CA SER A 766 14.43 -31.04 56.77
C SER A 766 15.17 -32.23 56.16
N GLU A 767 15.52 -33.19 57.01
CA GLU A 767 16.08 -34.44 56.53
C GLU A 767 15.04 -35.23 55.74
N GLU A 768 15.52 -36.01 54.77
CA GLU A 768 14.65 -36.89 53.99
C GLU A 768 13.93 -37.94 54.84
N GLN A 769 14.31 -38.09 56.12
CA GLN A 769 13.53 -38.89 57.05
C GLN A 769 12.07 -38.48 57.09
N ALA A 770 11.77 -37.20 56.83
CA ALA A 770 10.39 -36.77 56.67
C ALA A 770 9.73 -37.42 55.46
N TYR A 771 10.51 -37.75 54.44
CA TYR A 771 9.97 -38.19 53.15
C TYR A 771 9.82 -39.71 53.07
N ARG A 772 10.22 -40.44 54.12
CA ARG A 772 10.34 -41.89 54.09
C ARG A 772 9.00 -42.60 53.93
N ASP A 773 7.88 -41.90 54.02
CA ASP A 773 6.58 -42.49 54.32
C ASP A 773 6.62 -43.18 55.68
N GLY A 774 7.15 -42.45 56.65
CA GLY A 774 7.27 -42.94 58.02
C GLY A 774 7.27 -41.76 58.97
N SER A 775 6.73 -41.97 60.17
CA SER A 775 6.49 -40.86 61.07
C SER A 775 7.81 -40.27 61.55
N TYR A 776 7.83 -38.95 61.70
CA TYR A 776 9.08 -38.20 61.86
C TYR A 776 8.83 -36.96 62.69
N LEU A 777 9.88 -36.51 63.37
CA LEU A 777 9.89 -35.27 64.13
C LEU A 777 10.88 -34.32 63.46
N ILE A 778 10.40 -33.14 63.07
CA ILE A 778 11.16 -32.27 62.18
C ILE A 778 12.26 -31.56 62.95
N LYS A 779 13.36 -31.27 62.25
CA LYS A 779 14.51 -30.57 62.82
C LYS A 779 14.10 -29.21 63.37
N ASP A 780 14.90 -28.71 64.31
CA ASP A 780 14.78 -27.36 64.84
C ASP A 780 15.85 -26.50 64.20
N ASP A 781 15.64 -26.14 62.94
CA ASP A 781 16.48 -25.17 62.27
C ASP A 781 16.24 -23.77 62.84
N LYS A 782 17.25 -22.90 62.69
CA LYS A 782 17.19 -21.54 63.21
C LYS A 782 15.94 -20.80 62.75
N TYR A 783 15.53 -21.00 61.50
CA TYR A 783 14.31 -20.37 61.01
C TYR A 783 13.06 -20.77 61.78
N ARG A 784 13.09 -21.92 62.48
CA ARG A 784 11.92 -22.32 63.25
C ARG A 784 11.58 -21.28 64.31
N SER A 785 12.59 -20.65 64.90
CA SER A 785 12.35 -19.53 65.80
C SER A 785 11.67 -18.36 65.08
N TYR A 786 11.91 -18.21 63.78
CA TYR A 786 11.22 -17.19 63.00
C TYR A 786 9.81 -17.62 62.62
N ASN A 787 9.50 -18.92 62.68
CA ASN A 787 8.26 -19.45 62.15
C ASN A 787 7.36 -20.09 63.21
N GLN A 788 7.84 -20.28 64.44
CA GLN A 788 7.00 -20.85 65.49
C GLN A 788 5.86 -19.94 65.93
N PHE A 789 5.99 -18.63 65.77
CA PHE A 789 5.20 -17.69 66.56
C PHE A 789 4.29 -16.84 65.69
N ARG A 790 3.17 -16.43 66.28
CA ARG A 790 2.19 -15.54 65.70
C ARG A 790 1.70 -14.61 66.80
N PRO A 791 1.37 -13.35 66.49
CA PRO A 791 0.98 -12.41 67.55
C PRO A 791 -0.34 -12.80 68.22
N ASP A 792 -0.34 -12.71 69.55
CA ASP A 792 -1.56 -12.90 70.35
C ASP A 792 -2.32 -11.58 70.35
N PHE A 793 -3.30 -11.45 69.45
CA PHE A 793 -4.07 -10.22 69.29
C PHE A 793 -4.90 -9.86 70.52
N LYS A 794 -5.04 -10.76 71.49
CA LYS A 794 -5.77 -10.45 72.71
C LYS A 794 -4.96 -9.67 73.73
N ASN A 795 -3.63 -9.69 73.63
CA ASN A 795 -2.78 -9.07 74.64
C ASN A 795 -2.67 -7.57 74.43
N ASP A 796 -2.65 -6.83 75.54
CA ASP A 796 -2.52 -5.37 75.48
C ASP A 796 -1.25 -4.95 74.76
N ALA A 797 -0.14 -5.65 75.00
CA ALA A 797 1.10 -5.32 74.32
C ALA A 797 0.96 -5.47 72.81
N THR A 798 0.22 -6.48 72.35
CA THR A 798 -0.07 -6.61 70.94
C THR A 798 -0.87 -5.42 70.43
N ARG A 799 -1.88 -4.99 71.20
CA ARG A 799 -2.67 -3.83 70.80
C ARG A 799 -1.79 -2.59 70.64
N TYR A 800 -0.86 -2.39 71.59
CA TYR A 800 0.09 -1.28 71.53
C TYR A 800 0.94 -1.37 70.27
N MET A 801 1.54 -2.54 70.03
CA MET A 801 2.43 -2.68 68.89
C MET A 801 1.69 -2.54 67.57
N ASN A 802 0.45 -3.05 67.50
CA ASN A 802 -0.39 -2.86 66.34
C ASN A 802 -0.81 -1.40 66.16
N ASP A 803 -0.85 -0.63 67.25
CA ASP A 803 -1.05 0.81 67.12
C ASP A 803 0.17 1.46 66.49
N LEU A 804 1.37 1.10 66.95
CA LEU A 804 2.57 1.63 66.28
C LEU A 804 2.72 1.07 64.87
N ASP A 805 2.13 -0.09 64.61
CA ASP A 805 2.31 -0.85 63.36
C ASP A 805 3.79 -1.05 63.04
N THR A 806 4.55 -1.48 64.04
CA THR A 806 5.87 -2.02 63.78
C THR A 806 5.73 -3.40 63.13
N PRO A 807 6.81 -3.91 62.52
CA PRO A 807 6.90 -5.37 62.34
C PRO A 807 6.81 -6.09 63.68
N PHE A 808 6.36 -7.34 63.64
CA PHE A 808 6.30 -8.19 64.83
C PHE A 808 7.06 -9.47 64.55
N VAL A 809 7.93 -9.87 65.49
CA VAL A 809 8.66 -11.14 65.45
C VAL A 809 8.91 -11.60 66.88
N GLY A 810 8.11 -12.54 67.36
CA GLY A 810 8.33 -13.13 68.67
C GLY A 810 8.09 -12.22 69.86
N GLY A 811 7.42 -11.09 69.69
CA GLY A 811 6.96 -10.31 70.82
C GLY A 811 8.09 -9.54 71.51
N ILE A 812 7.69 -8.83 72.57
CA ILE A 812 8.65 -8.06 73.36
C ILE A 812 9.66 -8.98 74.00
N SER A 813 10.94 -8.68 73.79
CA SER A 813 12.03 -9.65 73.93
C SER A 813 12.42 -9.79 75.40
N GLY A 814 11.78 -10.74 76.09
CA GLY A 814 12.18 -11.06 77.45
C GLY A 814 13.64 -11.44 77.60
N THR A 815 14.23 -12.03 76.55
CA THR A 815 15.66 -12.29 76.52
C THR A 815 16.48 -11.02 76.71
N THR A 816 16.15 -9.98 75.93
CA THR A 816 16.90 -8.72 76.05
C THR A 816 16.74 -8.11 77.44
N GLN A 817 15.54 -8.21 78.02
CA GLN A 817 15.37 -7.84 79.44
C GLN A 817 16.35 -8.61 80.31
N THR A 818 16.35 -9.94 80.19
CA THR A 818 17.13 -10.77 81.10
C THR A 818 18.63 -10.46 80.98
N VAL A 819 19.08 -10.17 79.76
CA VAL A 819 20.47 -9.77 79.56
C VAL A 819 20.73 -8.39 80.17
N SER A 820 19.98 -7.38 79.73
CA SER A 820 20.26 -6.00 80.11
C SER A 820 20.06 -5.75 81.60
N ASN A 821 19.31 -6.61 82.28
CA ASN A 821 19.16 -6.51 83.73
C ASN A 821 20.47 -6.75 84.49
N VAL A 822 21.43 -7.46 83.89
CA VAL A 822 22.61 -7.89 84.62
C VAL A 822 23.91 -7.34 84.01
N LEU A 823 23.81 -6.37 83.10
CA LEU A 823 25.00 -5.85 82.44
C LEU A 823 26.02 -5.34 83.45
N THR A 824 25.55 -4.72 84.55
CA THR A 824 26.45 -4.25 85.59
C THR A 824 27.25 -5.37 86.23
N GLU A 825 26.76 -6.61 86.15
CA GLU A 825 27.49 -7.76 86.67
C GLU A 825 28.31 -8.45 85.59
N LEU A 826 27.83 -8.44 84.35
CA LEU A 826 28.62 -9.00 83.24
C LEU A 826 29.90 -8.21 83.02
N PHE A 827 29.79 -6.88 82.92
CA PHE A 827 30.96 -6.03 82.80
C PHE A 827 31.60 -5.71 84.15
N GLY A 828 30.98 -6.11 85.26
CA GLY A 828 31.58 -5.90 86.56
C GLY A 828 31.54 -4.47 87.05
N GLY A 829 30.85 -3.59 86.35
CA GLY A 829 30.74 -2.19 86.75
C GLY A 829 29.72 -1.49 85.88
N ALA A 830 29.32 -0.31 86.33
CA ALA A 830 28.35 0.47 85.58
C ALA A 830 28.90 0.84 84.20
N LEU A 831 28.04 0.77 83.19
CA LEU A 831 28.39 1.25 81.85
C LEU A 831 28.15 2.74 81.74
N SER A 832 29.01 3.42 80.98
CA SER A 832 28.63 4.69 80.39
C SER A 832 27.44 4.49 79.46
N VAL A 833 26.60 5.53 79.37
CA VAL A 833 25.51 5.51 78.40
C VAL A 833 26.02 5.33 76.97
N LYS A 834 27.25 5.76 76.68
CA LYS A 834 27.85 5.46 75.38
C LYS A 834 28.12 3.97 75.23
N GLN A 835 28.85 3.38 76.18
CA GLN A 835 29.11 1.95 76.14
C GLN A 835 27.82 1.15 76.17
N TYR A 836 26.87 1.57 77.01
CA TYR A 836 25.57 0.91 77.08
C TYR A 836 24.89 0.91 75.72
N TRP A 837 24.66 2.09 75.13
CA TRP A 837 23.97 2.16 73.85
C TRP A 837 24.73 1.45 72.73
N GLN A 838 26.06 1.38 72.83
CA GLN A 838 26.84 0.62 71.85
C GLN A 838 26.53 -0.86 71.97
N PHE A 839 26.69 -1.42 73.17
CA PHE A 839 26.37 -2.83 73.39
C PHE A 839 24.94 -3.12 72.96
N GLN A 840 24.00 -2.26 73.36
CA GLN A 840 22.58 -2.53 73.11
C GLN A 840 22.24 -2.41 71.63
N MET A 841 22.99 -1.62 70.86
CA MET A 841 22.74 -1.60 69.43
C MET A 841 23.38 -2.81 68.74
N ALA A 842 24.53 -3.26 69.23
CA ALA A 842 25.09 -4.49 68.67
C ALA A 842 24.15 -5.67 68.95
N ASN A 843 23.66 -5.78 70.18
CA ASN A 843 22.68 -6.79 70.53
C ASN A 843 21.43 -6.70 69.66
N ALA A 844 20.89 -5.49 69.46
CA ALA A 844 19.72 -5.33 68.62
C ALA A 844 19.99 -5.73 67.17
N ALA A 845 21.21 -5.48 66.68
CA ALA A 845 21.56 -5.93 65.33
C ALA A 845 21.65 -7.45 65.27
N PHE A 846 22.21 -8.08 66.30
CA PHE A 846 22.24 -9.54 66.34
C PHE A 846 20.82 -10.10 66.35
N MET A 847 19.94 -9.53 67.17
CA MET A 847 18.55 -9.99 67.23
C MET A 847 17.85 -9.83 65.88
N ILE A 848 18.10 -8.74 65.16
CA ILE A 848 17.44 -8.54 63.89
C ILE A 848 18.02 -9.46 62.82
N ARG A 849 19.33 -9.67 62.85
CA ARG A 849 20.01 -10.47 61.84
C ARG A 849 19.50 -11.91 61.84
N ASN A 850 19.39 -12.53 63.01
CA ASN A 850 18.91 -13.90 63.11
C ASN A 850 17.39 -14.01 63.08
N GLY A 851 16.67 -12.91 62.88
CA GLY A 851 15.22 -12.98 62.88
C GLY A 851 14.59 -13.30 64.21
N TYR A 852 15.25 -12.94 65.32
CA TYR A 852 14.67 -13.20 66.63
C TYR A 852 13.67 -12.14 67.06
N HIS A 853 13.86 -10.89 66.63
CA HIS A 853 12.98 -9.81 67.06
C HIS A 853 13.03 -8.69 66.03
N SER A 854 12.04 -7.79 66.11
CA SER A 854 12.11 -6.49 65.49
C SER A 854 13.11 -5.57 66.20
N PHE A 855 13.48 -4.49 65.49
CA PHE A 855 14.05 -3.29 66.09
C PHE A 855 13.32 -2.90 67.37
N PHE A 856 12.03 -2.60 67.26
CA PHE A 856 11.27 -2.07 68.39
C PHE A 856 11.25 -3.04 69.57
N GLU A 857 11.04 -4.33 69.30
CA GLU A 857 10.98 -5.35 70.34
C GLU A 857 12.23 -5.40 71.21
N THR A 858 13.31 -4.76 70.80
CA THR A 858 14.54 -4.65 71.60
C THR A 858 14.72 -3.25 72.19
N PHE A 859 14.59 -2.22 71.35
CA PHE A 859 14.79 -0.85 71.81
C PHE A 859 13.78 -0.43 72.87
N TYR A 860 12.55 -0.96 72.81
CA TYR A 860 11.59 -0.67 73.87
C TYR A 860 12.14 -1.04 75.25
N VAL A 861 12.59 -2.28 75.41
CA VAL A 861 13.11 -2.69 76.71
C VAL A 861 14.47 -2.04 76.98
N ALA A 862 15.19 -1.62 75.94
CA ALA A 862 16.39 -0.83 76.17
C ALA A 862 16.03 0.49 76.83
N ALA A 863 15.11 1.24 76.23
CA ALA A 863 14.68 2.51 76.81
C ALA A 863 14.07 2.31 78.19
N ARG A 864 13.46 1.16 78.44
CA ARG A 864 12.98 0.85 79.79
C ARG A 864 14.14 0.58 80.75
N TYR A 865 15.28 0.11 80.23
CA TYR A 865 16.38 -0.32 81.07
C TYR A 865 17.60 0.59 81.02
N GLU A 866 17.60 1.59 80.15
CA GLU A 866 18.71 2.52 80.04
C GLU A 866 19.09 3.07 81.42
N PRO A 867 20.37 2.99 81.81
CA PRO A 867 20.77 3.47 83.14
C PRO A 867 20.37 4.92 83.38
N GLU A 868 20.10 5.23 84.64
CA GLU A 868 19.90 6.61 85.05
C GLU A 868 21.22 7.38 84.95
N GLY A 869 21.14 8.60 84.43
CA GLY A 869 22.34 9.40 84.22
C GLY A 869 22.10 10.71 83.50
N ALA A 870 23.09 11.61 83.60
CA ALA A 870 22.93 12.99 83.14
C ALA A 870 22.55 13.08 81.67
N ASP A 871 22.89 12.08 80.87
CA ASP A 871 22.59 12.07 79.44
C ASP A 871 21.57 11.01 79.06
N SER A 872 20.87 10.43 80.03
CA SER A 872 19.85 9.43 79.73
C SER A 872 18.76 10.04 78.84
N ILE A 873 18.14 9.18 78.04
CA ILE A 873 17.26 9.63 76.97
C ILE A 873 16.03 8.73 76.88
N GLY A 874 15.99 7.68 77.71
CA GLY A 874 14.85 6.79 77.69
C GLY A 874 13.53 7.47 78.04
N LYS A 875 13.57 8.44 78.96
CA LYS A 875 12.35 9.19 79.28
C LYS A 875 11.76 9.85 78.04
N GLU A 876 12.61 10.53 77.27
CA GLU A 876 12.18 11.08 75.99
C GLU A 876 11.69 9.98 75.06
N MET A 877 12.44 8.88 74.98
CA MET A 877 12.09 7.85 74.00
C MET A 877 10.72 7.25 74.29
N LEU A 878 10.42 7.01 75.57
CA LEU A 878 9.08 6.59 75.98
C LEU A 878 8.03 7.62 75.60
N GLN A 879 8.26 8.90 75.93
CA GLN A 879 7.27 9.92 75.59
C GLN A 879 7.07 10.00 74.08
N MET A 880 8.12 9.75 73.32
CA MET A 880 8.06 9.76 71.86
C MET A 880 7.29 8.56 71.33
N PHE A 881 7.47 7.39 71.95
CA PHE A 881 6.65 6.24 71.59
C PHE A 881 5.17 6.53 71.83
N ASP A 882 4.84 7.08 72.99
CA ASP A 882 3.44 7.43 73.28
C ASP A 882 2.89 8.43 72.27
N LYS A 883 3.64 9.52 72.03
CA LYS A 883 3.28 10.52 71.02
C LYS A 883 3.03 9.90 69.64
N TYR A 884 3.86 8.96 69.21
CA TYR A 884 3.58 8.34 67.93
C TYR A 884 2.48 7.29 67.99
N ARG A 885 2.24 6.70 69.15
CA ARG A 885 1.13 5.76 69.28
C ARG A 885 -0.20 6.46 69.06
N VAL A 886 -0.40 7.60 69.74
CA VAL A 886 -1.65 8.33 69.61
C VAL A 886 -1.87 8.86 68.19
N GLU A 887 -0.83 8.87 67.37
CA GLU A 887 -0.94 9.13 65.93
C GLU A 887 -1.23 7.86 65.13
N GLY A 888 -0.46 6.81 65.36
CA GLY A 888 -0.54 5.61 64.52
C GLY A 888 -1.92 4.97 64.50
N SER A 889 -2.67 5.05 65.61
CA SER A 889 -4.06 4.64 65.60
C SER A 889 -4.89 5.34 64.53
N LYS A 890 -4.36 6.40 63.91
CA LYS A 890 -5.08 7.15 62.89
C LYS A 890 -4.34 7.26 61.57
N LYS A 891 -3.01 7.13 61.57
CA LYS A 891 -2.22 7.54 60.41
C LYS A 891 -1.01 6.62 60.27
N ALA A 892 -0.52 6.50 59.04
CA ALA A 892 0.70 5.75 58.74
C ALA A 892 1.92 6.57 59.14
N LEU A 893 2.76 6.02 60.01
CA LEU A 893 3.93 6.75 60.50
C LEU A 893 5.09 6.72 59.51
N GLN A 894 5.06 5.81 58.54
CA GLN A 894 6.01 5.78 57.42
C GLN A 894 7.45 5.95 57.87
N GLY A 895 7.84 5.25 58.93
CA GLY A 895 9.22 5.26 59.38
C GLY A 895 9.62 6.39 60.30
N LYS A 896 8.71 7.34 60.57
CA LYS A 896 9.03 8.46 61.44
C LYS A 896 9.53 8.01 62.81
N LEU A 897 9.02 6.89 63.32
CA LEU A 897 9.50 6.32 64.57
C LEU A 897 11.00 6.02 64.53
N TYR A 898 11.47 5.43 63.44
CA TYR A 898 12.89 5.07 63.37
C TYR A 898 13.78 6.29 63.34
N ASP A 899 13.40 7.32 62.58
CA ASP A 899 14.16 8.57 62.61
C ASP A 899 14.10 9.20 64.00
N GLY A 900 12.93 9.15 64.63
CA GLY A 900 12.79 9.67 65.99
C GLY A 900 13.74 9.02 66.97
N VAL A 901 13.99 7.72 66.79
CA VAL A 901 14.94 7.02 67.66
C VAL A 901 16.38 7.36 67.29
N MET A 902 16.71 7.28 65.99
CA MET A 902 18.10 7.50 65.58
C MET A 902 18.56 8.92 65.89
N ALA A 903 17.68 9.91 65.73
CA ALA A 903 17.98 11.29 66.15
C ALA A 903 18.50 11.36 67.58
N ARG A 904 18.00 10.49 68.45
CA ARG A 904 18.35 10.54 69.86
C ARG A 904 19.52 9.63 70.21
N VAL A 905 19.71 8.55 69.45
CA VAL A 905 20.79 7.61 69.74
C VAL A 905 22.11 8.05 69.09
N LEU A 906 22.07 8.45 67.81
CA LEU A 906 23.31 8.68 67.07
C LEU A 906 24.25 9.70 67.68
N PRO A 907 23.81 10.89 68.08
CA PRO A 907 24.76 11.83 68.72
C PRO A 907 25.37 11.35 70.02
N ILE A 908 24.80 10.31 70.66
CA ILE A 908 25.45 9.74 71.84
C ILE A 908 26.51 8.73 71.43
N ILE A 909 26.24 7.92 70.40
CA ILE A 909 27.23 6.97 69.91
C ILE A 909 28.43 7.71 69.32
N ASN A 910 28.18 8.60 68.36
CA ASN A 910 29.25 9.31 67.66
C ASN A 910 29.89 10.42 68.50
N GLN A 911 29.57 10.50 69.78
CA GLN A 911 29.91 11.67 70.59
C GLN A 911 31.42 11.97 70.56
N GLY A 912 32.25 10.93 70.47
CA GLY A 912 33.69 11.12 70.38
C GLY A 912 34.29 11.25 68.99
N LEU A 913 33.55 10.96 67.93
CA LEU A 913 34.20 10.65 66.66
C LEU A 913 34.34 11.89 65.79
N SER A 914 35.23 11.80 64.80
CA SER A 914 35.29 12.78 63.73
C SER A 914 34.19 12.55 62.72
N ALA A 915 33.72 13.66 62.13
CA ALA A 915 32.58 13.61 61.21
C ALA A 915 32.82 12.69 60.02
N ALA A 916 34.09 12.43 59.67
CA ALA A 916 34.40 11.48 58.61
C ALA A 916 34.29 10.04 59.06
N ASP A 917 34.33 9.77 60.37
CA ASP A 917 34.41 8.43 60.90
C ASP A 917 33.17 8.03 61.69
N GLU A 918 32.22 8.94 61.87
CA GLU A 918 30.96 8.62 62.53
C GLU A 918 30.26 7.46 61.83
N PHE A 919 29.51 6.69 62.61
CA PHE A 919 28.53 5.77 62.07
C PHE A 919 27.25 6.51 61.70
N HIS A 920 26.66 6.15 60.55
CA HIS A 920 25.33 6.61 60.21
C HIS A 920 24.59 5.48 59.51
N PRO A 921 23.39 5.13 59.95
CA PRO A 921 22.64 4.04 59.33
C PRO A 921 22.05 4.48 58.01
N PRO A 922 21.64 3.53 57.16
CA PRO A 922 20.85 3.88 55.98
C PRO A 922 19.59 4.65 56.36
N ARG A 923 19.12 5.48 55.43
CA ARG A 923 18.08 6.45 55.72
C ARG A 923 16.75 5.95 55.15
N PHE A 924 15.73 5.93 56.01
CA PHE A 924 14.41 5.48 55.61
C PHE A 924 13.80 6.44 54.59
N THR A 925 13.09 5.89 53.62
CA THR A 925 12.56 6.62 52.47
C THR A 925 11.32 5.90 51.96
N ARG A 926 10.58 6.58 51.09
CA ARG A 926 9.42 5.95 50.47
C ARG A 926 9.85 4.82 49.54
N ILE A 927 10.76 5.12 48.61
CA ILE A 927 11.51 4.05 47.95
C ILE A 927 12.28 3.25 49.00
N GLY A 928 12.70 2.04 48.61
CA GLY A 928 13.40 1.15 49.49
C GLY A 928 14.68 1.75 50.04
N PRO A 929 15.14 1.23 51.19
CA PRO A 929 16.21 1.91 51.95
C PRO A 929 17.46 2.20 51.13
N ARG A 930 17.81 3.48 51.02
CA ARG A 930 18.96 3.92 50.25
C ARG A 930 20.21 3.99 51.12
N PRO A 931 21.40 3.94 50.51
CA PRO A 931 22.62 3.96 51.31
C PRO A 931 22.85 5.32 51.96
N ALA A 932 23.63 5.30 53.04
CA ALA A 932 23.90 6.52 53.78
C ALA A 932 24.75 7.49 52.95
N LEU A 933 24.92 8.70 53.48
CA LEU A 933 25.65 9.75 52.78
C LEU A 933 26.79 10.33 53.60
N LEU A 934 27.20 9.65 54.67
CA LEU A 934 28.17 10.20 55.61
C LEU A 934 29.07 9.09 56.12
N GLY A 935 30.18 9.50 56.74
CA GLY A 935 30.98 8.68 57.62
C GLY A 935 31.50 7.42 56.95
N GLN A 936 31.61 6.35 57.74
CA GLN A 936 32.21 5.11 57.28
C GLN A 936 31.57 4.61 55.99
N ALA A 937 30.24 4.77 55.87
CA ALA A 937 29.49 4.18 54.78
C ALA A 937 29.85 4.76 53.41
N VAL A 938 30.51 5.91 53.35
CA VAL A 938 30.99 6.44 52.08
C VAL A 938 32.50 6.30 51.90
N LYS A 939 33.27 6.31 52.99
CA LYS A 939 34.70 6.68 53.00
C LYS A 939 35.45 6.29 51.73
N ASP A 940 35.42 5.01 51.36
CA ASP A 940 35.87 4.56 50.05
C ASP A 940 35.01 3.40 49.57
N LEU A 941 33.71 3.47 49.83
CA LEU A 941 32.84 2.31 49.70
C LEU A 941 31.66 2.61 48.76
N PRO A 956 33.83 7.38 38.67
CA PRO A 956 33.84 7.62 37.22
C PRO A 956 33.56 6.36 36.42
N ARG A 957 32.82 6.50 35.33
CA ARG A 957 32.47 5.35 34.49
C ARG A 957 33.65 4.92 33.65
N GLN A 958 33.75 3.60 33.44
CA GLN A 958 35.03 3.00 33.06
C GLN A 958 35.42 3.33 31.62
N GLY A 959 34.45 3.37 30.73
CA GLY A 959 34.79 3.71 29.35
C GLY A 959 35.18 2.49 28.54
N SER A 960 34.86 2.54 27.26
CA SER A 960 35.02 1.40 26.35
C SER A 960 36.07 1.73 25.30
N ALA A 961 36.97 0.77 25.06
CA ALA A 961 38.04 0.92 24.08
C ALA A 961 37.53 1.14 22.66
N ASP A 962 36.23 1.01 22.41
CA ASP A 962 35.66 1.34 21.11
C ASP A 962 35.98 2.77 20.66
N ILE A 963 36.43 3.62 21.57
CA ILE A 963 37.02 4.92 21.25
C ILE A 963 38.00 4.80 20.08
N HIS A 964 38.74 3.68 20.00
CA HIS A 964 39.72 3.55 18.93
C HIS A 964 39.06 3.27 17.59
N GLN A 965 37.93 2.56 17.60
CA GLN A 965 37.15 2.41 16.37
C GLN A 965 36.59 3.76 15.95
N PHE A 966 36.02 4.50 16.90
CA PHE A 966 35.48 5.82 16.59
C PHE A 966 36.55 6.74 16.00
N VAL A 967 37.74 6.74 16.60
CA VAL A 967 38.87 7.49 16.04
C VAL A 967 39.20 6.98 14.64
N THR A 968 39.11 5.67 14.44
CA THR A 968 39.61 5.07 13.20
C THR A 968 38.69 5.39 12.02
N ASP A 969 37.39 5.43 12.26
CA ASP A 969 36.41 5.70 11.21
C ASP A 969 35.24 6.45 11.81
N PRO A 970 35.41 7.76 12.08
CA PRO A 970 34.35 8.50 12.79
C PRO A 970 33.05 8.61 12.02
N VAL A 971 33.10 8.62 10.69
CA VAL A 971 31.87 8.73 9.90
C VAL A 971 31.03 7.46 10.02
N LEU A 972 31.65 6.29 9.79
CA LEU A 972 30.93 5.04 9.93
C LEU A 972 30.42 4.86 11.34
N PHE A 973 31.27 5.17 12.33
CA PHE A 973 30.86 5.04 13.72
C PHE A 973 29.63 5.90 14.01
N ALA A 974 29.66 7.17 13.58
CA ALA A 974 28.55 8.06 13.86
C ALA A 974 27.31 7.68 13.07
N LYS A 975 27.48 6.97 11.95
CA LYS A 975 26.34 6.51 11.18
C LYS A 975 25.71 5.29 11.82
N THR A 976 26.50 4.48 12.53
CA THR A 976 26.05 3.19 13.02
C THR A 976 25.84 3.16 14.53
N HIS A 977 26.26 4.20 15.27
CA HIS A 977 26.04 4.29 16.70
C HIS A 977 25.61 5.69 17.07
N THR A 978 24.79 5.78 18.12
CA THR A 978 24.35 7.07 18.66
C THR A 978 25.43 7.61 19.60
N VAL A 979 25.99 8.77 19.25
CA VAL A 979 26.96 9.46 20.11
C VAL A 979 26.21 10.58 20.80
N SER A 980 26.00 10.44 22.11
CA SER A 980 25.31 11.45 22.90
C SER A 980 26.31 12.34 23.62
N ALA A 981 25.80 13.44 24.18
CA ALA A 981 26.63 14.51 24.70
C ALA A 981 26.18 14.98 26.08
N GLU A 982 25.34 14.20 26.76
CA GLU A 982 24.64 14.70 27.94
C GLU A 982 25.61 15.21 29.00
N ALA A 983 26.66 14.43 29.30
CA ALA A 983 27.61 14.84 30.31
C ALA A 983 28.34 16.14 29.96
N LEU A 984 28.27 16.57 28.70
CA LEU A 984 28.79 17.87 28.28
C LEU A 984 27.80 19.01 28.50
N VAL A 985 26.59 18.70 28.94
CA VAL A 985 25.65 19.72 29.44
C VAL A 985 25.71 19.86 30.95
N ARG A 986 25.66 18.74 31.67
CA ARG A 986 25.67 18.79 33.12
C ARG A 986 27.06 18.93 33.71
N SER A 987 28.06 19.31 32.91
CA SER A 987 29.37 19.67 33.40
C SER A 987 29.54 21.18 33.25
N GLY A 988 29.74 21.87 34.37
CA GLY A 988 29.84 23.32 34.34
C GLY A 988 31.19 23.81 33.85
N ARG A 989 31.16 24.70 32.86
CA ARG A 989 32.34 25.40 32.35
C ARG A 989 33.51 24.44 32.07
N LEU A 990 33.34 23.67 31.01
CA LEU A 990 34.38 22.74 30.59
C LEU A 990 35.67 23.52 30.25
N PRO A 991 36.83 22.88 30.39
CA PRO A 991 38.08 23.49 29.93
C PRO A 991 38.05 23.80 28.44
N ALA A 992 38.96 24.69 28.04
CA ALA A 992 39.32 24.79 26.62
C ALA A 992 39.90 23.47 26.11
N GLU A 993 40.74 22.82 26.90
CA GLU A 993 41.45 21.63 26.46
C GLU A 993 41.38 20.55 27.52
N GLY A 994 41.14 19.32 27.10
CA GLY A 994 40.93 18.23 28.03
C GLY A 994 40.94 16.90 27.32
N SER A 995 40.68 15.85 28.09
CA SER A 995 40.59 14.50 27.58
C SER A 995 39.12 14.13 27.39
N ALA A 996 38.79 13.55 26.25
CA ALA A 996 37.44 13.09 25.96
C ALA A 996 37.43 11.58 25.77
N GLN A 997 36.38 10.94 26.27
CA GLN A 997 36.21 9.50 26.25
C GLN A 997 34.76 9.18 25.97
N LEU A 998 34.51 7.99 25.45
CA LEU A 998 33.16 7.45 25.45
C LEU A 998 32.94 6.54 26.65
N VAL A 999 31.68 6.41 27.05
CA VAL A 999 31.21 5.35 27.93
C VAL A 999 30.00 4.68 27.29
N LYS A 1000 29.97 3.36 27.33
CA LYS A 1000 28.85 2.62 26.76
C LYS A 1000 27.72 2.55 27.79
N VAL A 1001 26.48 2.62 27.30
CA VAL A 1001 25.31 2.60 28.16
C VAL A 1001 24.35 1.53 27.66
N GLY A 1002 24.42 1.20 26.38
CA GLY A 1002 23.51 0.23 25.81
C GLY A 1002 23.88 -0.10 24.39
N SER A 1003 22.93 -0.76 23.71
CA SER A 1003 23.16 -1.26 22.35
C SER A 1003 23.44 -0.13 21.38
N GLY A 1004 24.71 0.03 20.99
CA GLY A 1004 25.10 1.10 20.10
C GLY A 1004 24.96 2.49 20.66
N LEU A 1005 24.83 2.62 21.98
CA LEU A 1005 24.58 3.90 22.63
C LEU A 1005 25.79 4.25 23.50
N TYR A 1006 26.42 5.39 23.21
CA TYR A 1006 27.58 5.84 23.96
C TYR A 1006 27.39 7.28 24.39
N GLU A 1007 27.99 7.63 25.52
CA GLU A 1007 28.00 8.99 26.05
C GLU A 1007 29.44 9.49 26.12
N LEU A 1008 29.64 10.74 25.73
CA LEU A 1008 30.91 11.39 25.98
C LEU A 1008 31.02 11.78 27.46
N GLU A 1009 32.26 11.94 27.92
CA GLU A 1009 32.56 12.60 29.18
C GLU A 1009 33.86 13.37 29.06
N TYR A 1010 33.92 14.53 29.71
CA TYR A 1010 35.19 15.16 30.03
C TYR A 1010 35.84 14.44 31.21
N THR A 1011 37.16 14.29 31.14
CA THR A 1011 37.89 13.66 32.23
C THR A 1011 39.29 14.27 32.33
N GLU A 1012 39.87 14.15 33.51
CA GLU A 1012 41.22 14.64 33.77
C GLU A 1012 42.31 13.63 33.44
N GLN A 1013 41.97 12.36 33.31
CA GLN A 1013 42.97 11.32 33.07
C GLN A 1013 43.74 11.60 31.79
N SER A 1014 45.03 11.26 31.81
CA SER A 1014 45.89 11.48 30.66
C SER A 1014 45.59 10.46 29.57
N ALA A 1015 45.73 10.90 28.31
CA ALA A 1015 45.68 9.97 27.19
C ALA A 1015 46.91 9.09 27.08
N ASN A 1016 47.96 9.35 27.85
CA ASN A 1016 49.15 8.51 27.82
C ASN A 1016 49.01 7.25 28.67
N ASP A 1017 47.91 7.12 29.41
CA ASP A 1017 47.37 5.81 29.79
C ASP A 1017 46.22 5.50 28.84
N ILE A 1018 46.54 4.80 27.74
CA ILE A 1018 45.55 4.53 26.71
C ILE A 1018 44.38 3.70 27.24
N SER A 1019 44.60 2.94 28.32
CA SER A 1019 43.50 2.30 29.03
C SER A 1019 42.43 3.29 29.49
N SER A 1020 42.73 4.60 29.54
CA SER A 1020 41.69 5.60 29.75
C SER A 1020 40.67 5.64 28.62
N SER A 1021 40.94 4.98 27.49
CA SER A 1021 40.07 5.02 26.31
C SER A 1021 39.78 6.46 25.88
N SER A 1022 40.80 7.32 25.99
CA SER A 1022 40.60 8.76 25.87
C SER A 1022 41.61 9.33 24.90
N ILE A 1023 41.32 10.53 24.41
CA ILE A 1023 42.14 11.21 23.41
C ILE A 1023 42.16 12.70 23.71
N PRO A 1024 43.19 13.41 23.24
CA PRO A 1024 43.14 14.87 23.26
C PRO A 1024 41.98 15.40 22.42
N ALA A 1025 41.20 16.30 23.02
CA ALA A 1025 40.13 16.97 22.30
C ALA A 1025 39.88 18.34 22.93
N TYR A 1026 39.25 19.22 22.15
CA TYR A 1026 38.86 20.54 22.61
C TYR A 1026 37.38 20.51 22.97
N PHE A 1027 37.05 20.98 24.17
CA PHE A 1027 35.66 21.07 24.58
C PHE A 1027 35.12 22.47 24.33
N LEU A 1028 33.79 22.56 24.25
CA LEU A 1028 33.07 23.82 24.25
C LEU A 1028 31.96 23.73 25.27
N GLY A 1029 31.84 24.77 26.11
CA GLY A 1029 30.79 24.78 27.11
C GLY A 1029 29.41 24.97 26.52
N TYR A 1030 28.42 24.54 27.28
CA TYR A 1030 27.02 24.75 26.94
C TYR A 1030 26.60 26.18 27.26
N ASN A 1031 25.85 26.79 26.35
CA ASN A 1031 25.30 28.12 26.56
C ASN A 1031 23.84 28.00 27.03
N GLY A 1032 23.34 29.08 27.61
CA GLY A 1032 22.03 29.04 28.22
C GLY A 1032 20.92 29.13 27.21
N PRO A 1033 19.69 28.90 27.69
CA PRO A 1033 18.52 28.84 26.79
C PRO A 1033 17.73 30.14 26.67
N ASN A 1034 18.14 31.22 27.32
CA ASN A 1034 17.35 32.45 27.35
C ASN A 1034 17.67 33.30 26.12
N GLN A 1035 16.63 33.59 25.33
CA GLN A 1035 16.78 34.31 24.08
C GLN A 1035 17.30 35.73 24.26
N ALA A 1036 17.33 36.24 25.49
CA ALA A 1036 17.86 37.57 25.78
C ALA A 1036 19.36 37.61 25.99
N ASN A 1037 20.10 36.55 25.63
CA ASN A 1037 21.48 36.42 26.07
C ASN A 1037 22.37 37.11 25.05
N ALA A 1038 23.14 38.09 25.52
CA ALA A 1038 24.11 38.81 24.70
C ALA A 1038 25.50 38.19 24.68
N VAL A 1039 25.81 37.26 25.57
CA VAL A 1039 27.17 36.77 25.75
C VAL A 1039 27.21 35.29 25.42
N PRO A 1040 27.63 34.93 24.21
CA PRO A 1040 27.60 33.52 23.79
C PRO A 1040 28.87 32.80 24.25
N ALA A 1041 28.81 31.47 24.18
CA ALA A 1041 29.97 30.65 24.46
C ALA A 1041 30.82 30.52 23.20
N TYR A 1042 32.13 30.71 23.36
CA TYR A 1042 33.05 30.63 22.23
C TYR A 1042 34.37 30.02 22.67
N VAL A 1043 35.11 29.49 21.70
CA VAL A 1043 36.48 29.03 21.94
C VAL A 1043 37.24 29.15 20.62
N ASP A 1044 38.56 29.29 20.73
CA ASP A 1044 39.44 29.57 19.59
C ASP A 1044 40.33 28.36 19.33
N ILE A 1045 40.38 27.91 18.08
CA ILE A 1045 41.10 26.69 17.74
C ILE A 1045 41.87 26.90 16.44
N PRO A 1046 43.01 26.22 16.31
CA PRO A 1046 43.88 26.47 15.15
C PRO A 1046 43.30 25.90 13.87
N LYS A 1047 43.47 26.64 12.78
CA LYS A 1047 43.54 26.03 11.45
C LYS A 1047 44.80 25.17 11.35
N ARG A 1048 44.64 23.97 10.79
CA ARG A 1048 45.71 22.97 10.76
C ARG A 1048 46.19 22.66 12.18
N THR A 1049 45.25 22.18 13.00
CA THR A 1049 45.57 21.76 14.36
C THR A 1049 46.66 20.70 14.37
N ILE A 1050 47.43 20.69 15.46
CA ILE A 1050 48.31 19.58 15.80
C ILE A 1050 47.93 18.94 17.13
N ALA A 1051 47.48 19.75 18.09
CA ALA A 1051 47.37 19.29 19.47
C ALA A 1051 46.25 18.28 19.63
N GLY A 1052 45.19 18.41 18.84
CA GLY A 1052 44.07 17.49 18.92
C GLY A 1052 43.15 17.67 17.74
N ASN A 1053 42.35 16.63 17.49
CA ASN A 1053 41.68 16.44 16.21
C ASN A 1053 40.17 16.34 16.34
N PHE A 1054 39.61 16.69 17.48
CA PHE A 1054 38.17 16.66 17.69
C PHE A 1054 37.76 17.87 18.52
N LEU A 1055 36.51 18.30 18.35
CA LEU A 1055 35.91 19.30 19.21
C LEU A 1055 34.47 18.91 19.49
N PHE A 1056 34.08 19.01 20.76
CA PHE A 1056 32.80 18.53 21.25
C PHE A 1056 32.06 19.66 21.96
N THR A 1057 30.73 19.50 22.04
CA THR A 1057 29.88 20.47 22.74
C THR A 1057 28.70 19.72 23.34
N GLY A 1058 28.12 20.33 24.37
CA GLY A 1058 26.82 19.92 24.86
C GLY A 1058 25.74 19.77 23.81
N THR A 1059 24.83 18.83 24.05
CA THR A 1059 23.72 18.55 23.14
C THR A 1059 23.00 19.82 22.73
N LEU A 1060 22.78 19.98 21.43
CA LEU A 1060 22.02 21.10 20.91
C LEU A 1060 20.53 20.87 21.10
N SER A 1061 19.84 21.86 21.68
CA SER A 1061 18.38 21.83 21.82
C SER A 1061 17.90 23.28 21.83
N GLY A 1062 17.60 23.79 20.64
CA GLY A 1062 17.11 25.15 20.50
C GLY A 1062 18.19 26.20 20.42
N GLY A 1063 19.41 25.81 20.06
CA GLY A 1063 20.51 26.74 19.87
C GLY A 1063 21.25 26.47 18.57
N SER A 1064 22.36 27.16 18.37
CA SER A 1064 23.12 27.06 17.13
C SER A 1064 24.59 26.84 17.44
N LEU A 1065 25.27 26.13 16.55
CA LEU A 1065 26.73 26.07 16.51
C LEU A 1065 27.21 26.78 15.25
N VAL A 1066 28.00 27.85 15.44
CA VAL A 1066 28.45 28.71 14.36
C VAL A 1066 29.97 28.72 14.36
N VAL A 1067 30.56 28.41 13.21
CA VAL A 1067 32.00 28.44 13.04
C VAL A 1067 32.36 29.60 12.13
N THR A 1068 33.35 30.39 12.55
CA THR A 1068 33.75 31.60 11.85
C THR A 1068 35.27 31.63 11.79
N SER A 1069 35.80 32.34 10.80
CA SER A 1069 37.24 32.42 10.57
C SER A 1069 37.74 33.73 11.15
N LEU A 1070 38.46 33.64 12.27
CA LEU A 1070 38.89 34.84 12.99
C LEU A 1070 40.09 35.51 12.32
N ASP A 1071 41.05 34.72 11.86
CA ASP A 1071 42.23 35.26 11.20
C ASP A 1071 42.75 34.23 10.21
N ALA A 1072 43.97 34.48 9.71
CA ALA A 1072 44.62 33.58 8.76
C ALA A 1072 44.82 32.17 9.32
N ASN A 1073 44.77 31.98 10.64
CA ASN A 1073 45.21 30.73 11.23
C ASN A 1073 44.27 30.12 12.26
N THR A 1074 43.21 30.81 12.67
CA THR A 1074 42.37 30.31 13.76
C THR A 1074 40.90 30.51 13.41
N PHE A 1075 40.10 29.50 13.74
CA PHE A 1075 38.65 29.62 13.78
C PHE A 1075 38.19 30.01 15.17
N ARG A 1076 37.14 30.82 15.24
CA ARG A 1076 36.38 30.99 16.48
C ARG A 1076 35.02 30.30 16.32
N VAL A 1077 34.77 29.30 17.15
CA VAL A 1077 33.54 28.53 17.16
C VAL A 1077 32.64 29.04 18.28
N TYR A 1078 31.41 29.39 17.95
CA TYR A 1078 30.48 29.98 18.91
C TYR A 1078 29.35 29.00 19.17
N HIS A 1079 29.11 28.71 20.45
CA HIS A 1079 27.86 28.07 20.90
C HIS A 1079 26.90 29.16 21.36
N ASP A 1080 25.95 29.51 20.51
CA ASP A 1080 25.00 30.58 20.80
C ASP A 1080 23.65 29.97 21.14
N GLY A 1081 23.09 30.39 22.28
CA GLY A 1081 21.84 29.83 22.75
C GLY A 1081 20.60 30.32 22.02
N ARG A 1082 20.72 31.33 21.17
CA ARG A 1082 19.59 31.79 20.38
C ARG A 1082 19.41 30.93 19.14
N VAL A 1083 18.14 30.72 18.76
CA VAL A 1083 17.82 30.15 17.46
C VAL A 1083 18.37 31.04 16.34
N ASN A 1084 18.63 30.41 15.19
CA ASN A 1084 18.96 31.13 13.95
C ASN A 1084 20.15 32.05 14.12
N SER A 1085 21.09 31.69 15.00
CA SER A 1085 22.17 32.58 15.38
C SER A 1085 23.13 32.83 14.23
N SER A 1086 23.24 31.89 13.28
CA SER A 1086 24.15 32.05 12.16
C SER A 1086 23.90 33.31 11.35
N LEU A 1087 22.71 33.90 11.46
CA LEU A 1087 22.41 35.14 10.74
C LEU A 1087 23.08 36.34 11.40
N LEU A 1088 23.37 36.26 12.69
CA LEU A 1088 23.79 37.40 13.50
C LEU A 1088 25.30 37.62 13.42
N TYR A 1089 26.08 36.55 13.52
CA TYR A 1089 27.53 36.64 13.35
C TYR A 1089 27.88 37.01 11.91
N ASP A 1090 29.17 37.22 11.67
CA ASP A 1090 29.68 37.51 10.34
C ASP A 1090 30.90 36.65 10.06
N ASN A 1091 31.25 36.55 8.78
CA ASN A 1091 32.31 35.66 8.29
C ASN A 1091 32.02 34.20 8.68
N VAL A 1092 30.73 33.84 8.68
CA VAL A 1092 30.34 32.47 8.98
C VAL A 1092 30.73 31.55 7.83
N VAL A 1093 31.45 30.48 8.14
CA VAL A 1093 31.87 29.52 7.14
C VAL A 1093 31.18 28.16 7.31
N MET A 1094 30.70 27.84 8.50
CA MET A 1094 29.91 26.65 8.77
C MET A 1094 28.92 26.98 9.87
N ALA A 1095 27.77 26.32 9.86
CA ALA A 1095 26.78 26.57 10.90
C ALA A 1095 25.73 25.48 10.89
N VAL A 1096 25.20 25.18 12.08
CA VAL A 1096 24.01 24.36 12.25
C VAL A 1096 23.03 25.18 13.08
N ASP A 1097 21.89 25.53 12.49
CA ASP A 1097 20.83 26.23 13.19
C ASP A 1097 19.72 25.26 13.57
N TYR A 1098 18.82 25.75 14.44
CA TYR A 1098 17.69 24.96 14.90
C TYR A 1098 16.97 24.26 13.75
N LYS A 1099 16.77 24.97 12.63
CA LYS A 1099 16.02 24.43 11.51
C LYS A 1099 16.71 23.21 10.90
N ASP A 1100 18.04 23.11 11.03
CA ASP A 1100 18.77 22.04 10.38
C ASP A 1100 18.53 20.68 11.02
N TYR A 1101 17.99 20.66 12.24
CA TYR A 1101 17.75 19.42 12.96
C TYR A 1101 16.36 19.36 13.56
N GLN A 1102 15.52 20.37 13.28
CA GLN A 1102 14.13 20.35 13.70
C GLN A 1102 13.38 19.20 13.02
N ILE A 1103 12.53 18.52 13.79
CA ILE A 1103 11.56 17.59 13.24
C ILE A 1103 10.43 18.41 12.63
N ALA A 1104 10.21 18.25 11.32
CA ALA A 1104 9.19 19.02 10.63
C ALA A 1104 7.82 18.83 11.28
N GLY A 1105 7.03 19.91 11.27
CA GLY A 1105 5.69 19.88 11.80
C GLY A 1105 5.61 19.78 13.30
N THR A 1106 6.71 20.06 14.00
CA THR A 1106 6.76 19.96 15.46
C THR A 1106 7.73 21.00 15.98
N ALA A 1107 7.62 21.29 17.28
CA ALA A 1107 8.66 22.05 17.98
C ALA A 1107 9.83 21.18 18.41
N GLU A 1108 9.64 19.86 18.44
CA GLU A 1108 10.65 18.95 18.99
C GLU A 1108 11.89 18.92 18.10
N GLY A 1109 13.05 18.87 18.74
CA GLY A 1109 14.29 18.57 18.05
C GLY A 1109 15.41 18.26 19.02
N LEU A 1110 16.39 17.47 18.56
CA LEU A 1110 17.54 17.11 19.39
C LEU A 1110 18.63 16.57 18.48
N ALA A 1111 19.86 17.08 18.64
CA ALA A 1111 20.95 16.62 17.81
C ALA A 1111 22.27 16.86 18.51
N ALA A 1112 23.19 15.90 18.34
CA ALA A 1112 24.59 16.08 18.71
C ALA A 1112 25.38 16.67 17.55
N ALA A 1113 26.16 17.71 17.83
CA ALA A 1113 27.03 18.33 16.85
C ALA A 1113 28.45 18.38 17.39
N TYR A 1114 29.42 18.02 16.54
CA TYR A 1114 30.82 18.08 16.91
C TYR A 1114 31.64 18.35 15.66
N MET A 1115 32.93 18.62 15.88
CA MET A 1115 33.88 18.89 14.80
C MET A 1115 35.00 17.86 14.82
N GLN A 1116 35.47 17.51 13.63
CA GLN A 1116 36.56 16.55 13.46
C GLN A 1116 37.53 17.09 12.44
N TYR A 1117 38.82 16.86 12.69
CA TYR A 1117 39.88 17.23 11.75
C TYR A 1117 40.23 16.02 10.88
N VAL A 1118 39.80 16.07 9.61
CA VAL A 1118 39.87 14.92 8.72
C VAL A 1118 40.31 15.42 7.35
N ASN A 1119 41.21 14.68 6.72
CA ASN A 1119 41.76 15.03 5.40
C ASN A 1119 42.22 16.49 5.35
N HIS A 1120 42.80 16.96 6.45
CA HIS A 1120 43.51 18.24 6.54
C HIS A 1120 42.55 19.43 6.56
N GLU A 1121 41.29 19.20 6.91
CA GLU A 1121 40.33 20.28 7.06
C GLU A 1121 39.34 19.93 8.17
N TRP A 1122 38.80 20.96 8.81
CA TRP A 1122 37.74 20.78 9.78
C TRP A 1122 36.41 20.47 9.10
N GLN A 1123 35.64 19.56 9.71
CA GLN A 1123 34.32 19.19 9.22
C GLN A 1123 33.31 19.36 10.35
N LEU A 1124 32.25 20.11 10.09
CA LEU A 1124 31.15 20.27 11.03
C LEU A 1124 30.21 19.06 10.89
N VAL A 1125 30.18 18.22 11.92
CA VAL A 1125 29.46 16.95 11.87
C VAL A 1125 28.23 17.04 12.76
N LEU A 1126 27.06 16.81 12.16
CA LEU A 1126 25.77 16.92 12.86
C LEU A 1126 25.14 15.53 12.90
N GLN A 1127 24.86 15.04 14.10
CA GLN A 1127 24.22 13.73 14.28
C GLN A 1127 22.82 13.94 14.86
N ARG A 1128 21.81 13.85 14.00
CA ARG A 1128 20.44 14.10 14.43
C ARG A 1128 19.92 12.93 15.27
N GLN A 1129 19.28 13.25 16.39
CA GLN A 1129 18.82 12.24 17.33
C GLN A 1129 17.35 12.50 17.68
N GLU A 1130 16.76 11.58 18.45
CA GLU A 1130 15.54 11.87 19.19
C GLU A 1130 15.50 10.99 20.43
N TYR A 1131 14.67 11.39 21.39
CA TYR A 1131 14.18 10.47 22.42
C TYR A 1131 13.05 9.62 21.88
N GLN A 1132 13.05 8.34 22.26
CA GLN A 1132 12.06 7.39 21.77
C GLN A 1132 11.68 6.44 22.90
N ARG A 1133 10.41 6.02 22.91
CA ARG A 1133 9.89 5.11 23.92
C ARG A 1133 10.18 3.67 23.51
N ASP A 1134 10.47 2.82 24.51
CA ASP A 1134 10.86 1.44 24.23
C ASP A 1134 10.47 0.57 25.43
N GLY A 1135 9.19 0.19 25.48
CA GLY A 1135 8.68 -0.67 26.53
C GLY A 1135 8.68 -0.05 27.91
N GLN A 1136 7.93 1.05 28.06
CA GLN A 1136 7.82 1.77 29.34
C GLN A 1136 9.18 2.25 29.84
N MET A 1137 10.10 2.50 28.92
CA MET A 1137 11.35 3.20 29.20
C MET A 1137 11.66 4.13 28.04
N LEU A 1138 12.61 5.03 28.26
CA LEU A 1138 13.11 5.87 27.18
C LEU A 1138 14.55 5.48 26.83
N ARG A 1139 14.88 5.65 25.55
CA ARG A 1139 16.25 5.56 25.09
C ARG A 1139 16.47 6.64 24.04
N LEU A 1140 17.75 7.00 23.85
CA LEU A 1140 18.12 7.71 22.63
C LEU A 1140 18.21 6.73 21.47
N ARG A 1141 17.93 7.21 20.26
CA ARG A 1141 18.37 6.53 19.06
C ARG A 1141 18.60 7.55 17.95
N LEU A 1142 19.38 7.13 16.95
CA LEU A 1142 19.44 7.84 15.69
C LEU A 1142 18.05 8.01 15.11
N ARG A 1143 17.80 9.17 14.50
CA ARG A 1143 16.53 9.41 13.82
C ARG A 1143 16.49 8.61 12.52
N ASP A 1144 15.39 7.89 12.29
CA ASP A 1144 15.30 6.97 11.17
C ASP A 1144 14.51 7.54 10.00
N ASP A 1145 13.83 8.67 10.17
CA ASP A 1145 12.94 9.19 9.14
C ASP A 1145 13.70 10.09 8.18
N GLU A 1146 14.96 10.37 8.46
CA GLU A 1146 15.82 11.14 7.57
C GLU A 1146 17.26 10.71 7.82
N GLU A 1147 18.15 11.14 6.93
CA GLU A 1147 19.56 10.78 7.04
C GLU A 1147 20.13 11.25 8.38
N PRO A 1148 20.56 10.33 9.25
CA PRO A 1148 20.96 10.72 10.61
C PRO A 1148 22.24 11.54 10.67
N LEU A 1149 23.02 11.61 9.59
CA LEU A 1149 24.27 12.35 9.59
C LEU A 1149 24.32 13.30 8.39
N SER A 1150 24.90 14.48 8.61
CA SER A 1150 25.16 15.42 7.53
C SER A 1150 26.38 16.27 7.91
N ILE A 1151 27.05 16.79 6.89
CA ILE A 1151 28.42 17.27 7.00
C ILE A 1151 28.55 18.55 6.17
N GLN A 1152 29.21 19.55 6.73
CA GLN A 1152 29.59 20.76 6.01
C GLN A 1152 31.10 20.95 6.08
N VAL A 1153 31.72 21.14 4.92
CA VAL A 1153 33.02 21.80 4.83
C VAL A 1153 32.84 23.31 4.86
N ALA A 1154 33.96 24.03 5.07
CA ALA A 1154 33.93 25.49 5.12
C ALA A 1154 33.43 26.06 3.79
N ASP A 1155 32.51 27.03 3.88
CA ASP A 1155 31.81 27.57 2.73
C ASP A 1155 31.71 29.08 2.89
N SER A 1156 31.25 29.76 1.85
CA SER A 1156 31.17 31.22 1.85
C SER A 1156 29.75 31.76 1.83
N GLN A 1157 28.83 31.09 1.16
CA GLN A 1157 27.52 31.65 0.86
C GLN A 1157 26.49 31.35 1.95
N VAL A 1158 26.93 30.69 3.03
CA VAL A 1158 26.03 30.12 4.03
C VAL A 1158 25.07 31.17 4.59
N VAL A 1159 25.57 32.40 4.79
CA VAL A 1159 24.72 33.48 5.29
C VAL A 1159 23.50 33.68 4.39
N GLU A 1160 23.74 33.95 3.10
CA GLU A 1160 22.64 34.14 2.16
C GLU A 1160 21.72 32.92 2.12
N ARG A 1161 22.31 31.73 2.09
CA ARG A 1161 21.56 30.48 1.98
C ARG A 1161 20.64 30.29 3.17
N ASN A 1162 21.04 30.78 4.35
CA ASN A 1162 20.15 30.72 5.50
C ASN A 1162 19.12 31.83 5.43
N GLN A 1163 19.57 33.04 5.12
CA GLN A 1163 18.71 34.22 5.24
C GLN A 1163 17.49 34.11 4.34
N ALA A 1164 17.69 33.69 3.09
CA ALA A 1164 16.55 33.46 2.19
C ALA A 1164 15.56 32.46 2.78
N GLN A 1165 16.08 31.36 3.33
CA GLN A 1165 15.22 30.33 3.90
C GLN A 1165 14.45 30.90 5.09
N PHE A 1166 15.11 31.70 5.91
CA PHE A 1166 14.46 32.27 7.08
C PHE A 1166 13.34 33.22 6.68
N VAL A 1167 13.61 34.07 5.68
CA VAL A 1167 12.57 35.00 5.20
C VAL A 1167 11.36 34.22 4.71
N ALA A 1168 11.60 33.18 3.91
CA ALA A 1168 10.49 32.36 3.41
C ALA A 1168 9.74 31.69 4.55
N TYR A 1169 10.47 31.11 5.50
CA TYR A 1169 9.84 30.37 6.59
C TYR A 1169 9.04 31.29 7.50
N ARG A 1170 9.56 32.49 7.78
CA ARG A 1170 8.81 33.47 8.55
C ARG A 1170 7.53 33.88 7.84
N GLU A 1171 7.61 34.16 6.53
CA GLU A 1171 6.39 34.44 5.77
C GLU A 1171 5.40 33.30 5.90
N GLN A 1172 5.88 32.06 5.77
CA GLN A 1172 5.01 30.89 5.81
C GLN A 1172 4.32 30.75 7.16
N ILE A 1173 5.10 30.87 8.24
CA ILE A 1173 4.53 30.80 9.58
C ILE A 1173 3.56 31.94 9.86
N HIS A 1174 3.83 33.15 9.33
CA HIS A 1174 2.81 34.19 9.40
C HIS A 1174 1.53 33.82 8.65
N GLN A 1175 1.64 33.09 7.55
CA GLN A 1175 0.44 32.56 6.90
C GLN A 1175 -0.27 31.57 7.82
N GLN A 1176 0.49 30.67 8.44
CA GLN A 1176 -0.08 29.69 9.36
C GLN A 1176 -0.85 30.37 10.47
N LEU A 1177 -0.24 31.36 11.12
CA LEU A 1177 -0.89 32.05 12.23
C LEU A 1177 -2.10 32.83 11.76
N LYS A 1178 -2.02 33.50 10.60
CA LYS A 1178 -3.19 34.17 10.04
C LYS A 1178 -4.34 33.19 9.84
N LYS A 1179 -4.04 32.02 9.29
CA LYS A 1179 -5.02 30.95 9.12
C LYS A 1179 -5.66 30.58 10.44
N VAL A 1180 -4.84 30.20 11.42
CA VAL A 1180 -5.37 29.72 12.69
C VAL A 1180 -6.19 30.79 13.38
N ALA A 1181 -5.72 32.03 13.39
CA ALA A 1181 -6.49 33.14 13.95
C ALA A 1181 -7.84 33.28 13.25
N THR A 1182 -7.86 33.13 11.92
CA THR A 1182 -9.12 33.16 11.18
C THR A 1182 -10.04 32.02 11.61
N GLN A 1183 -9.47 30.84 11.85
CA GLN A 1183 -10.25 29.70 12.32
C GLN A 1183 -10.94 29.99 13.66
N PHE A 1184 -10.37 30.87 14.48
CA PHE A 1184 -10.99 31.31 15.71
C PHE A 1184 -11.43 32.78 15.65
N GLU A 1185 -11.70 33.27 14.44
CA GLU A 1185 -12.46 34.50 14.19
C GLU A 1185 -11.78 35.76 14.69
N VAL A 1186 -10.49 35.69 15.03
CA VAL A 1186 -9.78 36.86 15.53
C VAL A 1186 -9.43 37.77 14.35
N SER A 1187 -9.65 39.07 14.52
CA SER A 1187 -9.35 40.03 13.46
C SER A 1187 -7.85 40.20 13.31
N ILE A 1188 -7.33 39.93 12.11
CA ILE A 1188 -5.92 40.11 11.80
C ILE A 1188 -5.61 41.52 11.30
N SER A 1189 -6.61 42.40 11.23
CA SER A 1189 -6.44 43.72 10.63
C SER A 1189 -5.33 44.50 11.33
N GLY A 1190 -4.46 45.12 10.54
CA GLY A 1190 -3.39 45.95 11.05
C GLY A 1190 -2.22 45.23 11.69
N VAL A 1191 -2.23 43.90 11.70
CA VAL A 1191 -1.13 43.15 12.32
C VAL A 1191 0.01 43.07 11.31
N SER A 1192 1.09 43.78 11.58
CA SER A 1192 2.29 43.71 10.76
C SER A 1192 3.47 44.25 11.57
N ASP A 1193 4.67 44.00 11.05
CA ASP A 1193 5.89 44.35 11.77
C ASP A 1193 5.99 45.86 11.93
N GLY A 1194 6.08 46.32 13.18
CA GLY A 1194 6.51 47.69 13.43
C GLY A 1194 7.98 47.86 13.10
N VAL A 1195 8.30 48.93 12.38
CA VAL A 1195 9.68 49.23 12.05
C VAL A 1195 10.47 49.40 13.34
N TYR A 1196 11.52 48.59 13.51
CA TYR A 1196 12.40 48.71 14.67
C TYR A 1196 13.01 50.10 14.71
N THR A 1197 12.67 50.86 15.76
CA THR A 1197 13.09 52.25 15.87
C THR A 1197 14.30 52.43 16.78
N GLU A 1198 14.30 51.81 17.95
CA GLU A 1198 15.32 52.10 18.96
C GLU A 1198 15.26 51.04 20.05
N GLY A 1199 16.30 51.03 20.88
CA GLY A 1199 16.30 50.30 22.13
C GLY A 1199 16.84 48.88 22.02
N GLU A 1200 17.04 48.29 23.19
CA GLU A 1200 17.53 46.92 23.30
C GLU A 1200 16.44 45.92 22.91
N PHE A 1201 16.86 44.67 22.73
CA PHE A 1201 15.93 43.56 22.62
C PHE A 1201 15.00 43.52 23.84
N SER A 1202 13.71 43.27 23.59
CA SER A 1202 12.78 42.96 24.65
C SER A 1202 11.67 42.08 24.10
N PRO A 1203 11.19 41.10 24.87
CA PRO A 1203 9.83 40.61 24.66
C PRO A 1203 8.81 41.74 24.78
N ASP A 1204 7.72 41.61 24.01
CA ASP A 1204 6.63 42.60 24.02
C ASP A 1204 7.15 43.99 23.64
N HIS A 1205 8.19 44.03 22.82
CA HIS A 1205 8.59 45.28 22.18
C HIS A 1205 7.54 45.69 21.15
N PRO A 1206 7.22 46.99 21.05
CA PRO A 1206 6.17 47.43 20.12
C PRO A 1206 6.28 46.86 18.71
N ALA A 1207 7.50 46.64 18.21
CA ALA A 1207 7.67 46.15 16.84
C ALA A 1207 6.94 44.83 16.65
N ILE A 1208 6.94 43.96 17.66
CA ILE A 1208 6.32 42.65 17.59
C ILE A 1208 5.04 42.58 18.39
N ALA A 1209 4.60 43.69 18.98
CA ALA A 1209 3.54 43.66 19.99
C ALA A 1209 2.24 43.09 19.43
N ALA A 1210 1.93 43.41 18.16
CA ALA A 1210 0.73 42.88 17.54
C ALA A 1210 0.77 41.36 17.45
N TRP A 1211 1.90 40.81 16.98
CA TRP A 1211 2.08 39.36 16.94
C TRP A 1211 1.97 38.75 18.34
N ALA A 1212 2.65 39.34 19.31
CA ALA A 1212 2.61 38.81 20.68
C ALA A 1212 1.19 38.79 21.23
N LYS A 1213 0.45 39.89 21.05
CA LYS A 1213 -0.94 39.95 21.48
C LYS A 1213 -1.78 38.88 20.79
N LEU A 1214 -1.64 38.74 19.47
CA LEU A 1214 -2.39 37.74 18.72
C LEU A 1214 -2.10 36.33 19.24
N CYS A 1215 -0.84 36.03 19.53
CA CYS A 1215 -0.50 34.74 20.12
C CYS A 1215 -1.15 34.56 21.47
N ALA A 1216 -0.93 35.51 22.39
CA ALA A 1216 -1.51 35.42 23.74
C ALA A 1216 -3.01 35.21 23.70
N GLU A 1217 -3.70 35.91 22.80
CA GLU A 1217 -5.16 35.79 22.72
C GLU A 1217 -5.59 34.44 22.14
N VAL A 1218 -5.03 34.05 21.01
CA VAL A 1218 -5.39 32.76 20.42
C VAL A 1218 -5.10 31.63 21.40
N TYR A 1219 -4.00 31.74 22.14
CA TYR A 1219 -3.73 30.82 23.24
C TYR A 1219 -4.84 30.83 24.30
N ASP A 1220 -5.32 32.01 24.69
CA ASP A 1220 -6.41 32.08 25.66
C ASP A 1220 -7.68 31.39 25.15
N ARG A 1221 -7.96 31.51 23.85
CA ARG A 1221 -9.13 30.88 23.24
C ARG A 1221 -9.12 29.35 23.34
N ILE A 1222 -7.99 28.75 23.72
CA ILE A 1222 -7.92 27.30 23.79
C ILE A 1222 -7.63 26.92 25.23
N ASN A 1223 -6.94 27.81 25.95
CA ASN A 1223 -6.64 27.55 27.35
C ASN A 1223 -7.90 27.58 28.21
N ALA A 1224 -8.73 28.62 28.04
CA ALA A 1224 -10.05 28.63 28.69
C ALA A 1224 -10.86 27.40 28.31
N ASP A 1225 -10.73 26.96 27.06
CA ASP A 1225 -11.49 25.81 26.58
C ASP A 1225 -11.07 24.55 27.34
N THR A 1226 -9.78 24.24 27.30
CA THR A 1226 -9.24 23.05 27.95
C THR A 1226 -9.42 23.06 29.46
N LYS A 1227 -9.40 24.22 30.11
CA LYS A 1227 -9.55 24.24 31.56
C LYS A 1227 -10.82 23.52 32.04
N GLN A 1228 -11.88 23.53 31.23
CA GLN A 1228 -13.10 22.82 31.61
C GLN A 1228 -12.88 21.32 31.71
N LEU A 1229 -12.00 20.77 30.87
CA LEU A 1229 -11.65 19.36 30.98
C LEU A 1229 -10.59 19.12 32.04
N VAL A 1230 -9.70 20.10 32.23
CA VAL A 1230 -8.69 20.01 33.28
C VAL A 1230 -9.34 19.81 34.65
N ASP A 1231 -10.33 20.64 34.97
CA ASP A 1231 -11.09 20.46 36.20
C ASP A 1231 -11.70 19.06 36.32
N LYS A 1232 -12.32 18.59 35.24
CA LYS A 1232 -12.91 17.25 35.25
C LYS A 1232 -11.85 16.18 35.50
N ARG A 1233 -10.70 16.31 34.83
CA ARG A 1233 -9.60 15.36 35.03
C ARG A 1233 -9.11 15.35 36.48
N ASN A 1234 -9.02 16.54 37.10
CA ASN A 1234 -8.64 16.58 38.50
C ASN A 1234 -9.68 15.88 39.37
N LYS A 1235 -10.96 16.13 39.11
CA LYS A 1235 -12.03 15.41 39.81
C LYS A 1235 -11.85 13.90 39.66
N LEU A 1236 -11.53 13.46 38.44
CA LEU A 1236 -11.26 12.04 38.20
C LEU A 1236 -10.12 11.52 39.07
N TYR A 1237 -8.95 12.16 39.02
CA TYR A 1237 -7.84 11.70 39.86
C TYR A 1237 -8.21 11.69 41.34
N GLU A 1238 -9.02 12.66 41.77
CA GLU A 1238 -9.47 12.70 43.16
C GLU A 1238 -10.41 11.56 43.49
N ASN A 1239 -11.08 10.98 42.50
CA ASN A 1239 -11.89 9.80 42.77
C ASN A 1239 -11.09 8.51 42.58
N ARG A 1240 -10.11 8.54 41.67
CA ARG A 1240 -9.19 7.42 41.48
C ARG A 1240 -8.43 7.12 42.76
N ARG A 1241 -7.97 8.16 43.47
CA ARG A 1241 -7.19 7.92 44.67
C ARG A 1241 -8.00 7.24 45.76
N ASN A 1242 -9.33 7.34 45.71
CA ASN A 1242 -10.18 7.06 46.85
C ASN A 1242 -11.13 5.90 46.59
N THR A 1243 -10.84 5.05 45.61
CA THR A 1243 -11.76 3.98 45.22
C THR A 1243 -10.97 2.74 44.83
N ILE A 1244 -11.64 1.59 44.96
CA ILE A 1244 -11.01 0.29 44.75
C ILE A 1244 -10.80 0.00 43.28
N ARG A 1245 -11.75 0.36 42.43
CA ARG A 1245 -11.88 -0.20 41.08
C ARG A 1245 -11.15 0.64 40.03
N ARG A 1246 -9.86 0.90 40.29
CA ARG A 1246 -9.05 1.84 39.52
C ARG A 1246 -9.27 1.72 38.01
N ASP A 1247 -9.25 0.48 37.49
CA ASP A 1247 -9.27 0.22 36.06
C ASP A 1247 -10.61 0.56 35.41
N LEU A 1248 -11.66 0.77 36.19
CA LEU A 1248 -12.90 1.30 35.64
C LEU A 1248 -12.65 2.67 35.03
N ILE A 1249 -12.18 3.61 35.84
CA ILE A 1249 -12.09 5.02 35.44
C ILE A 1249 -10.76 5.35 34.78
N ASN A 1250 -9.69 4.58 35.04
CA ASN A 1250 -8.37 4.90 34.51
C ASN A 1250 -8.41 5.13 33.00
N GLN A 1251 -9.15 4.32 32.27
CA GLN A 1251 -9.20 4.55 30.83
C GLN A 1251 -9.80 5.91 30.52
N GLN A 1252 -10.68 6.43 31.38
CA GLN A 1252 -11.20 7.77 31.15
C GLN A 1252 -10.09 8.80 31.28
N ILE A 1253 -9.21 8.60 32.28
CA ILE A 1253 -7.98 9.39 32.39
C ILE A 1253 -7.23 9.39 31.07
N LYS A 1254 -7.05 8.19 30.51
CA LYS A 1254 -6.34 8.04 29.25
C LYS A 1254 -7.02 8.82 28.12
N GLN A 1255 -8.34 8.76 28.04
CA GLN A 1255 -9.07 9.43 26.97
C GLN A 1255 -9.03 10.95 27.13
N LEU A 1256 -9.12 11.45 28.36
CA LEU A 1256 -8.96 12.88 28.60
C LEU A 1256 -7.55 13.34 28.25
N ASN A 1257 -6.54 12.54 28.61
CA ASN A 1257 -5.17 12.85 28.22
C ASN A 1257 -5.05 12.95 26.70
N ILE A 1258 -5.55 11.95 25.98
CA ILE A 1258 -5.50 11.95 24.51
C ILE A 1258 -6.14 13.23 23.97
N THR A 1259 -7.33 13.57 24.49
CA THR A 1259 -8.04 14.77 24.05
C THR A 1259 -7.20 16.02 24.24
N LEU A 1260 -6.62 16.19 25.43
CA LEU A 1260 -5.83 17.38 25.70
C LEU A 1260 -4.58 17.42 24.83
N GLU A 1261 -3.87 16.30 24.73
CA GLU A 1261 -2.61 16.28 24.01
C GLU A 1261 -2.82 16.50 22.51
N TYR A 1262 -3.99 16.14 21.98
CA TYR A 1262 -4.31 16.55 20.61
C TYR A 1262 -4.22 18.07 20.47
N TYR A 1263 -4.86 18.80 21.38
CA TYR A 1263 -4.88 20.26 21.29
C TYR A 1263 -3.48 20.83 21.45
N LYS A 1264 -2.73 20.29 22.42
CA LYS A 1264 -1.33 20.71 22.60
C LYS A 1264 -0.54 20.51 21.32
N ALA A 1265 -0.53 19.30 20.78
CA ALA A 1265 0.25 19.02 19.58
C ALA A 1265 -0.19 19.88 18.42
N GLN A 1266 -1.47 20.21 18.34
CA GLN A 1266 -1.99 20.97 17.21
C GLN A 1266 -1.71 22.47 17.30
N TYR A 1267 -1.53 23.03 18.50
CA TYR A 1267 -1.43 24.49 18.55
C TYR A 1267 -0.21 25.04 19.30
N ASP A 1268 0.31 24.31 20.28
CA ASP A 1268 1.47 24.79 21.01
C ASP A 1268 2.66 24.96 20.08
N THR A 1269 2.87 24.00 19.17
CA THR A 1269 3.94 24.12 18.18
C THR A 1269 3.84 25.41 17.38
N VAL A 1270 2.63 25.75 16.95
CA VAL A 1270 2.43 26.96 16.15
C VAL A 1270 2.78 28.20 16.96
N LEU A 1271 2.28 28.26 18.20
CA LEU A 1271 2.53 29.45 19.01
C LEU A 1271 4.02 29.59 19.33
N ARG A 1272 4.68 28.48 19.66
CA ARG A 1272 6.11 28.52 19.97
C ARG A 1272 6.92 28.95 18.76
N GLU A 1273 6.60 28.41 17.58
CA GLU A 1273 7.36 28.79 16.39
C GLU A 1273 7.13 30.24 16.03
N ALA A 1274 5.91 30.74 16.24
CA ALA A 1274 5.65 32.16 16.00
C ALA A 1274 6.48 33.02 16.93
N GLY A 1275 6.58 32.63 18.20
CA GLY A 1275 7.41 33.37 19.13
C GLY A 1275 8.86 33.36 18.71
N PHE A 1276 9.36 32.22 18.23
CA PHE A 1276 10.76 32.15 17.87
C PHE A 1276 11.04 32.99 16.64
N VAL A 1277 10.18 32.92 15.63
CA VAL A 1277 10.46 33.68 14.41
C VAL A 1277 10.34 35.17 14.69
N GLU A 1278 9.51 35.56 15.67
CA GLU A 1278 9.42 36.98 16.00
C GLU A 1278 10.65 37.46 16.75
N GLN A 1279 11.11 36.69 17.75
CA GLN A 1279 12.36 37.03 18.44
C GLN A 1279 13.53 37.08 17.47
N SER A 1280 13.54 36.18 16.49
CA SER A 1280 14.64 36.13 15.53
C SER A 1280 14.60 37.34 14.59
N TRP A 1281 13.41 37.73 14.13
CA TRP A 1281 13.31 38.90 13.27
C TRP A 1281 13.67 40.15 14.04
N LEU A 1282 13.27 40.23 15.31
CA LEU A 1282 13.67 41.36 16.15
C LEU A 1282 15.18 41.47 16.23
N TRP A 1283 15.85 40.36 16.59
CA TRP A 1283 17.31 40.38 16.70
C TRP A 1283 17.98 40.72 15.37
N GLN A 1284 17.40 40.25 14.25
CA GLN A 1284 17.94 40.62 12.94
C GLN A 1284 17.78 42.10 12.64
N GLN A 1285 16.66 42.70 13.04
CA GLN A 1285 16.51 44.15 12.88
C GLN A 1285 17.53 44.89 13.75
N ILE A 1286 17.74 44.41 14.98
CA ILE A 1286 18.69 45.06 15.87
C ILE A 1286 20.08 45.01 15.28
N LYS A 1287 20.47 43.88 14.71
CA LYS A 1287 21.74 43.81 13.97
C LYS A 1287 21.75 44.79 12.79
N ALA A 1288 20.72 44.74 11.95
CA ALA A 1288 20.70 45.52 10.72
C ALA A 1288 20.83 47.01 11.01
N LYS A 1289 20.25 47.49 12.11
CA LYS A 1289 20.36 48.90 12.46
C LYS A 1289 21.64 49.23 13.23
N ASN A 1290 21.97 48.44 14.25
CA ASN A 1290 22.99 48.83 15.21
C ASN A 1290 24.32 48.09 15.02
N GLY A 1291 24.39 47.15 14.08
CA GLY A 1291 25.60 46.39 13.87
C GLY A 1291 25.74 45.21 14.81
N SER A 1292 26.60 44.28 14.40
CA SER A 1292 26.82 43.05 15.15
C SER A 1292 27.26 43.31 16.60
N ALA A 1293 28.04 44.37 16.82
CA ALA A 1293 28.54 44.67 18.16
C ALA A 1293 27.42 44.97 19.14
N ALA A 1294 26.22 45.28 18.67
CA ALA A 1294 25.06 45.38 19.54
C ALA A 1294 24.45 44.02 19.85
N VAL A 1295 24.79 42.99 19.09
CA VAL A 1295 24.08 41.72 19.11
C VAL A 1295 24.98 40.55 19.50
N VAL A 1296 26.29 40.73 19.51
CA VAL A 1296 27.22 39.82 20.19
C VAL A 1296 28.18 40.66 21.02
N ARG A 1297 28.39 40.26 22.27
CA ARG A 1297 29.30 40.94 23.17
C ARG A 1297 30.39 39.98 23.62
N ILE A 1298 31.60 40.51 23.80
CA ILE A 1298 32.76 39.68 24.07
C ILE A 1298 32.76 39.14 25.50
N ASP A 1299 32.25 39.89 26.46
CA ASP A 1299 32.17 39.40 27.83
C ASP A 1299 31.00 40.06 28.57
N ASP A 1300 30.56 39.40 29.64
CA ASP A 1300 29.38 39.80 30.39
C ASP A 1300 29.64 40.91 31.40
N THR A 1301 30.87 41.38 31.55
CA THR A 1301 31.18 42.27 32.67
C THR A 1301 30.63 43.67 32.48
N ALA A 1302 30.20 44.04 31.27
CA ALA A 1302 29.49 45.29 31.04
C ALA A 1302 28.01 45.10 31.40
N ILE A 1303 27.78 44.97 32.71
CA ILE A 1303 26.55 44.41 33.26
C ILE A 1303 25.32 45.13 32.70
N GLN A 1304 24.42 44.37 32.07
CA GLN A 1304 23.14 44.89 31.63
C GLN A 1304 22.22 43.73 31.33
N GLY A 1305 20.93 44.03 31.19
CA GLY A 1305 19.93 43.01 30.93
C GLY A 1305 18.61 43.60 30.51
N GLY A 1306 17.51 42.90 30.79
CA GLY A 1306 16.20 43.42 30.46
C GLY A 1306 15.81 44.63 31.29
N GLY A 1307 16.28 44.69 32.53
CA GLY A 1307 16.29 45.93 33.27
C GLY A 1307 17.70 46.23 33.78
N LYS A 1308 17.90 47.50 34.14
CA LYS A 1308 19.23 47.96 34.50
C LYS A 1308 19.81 47.19 35.69
N GLN A 1309 18.96 46.74 36.60
CA GLN A 1309 19.32 45.70 37.56
C GLN A 1309 18.07 44.87 37.86
N ARG A 1310 18.29 43.61 38.25
CA ARG A 1310 17.20 42.70 38.57
C ARG A 1310 17.30 42.12 39.97
N THR A 1311 18.27 42.55 40.78
CA THR A 1311 18.36 42.23 42.21
C THR A 1311 18.33 40.72 42.46
N ASP A 1312 18.85 39.94 41.51
CA ASP A 1312 18.98 38.51 41.71
C ASP A 1312 19.91 38.20 42.87
N SER A 1313 19.52 37.23 43.69
CA SER A 1313 20.37 36.79 44.81
C SER A 1313 21.74 36.38 44.31
N VAL A 1314 22.75 36.60 45.15
CA VAL A 1314 24.11 36.14 44.85
C VAL A 1314 24.11 34.63 44.59
N GLY A 1315 23.34 33.88 45.37
CA GLY A 1315 23.22 32.45 45.13
C GLY A 1315 22.77 32.11 43.73
N GLU A 1316 21.69 32.76 43.26
CA GLU A 1316 21.17 32.46 41.94
C GLU A 1316 22.14 32.88 40.84
N ARG A 1317 22.68 34.09 40.95
CA ARG A 1317 23.58 34.58 39.91
C ARG A 1317 24.88 33.77 39.88
N TYR A 1318 25.28 33.19 41.01
CA TYR A 1318 26.41 32.28 41.01
C TYR A 1318 26.06 30.96 40.37
N ALA A 1319 24.89 30.40 40.71
CA ALA A 1319 24.52 29.11 40.13
C ALA A 1319 24.42 29.23 38.62
N ILE A 1320 23.78 30.30 38.13
CA ILE A 1320 23.80 30.61 36.71
C ILE A 1320 25.23 30.67 36.19
N SER A 1321 26.09 31.45 36.87
CA SER A 1321 27.49 31.58 36.50
C SER A 1321 28.27 30.27 36.59
N GLU A 1322 27.61 29.19 37.05
CA GLU A 1322 28.28 27.90 37.21
C GLU A 1322 27.45 26.75 36.65
N ALA A 1323 26.46 27.04 35.82
CA ALA A 1323 25.73 26.01 35.10
C ALA A 1323 25.55 26.35 33.64
N TYR A 1324 26.17 27.44 33.17
CA TYR A 1324 26.34 27.76 31.77
C TYR A 1324 27.73 28.32 31.57
N GLN A 1325 28.25 28.19 30.35
CA GLN A 1325 29.51 28.83 29.98
C GLN A 1325 29.22 30.01 29.07
N ARG A 1326 29.70 31.19 29.47
CA ARG A 1326 29.51 32.42 28.72
C ARG A 1326 30.86 33.11 28.57
N GLY A 1327 31.25 33.39 27.34
CA GLY A 1327 32.65 33.63 27.05
C GLY A 1327 33.47 32.35 27.10
N ALA A 1328 34.79 32.53 27.06
CA ALA A 1328 35.72 31.42 27.07
C ALA A 1328 36.10 31.02 28.49
N ARG A 1329 36.82 29.91 28.60
CA ARG A 1329 37.46 29.47 29.84
C ARG A 1329 38.86 29.00 29.50
N GLY A 1330 39.83 29.91 29.59
CA GLY A 1330 41.21 29.58 29.30
C GLY A 1330 41.79 28.56 30.26
N THR A 1331 42.84 27.90 29.77
CA THR A 1331 43.49 26.81 30.50
C THR A 1331 43.99 27.26 31.87
N GLY A 1332 44.30 28.55 32.02
CA GLY A 1332 44.66 29.07 33.34
C GLY A 1332 43.59 28.83 34.39
N PHE A 1333 42.33 28.83 34.00
CA PHE A 1333 41.25 28.51 34.94
C PHE A 1333 41.31 27.05 35.38
N SER A 1334 41.51 26.13 34.44
CA SER A 1334 41.75 24.73 34.79
C SER A 1334 42.97 24.55 35.68
N ASP A 1335 44.02 25.33 35.46
CA ASP A 1335 45.17 25.26 36.37
C ASP A 1335 44.83 25.81 37.75
N GLY A 1336 44.08 26.91 37.81
CA GLY A 1336 43.51 27.35 39.08
C GLY A 1336 42.76 26.26 39.81
N LEU A 1337 41.94 25.50 39.09
CA LEU A 1337 41.11 24.48 39.73
C LEU A 1337 41.94 23.28 40.17
N ARG A 1338 42.90 22.86 39.34
CA ARG A 1338 43.75 21.72 39.70
C ARG A 1338 44.73 22.04 40.84
N ASN A 1339 45.05 23.32 41.05
CA ASN A 1339 46.04 23.72 42.04
C ASN A 1339 45.44 24.48 43.22
N PHE A 1340 44.10 24.53 43.31
CA PHE A 1340 43.41 25.50 44.16
C PHE A 1340 43.82 25.42 45.62
N ARG A 1341 44.36 24.28 46.08
CA ARG A 1341 44.85 24.19 47.45
C ARG A 1341 46.22 24.84 47.64
N GLU A 1342 47.02 24.95 46.58
CA GLU A 1342 48.29 25.66 46.69
C GLU A 1342 48.12 27.16 46.53
N ILE A 1343 47.23 27.58 45.61
CA ILE A 1343 47.13 28.99 45.25
C ILE A 1343 46.69 29.81 46.46
N GLU A 1344 47.09 31.08 46.47
CA GLU A 1344 46.61 32.06 47.44
C GLU A 1344 45.95 33.22 46.70
N ILE A 1345 44.93 33.79 47.32
CA ILE A 1345 44.14 34.85 46.69
C ILE A 1345 44.09 36.06 47.62
N PRO A 1346 44.34 37.26 47.11
CA PRO A 1346 44.31 38.44 47.98
C PRO A 1346 42.91 38.74 48.48
N GLY A 1347 42.82 39.17 49.75
CA GLY A 1347 41.55 39.51 50.33
C GLY A 1347 40.63 38.34 50.60
N VAL A 1348 41.15 37.12 50.61
CA VAL A 1348 40.38 35.93 50.96
C VAL A 1348 41.09 35.22 52.10
N ASP A 1349 40.29 34.65 53.02
CA ASP A 1349 40.82 33.74 54.02
C ASP A 1349 39.79 32.65 54.30
N ASP A 1350 40.25 31.57 54.94
CA ASP A 1350 39.46 30.37 55.15
C ASP A 1350 38.17 30.63 55.93
N LYS A 1351 38.08 31.72 56.68
CA LYS A 1351 36.93 32.01 57.52
C LYS A 1351 35.94 33.00 56.90
N MET A 1352 36.14 33.40 55.65
CA MET A 1352 35.06 34.03 54.90
C MET A 1352 33.91 33.05 54.72
N SER A 1353 32.68 33.58 54.74
CA SER A 1353 31.53 32.77 54.44
C SER A 1353 31.52 32.38 52.95
N ALA A 1354 30.80 31.31 52.65
CA ALA A 1354 30.56 30.92 51.25
C ALA A 1354 29.89 32.03 50.46
N LEU A 1355 29.01 32.81 51.11
CA LEU A 1355 28.36 33.92 50.43
C LEU A 1355 29.36 34.99 49.99
N GLU A 1356 30.26 35.39 50.89
CA GLU A 1356 31.20 36.45 50.55
C GLU A 1356 32.23 36.01 49.52
N MET A 1357 32.57 34.71 49.50
CA MET A 1357 33.34 34.18 48.39
C MET A 1357 32.55 34.26 47.08
N LYS A 1358 31.30 33.77 47.10
CA LYS A 1358 30.50 33.80 45.88
C LYS A 1358 30.40 35.22 45.32
N ARG A 1359 30.22 36.19 46.22
CA ARG A 1359 30.18 37.61 45.83
C ARG A 1359 31.48 38.06 45.19
N LEU A 1360 32.61 37.82 45.87
CA LEU A 1360 33.88 38.28 45.32
C LEU A 1360 34.19 37.60 44.00
N PHE A 1361 33.83 36.31 43.88
CA PHE A 1361 33.98 35.62 42.60
C PHE A 1361 33.13 36.28 41.51
N LEU A 1362 31.89 36.66 41.85
CA LEU A 1362 31.06 37.38 40.88
C LEU A 1362 31.51 38.82 40.68
N GLU A 1363 32.50 39.30 41.42
CA GLU A 1363 33.14 40.57 41.05
C GLU A 1363 33.95 40.44 39.77
N GLY A 1364 34.39 39.22 39.43
CA GLY A 1364 35.09 38.93 38.20
C GLY A 1364 36.45 39.59 38.04
N LYS A 1365 36.96 40.23 39.10
CA LYS A 1365 38.19 40.99 38.98
C LYS A 1365 39.42 40.09 39.01
N LEU A 1366 39.34 38.96 39.71
CA LEU A 1366 40.47 38.05 39.83
C LEU A 1366 40.80 37.38 38.50
N THR A 1367 42.06 36.97 38.37
CA THR A 1367 42.50 36.27 37.18
C THR A 1367 41.77 34.93 37.05
N SER A 1368 41.78 34.38 35.83
CA SER A 1368 41.15 33.09 35.60
C SER A 1368 41.72 32.00 36.50
N GLU A 1369 43.03 32.02 36.75
CA GLU A 1369 43.61 31.08 37.70
C GLU A 1369 43.13 31.33 39.12
N GLN A 1370 43.00 32.61 39.49
CA GLN A 1370 42.45 32.95 40.80
C GLN A 1370 40.97 32.60 40.87
N GLN A 1371 40.22 32.84 39.81
CA GLN A 1371 38.81 32.49 39.83
C GLN A 1371 38.60 30.98 39.89
N GLY A 1372 39.44 30.21 39.21
CA GLY A 1372 39.45 28.76 39.38
C GLY A 1372 39.73 28.33 40.81
N ALA A 1373 40.74 28.95 41.45
CA ALA A 1373 41.07 28.56 42.81
C ALA A 1373 39.95 28.92 43.77
N LEU A 1374 39.41 30.14 43.63
CA LEU A 1374 38.33 30.57 44.50
C LEU A 1374 37.09 29.71 44.30
N SER A 1375 36.79 29.34 43.05
CA SER A 1375 35.69 28.43 42.77
C SER A 1375 35.87 27.09 43.47
N GLY A 1376 37.06 26.48 43.35
CA GLY A 1376 37.32 25.25 44.08
C GLY A 1376 37.13 25.40 45.58
N ARG A 1377 37.69 26.46 46.15
CA ARG A 1377 37.53 26.71 47.58
C ARG A 1377 36.06 26.91 47.95
N ILE A 1378 35.29 27.53 47.05
CA ILE A 1378 33.87 27.73 47.27
C ILE A 1378 33.15 26.40 47.34
N THR A 1379 33.43 25.52 46.39
CA THR A 1379 32.72 24.24 46.37
C THR A 1379 33.07 23.41 47.59
N GLU A 1380 34.37 23.37 47.95
CA GLU A 1380 34.79 22.60 49.12
C GLU A 1380 34.12 23.12 50.39
N THR A 1381 34.18 24.44 50.61
CA THR A 1381 33.54 25.01 51.79
C THR A 1381 32.04 24.80 51.77
N SER A 1382 31.42 24.94 50.60
CA SER A 1382 29.97 24.80 50.49
C SER A 1382 29.54 23.40 50.90
N ARG A 1383 30.18 22.37 50.32
CA ARG A 1383 29.71 21.03 50.63
C ARG A 1383 30.10 20.61 52.05
N ALA A 1384 31.24 21.11 52.58
CA ALA A 1384 31.53 20.90 53.99
C ALA A 1384 30.48 21.51 54.90
N GLU A 1385 29.91 22.65 54.49
CA GLU A 1385 28.91 23.30 55.33
C GLU A 1385 27.56 22.62 55.18
N TYR A 1386 27.17 22.27 53.96
CA TYR A 1386 25.92 21.56 53.76
C TYR A 1386 25.93 20.23 54.53
N ILE A 1387 27.05 19.51 54.51
CA ILE A 1387 27.19 18.29 55.30
C ILE A 1387 27.02 18.59 56.79
N ASP A 1388 27.78 19.58 57.29
CA ASP A 1388 27.77 19.83 58.74
C ASP A 1388 26.43 20.34 59.23
N LYS A 1389 25.70 21.10 58.40
CA LYS A 1389 24.47 21.76 58.81
C LYS A 1389 23.18 20.99 58.52
N VAL A 1390 23.15 20.10 57.52
CA VAL A 1390 21.84 19.64 57.05
C VAL A 1390 21.75 18.12 56.96
N LEU A 1391 22.72 17.49 56.30
CA LEU A 1391 22.72 16.04 56.23
C LEU A 1391 22.80 15.43 57.63
N ARG A 1392 23.62 16.01 58.50
CA ARG A 1392 23.75 15.45 59.84
C ARG A 1392 22.51 15.70 60.71
N GLN A 1393 21.54 16.50 60.23
CA GLN A 1393 20.40 16.84 61.07
C GLN A 1393 19.06 16.78 60.33
N THR A 1394 18.97 16.02 59.24
CA THR A 1394 17.66 15.83 58.60
C THR A 1394 16.66 15.12 59.50
N ALA A 1395 17.10 14.51 60.59
CA ALA A 1395 16.20 13.78 61.47
C ALA A 1395 15.33 14.71 62.32
N VAL A 1396 15.97 15.57 63.11
CA VAL A 1396 15.26 16.42 64.07
C VAL A 1396 14.27 17.37 63.40
N PHE A 1397 14.51 17.77 62.15
CA PHE A 1397 13.57 18.65 61.48
C PHE A 1397 12.22 17.96 61.28
N SER A 1398 12.23 16.67 60.90
CA SER A 1398 10.99 15.94 60.73
C SER A 1398 10.16 15.97 62.00
N GLU A 1399 10.82 15.90 63.16
CA GLU A 1399 10.11 15.80 64.43
C GLU A 1399 9.64 17.16 64.90
N ASP A 1400 10.44 18.19 64.65
CA ASP A 1400 10.00 19.56 64.94
C ASP A 1400 8.75 19.91 64.13
N PHE A 1401 8.77 19.61 62.82
CA PHE A 1401 7.58 19.85 62.01
C PHE A 1401 6.42 18.96 62.43
N HIS A 1402 6.70 17.72 62.84
CA HIS A 1402 5.65 16.83 63.34
C HIS A 1402 4.93 17.45 64.53
N ASP A 1403 5.68 17.71 65.60
CA ASP A 1403 5.10 18.11 66.88
C ASP A 1403 4.78 19.61 66.96
N ALA A 1404 5.16 20.40 65.96
CA ALA A 1404 4.49 21.67 65.72
C ALA A 1404 3.05 21.49 65.24
N GLY A 1405 2.71 20.33 64.70
CA GLY A 1405 1.32 20.01 64.42
C GLY A 1405 0.99 19.73 62.97
N SER A 1406 2.00 19.41 62.17
CA SER A 1406 1.81 19.21 60.74
C SER A 1406 0.84 18.06 60.47
N VAL A 1407 0.27 18.07 59.26
CA VAL A 1407 -0.86 17.23 58.90
C VAL A 1407 -0.55 16.36 57.69
N PHE A 1408 0.60 16.55 57.06
CA PHE A 1408 1.06 15.78 55.91
C PHE A 1408 2.51 16.18 55.64
N ASP A 1409 3.33 15.21 55.25
CA ASP A 1409 4.69 15.53 54.84
C ASP A 1409 5.23 14.48 53.88
N ARG A 1410 6.21 14.90 53.09
CA ARG A 1410 6.93 14.04 52.15
C ARG A 1410 8.37 14.54 52.12
N LEU A 1411 9.29 13.78 52.71
CA LEU A 1411 10.70 14.06 52.52
C LEU A 1411 11.11 13.88 51.07
N VAL A 1412 12.12 14.63 50.66
CA VAL A 1412 12.63 14.57 49.28
C VAL A 1412 14.07 14.08 49.30
N PRO A 1413 14.54 13.41 48.25
CA PRO A 1413 15.85 12.76 48.30
C PRO A 1413 16.97 13.77 48.52
N GLN A 1414 17.69 13.60 49.64
CA GLN A 1414 18.91 14.37 49.87
C GLN A 1414 19.89 14.28 48.70
N ASP A 1415 19.81 13.24 47.89
CA ASP A 1415 20.91 12.82 47.03
C ASP A 1415 20.78 13.35 45.61
N PHE A 1416 19.58 13.76 45.19
CA PHE A 1416 19.33 14.18 43.83
C PHE A 1416 20.05 15.49 43.54
N TYR A 1417 21.02 15.45 42.63
CA TYR A 1417 21.79 16.63 42.24
C TYR A 1417 21.65 16.86 40.75
N LEU A 1418 21.56 18.13 40.35
CA LEU A 1418 21.52 18.49 38.94
C LEU A 1418 22.89 18.55 38.29
N SER A 1419 23.97 18.48 39.08
CA SER A 1419 25.31 18.44 38.53
C SER A 1419 26.20 17.66 39.49
N LEU A 1420 27.07 16.81 38.93
CA LEU A 1420 28.04 16.08 39.74
C LEU A 1420 29.21 16.94 40.19
N VAL A 1421 29.32 18.18 39.71
CA VAL A 1421 30.48 19.02 39.97
C VAL A 1421 30.03 20.41 40.34
N GLY A 1422 30.94 21.17 40.95
CA GLY A 1422 30.60 22.40 41.62
C GLY A 1422 29.90 22.18 42.95
N ASP A 1423 29.19 23.21 43.39
CA ASP A 1423 28.33 23.11 44.57
C ASP A 1423 27.09 22.33 44.18
N ARG A 1424 27.06 21.04 44.52
CA ARG A 1424 25.88 20.23 44.23
C ARG A 1424 24.67 20.68 45.03
N SER A 1425 24.89 21.25 46.22
CA SER A 1425 23.79 21.46 47.15
C SER A 1425 22.87 22.58 46.69
N GLY A 1426 23.44 23.74 46.32
CA GLY A 1426 22.66 24.95 46.17
C GLY A 1426 22.17 25.26 44.78
N GLY A 1427 22.60 24.51 43.77
CA GLY A 1427 22.20 24.81 42.41
C GLY A 1427 20.83 24.29 42.03
N ARG A 1428 20.38 23.22 42.68
CA ARG A 1428 19.08 22.62 42.36
C ARG A 1428 17.90 23.38 42.94
N CYS A 1429 18.13 24.29 43.88
CA CYS A 1429 17.01 24.87 44.64
C CYS A 1429 16.10 25.72 43.76
N TYR A 1430 16.69 26.64 43.00
CA TYR A 1430 15.88 27.59 42.22
C TYR A 1430 15.02 26.93 41.15
N PRO A 1431 15.46 25.89 40.42
CA PRO A 1431 14.51 25.21 39.52
C PRO A 1431 13.52 24.33 40.26
N LEU A 1432 13.96 23.64 41.31
CA LEU A 1432 13.05 22.73 42.03
C LEU A 1432 11.88 23.48 42.65
N VAL A 1433 12.14 24.61 43.32
CA VAL A 1433 11.02 25.37 43.88
C VAL A 1433 10.05 25.84 42.80
N ARG A 1434 10.57 26.19 41.62
CA ARG A 1434 9.71 26.62 40.52
C ARG A 1434 8.89 25.47 39.95
N ALA A 1435 9.43 24.25 40.02
CA ALA A 1435 8.64 23.10 39.57
C ALA A 1435 7.61 22.72 40.64
N MET A 1436 8.06 22.61 41.89
CA MET A 1436 7.20 22.22 42.99
C MET A 1436 5.99 23.13 43.12
N THR A 1437 6.18 24.45 43.00
CA THR A 1437 5.04 25.34 43.19
C THR A 1437 3.99 25.17 42.09
N VAL A 1438 4.42 24.77 40.89
CA VAL A 1438 3.48 24.38 39.85
C VAL A 1438 2.80 23.07 40.21
N ALA A 1439 3.58 22.10 40.70
CA ALA A 1439 3.01 20.81 41.07
C ALA A 1439 1.90 21.03 42.08
N LEU A 1440 2.22 21.74 43.16
CA LEU A 1440 1.26 21.92 44.24
C LEU A 1440 0.02 22.68 43.76
N ALA A 1441 0.22 23.77 43.00
CA ALA A 1441 -0.92 24.56 42.54
C ALA A 1441 -1.80 23.79 41.57
N SER A 1442 -1.24 22.86 40.80
CA SER A 1442 -2.02 22.21 39.75
C SER A 1442 -2.57 20.86 40.16
N GLY A 1443 -1.98 20.21 41.16
CA GLY A 1443 -2.39 18.87 41.53
C GLY A 1443 -2.36 18.49 43.00
N GLY A 1444 -2.17 19.44 43.92
CA GLY A 1444 -2.26 19.16 45.34
C GLY A 1444 -1.33 18.05 45.83
N GLU A 1445 -1.82 17.32 46.84
CA GLU A 1445 -1.07 16.22 47.43
C GLU A 1445 -0.75 15.09 46.45
N ALA A 1446 -1.58 14.86 45.44
CA ALA A 1446 -1.23 13.83 44.46
C ALA A 1446 -0.12 14.30 43.54
N GLY A 1447 -0.11 15.58 43.20
CA GLY A 1447 1.00 16.13 42.43
C GLY A 1447 2.30 16.04 43.22
N ILE A 1448 2.26 16.49 44.47
CA ILE A 1448 3.46 16.45 45.32
C ILE A 1448 3.97 15.01 45.45
N ASN A 1449 3.05 14.05 45.61
CA ASN A 1449 3.46 12.64 45.67
C ASN A 1449 4.13 12.21 44.38
N SER A 1450 3.52 12.51 43.23
CA SER A 1450 4.08 12.08 41.95
C SER A 1450 5.46 12.69 41.72
N LEU A 1451 5.62 13.97 42.06
CA LEU A 1451 6.90 14.64 41.84
C LEU A 1451 7.98 14.10 42.77
N VAL A 1452 7.64 13.85 44.04
CA VAL A 1452 8.67 13.33 44.94
C VAL A 1452 9.03 11.89 44.55
N GLN A 1453 8.06 11.11 44.08
CA GLN A 1453 8.36 9.80 43.52
C GLN A 1453 9.33 9.91 42.35
N LYS A 1454 9.05 10.85 41.44
CA LYS A 1454 9.94 11.06 40.29
C LYS A 1454 11.35 11.39 40.74
N LEU A 1455 11.48 12.29 41.72
CA LEU A 1455 12.80 12.63 42.24
C LEU A 1455 13.49 11.41 42.85
N PHE A 1456 12.72 10.57 43.55
CA PHE A 1456 13.30 9.39 44.16
C PHE A 1456 13.85 8.44 43.10
N PHE A 1457 12.99 8.04 42.15
CA PHE A 1457 13.46 7.18 41.06
C PHE A 1457 14.66 7.79 40.35
N ALA A 1458 14.59 9.09 40.02
CA ALA A 1458 15.66 9.74 39.28
C ALA A 1458 16.94 9.88 40.07
N SER A 1459 16.89 9.68 41.39
CA SER A 1459 18.11 9.61 42.19
C SER A 1459 18.59 8.19 42.46
N ALA A 1460 17.69 7.22 42.46
CA ALA A 1460 18.08 5.82 42.59
C ALA A 1460 18.74 5.28 41.33
N ASP A 1461 18.36 5.78 40.15
CA ASP A 1461 18.89 5.32 38.87
C ASP A 1461 19.52 6.49 38.12
N PRO A 1462 20.64 7.02 38.61
CA PRO A 1462 21.09 8.35 38.16
C PRO A 1462 21.52 8.41 36.71
N GLN A 1463 21.44 7.30 35.96
CA GLN A 1463 21.89 7.23 34.59
C GLN A 1463 20.83 6.63 33.67
N ALA A 1464 19.67 6.29 34.19
CA ALA A 1464 18.55 5.90 33.34
C ALA A 1464 18.09 7.06 32.47
N GLY A 1465 17.47 6.70 31.34
CA GLY A 1465 17.06 7.70 30.36
C GLY A 1465 16.15 8.77 30.94
N SER A 1466 15.19 8.36 31.77
CA SER A 1466 14.28 9.33 32.37
C SER A 1466 15.01 10.24 33.35
N SER A 1467 15.95 9.71 34.14
CA SER A 1467 16.64 10.56 35.09
C SER A 1467 17.55 11.56 34.39
N THR A 1468 18.10 11.16 33.24
CA THR A 1468 18.82 12.11 32.39
C THR A 1468 17.89 13.19 31.84
N LEU A 1469 16.74 12.80 31.31
CA LEU A 1469 15.82 13.78 30.75
C LEU A 1469 15.32 14.73 31.82
N LEU A 1470 15.10 14.23 33.03
CA LEU A 1470 14.68 15.08 34.13
C LEU A 1470 15.78 16.07 34.51
N ARG A 1471 17.01 15.58 34.66
CA ARG A 1471 18.12 16.50 34.95
C ARG A 1471 18.24 17.58 33.87
N ASN A 1472 18.19 17.18 32.60
CA ASN A 1472 18.21 18.10 31.46
C ASN A 1472 16.93 18.91 31.30
N SER A 1473 15.91 18.70 32.12
CA SER A 1473 14.68 19.49 32.04
C SER A 1473 14.36 20.27 33.30
N LEU A 1474 15.11 20.08 34.39
CA LEU A 1474 15.11 21.04 35.49
C LEU A 1474 16.09 22.18 35.25
N ILE A 1475 17.30 21.87 34.78
CA ILE A 1475 18.13 22.83 34.08
C ILE A 1475 17.32 23.40 32.92
N LYS A 1476 17.62 24.64 32.52
CA LYS A 1476 16.78 25.53 31.72
C LYS A 1476 15.64 26.15 32.53
N LEU A 1477 15.71 26.09 33.85
CA LEU A 1477 14.90 26.94 34.71
C LEU A 1477 15.74 27.90 35.54
N HIS A 1478 17.05 27.94 35.32
CA HIS A 1478 17.90 28.85 36.07
C HIS A 1478 17.71 30.29 35.63
N SER A 1479 17.45 30.53 34.33
CA SER A 1479 17.44 31.88 33.81
C SER A 1479 16.47 32.04 32.63
N ASN A 1480 15.43 31.22 32.57
CA ASN A 1480 14.51 31.28 31.44
C ASN A 1480 13.64 32.53 31.59
N VAL A 1481 13.73 33.43 30.60
CA VAL A 1481 13.11 34.74 30.72
C VAL A 1481 11.59 34.66 30.83
N GLU A 1482 10.98 33.57 30.38
CA GLU A 1482 9.55 33.39 30.61
C GLU A 1482 9.22 33.29 32.08
N ALA A 1483 10.14 32.75 32.88
CA ALA A 1483 9.92 32.76 34.32
C ALA A 1483 10.02 34.17 34.88
N VAL A 1484 10.88 35.01 34.31
CA VAL A 1484 10.86 36.39 34.75
C VAL A 1484 9.59 37.10 34.26
N GLN A 1485 8.98 36.59 33.18
CA GLN A 1485 7.65 37.07 32.82
C GLN A 1485 6.62 36.59 33.82
N ALA A 1486 6.93 35.55 34.58
CA ALA A 1486 5.99 34.92 35.50
C ALA A 1486 6.28 35.31 36.94
N SER A 1487 6.85 36.49 37.16
CA SER A 1487 7.41 36.86 38.45
C SER A 1487 7.01 38.29 38.80
N THR A 1488 7.13 38.61 40.09
CA THR A 1488 6.98 39.99 40.56
C THR A 1488 7.66 40.06 41.91
N GLU A 1489 8.84 40.67 41.96
CA GLU A 1489 9.64 40.73 43.20
C GLU A 1489 9.04 41.80 44.12
N LEU A 1490 8.19 41.37 45.04
CA LEU A 1490 7.74 42.25 46.10
C LEU A 1490 8.89 42.57 47.06
N GLY A 1491 8.62 43.46 48.00
CA GLY A 1491 9.63 43.95 48.92
C GLY A 1491 10.14 42.86 49.86
N GLN A 1492 11.03 43.28 50.75
CA GLN A 1492 11.39 42.48 51.91
C GLN A 1492 10.24 42.46 52.92
N PHE A 1493 10.17 41.37 53.69
CA PHE A 1493 9.18 41.24 54.75
C PHE A 1493 9.77 40.43 55.89
N GLY A 1494 9.41 40.81 57.12
CA GLY A 1494 9.60 39.93 58.25
C GLY A 1494 8.60 38.78 58.26
N LEU A 1495 9.03 37.67 58.86
CA LEU A 1495 8.28 36.42 58.77
C LEU A 1495 6.84 36.58 59.22
N SER A 1496 6.63 37.28 60.34
CA SER A 1496 5.27 37.53 60.82
C SER A 1496 4.44 38.22 59.75
N GLU A 1497 5.05 39.15 59.01
CA GLU A 1497 4.30 39.85 57.97
C GLU A 1497 3.97 38.92 56.82
N VAL A 1498 4.89 38.01 56.48
CA VAL A 1498 4.63 37.02 55.45
C VAL A 1498 3.42 36.17 55.85
N VAL A 1499 3.41 35.70 57.10
CA VAL A 1499 2.29 34.89 57.58
C VAL A 1499 0.99 35.67 57.51
N SER A 1500 1.00 36.92 57.99
CA SER A 1500 -0.21 37.75 57.92
C SER A 1500 -0.65 37.98 56.47
N ARG A 1501 0.30 38.01 55.54
CA ARG A 1501 -0.03 38.18 54.14
C ARG A 1501 -0.69 36.93 53.60
N LEU A 1502 -0.18 35.76 53.96
CA LEU A 1502 -0.82 34.51 53.56
C LEU A 1502 -2.24 34.46 54.12
N ALA A 1503 -2.39 34.84 55.39
CA ALA A 1503 -3.72 34.89 56.00
C ALA A 1503 -4.64 35.84 55.23
N ALA A 1504 -4.08 36.89 54.62
CA ALA A 1504 -4.85 37.85 53.85
C ALA A 1504 -5.23 37.35 52.45
N THR A 1505 -4.53 36.36 51.91
CA THR A 1505 -4.80 35.97 50.52
C THR A 1505 -6.14 35.27 50.38
N THR A 1506 -6.74 35.44 49.20
CA THR A 1506 -7.96 34.75 48.81
C THR A 1506 -7.67 33.96 47.53
N GLY A 1507 -8.25 32.77 47.43
CA GLY A 1507 -7.89 31.85 46.35
C GLY A 1507 -6.46 31.34 46.47
N THR A 1508 -6.13 30.33 45.68
CA THR A 1508 -4.76 29.79 45.70
C THR A 1508 -3.75 30.89 45.39
N SER A 1509 -2.64 30.87 46.14
CA SER A 1509 -1.54 31.78 45.91
C SER A 1509 -0.25 31.12 46.39
N MET A 1510 0.85 31.44 45.73
CA MET A 1510 2.15 30.86 46.08
C MET A 1510 3.19 31.96 46.18
N PHE A 1511 4.23 31.69 46.98
CA PHE A 1511 5.36 32.59 47.12
C PHE A 1511 6.65 31.79 47.27
N ALA A 1512 7.69 32.21 46.55
CA ALA A 1512 9.04 31.84 46.91
C ALA A 1512 9.57 32.80 47.95
N LEU A 1513 10.52 32.34 48.76
CA LEU A 1513 11.25 33.26 49.63
C LEU A 1513 12.57 33.74 49.03
N ASN A 1514 13.20 32.94 48.18
CA ASN A 1514 14.44 33.28 47.47
C ASN A 1514 15.39 34.08 48.37
N THR A 1515 15.64 33.53 49.57
CA THR A 1515 16.64 34.04 50.49
C THR A 1515 18.00 34.18 49.81
N GLN A 1516 18.89 34.99 50.40
CA GLN A 1516 20.11 35.42 49.73
C GLN A 1516 20.95 34.27 49.21
N ASN A 1517 20.86 33.09 49.84
CA ASN A 1517 21.62 31.93 49.37
C ASN A 1517 20.74 30.68 49.21
N HIS A 1518 19.42 30.81 49.27
CA HIS A 1518 18.56 29.63 49.25
C HIS A 1518 17.13 30.07 48.96
N SER A 1519 16.28 29.09 48.66
CA SER A 1519 14.89 29.34 48.26
C SER A 1519 13.98 28.33 48.94
N MET A 1520 13.50 28.67 50.13
CA MET A 1520 12.31 28.00 50.64
C MET A 1520 11.11 28.34 49.76
N MET A 1521 10.04 27.56 49.91
CA MET A 1521 8.76 27.89 49.30
C MET A 1521 7.66 27.84 50.35
N VAL A 1522 6.65 28.69 50.17
CA VAL A 1522 5.52 28.77 51.09
C VAL A 1522 4.29 29.20 50.29
N GLY A 1523 3.12 28.76 50.73
CA GLY A 1523 1.91 29.06 49.98
C GLY A 1523 0.69 28.45 50.64
N SER A 1524 -0.47 28.74 50.03
CA SER A 1524 -1.76 28.39 50.58
C SER A 1524 -2.65 27.82 49.48
N THR A 1525 -3.43 26.80 49.83
CA THR A 1525 -4.56 26.38 49.02
C THR A 1525 -5.82 26.39 49.87
N VAL A 1526 -6.95 26.73 49.24
CA VAL A 1526 -8.17 27.10 49.95
C VAL A 1526 -9.38 26.50 49.25
N THR A 1527 -9.14 25.62 48.28
CA THR A 1527 -10.20 25.23 47.35
C THR A 1527 -11.24 24.35 48.04
N THR A 1528 -10.79 23.43 48.88
CA THR A 1528 -11.68 22.51 49.59
C THR A 1528 -10.85 21.92 50.73
N GLU A 1529 -11.52 21.28 51.68
CA GLU A 1529 -10.89 20.72 52.88
C GLU A 1529 -10.35 21.83 53.79
N GLY A 1530 -11.05 22.96 53.83
CA GLY A 1530 -10.61 24.15 54.53
C GLY A 1530 -9.45 24.83 53.81
N ARG A 1531 -8.65 25.55 54.58
CA ARG A 1531 -7.41 26.16 54.09
C ARG A 1531 -6.22 25.39 54.61
N ARG A 1532 -5.41 24.87 53.68
CA ARG A 1532 -4.15 24.22 54.02
C ARG A 1532 -3.01 25.14 53.63
N TYR A 1533 -2.07 25.34 54.55
CA TYR A 1533 -0.88 26.15 54.33
C TYR A 1533 0.33 25.25 54.19
N TYR A 1534 1.16 25.51 53.19
CA TYR A 1534 2.28 24.64 52.86
C TYR A 1534 3.60 25.34 53.07
N PHE A 1535 4.62 24.56 53.41
CA PHE A 1535 6.00 25.02 53.54
C PHE A 1535 6.90 23.96 52.93
N TYR A 1536 8.02 24.41 52.32
CA TYR A 1536 8.86 23.51 51.56
C TYR A 1536 10.29 24.04 51.60
N ASP A 1537 11.20 23.25 52.18
CA ASP A 1537 12.63 23.56 52.16
C ASP A 1537 13.31 22.48 51.34
N PRO A 1538 13.88 22.80 50.18
CA PRO A 1538 14.46 21.76 49.31
C PRO A 1538 15.53 20.91 49.96
N ASN A 1539 16.08 21.33 51.11
CA ASN A 1539 17.03 20.50 51.84
C ASN A 1539 16.36 19.49 52.77
N VAL A 1540 15.05 19.61 53.00
CA VAL A 1540 14.38 18.77 53.98
C VAL A 1540 13.17 18.09 53.37
N GLY A 1541 12.11 18.84 53.12
CA GLY A 1541 10.88 18.28 52.63
C GLY A 1541 9.78 19.32 52.59
N ILE A 1542 8.61 18.86 52.14
CA ILE A 1542 7.42 19.70 52.04
C ILE A 1542 6.47 19.34 53.18
N PHE A 1543 5.93 20.36 53.83
CA PHE A 1543 5.05 20.18 54.98
C PHE A 1543 3.80 21.03 54.81
N ALA A 1544 2.74 20.63 55.50
CA ALA A 1544 1.46 21.35 55.41
C ALA A 1544 0.84 21.49 56.79
N PHE A 1545 -0.07 22.46 56.91
CA PHE A 1545 -0.63 22.86 58.19
C PHE A 1545 -2.07 23.31 57.96
N ASP A 1546 -2.90 23.15 59.00
CA ASP A 1546 -4.29 23.59 58.96
C ASP A 1546 -4.52 25.03 59.37
N ASN A 1547 -3.59 25.66 60.08
CA ASN A 1547 -3.84 27.00 60.61
C ASN A 1547 -2.56 27.81 60.64
N THR A 1548 -2.69 29.11 60.38
CA THR A 1548 -1.52 29.98 60.23
C THR A 1548 -0.74 30.11 61.53
N LYS A 1549 -1.41 30.02 62.69
CA LYS A 1549 -0.68 29.98 63.96
C LYS A 1549 0.30 28.81 63.99
N SER A 1550 -0.19 27.61 63.65
CA SER A 1550 0.68 26.42 63.59
C SER A 1550 1.79 26.61 62.55
N LEU A 1551 1.44 27.11 61.36
CA LEU A 1551 2.43 27.37 60.33
C LEU A 1551 3.56 28.27 60.82
N SER A 1552 3.21 29.43 61.40
CA SER A 1552 4.22 30.34 61.92
C SER A 1552 5.01 29.73 63.07
N ARG A 1553 4.34 28.99 63.96
CA ARG A 1553 5.04 28.34 65.07
C ARG A 1553 6.06 27.34 64.58
N ALA A 1554 5.77 26.64 63.48
CA ALA A 1554 6.74 25.73 62.90
C ALA A 1554 7.86 26.48 62.18
N MET A 1555 7.49 27.41 61.29
CA MET A 1555 8.48 28.07 60.44
C MET A 1555 9.43 28.96 61.22
N GLU A 1556 8.97 29.58 62.32
CA GLU A 1556 9.89 30.31 63.18
C GLU A 1556 10.89 29.38 63.85
N GLN A 1557 10.39 28.29 64.46
CA GLN A 1557 11.29 27.32 65.08
C GLN A 1557 12.34 26.83 64.08
N HIS A 1558 11.91 26.53 62.86
CA HIS A 1558 12.81 26.03 61.84
C HIS A 1558 13.85 27.08 61.42
N LEU A 1559 13.40 28.29 61.09
CA LEU A 1559 14.32 29.25 60.47
C LEU A 1559 15.18 30.00 61.49
N VAL A 1560 14.64 30.41 62.63
CA VAL A 1560 15.43 31.09 63.65
C VAL A 1560 15.77 30.18 64.82
N GLY A 1561 14.82 29.33 65.23
CA GLY A 1561 15.08 28.49 66.40
C GLY A 1561 16.30 27.59 66.23
N ARG A 1562 16.59 27.18 65.00
CA ARG A 1562 17.79 26.41 64.71
C ARG A 1562 18.79 27.18 63.84
N ARG A 1563 18.64 28.50 63.75
CA ARG A 1563 19.63 29.39 63.15
C ARG A 1563 19.84 29.16 61.65
N LEU A 1564 19.06 28.27 61.04
CA LEU A 1564 19.19 28.02 59.60
C LEU A 1564 19.04 29.29 58.77
N ALA A 1565 18.22 30.24 59.23
CA ALA A 1565 18.16 31.55 58.58
C ALA A 1565 19.51 32.22 58.48
N VAL A 1566 20.44 31.92 59.40
CA VAL A 1566 21.78 32.49 59.31
C VAL A 1566 22.66 31.69 58.36
N HIS A 1567 22.48 30.37 58.32
CA HIS A 1567 23.17 29.57 57.31
C HIS A 1567 22.70 29.91 55.90
N TYR A 1568 21.40 30.15 55.72
CA TYR A 1568 20.89 30.65 54.46
C TYR A 1568 21.17 32.13 54.22
N GLY A 1569 21.89 32.80 55.12
CA GLY A 1569 22.33 34.16 54.82
C GLY A 1569 21.23 35.18 54.74
N SER A 1570 20.14 34.99 55.47
CA SER A 1570 19.04 35.93 55.45
C SER A 1570 19.49 37.33 55.88
N PHE A 1571 18.66 38.32 55.53
CA PHE A 1571 19.01 39.72 55.66
C PHE A 1571 18.68 40.25 57.06
N GLY A 1572 19.41 41.28 57.46
CA GLY A 1572 19.17 41.95 58.72
C GLY A 1572 19.66 41.18 59.93
N SER A 1573 19.02 41.47 61.07
CA SER A 1573 19.42 40.92 62.35
C SER A 1573 19.28 39.40 62.36
N LYS A 1574 20.03 38.76 63.26
CA LYS A 1574 19.93 37.32 63.44
C LYS A 1574 18.53 36.91 63.91
N SER A 1575 18.07 37.50 65.01
CA SER A 1575 16.67 37.42 65.37
C SER A 1575 15.80 38.21 64.39
N ALA A 1576 14.57 37.74 64.22
CA ALA A 1576 13.61 38.31 63.28
C ALA A 1576 14.22 38.52 61.88
N PRO A 1577 14.69 37.45 61.24
CA PRO A 1577 15.31 37.60 59.91
C PRO A 1577 14.30 38.12 58.90
N ALA A 1578 14.82 38.82 57.89
CA ALA A 1578 13.99 39.34 56.82
C ALA A 1578 14.26 38.56 55.53
N PHE A 1579 13.19 38.25 54.81
CA PHE A 1579 13.27 37.54 53.54
C PHE A 1579 12.66 38.39 52.43
N ASN A 1580 13.16 38.19 51.21
CA ASN A 1580 12.36 38.58 50.05
C ASN A 1580 11.12 37.69 49.95
N LEU A 1581 10.24 38.04 49.01
CA LEU A 1581 9.29 37.07 48.49
C LEU A 1581 8.87 37.47 47.08
N ILE A 1582 8.43 36.47 46.31
CA ILE A 1582 8.21 36.59 44.88
C ILE A 1582 6.91 35.86 44.55
N GLU A 1583 5.88 36.61 44.16
CA GLU A 1583 4.52 36.09 44.05
C GLU A 1583 4.37 35.37 42.71
N ILE A 1584 4.94 34.16 42.65
CA ILE A 1584 4.96 33.37 41.43
C ILE A 1584 3.55 33.26 40.85
N ASP A 1585 3.43 33.50 39.54
CA ASP A 1585 2.17 33.34 38.84
C ASP A 1585 2.18 31.96 38.19
N THR A 1586 1.61 30.99 38.89
CA THR A 1586 1.52 29.62 38.38
C THR A 1586 0.74 29.51 37.08
N GLY A 1587 -0.04 30.54 36.72
CA GLY A 1587 -0.70 30.53 35.43
C GLY A 1587 0.26 30.61 34.25
N LYS A 1588 1.40 31.27 34.43
CA LYS A 1588 2.37 31.42 33.36
C LYS A 1588 3.63 30.59 33.56
N MET A 1589 4.12 30.48 34.80
CA MET A 1589 5.31 29.70 35.09
C MET A 1589 5.20 28.27 34.55
N ALA A 1590 4.00 27.69 34.65
CA ALA A 1590 3.79 26.31 34.21
C ALA A 1590 4.13 26.12 32.73
N GLU A 1591 4.02 27.16 31.91
CA GLU A 1591 4.08 27.03 30.47
C GLU A 1591 5.44 27.41 29.88
N VAL A 1592 6.44 27.66 30.72
CA VAL A 1592 7.77 27.99 30.20
C VAL A 1592 8.35 26.77 29.48
N PRO A 1593 9.00 26.95 28.33
CA PRO A 1593 9.61 25.81 27.64
C PRO A 1593 10.91 25.37 28.32
N VAL A 1594 11.05 24.06 28.48
CA VAL A 1594 12.29 23.48 29.00
C VAL A 1594 12.96 22.64 27.92
N GLY A 1595 12.72 22.97 26.66
CA GLY A 1595 13.30 22.23 25.56
C GLY A 1595 12.60 20.89 25.31
N ASN A 1596 12.80 20.38 24.09
CA ASN A 1596 12.11 19.19 23.58
C ASN A 1596 10.59 19.31 23.71
N GLY A 1597 10.09 20.53 23.68
CA GLY A 1597 8.66 20.77 23.63
C GLY A 1597 7.91 20.50 24.90
N LEU A 1598 8.61 20.17 25.99
CA LEU A 1598 7.97 19.92 27.26
C LEU A 1598 7.74 21.22 28.01
N ASN A 1599 6.51 21.44 28.46
CA ASN A 1599 6.26 22.45 29.48
C ASN A 1599 6.58 21.87 30.86
N VAL A 1600 6.87 22.75 31.81
CA VAL A 1600 7.22 22.29 33.15
C VAL A 1600 6.09 21.45 33.74
N ALA A 1601 4.83 21.78 33.42
CA ALA A 1601 3.70 20.93 33.79
C ALA A 1601 3.87 19.49 33.32
N ASP A 1602 4.49 19.29 32.15
CA ASP A 1602 4.58 17.94 31.59
C ASP A 1602 5.52 17.05 32.38
N LEU A 1603 6.63 17.59 32.87
CA LEU A 1603 7.48 16.83 33.79
C LEU A 1603 6.89 16.75 35.20
N THR A 1604 5.68 17.26 35.40
CA THR A 1604 5.13 17.61 36.70
C THR A 1604 3.74 17.01 36.86
N ARG A 1605 3.53 15.77 36.36
CA ARG A 1605 2.19 15.16 36.14
C ARG A 1605 2.05 13.79 36.83
N PHE A 1606 0.92 13.12 36.79
CA PHE A 1606 0.70 11.88 37.56
C PHE A 1606 1.41 10.66 36.97
N GLU A 1607 1.66 10.66 35.67
CA GLU A 1607 2.15 9.54 34.86
C GLU A 1607 3.68 9.58 34.62
N GLU A 1608 4.30 8.55 34.04
CA GLU A 1608 5.71 8.58 33.72
C GLU A 1608 5.96 9.34 32.42
N LEU A 1609 7.19 9.86 32.29
CA LEU A 1609 7.55 10.64 31.12
C LEU A 1609 7.42 9.82 29.84
N SER A 1610 7.81 8.54 29.90
CA SER A 1610 7.62 7.64 28.76
C SER A 1610 6.16 7.45 28.38
N SER A 1611 5.23 7.70 29.31
CA SER A 1611 3.82 7.71 28.94
C SER A 1611 3.51 8.94 28.10
N VAL A 1612 3.89 10.12 28.57
CA VAL A 1612 3.52 11.36 27.89
C VAL A 1612 4.15 11.37 26.51
N ILE A 1613 5.43 11.03 26.42
CA ILE A 1613 6.12 10.94 25.13
C ILE A 1613 5.49 9.89 24.22
N GLY A 1614 5.09 8.73 24.77
CA GLY A 1614 4.32 7.78 23.99
C GLY A 1614 3.09 8.40 23.38
N GLN A 1615 2.29 9.07 24.22
CA GLN A 1615 1.07 9.69 23.74
C GLN A 1615 1.38 10.70 22.62
N ARG A 1616 2.34 11.59 22.86
CA ARG A 1616 2.81 12.51 21.82
C ARG A 1616 3.26 11.81 20.54
N ARG A 1617 3.65 10.54 20.62
CA ARG A 1617 3.89 9.76 19.40
C ARG A 1617 2.58 9.35 18.75
N GLN A 1618 1.74 8.66 19.51
CA GLN A 1618 0.51 8.07 18.97
C GLN A 1618 -0.40 9.14 18.35
N VAL A 1619 -0.62 10.24 19.05
CA VAL A 1619 -1.46 11.30 18.50
C VAL A 1619 -0.83 12.06 17.34
N GLU A 1620 0.49 11.93 17.13
CA GLU A 1620 1.05 12.46 15.89
C GLU A 1620 1.00 11.46 14.74
N GLN A 1621 1.01 10.17 15.05
CA GLN A 1621 0.60 9.16 14.08
C GLN A 1621 -0.81 9.43 13.58
N VAL A 1622 -1.75 9.63 14.51
CA VAL A 1622 -3.13 9.92 14.17
C VAL A 1622 -3.25 11.21 13.36
N MET A 1623 -2.61 12.29 13.82
CA MET A 1623 -2.69 13.55 13.08
C MET A 1623 -2.00 13.50 11.72
N SER A 1624 -0.94 12.70 11.56
CA SER A 1624 -0.32 12.59 10.24
C SER A 1624 -1.18 11.75 9.29
N ALA A 1625 -1.82 10.71 9.82
CA ALA A 1625 -2.80 9.98 9.02
C ALA A 1625 -3.94 10.89 8.58
N GLN A 1626 -4.52 11.65 9.51
CA GLN A 1626 -5.58 12.59 9.16
C GLN A 1626 -5.12 13.64 8.15
N GLU A 1627 -3.88 14.12 8.27
CA GLU A 1627 -3.35 15.07 7.29
C GLU A 1627 -3.15 14.43 5.92
N ARG A 1628 -2.90 13.12 5.87
CA ARG A 1628 -2.92 12.41 4.59
C ARG A 1628 -4.30 12.43 3.95
N ILE A 1629 -5.36 12.55 4.75
CA ILE A 1629 -6.72 12.59 4.22
C ILE A 1629 -7.17 14.01 3.88
N THR A 1630 -6.78 14.99 4.69
CA THR A 1630 -7.32 16.34 4.56
C THR A 1630 -6.89 17.05 3.28
N GLU A 1631 -5.69 16.75 2.75
CA GLU A 1631 -5.18 17.50 1.61
C GLU A 1631 -4.72 16.62 0.45
N ASP A 1632 -5.16 15.36 0.40
CA ASP A 1632 -5.07 14.60 -0.84
C ASP A 1632 -6.13 15.12 -1.82
N LEU A 1633 -5.71 16.00 -2.73
CA LEU A 1633 -6.62 16.63 -3.68
C LEU A 1633 -7.16 15.67 -4.73
N GLN A 1634 -6.48 14.54 -4.95
CA GLN A 1634 -7.02 13.49 -5.81
C GLN A 1634 -8.31 12.92 -5.26
N LEU A 1635 -8.32 12.53 -3.99
CA LEU A 1635 -9.55 12.02 -3.40
C LEU A 1635 -10.60 13.11 -3.24
N SER A 1636 -10.15 14.34 -2.97
CA SER A 1636 -11.05 15.49 -2.89
C SER A 1636 -11.82 15.71 -4.20
N THR A 1637 -11.18 15.45 -5.34
CA THR A 1637 -11.90 15.60 -6.60
C THR A 1637 -12.59 14.33 -7.06
N ALA A 1638 -11.98 13.16 -6.82
CA ALA A 1638 -12.62 11.89 -7.17
C ALA A 1638 -13.93 11.68 -6.42
N LEU A 1639 -14.03 12.14 -5.17
CA LEU A 1639 -15.32 12.05 -4.50
C LEU A 1639 -16.32 13.09 -5.02
N GLN A 1640 -15.85 14.22 -5.55
CA GLN A 1640 -16.76 15.15 -6.21
C GLN A 1640 -17.32 14.57 -7.50
N ALA A 1641 -16.48 13.81 -8.22
CA ALA A 1641 -16.95 13.05 -9.37
C ALA A 1641 -17.94 11.96 -8.98
N PHE A 1642 -17.60 11.13 -7.98
CA PHE A 1642 -18.53 10.10 -7.55
C PHE A 1642 -19.87 10.68 -7.09
N ASP A 1643 -19.84 11.80 -6.36
CA ASP A 1643 -21.07 12.50 -5.99
C ASP A 1643 -21.85 12.96 -7.22
N ALA A 1644 -21.16 13.51 -8.22
CA ALA A 1644 -21.88 13.97 -9.40
C ALA A 1644 -22.51 12.81 -10.16
N GLU A 1645 -21.77 11.71 -10.34
CA GLU A 1645 -22.34 10.53 -10.98
C GLU A 1645 -23.53 9.97 -10.20
N GLN A 1646 -23.45 9.99 -8.86
CA GLN A 1646 -24.56 9.51 -8.06
C GLN A 1646 -25.79 10.40 -8.19
N TRP A 1647 -25.60 11.71 -8.29
CA TRP A 1647 -26.71 12.59 -8.64
C TRP A 1647 -27.23 12.36 -10.05
N GLY A 1648 -26.35 11.96 -10.96
CA GLY A 1648 -26.79 11.58 -12.29
C GLY A 1648 -27.71 10.37 -12.28
N ALA A 1649 -27.30 9.33 -11.56
CA ALA A 1649 -28.13 8.12 -11.45
C ALA A 1649 -29.44 8.40 -10.73
N ARG A 1650 -29.40 9.26 -9.71
CA ARG A 1650 -30.63 9.66 -9.02
C ARG A 1650 -31.58 10.41 -9.93
N PHE A 1651 -31.06 11.35 -10.73
CA PHE A 1651 -31.92 12.12 -11.62
C PHE A 1651 -32.42 11.27 -12.78
N GLU A 1652 -31.60 10.35 -13.29
CA GLU A 1652 -32.08 9.45 -14.33
C GLU A 1652 -33.19 8.54 -13.81
N ALA A 1653 -32.99 7.96 -12.63
CA ALA A 1653 -34.03 7.12 -12.04
C ALA A 1653 -35.33 7.88 -11.82
N ALA A 1654 -35.22 9.12 -11.34
CA ALA A 1654 -36.41 9.96 -11.15
C ALA A 1654 -37.10 10.29 -12.47
N SER A 1655 -36.32 10.68 -13.49
CA SER A 1655 -36.90 10.94 -14.80
C SER A 1655 -37.57 9.70 -15.38
N THR A 1656 -36.93 8.53 -15.28
CA THR A 1656 -37.53 7.30 -15.78
C THR A 1656 -38.85 7.00 -15.07
N ARG A 1657 -38.85 7.07 -13.73
CA ARG A 1657 -40.09 6.82 -12.99
C ARG A 1657 -41.17 7.80 -13.42
N LEU A 1658 -40.86 9.09 -13.47
CA LEU A 1658 -41.86 10.07 -13.90
C LEU A 1658 -42.38 9.77 -15.31
N ALA A 1659 -41.46 9.47 -16.25
CA ALA A 1659 -41.77 9.09 -17.63
C ALA A 1659 -42.36 7.70 -17.77
N GLN A 1660 -42.67 7.04 -16.67
CA GLN A 1660 -43.32 5.74 -16.72
C GLN A 1660 -44.60 5.69 -15.90
N GLU A 1661 -44.78 6.59 -14.93
CA GLU A 1661 -46.08 6.86 -14.36
C GLU A 1661 -46.99 7.56 -15.37
N HIS A 1662 -46.46 8.58 -16.04
CA HIS A 1662 -47.11 9.16 -17.20
C HIS A 1662 -46.75 8.37 -18.46
N GLN A 1663 -47.23 8.83 -19.61
CA GLN A 1663 -46.81 8.32 -20.90
C GLN A 1663 -46.01 9.34 -21.68
N LEU A 1664 -44.78 8.97 -22.03
CA LEU A 1664 -43.79 9.81 -22.70
C LEU A 1664 -42.81 8.87 -23.38
N ASP A 1665 -41.94 9.44 -24.23
CA ASP A 1665 -40.88 8.64 -24.81
C ASP A 1665 -39.60 9.47 -24.93
N SER A 1666 -38.60 8.86 -25.59
CA SER A 1666 -37.28 9.44 -25.77
C SER A 1666 -37.28 10.83 -26.39
N ARG A 1667 -38.35 11.21 -27.09
CA ARG A 1667 -38.40 12.56 -27.64
C ARG A 1667 -38.63 13.65 -26.60
N TRP A 1668 -38.99 13.30 -25.36
CA TRP A 1668 -39.36 14.29 -24.36
C TRP A 1668 -38.20 14.54 -23.41
N LEU A 1669 -37.80 15.79 -23.29
CA LEU A 1669 -36.69 16.17 -22.42
C LEU A 1669 -37.17 16.96 -21.22
N PRO A 1670 -36.77 16.59 -20.00
CA PRO A 1670 -37.12 17.41 -18.83
C PRO A 1670 -36.29 18.68 -18.82
N ILE A 1671 -36.96 19.83 -18.68
CA ILE A 1671 -36.28 21.12 -18.69
C ILE A 1671 -35.98 21.51 -17.24
N ILE A 1672 -34.85 21.01 -16.74
CA ILE A 1672 -34.42 21.21 -15.35
C ILE A 1672 -34.56 22.66 -14.94
N ALA A 1673 -34.23 23.59 -15.84
CA ALA A 1673 -34.29 25.03 -15.60
C ALA A 1673 -35.68 25.55 -15.23
N THR A 1674 -36.73 24.71 -15.27
CA THR A 1674 -38.09 25.22 -15.10
C THR A 1674 -38.88 24.51 -14.02
N THR A 1675 -38.30 23.51 -13.36
CA THR A 1675 -38.95 22.86 -12.21
C THR A 1675 -39.42 23.92 -11.23
N GLU A 1676 -40.64 23.75 -10.71
CA GLU A 1676 -41.19 24.68 -9.73
C GLU A 1676 -42.05 23.93 -8.72
N GLU A 1677 -42.21 24.56 -7.56
CA GLU A 1677 -43.11 24.06 -6.52
C GLU A 1677 -44.52 24.59 -6.76
N GLN A 1678 -45.46 23.68 -6.96
CA GLN A 1678 -46.85 24.04 -7.25
C GLN A 1678 -47.66 24.17 -5.95
N GLY A 1679 -47.17 25.06 -5.11
CA GLY A 1679 -47.49 25.09 -3.70
C GLY A 1679 -46.60 24.19 -2.86
N GLU A 1680 -46.94 24.13 -1.58
CA GLU A 1680 -46.11 23.43 -0.61
C GLU A 1680 -46.08 21.92 -0.86
N GLY A 1681 -44.89 21.33 -0.72
CA GLY A 1681 -44.72 19.91 -0.66
C GLY A 1681 -44.90 19.14 -1.95
N ARG A 1682 -45.28 19.79 -3.04
CA ARG A 1682 -45.57 19.07 -4.28
C ARG A 1682 -44.94 19.79 -5.47
N TYR A 1683 -44.44 19.00 -6.41
CA TYR A 1683 -43.61 19.49 -7.50
C TYR A 1683 -44.31 19.22 -8.83
N ARG A 1684 -44.08 20.09 -9.81
CA ARG A 1684 -44.35 19.77 -11.20
C ARG A 1684 -43.16 20.13 -12.07
N VAL A 1685 -43.03 19.40 -13.19
CA VAL A 1685 -41.87 19.50 -14.07
C VAL A 1685 -42.39 19.70 -15.49
N GLN A 1686 -41.68 20.51 -16.27
CA GLN A 1686 -41.97 20.69 -17.68
C GLN A 1686 -41.11 19.78 -18.54
N PHE A 1687 -41.73 19.13 -19.52
CA PHE A 1687 -41.02 18.42 -20.57
C PHE A 1687 -41.24 19.10 -21.91
N ILE A 1688 -40.25 18.98 -22.79
CA ILE A 1688 -40.33 19.48 -24.15
C ILE A 1688 -40.02 18.34 -25.13
N ASN A 1689 -40.79 18.27 -26.21
CA ASN A 1689 -40.41 17.42 -27.32
C ASN A 1689 -39.16 18.01 -27.95
N ARG A 1690 -38.07 17.24 -27.98
CA ARG A 1690 -36.81 17.80 -28.45
C ARG A 1690 -36.81 18.11 -29.94
N ASP A 1691 -37.75 17.54 -30.70
CA ASP A 1691 -37.93 17.96 -32.08
C ASP A 1691 -38.34 19.43 -32.16
N GLN A 1692 -38.33 19.95 -33.39
CA GLN A 1692 -38.64 21.34 -33.70
C GLN A 1692 -39.97 21.89 -33.16
N PRO A 1693 -41.05 21.10 -33.05
CA PRO A 1693 -42.33 21.67 -32.63
C PRO A 1693 -42.31 22.31 -31.25
N GLU A 1694 -43.29 23.19 -31.04
CA GLU A 1694 -43.52 23.93 -29.81
C GLU A 1694 -43.97 23.05 -28.65
N GLN A 1695 -44.27 21.78 -28.91
CA GLN A 1695 -44.99 20.91 -27.99
C GLN A 1695 -44.27 20.74 -26.65
N THR A 1696 -44.80 21.39 -25.62
CA THR A 1696 -44.35 21.23 -24.24
C THR A 1696 -45.52 20.75 -23.38
N ARG A 1697 -45.20 19.95 -22.38
CA ARG A 1697 -46.20 19.37 -21.49
C ARG A 1697 -45.71 19.41 -20.05
N TRP A 1698 -46.58 19.82 -19.14
CA TRP A 1698 -46.28 19.90 -17.71
C TRP A 1698 -46.76 18.65 -17.02
N LEU A 1699 -45.89 18.03 -16.21
CA LEU A 1699 -46.20 16.82 -15.48
C LEU A 1699 -46.21 17.13 -13.98
N ASP A 1700 -47.32 16.85 -13.32
CA ASP A 1700 -47.36 16.82 -11.87
C ASP A 1700 -46.45 15.72 -11.34
N THR A 1701 -45.45 16.09 -10.55
CA THR A 1701 -44.25 15.29 -10.36
C THR A 1701 -44.09 14.78 -8.94
N ASP A 1702 -44.32 15.63 -7.94
CA ASP A 1702 -44.25 15.28 -6.53
C ASP A 1702 -42.90 14.70 -6.10
N ASP A 1703 -41.84 14.93 -6.87
CA ASP A 1703 -40.52 14.43 -6.53
C ASP A 1703 -39.54 15.58 -6.37
N SER A 1704 -38.78 15.56 -5.26
CA SER A 1704 -37.86 16.63 -4.91
C SER A 1704 -36.58 16.62 -5.73
N THR A 1705 -36.18 15.46 -6.27
CA THR A 1705 -34.89 15.36 -6.95
C THR A 1705 -34.80 16.27 -8.17
N PHE A 1706 -35.94 16.56 -8.81
CA PHE A 1706 -35.95 17.48 -9.95
C PHE A 1706 -35.62 18.92 -9.58
N VAL A 1707 -35.57 19.27 -8.30
CA VAL A 1707 -35.06 20.55 -7.86
C VAL A 1707 -33.76 20.43 -7.07
N GLU A 1708 -33.58 19.35 -6.30
CA GLU A 1708 -32.30 19.12 -5.62
C GLU A 1708 -31.15 18.86 -6.58
N PHE A 1709 -31.40 18.24 -7.73
CA PHE A 1709 -30.38 18.14 -8.77
C PHE A 1709 -30.05 19.50 -9.38
N ARG A 1710 -31.06 20.32 -9.66
CA ARG A 1710 -30.81 21.67 -10.14
C ARG A 1710 -29.99 22.49 -9.14
N ARG A 1711 -30.30 22.36 -7.85
CA ARG A 1711 -29.50 22.97 -6.79
C ARG A 1711 -28.06 22.47 -6.81
N PHE A 1712 -27.88 21.14 -6.88
CA PHE A 1712 -26.53 20.58 -6.92
C PHE A 1712 -25.74 21.08 -8.12
N VAL A 1713 -26.36 21.16 -9.29
CA VAL A 1713 -25.62 21.53 -10.50
C VAL A 1713 -25.37 23.03 -10.58
N ASP A 1714 -26.30 23.87 -10.10
CA ASP A 1714 -26.10 25.30 -10.15
C ASP A 1714 -24.98 25.76 -9.22
N GLU A 1715 -24.68 25.00 -8.18
CA GLU A 1715 -23.55 25.32 -7.30
C GLU A 1715 -22.22 25.24 -8.04
N HIS A 1716 -22.01 24.17 -8.81
CA HIS A 1716 -20.84 24.08 -9.67
C HIS A 1716 -20.89 25.08 -10.83
N MET A 1717 -22.05 25.24 -11.46
CA MET A 1717 -22.11 26.18 -12.58
C MET A 1717 -21.84 27.61 -12.14
N SER A 1718 -22.17 27.97 -10.89
CA SER A 1718 -21.78 29.30 -10.39
C SER A 1718 -20.28 29.42 -10.21
N VAL A 1719 -19.61 28.29 -9.96
CA VAL A 1719 -18.15 28.29 -9.91
C VAL A 1719 -17.58 28.50 -11.30
N LEU A 1720 -18.07 27.74 -12.27
CA LEU A 1720 -17.54 27.89 -13.63
C LEU A 1720 -17.83 29.29 -14.18
N ASN A 1721 -19.04 29.80 -13.95
CA ASN A 1721 -19.40 31.15 -14.35
C ASN A 1721 -18.60 32.23 -13.62
N GLU A 1722 -18.04 31.90 -12.44
CA GLU A 1722 -17.19 32.85 -11.72
C GLU A 1722 -15.73 32.79 -12.14
N HIS A 1723 -15.20 31.59 -12.39
CA HIS A 1723 -13.80 31.40 -12.70
C HIS A 1723 -13.46 31.56 -14.18
N PHE A 1724 -14.43 31.39 -15.08
CA PHE A 1724 -14.14 31.39 -16.51
C PHE A 1724 -15.12 32.29 -17.25
N THR A 1725 -14.69 32.73 -18.43
CA THR A 1725 -15.51 33.48 -19.36
C THR A 1725 -15.53 32.75 -20.69
N LEU A 1726 -16.68 32.73 -21.34
CA LEU A 1726 -16.85 32.07 -22.63
C LEU A 1726 -16.73 33.11 -23.74
N GLU A 1727 -15.70 32.98 -24.56
CA GLU A 1727 -15.38 33.94 -25.61
C GLU A 1727 -15.34 33.22 -26.95
N SER A 1728 -16.22 33.63 -27.86
CA SER A 1728 -16.26 33.12 -29.24
C SER A 1728 -16.25 31.60 -29.30
N GLY A 1729 -16.80 30.96 -28.28
CA GLY A 1729 -16.86 29.51 -28.21
C GLY A 1729 -15.65 28.84 -27.61
N ARG A 1730 -14.79 29.58 -26.91
CA ARG A 1730 -13.77 28.98 -26.07
C ARG A 1730 -13.72 29.73 -24.75
N MET A 1731 -13.21 29.07 -23.72
CA MET A 1731 -13.23 29.59 -22.36
C MET A 1731 -11.85 30.09 -21.95
N ARG A 1732 -11.81 31.31 -21.41
CA ARG A 1732 -10.59 31.90 -20.89
C ARG A 1732 -10.57 31.77 -19.37
N PRO A 1733 -9.56 31.17 -18.77
CA PRO A 1733 -9.38 31.29 -17.32
C PRO A 1733 -9.13 32.75 -16.93
N ARG A 1734 -10.00 33.25 -16.05
CA ARG A 1734 -9.90 34.64 -15.61
C ARG A 1734 -8.60 34.87 -14.86
N GLY A 1735 -7.86 35.90 -15.27
CA GLY A 1735 -6.55 36.16 -14.71
C GLY A 1735 -5.47 35.20 -15.17
N GLY A 1736 -5.72 34.41 -16.19
CA GLY A 1736 -4.75 33.45 -16.69
C GLY A 1736 -4.75 32.14 -15.92
N VAL A 1737 -4.04 31.17 -16.49
CA VAL A 1737 -3.76 29.91 -15.81
C VAL A 1737 -2.93 30.15 -14.54
N GLY A 1738 -2.13 31.21 -14.52
CA GLY A 1738 -1.23 31.48 -13.40
C GLY A 1738 -1.92 31.90 -12.11
N GLU A 1739 -3.24 32.10 -12.12
CA GLU A 1739 -3.92 32.37 -10.87
C GLU A 1739 -4.25 31.06 -10.16
N ALA A 1740 -4.67 31.19 -8.89
CA ALA A 1740 -5.14 30.05 -8.12
C ALA A 1740 -6.54 29.60 -8.50
N ALA A 1741 -7.26 30.40 -9.31
CA ALA A 1741 -8.63 30.05 -9.67
C ALA A 1741 -8.74 28.72 -10.40
N PRO A 1742 -7.96 28.44 -11.47
CA PRO A 1742 -8.06 27.12 -12.13
C PRO A 1742 -7.99 25.92 -11.21
N VAL A 1743 -7.30 26.01 -10.07
CA VAL A 1743 -7.12 24.86 -9.18
C VAL A 1743 -8.43 24.37 -8.56
N ASP A 1744 -9.50 25.18 -8.57
CA ASP A 1744 -10.83 24.66 -8.28
C ASP A 1744 -11.86 24.90 -9.37
N GLY A 1745 -11.65 25.87 -10.25
CA GLY A 1745 -12.47 25.96 -11.45
C GLY A 1745 -12.42 24.69 -12.28
N LEU A 1746 -11.21 24.19 -12.58
CA LEU A 1746 -11.09 22.91 -13.26
C LEU A 1746 -11.56 21.75 -12.40
N ASN A 1747 -11.58 21.91 -11.08
CA ASN A 1747 -12.06 20.82 -10.22
C ASN A 1747 -13.57 20.67 -10.29
N ALA A 1748 -14.28 21.79 -10.41
CA ALA A 1748 -15.69 21.75 -10.75
C ALA A 1748 -15.92 21.30 -12.18
N GLY A 1749 -15.05 21.75 -13.10
CA GLY A 1749 -15.19 21.38 -14.50
C GLY A 1749 -15.06 19.87 -14.74
N PHE A 1750 -14.09 19.23 -14.07
CA PHE A 1750 -13.97 17.79 -14.15
C PHE A 1750 -15.22 17.07 -13.67
N ALA A 1751 -15.94 17.65 -12.71
CA ALA A 1751 -17.14 17.01 -12.19
C ALA A 1751 -18.32 17.18 -13.13
N VAL A 1752 -18.45 18.38 -13.71
CA VAL A 1752 -19.49 18.58 -14.72
C VAL A 1752 -19.22 17.72 -15.95
N GLN A 1753 -17.98 17.72 -16.44
CA GLN A 1753 -17.63 16.87 -17.58
C GLN A 1753 -17.85 15.40 -17.28
N ALA A 1754 -17.51 14.93 -16.07
CA ALA A 1754 -17.78 13.54 -15.71
C ALA A 1754 -19.26 13.25 -15.51
N LEU A 1755 -20.08 14.28 -15.34
CA LEU A 1755 -21.52 14.04 -15.31
C LEU A 1755 -22.08 13.93 -16.72
N ILE A 1756 -21.70 14.86 -17.59
CA ILE A 1756 -22.06 14.74 -19.00
C ILE A 1756 -21.62 13.40 -19.56
N GLN A 1757 -20.33 13.06 -19.39
CA GLN A 1757 -19.85 11.76 -19.84
C GLN A 1757 -20.38 10.59 -19.01
N TRP A 1758 -21.10 10.83 -17.91
CA TRP A 1758 -21.82 9.74 -17.28
C TRP A 1758 -23.11 9.46 -18.04
N PHE A 1759 -23.86 10.54 -18.33
CA PHE A 1759 -25.14 10.36 -19.00
C PHE A 1759 -24.98 9.75 -20.39
N SER A 1760 -23.98 10.23 -21.15
CA SER A 1760 -23.64 9.61 -22.43
C SER A 1760 -23.30 8.12 -22.31
N ASP A 1761 -22.49 7.74 -21.32
CA ASP A 1761 -22.14 6.34 -21.11
C ASP A 1761 -23.26 5.50 -20.52
N LYS A 1762 -24.31 6.12 -20.01
CA LYS A 1762 -25.52 5.38 -19.65
C LYS A 1762 -26.47 5.23 -20.83
N ASN A 1763 -26.63 6.30 -21.61
CA ASN A 1763 -27.43 6.24 -22.83
C ASN A 1763 -26.88 5.17 -23.77
N ARG A 1764 -25.58 5.24 -24.06
CA ARG A 1764 -24.94 4.21 -24.89
C ARG A 1764 -24.87 2.84 -24.22
N HIS A 1765 -25.19 2.74 -22.92
CA HIS A 1765 -25.35 1.43 -22.29
C HIS A 1765 -26.75 0.88 -22.53
N ASP A 1766 -27.76 1.74 -22.48
CA ASP A 1766 -29.14 1.32 -22.72
C ASP A 1766 -29.35 1.00 -24.20
N ALA A 1767 -28.88 1.88 -25.09
CA ALA A 1767 -28.99 1.62 -26.53
C ALA A 1767 -28.34 0.31 -26.92
N ALA A 1768 -27.32 -0.12 -26.17
CA ALA A 1768 -26.62 -1.36 -26.43
C ALA A 1768 -27.39 -2.57 -25.91
N ASN A 1769 -28.43 -2.36 -25.10
CA ASN A 1769 -29.09 -3.42 -24.37
C ASN A 1769 -30.60 -3.17 -24.27
N GLY A 1770 -31.15 -2.45 -25.24
CA GLY A 1770 -32.47 -1.85 -25.10
C GLY A 1770 -32.63 -0.71 -26.09
N MET A 1771 -33.56 0.20 -25.76
CA MET A 1771 -33.97 1.23 -26.70
C MET A 1771 -34.31 2.51 -25.96
N ALA A 1772 -34.46 3.60 -26.74
CA ALA A 1772 -35.29 4.74 -26.37
C ALA A 1772 -34.89 5.38 -25.04
N SER A 1773 -33.59 5.48 -24.80
CA SER A 1773 -33.11 6.33 -23.73
C SER A 1773 -33.60 7.77 -23.94
N PRO A 1774 -33.94 8.49 -22.86
CA PRO A 1774 -34.38 9.88 -23.01
C PRO A 1774 -33.29 10.82 -23.49
N ASP A 1775 -32.02 10.40 -23.46
CA ASP A 1775 -30.89 11.20 -23.91
C ASP A 1775 -30.80 12.52 -23.12
N LEU A 1776 -30.66 12.37 -21.81
CA LEU A 1776 -30.68 13.51 -20.90
C LEU A 1776 -29.46 14.41 -21.04
N ALA A 1777 -28.38 13.90 -21.63
CA ALA A 1777 -27.17 14.69 -21.83
C ALA A 1777 -27.42 15.95 -22.65
N THR A 1778 -28.41 15.94 -23.55
CA THR A 1778 -28.76 17.16 -24.26
C THR A 1778 -29.46 18.15 -23.34
N ALA A 1779 -30.31 17.66 -22.43
CA ALA A 1779 -30.96 18.54 -21.48
C ALA A 1779 -29.94 19.18 -20.56
N LEU A 1780 -29.04 18.37 -20.00
CA LEU A 1780 -27.99 18.90 -19.14
C LEU A 1780 -27.08 19.87 -19.88
N LYS A 1781 -26.71 19.58 -21.13
CA LYS A 1781 -25.90 20.52 -21.91
C LYS A 1781 -26.61 21.85 -22.13
N VAL A 1782 -27.91 21.81 -22.41
CA VAL A 1782 -28.63 23.07 -22.66
C VAL A 1782 -28.85 23.85 -21.37
N HIS A 1783 -29.06 23.16 -20.24
CA HIS A 1783 -29.06 23.83 -18.95
C HIS A 1783 -27.72 24.48 -18.67
N SER A 1784 -26.64 23.72 -18.74
CA SER A 1784 -25.31 24.24 -18.43
C SER A 1784 -24.98 25.44 -19.31
N TYR A 1785 -25.24 25.32 -20.62
CA TYR A 1785 -25.05 26.42 -21.55
C TYR A 1785 -25.82 27.67 -21.13
N LEU A 1786 -27.13 27.54 -20.93
CA LEU A 1786 -27.92 28.74 -20.65
C LEU A 1786 -27.59 29.34 -19.29
N ASN A 1787 -27.25 28.52 -18.30
CA ASN A 1787 -26.85 29.03 -16.99
C ASN A 1787 -25.51 29.76 -17.07
N PHE A 1788 -24.49 29.12 -17.64
CA PHE A 1788 -23.18 29.75 -17.79
C PHE A 1788 -23.27 31.05 -18.58
N VAL A 1789 -24.02 31.06 -19.70
CA VAL A 1789 -24.19 32.28 -20.48
C VAL A 1789 -25.16 33.25 -19.82
N GLN A 1790 -25.65 32.92 -18.62
CA GLN A 1790 -26.50 33.78 -17.81
C GLN A 1790 -27.81 34.15 -18.51
N MET A 1791 -28.24 33.34 -19.49
CA MET A 1791 -29.58 33.50 -20.03
C MET A 1791 -30.62 32.97 -19.07
N VAL A 1792 -30.40 31.75 -18.56
CA VAL A 1792 -30.96 31.34 -17.28
C VAL A 1792 -30.19 32.01 -16.16
N HIS A 1793 -30.89 32.49 -15.14
CA HIS A 1793 -30.25 32.92 -13.90
C HIS A 1793 -31.19 32.67 -12.73
N GLY A 1794 -30.64 32.82 -11.53
CA GLY A 1794 -31.42 32.72 -10.31
C GLY A 1794 -32.52 33.78 -10.24
N GLY A 1795 -33.42 33.56 -9.29
CA GLY A 1795 -34.60 34.39 -9.15
C GLY A 1795 -35.65 34.10 -10.21
N VAL A 1796 -36.74 34.87 -10.13
CA VAL A 1796 -37.88 34.66 -11.02
C VAL A 1796 -37.49 35.04 -12.44
N GLN A 1797 -37.81 34.15 -13.39
CA GLN A 1797 -37.75 34.43 -14.80
C GLN A 1797 -39.11 34.16 -15.43
N ASP A 1798 -39.45 34.93 -16.46
CA ASP A 1798 -40.67 34.69 -17.22
C ASP A 1798 -40.58 33.30 -17.86
N VAL A 1799 -41.54 32.43 -17.49
CA VAL A 1799 -41.55 31.07 -18.05
C VAL A 1799 -41.60 31.11 -19.57
N ILE A 1800 -42.31 32.08 -20.14
CA ILE A 1800 -42.38 32.21 -21.59
C ILE A 1800 -41.03 32.57 -22.18
N LYS A 1801 -40.25 33.38 -21.45
CA LYS A 1801 -38.91 33.72 -21.88
C LYS A 1801 -37.98 32.53 -21.77
N VAL A 1802 -37.85 31.94 -20.57
CA VAL A 1802 -36.91 30.85 -20.40
C VAL A 1802 -37.24 29.66 -21.30
N THR A 1803 -38.54 29.43 -21.57
CA THR A 1803 -38.92 28.41 -22.55
C THR A 1803 -38.53 28.79 -23.97
N ALA A 1804 -38.71 30.06 -24.37
CA ALA A 1804 -38.26 30.47 -25.70
C ALA A 1804 -36.74 30.33 -25.83
N LEU A 1805 -36.01 30.61 -24.75
CA LEU A 1805 -34.56 30.38 -24.71
C LEU A 1805 -34.23 28.91 -24.91
N VAL A 1806 -34.79 28.04 -24.07
CA VAL A 1806 -34.53 26.60 -24.18
C VAL A 1806 -34.88 26.09 -25.57
N ARG A 1807 -36.01 26.54 -26.12
CA ARG A 1807 -36.44 26.12 -27.45
C ARG A 1807 -35.46 26.55 -28.54
N THR A 1808 -35.05 27.82 -28.54
CA THR A 1808 -34.09 28.27 -29.55
C THR A 1808 -32.68 27.72 -29.34
N ALA A 1809 -32.32 27.33 -28.12
CA ALA A 1809 -31.09 26.56 -27.92
C ALA A 1809 -31.21 25.15 -28.50
N LEU A 1810 -32.34 24.49 -28.25
CA LEU A 1810 -32.57 23.16 -28.82
C LEU A 1810 -32.64 23.19 -30.35
N ARG A 1811 -33.13 24.28 -30.94
CA ARG A 1811 -33.05 24.43 -32.38
C ARG A 1811 -31.64 24.67 -32.90
N GLY A 1812 -30.63 24.73 -32.04
CA GLY A 1812 -29.25 24.59 -32.45
C GLY A 1812 -28.55 25.88 -32.84
N GLU A 1813 -29.30 26.88 -33.28
CA GLU A 1813 -28.68 28.13 -33.72
C GLU A 1813 -28.13 28.91 -32.53
N VAL A 1814 -27.25 29.86 -32.84
CA VAL A 1814 -26.57 30.65 -31.82
C VAL A 1814 -27.60 31.43 -31.01
N VAL A 1815 -27.55 31.28 -29.69
CA VAL A 1815 -28.37 32.09 -28.80
C VAL A 1815 -27.60 33.35 -28.42
N ALA A 1816 -26.41 33.17 -27.85
CA ALA A 1816 -25.62 34.30 -27.38
C ALA A 1816 -24.16 33.89 -27.29
N ALA A 1817 -23.30 34.89 -27.06
CA ALA A 1817 -21.85 34.74 -27.05
C ALA A 1817 -21.30 34.22 -28.37
N GLN A 1818 -22.04 34.41 -29.47
CA GLN A 1818 -21.64 33.90 -30.79
C GLN A 1818 -21.29 32.42 -30.75
N THR A 1819 -22.05 31.66 -29.94
CA THR A 1819 -21.76 30.25 -29.76
C THR A 1819 -23.04 29.51 -29.42
N SER A 1820 -23.00 28.18 -29.58
CA SER A 1820 -24.12 27.32 -29.29
C SER A 1820 -23.67 26.13 -28.45
N PHE A 1821 -24.65 25.48 -27.82
CA PHE A 1821 -24.39 24.68 -26.62
C PHE A 1821 -23.40 23.54 -26.88
N LYS A 1822 -23.33 23.02 -28.11
CA LYS A 1822 -22.35 21.97 -28.40
C LYS A 1822 -20.93 22.51 -28.44
N GLU A 1823 -20.74 23.76 -28.86
CA GLU A 1823 -19.41 24.36 -28.81
C GLU A 1823 -18.97 24.57 -27.36
N PHE A 1824 -19.86 25.08 -26.52
CA PHE A 1824 -19.59 25.14 -25.09
C PHE A 1824 -19.24 23.77 -24.52
N ALA A 1825 -20.05 22.75 -24.85
CA ALA A 1825 -19.78 21.39 -24.37
C ALA A 1825 -18.48 20.80 -24.89
N LEU A 1826 -17.97 21.32 -26.01
CA LEU A 1826 -16.62 20.96 -26.46
C LEU A 1826 -15.54 21.70 -25.67
N SER A 1827 -15.72 23.01 -25.49
CA SER A 1827 -14.74 23.83 -24.79
C SER A 1827 -14.58 23.41 -23.32
N LEU A 1828 -15.68 23.08 -22.66
CA LEU A 1828 -15.63 22.49 -21.33
C LEU A 1828 -15.00 21.10 -21.28
N GLY A 1829 -14.74 20.47 -22.43
CA GLY A 1829 -13.96 19.26 -22.44
C GLY A 1829 -12.49 19.53 -22.72
N HIS A 1830 -12.25 20.48 -23.62
CA HIS A 1830 -10.90 20.90 -23.96
C HIS A 1830 -10.18 21.50 -22.74
N THR A 1831 -10.78 22.54 -22.14
CA THR A 1831 -10.18 23.19 -20.98
C THR A 1831 -9.89 22.20 -19.86
N VAL A 1832 -10.86 21.33 -19.54
CA VAL A 1832 -10.66 20.30 -18.52
C VAL A 1832 -9.58 19.28 -18.90
N ASN A 1833 -9.42 18.99 -20.18
CA ASN A 1833 -8.37 18.04 -20.56
C ASN A 1833 -6.99 18.68 -20.56
N GLU A 1834 -6.90 19.98 -20.83
CA GLU A 1834 -5.67 20.69 -20.51
C GLU A 1834 -5.44 20.68 -19.00
N GLY A 1835 -6.46 21.02 -18.23
CA GLY A 1835 -6.40 21.16 -16.79
C GLY A 1835 -6.08 19.88 -16.04
N VAL A 1836 -6.14 18.73 -16.72
CA VAL A 1836 -5.71 17.48 -16.10
C VAL A 1836 -4.22 17.51 -15.77
N GLY A 1837 -3.45 18.34 -16.46
CA GLY A 1837 -2.09 18.64 -16.03
C GLY A 1837 -2.01 19.30 -14.67
N VAL A 1838 -2.78 20.36 -14.47
CA VAL A 1838 -2.79 21.05 -13.18
C VAL A 1838 -3.35 20.15 -12.09
N LEU A 1839 -4.47 19.50 -12.36
CA LEU A 1839 -5.15 18.71 -11.35
C LEU A 1839 -4.36 17.46 -10.96
N PHE A 1840 -3.62 16.86 -11.89
CA PHE A 1840 -3.05 15.53 -11.62
C PHE A 1840 -1.64 15.35 -12.17
N GLY A 1841 -1.14 16.23 -13.02
CA GLY A 1841 0.15 16.04 -13.65
C GLY A 1841 0.13 15.30 -14.97
N GLY A 1842 -1.03 15.07 -15.57
CA GLY A 1842 -1.10 14.29 -16.78
C GLY A 1842 -1.05 12.79 -16.52
N ALA A 1843 -0.64 12.06 -17.56
CA ALA A 1843 -0.46 10.61 -17.51
C ALA A 1843 -1.68 9.90 -16.92
N MET A 1844 -2.86 10.40 -17.27
CA MET A 1844 -4.09 10.09 -16.53
C MET A 1844 -4.65 8.77 -17.06
N ILE A 1845 -4.16 7.66 -16.52
CA ILE A 1845 -4.58 6.35 -16.99
C ILE A 1845 -6.08 6.16 -16.76
N GLY A 1846 -6.74 5.53 -17.73
CA GLY A 1846 -8.13 5.15 -17.60
C GLY A 1846 -9.14 6.20 -18.01
N LEU A 1847 -8.71 7.25 -18.70
CA LEU A 1847 -9.59 8.38 -18.98
C LEU A 1847 -9.35 8.97 -20.37
N ASP A 1848 -8.18 9.58 -20.58
CA ASP A 1848 -7.98 10.56 -21.64
C ASP A 1848 -7.41 9.97 -22.92
N ALA A 1849 -6.43 9.08 -22.82
CA ALA A 1849 -5.86 8.45 -24.02
C ALA A 1849 -6.81 7.37 -24.50
N TYR A 1850 -7.83 7.80 -25.27
CA TYR A 1850 -9.04 7.04 -25.55
C TYR A 1850 -8.76 5.58 -25.90
N GLU A 1851 -9.23 4.67 -25.05
CA GLU A 1851 -9.02 3.24 -25.23
C GLU A 1851 -9.66 2.75 -26.52
N LEU A 1852 -8.90 1.97 -27.29
CA LEU A 1852 -9.30 1.43 -28.59
C LEU A 1852 -9.65 2.56 -29.57
N ALA A 1853 -10.60 2.30 -30.46
CA ALA A 1853 -11.09 3.30 -31.40
C ALA A 1853 -11.97 4.34 -30.71
N HIS A 1854 -11.82 5.59 -31.15
CA HIS A 1854 -12.73 6.66 -30.75
C HIS A 1854 -14.08 6.49 -31.44
N ALA A 1855 -15.12 7.02 -30.80
CA ALA A 1855 -16.46 7.01 -31.38
C ALA A 1855 -17.26 8.19 -30.85
N GLU A 1856 -16.71 9.39 -30.99
CA GLU A 1856 -17.11 10.54 -30.18
C GLU A 1856 -18.21 11.34 -30.87
N ASN A 1857 -19.00 12.04 -30.05
CA ASN A 1857 -20.32 12.52 -30.41
C ASN A 1857 -20.25 13.88 -31.13
N ASP A 1858 -19.99 14.94 -30.36
CA ASP A 1858 -20.30 16.32 -30.69
C ASP A 1858 -19.48 16.89 -31.84
N VAL A 1859 -18.58 16.12 -32.46
CA VAL A 1859 -17.44 16.68 -33.17
C VAL A 1859 -17.84 17.53 -34.36
N GLN A 1860 -19.09 17.43 -34.82
CA GLN A 1860 -19.57 18.15 -36.00
C GLN A 1860 -18.72 17.81 -37.23
N LYS A 1861 -18.45 16.52 -37.42
CA LYS A 1861 -17.80 16.07 -38.64
C LYS A 1861 -18.74 16.22 -39.84
N ALA A 1862 -18.15 16.54 -40.98
CA ALA A 1862 -18.92 16.74 -42.21
C ALA A 1862 -19.55 15.44 -42.69
N VAL A 1863 -20.70 15.59 -43.35
CA VAL A 1863 -21.53 14.45 -43.70
C VAL A 1863 -20.85 13.57 -44.75
N PHE A 1864 -20.33 14.18 -45.82
CA PHE A 1864 -19.76 13.41 -46.91
C PHE A 1864 -18.44 12.75 -46.54
N GLY A 1865 -17.78 13.21 -45.48
CA GLY A 1865 -16.69 12.44 -44.90
C GLY A 1865 -15.49 12.37 -45.82
N THR A 1866 -14.94 11.15 -45.94
CA THR A 1866 -13.56 10.94 -46.37
C THR A 1866 -13.38 11.09 -47.88
N GLN A 1867 -13.81 10.08 -48.63
CA GLN A 1867 -13.46 9.83 -50.04
C GLN A 1867 -14.06 10.84 -51.01
N LEU A 1868 -14.70 11.92 -50.55
CA LEU A 1868 -15.51 12.77 -51.42
C LEU A 1868 -14.67 13.34 -52.56
N ALA A 1869 -15.16 13.16 -53.79
CA ALA A 1869 -14.55 13.76 -54.98
C ALA A 1869 -15.61 14.59 -55.67
N PHE A 1870 -15.31 15.88 -55.90
CA PHE A 1870 -16.32 16.80 -56.41
C PHE A 1870 -16.73 16.47 -57.85
N ASP A 1871 -15.84 15.87 -58.64
CA ASP A 1871 -16.19 15.48 -60.01
C ASP A 1871 -17.34 14.47 -60.02
N SER A 1872 -17.21 13.41 -59.21
CA SER A 1872 -18.19 12.33 -59.22
C SER A 1872 -19.51 12.77 -58.59
N ALA A 1873 -19.46 13.37 -57.41
CA ALA A 1873 -20.69 13.80 -56.77
C ALA A 1873 -21.36 14.94 -57.53
N SER A 1874 -20.58 15.87 -58.08
CA SER A 1874 -21.20 16.96 -58.84
C SER A 1874 -21.78 16.48 -60.16
N PHE A 1875 -21.21 15.42 -60.75
CA PHE A 1875 -21.84 14.77 -61.90
C PHE A 1875 -23.15 14.11 -61.50
N VAL A 1876 -23.11 13.23 -60.50
CA VAL A 1876 -24.29 12.46 -60.12
C VAL A 1876 -25.42 13.39 -59.69
N THR A 1877 -25.13 14.37 -58.83
CA THR A 1877 -26.14 15.33 -58.38
C THR A 1877 -26.55 16.33 -59.47
N GLY A 1878 -25.75 16.53 -60.51
CA GLY A 1878 -26.26 17.28 -61.65
C GLY A 1878 -27.23 16.47 -62.48
N ALA A 1879 -26.86 15.25 -62.82
CA ALA A 1879 -27.72 14.39 -63.64
C ALA A 1879 -29.01 14.05 -62.91
N ALA A 1880 -28.97 13.92 -61.59
CA ALA A 1880 -30.18 13.75 -60.80
C ALA A 1880 -31.05 15.00 -60.77
N GLY A 1881 -30.49 16.17 -61.06
CA GLY A 1881 -31.19 17.42 -60.96
C GLY A 1881 -31.98 17.82 -62.19
N ILE A 1882 -32.08 16.95 -63.19
CA ILE A 1882 -32.62 17.32 -64.49
C ILE A 1882 -33.26 16.08 -65.13
N GLY A 1883 -34.20 16.33 -66.03
CA GLY A 1883 -34.64 15.36 -67.01
C GLY A 1883 -35.61 14.31 -66.50
N ALA A 1884 -36.13 14.47 -65.29
CA ALA A 1884 -37.22 13.65 -64.75
C ALA A 1884 -36.87 12.18 -64.61
N GLY A 1885 -35.58 11.81 -64.72
CA GLY A 1885 -35.19 10.44 -64.45
C GLY A 1885 -34.74 10.20 -63.02
N LEU A 1886 -34.84 8.94 -62.62
CA LEU A 1886 -34.15 8.43 -61.43
C LEU A 1886 -32.66 8.21 -61.74
N VAL A 1887 -31.89 8.03 -60.67
CA VAL A 1887 -30.46 7.74 -60.77
C VAL A 1887 -30.17 6.50 -59.95
N GLY A 1888 -29.42 5.57 -60.53
CA GLY A 1888 -29.03 4.35 -59.83
C GLY A 1888 -30.17 3.41 -59.50
N ALA A 1889 -31.20 3.36 -60.34
CA ALA A 1889 -32.40 2.59 -60.05
C ALA A 1889 -32.37 1.26 -60.80
N SER A 1890 -33.05 0.26 -60.22
CA SER A 1890 -33.24 -1.03 -60.85
C SER A 1890 -34.62 -1.09 -61.49
N THR A 1891 -34.71 -1.77 -62.64
CA THR A 1891 -35.94 -1.78 -63.43
C THR A 1891 -36.76 -3.04 -63.23
N ALA A 1892 -36.12 -4.20 -63.10
CA ALA A 1892 -36.84 -5.46 -62.97
C ALA A 1892 -37.51 -5.54 -61.60
N GLY A 1893 -36.70 -5.62 -60.54
CA GLY A 1893 -37.18 -5.25 -59.22
C GLY A 1893 -37.18 -3.74 -59.04
N ALA A 1894 -38.21 -3.25 -58.36
CA ALA A 1894 -38.37 -1.81 -58.14
C ALA A 1894 -37.77 -1.44 -56.79
N VAL A 1895 -36.51 -1.00 -56.81
CA VAL A 1895 -35.74 -0.73 -55.60
C VAL A 1895 -34.67 0.28 -56.00
N LEU A 1896 -34.23 1.09 -55.06
CA LEU A 1896 -33.14 2.03 -55.29
C LEU A 1896 -31.82 1.49 -54.73
N GLY A 1897 -30.76 1.66 -55.52
CA GLY A 1897 -29.40 1.58 -55.02
C GLY A 1897 -28.92 0.21 -54.58
N GLY A 1898 -29.68 -0.85 -54.83
CA GLY A 1898 -29.30 -2.14 -54.31
C GLY A 1898 -29.47 -2.23 -52.81
N ALA A 1899 -30.69 -2.00 -52.31
CA ALA A 1899 -30.94 -1.89 -50.88
C ALA A 1899 -30.52 -3.12 -50.09
N GLY A 1900 -30.17 -4.23 -50.73
CA GLY A 1900 -29.57 -5.34 -50.03
C GLY A 1900 -28.18 -5.04 -49.49
N VAL A 1901 -27.48 -4.10 -50.09
CA VAL A 1901 -26.31 -3.48 -49.47
C VAL A 1901 -26.76 -2.38 -48.52
N ILE A 1902 -26.29 -2.44 -47.28
CA ILE A 1902 -26.83 -1.61 -46.22
C ILE A 1902 -25.77 -0.71 -45.58
N LEU A 1903 -24.49 -0.95 -45.83
CA LEU A 1903 -23.42 -0.13 -45.28
C LEU A 1903 -22.30 -0.01 -46.31
N GLY A 1904 -21.68 1.16 -46.35
CA GLY A 1904 -20.51 1.37 -47.18
C GLY A 1904 -20.18 2.85 -47.24
N GLY A 1905 -19.18 3.16 -48.08
CA GLY A 1905 -18.78 4.55 -48.24
C GLY A 1905 -19.83 5.34 -49.02
N LEU A 1906 -20.26 6.46 -48.45
CA LEU A 1906 -21.29 7.29 -49.08
C LEU A 1906 -20.84 7.79 -50.45
N ALA A 1907 -19.66 8.40 -50.50
CA ALA A 1907 -19.09 8.98 -51.72
C ALA A 1907 -18.49 7.97 -52.68
N VAL A 1908 -18.28 6.72 -52.27
CA VAL A 1908 -17.95 5.67 -53.24
C VAL A 1908 -19.09 5.47 -54.23
N GLY A 1909 -20.33 5.59 -53.77
CA GLY A 1909 -21.47 5.44 -54.66
C GLY A 1909 -21.46 6.44 -55.81
N PHE A 1910 -21.02 7.67 -55.53
CA PHE A 1910 -20.90 8.68 -56.58
C PHE A 1910 -19.83 8.30 -57.61
N THR A 1911 -18.77 7.63 -57.19
CA THR A 1911 -17.77 7.12 -58.12
C THR A 1911 -18.34 6.00 -58.97
N ALA A 1912 -18.93 5.00 -58.31
CA ALA A 1912 -19.51 3.86 -59.01
C ALA A 1912 -20.57 4.29 -60.03
N LEU A 1913 -21.38 5.29 -59.71
CA LEU A 1913 -22.32 5.85 -60.68
C LEU A 1913 -21.62 6.62 -61.80
N ALA A 1914 -20.71 7.54 -61.46
CA ALA A 1914 -20.09 8.35 -62.49
C ALA A 1914 -19.27 7.52 -63.47
N GLN A 1915 -18.64 6.44 -63.01
CA GLN A 1915 -17.82 5.63 -63.91
C GLN A 1915 -18.67 4.92 -64.95
N ALA A 1916 -19.79 4.34 -64.50
CA ALA A 1916 -20.72 3.69 -65.41
C ALA A 1916 -21.34 4.67 -66.39
N PHE A 1917 -21.80 5.83 -65.91
CA PHE A 1917 -22.41 6.75 -66.85
C PHE A 1917 -21.39 7.44 -67.75
N GLY A 1918 -20.12 7.54 -67.35
CA GLY A 1918 -19.07 7.90 -68.28
C GLY A 1918 -18.82 6.86 -69.36
N ALA A 1919 -18.82 5.58 -68.98
CA ALA A 1919 -18.69 4.52 -69.96
C ALA A 1919 -19.85 4.48 -70.95
N VAL A 1920 -21.06 4.79 -70.49
CA VAL A 1920 -22.18 4.90 -71.43
C VAL A 1920 -22.07 6.17 -72.27
N ALA A 1921 -21.61 7.28 -71.67
CA ALA A 1921 -21.50 8.54 -72.39
C ALA A 1921 -20.48 8.47 -73.52
N GLU A 1922 -19.39 7.73 -73.31
CA GLU A 1922 -18.36 7.65 -74.36
C GLU A 1922 -18.87 6.86 -75.55
N ASP A 1923 -19.58 5.76 -75.33
CA ASP A 1923 -20.21 5.04 -76.43
C ASP A 1923 -21.23 5.92 -77.16
N ALA A 1924 -22.09 6.60 -76.39
CA ALA A 1924 -23.08 7.49 -77.00
C ALA A 1924 -22.42 8.55 -77.87
N LYS A 1925 -21.33 9.15 -77.38
CA LYS A 1925 -20.61 10.13 -78.17
C LYS A 1925 -19.99 9.50 -79.41
N ALA A 1926 -19.46 8.28 -79.29
CA ALA A 1926 -18.91 7.61 -80.47
C ALA A 1926 -19.98 7.42 -81.56
N VAL A 1927 -21.17 7.02 -81.16
CA VAL A 1927 -22.29 6.89 -82.10
C VAL A 1927 -22.64 8.24 -82.71
N GLY A 1928 -22.66 9.29 -81.89
CA GLY A 1928 -22.89 10.62 -82.43
C GLY A 1928 -21.85 11.00 -83.46
N ARG A 1929 -20.57 10.83 -83.12
CA ARG A 1929 -19.49 11.16 -84.04
C ARG A 1929 -19.56 10.36 -85.32
N TYR A 1930 -20.10 9.14 -85.26
CA TYR A 1930 -20.39 8.37 -86.47
C TYR A 1930 -21.43 9.07 -87.33
N PHE A 1931 -22.61 9.36 -86.77
CA PHE A 1931 -23.61 9.98 -87.62
C PHE A 1931 -23.19 11.38 -88.08
N ASP A 1932 -22.37 12.07 -87.28
CA ASP A 1932 -21.71 13.30 -87.72
C ASP A 1932 -20.86 13.06 -88.97
N THR A 1933 -20.05 12.00 -88.95
CA THR A 1933 -19.21 11.66 -90.10
C THR A 1933 -20.03 11.29 -91.32
N VAL A 1934 -21.16 10.61 -91.12
CA VAL A 1934 -22.07 10.31 -92.22
C VAL A 1934 -22.68 11.57 -92.80
N ASP A 1935 -23.10 12.50 -91.96
CA ASP A 1935 -23.63 13.77 -92.47
C ASP A 1935 -22.54 14.54 -93.23
N LYS A 1936 -21.35 14.66 -92.63
CA LYS A 1936 -20.22 15.32 -93.27
C LYS A 1936 -19.79 14.62 -94.55
N ALA A 1937 -20.15 13.36 -94.74
CA ALA A 1937 -19.88 12.69 -96.00
C ALA A 1937 -20.94 13.02 -97.05
N TYR A 1938 -22.21 12.95 -96.66
CA TYR A 1938 -23.27 13.31 -97.61
C TYR A 1938 -23.29 14.82 -97.86
N LYS A 1939 -22.95 15.62 -96.87
CA LYS A 1939 -22.65 17.04 -97.10
C LYS A 1939 -21.53 17.20 -98.11
N GLY A 1940 -21.75 18.08 -99.09
CA GLY A 1940 -20.84 18.28 -100.20
C GLY A 1940 -20.75 17.13 -101.18
N ASN A 1941 -21.76 16.25 -101.20
CA ASN A 1941 -21.95 15.19 -102.19
C ASN A 1941 -20.72 14.29 -102.33
N GLY A 1942 -20.30 13.72 -101.20
CA GLY A 1942 -19.52 12.50 -101.22
C GLY A 1942 -18.07 12.62 -101.65
N TYR A 1943 -17.63 13.76 -102.19
CA TYR A 1943 -16.31 13.86 -102.77
C TYR A 1943 -15.69 15.22 -102.48
N ARG A 1944 -14.36 15.24 -102.44
CA ARG A 1944 -13.59 16.48 -102.51
C ARG A 1944 -12.52 16.36 -103.58
N TYR A 1945 -12.07 17.51 -104.07
CA TYR A 1945 -10.88 17.62 -104.92
C TYR A 1945 -9.74 18.22 -104.11
N ASP A 1946 -8.58 17.56 -104.14
CA ASP A 1946 -7.39 18.10 -103.48
C ASP A 1946 -6.71 19.09 -104.41
N ASN A 1947 -7.08 20.37 -104.28
CA ASN A 1947 -6.57 21.41 -105.17
C ASN A 1947 -5.06 21.57 -105.11
N GLU A 1948 -4.41 21.09 -104.06
CA GLU A 1948 -2.95 21.16 -103.98
C GLU A 1948 -2.26 20.07 -104.79
N LYS A 1949 -2.92 18.93 -105.03
CA LYS A 1949 -2.22 17.83 -105.68
C LYS A 1949 -3.12 17.01 -106.61
N GLN A 1950 -4.27 17.53 -107.02
CA GLN A 1950 -4.95 17.10 -108.24
C GLN A 1950 -5.48 15.66 -108.16
N VAL A 1951 -6.05 15.28 -107.03
CA VAL A 1951 -6.66 13.96 -106.88
C VAL A 1951 -8.09 14.14 -106.43
N LEU A 1952 -8.98 13.31 -106.97
CA LEU A 1952 -10.36 13.19 -106.49
C LEU A 1952 -10.47 12.05 -105.49
N VAL A 1953 -10.91 12.37 -104.27
CA VAL A 1953 -10.83 11.43 -103.16
C VAL A 1953 -12.22 11.27 -102.53
N PRO A 1954 -12.68 10.04 -102.35
CA PRO A 1954 -14.02 9.84 -101.77
C PRO A 1954 -14.06 10.12 -100.28
N LEU A 1955 -15.14 10.74 -99.84
CA LEU A 1955 -15.35 11.00 -98.42
C LEU A 1955 -15.70 9.70 -97.68
N ALA A 1956 -15.56 9.76 -96.35
CA ALA A 1956 -15.41 8.56 -95.54
C ALA A 1956 -16.64 7.67 -95.58
N GLY A 1957 -17.84 8.27 -95.51
CA GLY A 1957 -19.01 7.51 -95.11
C GLY A 1957 -20.15 7.37 -96.11
N ALA A 1958 -20.16 8.15 -97.19
CA ALA A 1958 -21.29 8.05 -98.11
C ALA A 1958 -21.23 6.74 -98.89
N VAL A 1959 -22.39 6.36 -99.44
CA VAL A 1959 -22.50 5.24 -100.36
C VAL A 1959 -23.13 5.73 -101.66
N ILE A 1960 -22.82 5.01 -102.75
CA ILE A 1960 -22.96 5.53 -104.10
C ILE A 1960 -23.34 4.38 -105.01
N LYS A 1961 -24.17 4.68 -106.01
CA LYS A 1961 -24.48 3.72 -107.07
C LYS A 1961 -23.50 3.81 -108.24
N THR A 1962 -23.27 5.00 -108.77
CA THR A 1962 -22.41 5.12 -109.94
C THR A 1962 -21.85 6.53 -110.05
N LEU A 1963 -20.72 6.63 -110.75
CA LEU A 1963 -20.17 7.89 -111.24
C LEU A 1963 -20.44 7.99 -112.74
N ASP A 1964 -21.33 8.91 -113.11
CA ASP A 1964 -21.47 9.32 -114.52
C ASP A 1964 -20.39 10.35 -114.86
N LEU A 1965 -19.14 9.90 -114.77
CA LEU A 1965 -18.00 10.81 -114.72
C LEU A 1965 -17.88 11.66 -115.98
N SER A 1966 -18.30 11.13 -117.13
CA SER A 1966 -18.41 11.95 -118.33
C SER A 1966 -19.32 13.15 -118.09
N LYS A 1967 -20.47 12.93 -117.46
CA LYS A 1967 -21.34 14.02 -117.03
C LYS A 1967 -20.87 14.68 -115.74
N ASN A 1968 -19.83 14.14 -115.10
CA ASN A 1968 -19.37 14.60 -113.79
C ASN A 1968 -20.50 14.56 -112.76
N GLN A 1969 -21.32 13.51 -112.84
CA GLN A 1969 -22.60 13.44 -112.13
C GLN A 1969 -22.65 12.19 -111.28
N ILE A 1970 -23.05 12.36 -110.03
CA ILE A 1970 -22.86 11.36 -108.98
C ILE A 1970 -24.23 10.90 -108.52
N ASP A 1971 -24.39 9.59 -108.34
CA ASP A 1971 -25.71 8.99 -108.13
C ASP A 1971 -25.68 8.19 -106.84
N PHE A 1972 -26.47 8.62 -105.87
CA PHE A 1972 -26.34 8.26 -104.46
C PHE A 1972 -27.14 7.00 -104.13
N ASP A 1973 -26.96 6.55 -102.88
CA ASP A 1973 -27.60 5.36 -102.36
C ASP A 1973 -27.81 5.56 -100.87
N SER A 1974 -28.81 4.88 -100.31
CA SER A 1974 -29.09 4.96 -98.88
C SER A 1974 -28.51 3.75 -98.14
N GLN A 1975 -28.27 3.95 -96.85
CA GLN A 1975 -28.09 2.89 -95.88
C GLN A 1975 -29.37 2.68 -95.08
N TYR A 1976 -29.69 1.42 -94.77
CA TYR A 1976 -30.97 1.08 -94.18
C TYR A 1976 -30.78 0.76 -92.71
N ILE A 1977 -31.72 1.22 -91.88
CA ILE A 1977 -31.72 0.98 -90.45
C ILE A 1977 -32.98 0.21 -90.08
N TYR A 1978 -32.84 -0.83 -89.27
CA TYR A 1978 -33.97 -1.67 -88.88
C TYR A 1978 -35.05 -0.84 -88.18
N ARG A 1979 -36.28 -1.34 -88.24
CA ARG A 1979 -37.43 -0.64 -87.67
C ARG A 1979 -37.53 -0.85 -86.16
N THR A 1980 -37.96 0.19 -85.45
CA THR A 1980 -38.38 0.08 -84.07
C THR A 1980 -39.76 -0.57 -83.95
N HIS A 1981 -39.93 -1.44 -82.96
CA HIS A 1981 -41.22 -2.03 -82.64
C HIS A 1981 -41.33 -2.19 -81.13
N SER A 1982 -42.56 -2.37 -80.65
CA SER A 1982 -42.80 -2.48 -79.22
C SER A 1982 -44.14 -3.16 -78.99
N GLY A 1983 -44.36 -3.58 -77.74
CA GLY A 1983 -45.69 -3.81 -77.21
C GLY A 1983 -46.50 -2.54 -77.04
N SER A 1984 -47.72 -2.72 -76.52
CA SER A 1984 -48.72 -1.66 -76.50
C SER A 1984 -49.34 -1.44 -75.12
N THR A 1985 -48.78 -2.06 -74.07
CA THR A 1985 -49.29 -1.86 -72.71
C THR A 1985 -49.08 -0.45 -72.21
N GLY A 1986 -48.22 0.34 -72.87
CA GLY A 1986 -48.06 1.73 -72.52
C GLY A 1986 -49.26 2.58 -72.91
N SER A 1987 -49.72 2.43 -74.16
CA SER A 1987 -50.87 3.19 -74.63
C SER A 1987 -52.21 2.56 -74.26
N GLY A 1988 -52.24 1.26 -73.98
CA GLY A 1988 -53.49 0.60 -73.62
C GLY A 1988 -53.30 -0.76 -72.99
N LYS A 1989 -54.19 -1.68 -73.30
CA LYS A 1989 -54.16 -3.07 -72.78
C LYS A 1989 -54.06 -3.01 -71.25
N ILE A 1990 -53.19 -3.79 -70.62
CA ILE A 1990 -52.97 -3.71 -69.19
C ILE A 1990 -52.14 -2.48 -68.85
N ASN A 1991 -52.80 -1.31 -68.83
CA ASN A 1991 -52.19 -0.02 -69.11
C ASN A 1991 -51.42 0.55 -67.91
N TYR A 1992 -51.61 0.00 -66.72
CA TYR A 1992 -51.23 0.73 -65.51
C TYR A 1992 -49.72 0.65 -65.24
N PHE A 1993 -49.23 -0.52 -64.83
CA PHE A 1993 -47.83 -0.63 -64.45
C PHE A 1993 -46.93 -0.68 -65.67
N PHE A 1994 -45.68 -0.25 -65.47
CA PHE A 1994 -44.63 -0.32 -66.48
C PHE A 1994 -44.10 -1.75 -66.56
N TRP A 1995 -44.61 -2.52 -67.52
CA TRP A 1995 -44.07 -3.84 -67.78
C TRP A 1995 -42.58 -3.78 -68.11
N VAL A 1996 -41.88 -4.85 -67.78
CA VAL A 1996 -40.43 -4.89 -67.99
C VAL A 1996 -40.10 -5.06 -69.46
N GLY A 1997 -40.69 -6.07 -70.10
CA GLY A 1997 -40.38 -6.42 -71.48
C GLY A 1997 -41.01 -5.54 -72.53
N ASP A 1998 -41.97 -4.70 -72.16
CA ASP A 1998 -42.64 -3.79 -73.09
C ASP A 1998 -41.79 -2.54 -73.31
N PHE A 1999 -40.63 -2.75 -73.92
CA PHE A 1999 -39.64 -1.72 -74.19
C PHE A 1999 -39.35 -1.72 -75.69
N PRO A 2000 -39.05 -0.56 -76.28
CA PRO A 2000 -38.76 -0.52 -77.72
C PRO A 2000 -37.66 -1.50 -78.13
N ARG A 2001 -37.92 -2.21 -79.23
CA ARG A 2001 -37.04 -3.27 -79.71
C ARG A 2001 -36.96 -3.20 -81.23
N MET A 2002 -36.10 -4.02 -81.80
CA MET A 2002 -35.64 -3.88 -83.17
C MET A 2002 -36.32 -4.94 -84.04
N VAL A 2003 -36.87 -4.51 -85.17
CA VAL A 2003 -37.37 -5.42 -86.19
C VAL A 2003 -36.19 -6.00 -86.95
N HIS A 2004 -35.98 -7.31 -86.81
CA HIS A 2004 -34.80 -7.98 -87.35
C HIS A 2004 -34.84 -8.13 -88.87
N ASP A 2005 -35.91 -7.74 -89.54
CA ASP A 2005 -36.20 -8.21 -90.89
C ASP A 2005 -35.97 -7.13 -91.93
N ARG A 2006 -35.12 -7.43 -92.91
CA ARG A 2006 -34.71 -6.49 -93.95
C ARG A 2006 -35.91 -5.93 -94.71
N GLY A 2007 -36.99 -6.71 -94.83
CA GLY A 2007 -38.18 -6.28 -95.52
C GLY A 2007 -38.81 -4.99 -95.02
N GLN A 2008 -38.62 -4.66 -93.74
CA GLN A 2008 -39.14 -3.41 -93.19
C GLN A 2008 -38.07 -2.70 -92.37
N ALA A 2009 -37.28 -1.89 -93.08
CA ALA A 2009 -36.27 -1.01 -92.50
C ALA A 2009 -36.52 0.40 -93.04
N ILE A 2010 -36.19 1.40 -92.23
CA ILE A 2010 -36.29 2.79 -92.70
C ILE A 2010 -35.24 3.01 -93.79
N GLU A 2011 -35.70 3.11 -95.03
CA GLU A 2011 -34.94 2.78 -96.21
C GLU A 2011 -34.18 3.95 -96.83
N VAL A 2012 -34.09 5.10 -96.15
CA VAL A 2012 -33.70 6.34 -96.80
C VAL A 2012 -32.72 7.11 -95.92
N ARG A 2013 -31.69 7.67 -96.56
CA ARG A 2013 -30.81 8.64 -95.93
C ARG A 2013 -31.52 9.97 -95.67
N SER A 2014 -32.49 10.32 -96.51
CA SER A 2014 -32.95 11.71 -96.66
C SER A 2014 -33.43 12.33 -95.35
N GLY A 2015 -33.84 11.52 -94.37
CA GLY A 2015 -34.12 12.05 -93.04
C GLY A 2015 -32.97 12.80 -92.40
N ILE A 2016 -31.75 12.65 -92.90
CA ILE A 2016 -30.66 13.53 -92.48
C ILE A 2016 -30.90 14.97 -92.88
N GLY A 2017 -31.71 15.22 -93.90
CA GLY A 2017 -32.24 16.57 -94.11
C GLY A 2017 -32.47 16.97 -95.56
N TYR A 2018 -32.11 16.11 -96.51
CA TYR A 2018 -32.18 16.49 -97.92
C TYR A 2018 -32.26 15.24 -98.77
N LYS A 2019 -32.81 15.41 -99.98
CA LYS A 2019 -32.96 14.32 -100.94
C LYS A 2019 -32.50 14.75 -102.32
N ASP A 2020 -31.92 13.80 -103.04
CA ASP A 2020 -31.58 13.97 -104.46
C ASP A 2020 -31.49 12.59 -105.09
N VAL A 2021 -31.52 12.56 -106.43
CA VAL A 2021 -30.94 11.46 -107.17
C VAL A 2021 -29.47 11.73 -107.53
N SER A 2022 -29.18 12.88 -108.13
CA SER A 2022 -27.84 13.15 -108.63
C SER A 2022 -27.51 14.63 -108.41
N ARG A 2023 -26.20 14.91 -108.37
CA ARG A 2023 -25.70 16.27 -108.21
C ARG A 2023 -24.42 16.43 -109.02
N PRO A 2024 -24.11 17.66 -109.44
CA PRO A 2024 -22.83 17.90 -110.11
C PRO A 2024 -21.66 17.94 -109.12
N LEU A 2025 -20.53 17.40 -109.53
CA LEU A 2025 -19.29 17.55 -108.78
C LEU A 2025 -18.54 18.78 -109.28
N GLU A 2026 -17.91 19.49 -108.34
CA GLU A 2026 -17.57 20.90 -108.58
C GLU A 2026 -16.32 21.06 -109.43
N HIS A 2027 -15.30 20.25 -109.21
CA HIS A 2027 -14.00 20.55 -109.81
C HIS A 2027 -13.42 19.43 -110.64
N GLY A 2028 -13.51 18.18 -110.18
CA GLY A 2028 -12.68 17.12 -110.72
C GLY A 2028 -12.95 16.70 -112.15
N ASP A 2029 -11.97 16.94 -113.02
CA ASP A 2029 -11.91 16.30 -114.32
C ASP A 2029 -10.47 16.38 -114.83
N SER A 2030 -10.19 15.56 -115.84
CA SER A 2030 -8.85 15.44 -116.43
C SER A 2030 -7.79 15.26 -115.35
N ASN A 2031 -7.99 14.22 -114.54
CA ASN A 2031 -7.49 14.18 -113.18
C ASN A 2031 -7.07 12.76 -112.86
N VAL A 2032 -6.97 12.45 -111.57
CA VAL A 2032 -6.91 11.09 -111.07
C VAL A 2032 -8.05 10.92 -110.08
N VAL A 2033 -8.60 9.70 -110.01
CA VAL A 2033 -9.75 9.42 -109.17
C VAL A 2033 -9.43 8.20 -108.32
N ILE A 2034 -9.70 8.31 -107.02
CA ILE A 2034 -9.80 7.18 -106.12
C ILE A 2034 -11.24 6.70 -106.11
N LEU A 2035 -11.44 5.40 -106.14
CA LEU A 2035 -12.81 4.96 -106.29
C LEU A 2035 -13.45 4.68 -104.93
N PRO A 2036 -14.77 4.87 -104.82
CA PRO A 2036 -15.45 4.71 -103.53
C PRO A 2036 -15.20 3.34 -102.92
N GLY A 2037 -15.09 3.31 -101.59
CA GLY A 2037 -14.52 2.18 -100.90
C GLY A 2037 -15.27 1.73 -99.65
N THR A 2038 -16.56 2.02 -99.56
CA THR A 2038 -17.37 1.44 -98.50
C THR A 2038 -18.67 0.86 -99.07
N PRO A 2039 -19.00 -0.37 -98.71
CA PRO A 2039 -20.24 -1.00 -99.20
C PRO A 2039 -21.49 -0.43 -98.53
N LYS A 2040 -22.63 -0.87 -99.03
CA LYS A 2040 -23.92 -0.62 -98.41
C LYS A 2040 -24.06 -1.47 -97.15
N SER A 2041 -24.87 -0.97 -96.20
CA SER A 2041 -24.95 -1.56 -94.87
C SER A 2041 -26.39 -1.61 -94.40
N TYR A 2042 -26.69 -2.64 -93.62
CA TYR A 2042 -27.86 -2.67 -92.74
C TYR A 2042 -27.40 -2.43 -91.30
N ILE A 2043 -27.93 -1.38 -90.68
CA ILE A 2043 -27.49 -0.93 -89.37
C ILE A 2043 -28.42 -1.46 -88.30
N SER A 2044 -27.88 -2.26 -87.38
CA SER A 2044 -28.54 -2.63 -86.14
C SER A 2044 -28.26 -1.58 -85.07
N TYR A 2045 -29.04 -1.61 -83.99
CA TYR A 2045 -28.80 -0.70 -82.88
C TYR A 2045 -29.14 -1.37 -81.56
N GLU A 2046 -28.65 -0.76 -80.48
CA GLU A 2046 -28.78 -1.27 -79.12
C GLU A 2046 -28.86 -0.10 -78.16
N TYR A 2047 -29.67 -0.23 -77.11
CA TYR A 2047 -30.06 0.90 -76.28
C TYR A 2047 -29.51 0.74 -74.86
N MET A 2048 -29.21 1.87 -74.22
CA MET A 2048 -28.74 1.86 -72.84
C MET A 2048 -29.18 3.14 -72.14
N LEU A 2049 -29.34 3.03 -70.82
CA LEU A 2049 -29.78 4.13 -69.97
C LEU A 2049 -28.68 5.17 -69.79
N LEU A 2050 -28.98 6.43 -70.12
CA LEU A 2050 -28.00 7.49 -70.04
C LEU A 2050 -28.63 8.82 -69.64
N PRO A 2051 -28.35 9.29 -68.41
CA PRO A 2051 -28.96 10.53 -67.92
C PRO A 2051 -28.63 11.73 -68.81
N GLY A 2052 -29.66 12.50 -69.13
CA GLY A 2052 -29.52 13.68 -69.98
C GLY A 2052 -29.52 13.40 -71.48
N ALA A 2053 -29.64 12.13 -71.89
CA ALA A 2053 -29.59 11.81 -73.32
C ALA A 2053 -30.64 12.59 -74.12
N THR A 2054 -31.76 12.94 -73.49
CA THR A 2054 -32.76 13.77 -74.16
C THR A 2054 -32.35 15.22 -74.31
N THR A 2055 -31.32 15.66 -73.60
CA THR A 2055 -31.07 17.07 -73.38
C THR A 2055 -29.65 17.50 -73.73
N ARG A 2056 -28.70 16.57 -73.77
CA ARG A 2056 -27.35 16.87 -74.25
C ARG A 2056 -27.38 17.33 -75.70
N HIS A 2057 -26.42 18.17 -76.06
CA HIS A 2057 -26.14 18.48 -77.46
C HIS A 2057 -24.65 18.22 -77.71
N ASP A 2058 -24.37 17.14 -78.44
CA ASP A 2058 -23.02 16.69 -78.71
C ASP A 2058 -22.91 16.35 -80.20
N ALA A 2059 -21.66 16.18 -80.64
CA ALA A 2059 -21.31 16.03 -82.05
C ALA A 2059 -22.17 14.99 -82.76
N GLY A 2060 -23.00 15.44 -83.71
CA GLY A 2060 -23.82 14.58 -84.53
C GLY A 2060 -25.10 14.07 -83.91
N PHE A 2061 -25.34 14.34 -82.61
CA PHE A 2061 -26.61 13.91 -82.01
C PHE A 2061 -27.80 14.50 -82.76
N ASP A 2062 -27.67 15.74 -83.23
CA ASP A 2062 -28.73 16.38 -84.00
C ASP A 2062 -29.11 15.57 -85.24
N VAL A 2063 -28.14 14.92 -85.88
CA VAL A 2063 -28.43 14.06 -87.02
C VAL A 2063 -29.37 12.93 -86.62
N ILE A 2064 -29.16 12.35 -85.44
CA ILE A 2064 -30.02 11.26 -84.99
C ILE A 2064 -31.38 11.81 -84.58
N ARG A 2065 -31.40 12.97 -83.93
CA ARG A 2065 -32.66 13.64 -83.58
C ARG A 2065 -33.51 13.96 -84.81
N ARG A 2066 -32.87 14.26 -85.94
CA ARG A 2066 -33.61 14.43 -87.19
C ARG A 2066 -34.23 13.14 -87.69
N LEU A 2067 -33.61 11.99 -87.43
CA LEU A 2067 -34.10 10.74 -87.98
C LEU A 2067 -35.27 10.17 -87.19
N GLU A 2068 -35.24 10.28 -85.87
CA GLU A 2068 -36.30 9.75 -85.02
C GLU A 2068 -37.64 10.47 -85.18
N GLU A 2069 -37.71 11.54 -85.97
CA GLU A 2069 -38.99 12.17 -86.27
C GLU A 2069 -39.97 11.25 -86.99
N ASP A 2070 -39.52 10.13 -87.55
CA ASP A 2070 -40.41 9.12 -88.11
C ASP A 2070 -40.52 7.91 -87.18
N LYS A 2071 -41.75 7.57 -86.81
CA LYS A 2071 -42.00 6.58 -85.77
C LYS A 2071 -41.37 5.23 -86.06
N ARG A 2072 -41.04 4.96 -87.33
CA ARG A 2072 -40.27 3.79 -87.72
C ARG A 2072 -39.00 3.60 -86.90
N PHE A 2073 -38.48 4.66 -86.31
CA PHE A 2073 -37.25 4.64 -85.51
C PHE A 2073 -37.40 5.70 -84.44
N ASP A 2074 -36.95 5.39 -83.22
CA ASP A 2074 -37.01 6.37 -82.14
C ASP A 2074 -35.67 6.51 -81.42
N TYR A 2075 -35.28 7.76 -81.23
CA TYR A 2075 -34.16 8.18 -80.41
C TYR A 2075 -34.64 9.43 -79.66
N ASP A 2076 -33.92 9.81 -78.60
CA ASP A 2076 -34.29 10.98 -77.81
C ASP A 2076 -35.69 10.80 -77.23
N PHE A 2077 -35.80 9.80 -76.35
CA PHE A 2077 -37.08 9.37 -75.82
C PHE A 2077 -36.88 8.93 -74.37
N TYR A 2078 -37.99 8.86 -73.64
CA TYR A 2078 -37.96 8.59 -72.20
C TYR A 2078 -38.89 7.43 -71.86
N ILE A 2079 -38.45 6.60 -70.93
CA ILE A 2079 -39.24 5.51 -70.37
C ILE A 2079 -39.03 5.54 -68.86
N PHE A 2080 -39.99 4.93 -68.13
CA PHE A 2080 -40.08 4.99 -66.66
C PHE A 2080 -38.73 5.00 -65.95
N PRO A 2081 -37.79 4.06 -66.17
CA PRO A 2081 -36.56 4.07 -65.37
C PRO A 2081 -35.69 5.28 -65.65
N GLY A 2082 -35.78 5.86 -66.83
CA GLY A 2082 -34.98 7.04 -67.14
C GLY A 2082 -34.77 7.18 -68.64
N GLU A 2083 -33.91 8.13 -68.98
CA GLU A 2083 -33.58 8.41 -70.37
C GLU A 2083 -32.77 7.26 -70.97
N GLU A 2084 -33.12 6.88 -72.19
CA GLU A 2084 -32.47 5.77 -72.89
C GLU A 2084 -31.85 6.28 -74.19
N THR A 2085 -30.71 5.69 -74.55
CA THR A 2085 -29.98 6.14 -75.73
C THR A 2085 -29.32 4.94 -76.40
N ILE A 2086 -29.04 5.11 -77.70
CA ILE A 2086 -28.32 4.11 -78.48
C ILE A 2086 -26.88 3.96 -77.97
N ARG A 2087 -26.57 2.79 -77.39
CA ARG A 2087 -25.23 2.56 -76.90
C ARG A 2087 -24.23 2.36 -78.04
N ARG A 2088 -24.55 1.48 -78.99
CA ARG A 2088 -23.60 1.13 -80.03
C ARG A 2088 -24.34 0.65 -81.28
N ILE A 2089 -23.57 0.46 -82.35
CA ILE A 2089 -24.08 0.14 -83.68
C ILE A 2089 -23.53 -1.24 -84.06
N HIS A 2090 -24.31 -1.98 -84.85
CA HIS A 2090 -23.77 -3.10 -85.63
C HIS A 2090 -24.14 -2.94 -87.09
N HIS A 2091 -23.16 -3.14 -87.96
CA HIS A 2091 -23.36 -3.11 -89.41
C HIS A 2091 -23.47 -4.53 -89.96
N GLU A 2092 -24.48 -4.77 -90.79
CA GLU A 2092 -24.49 -5.88 -91.73
C GLU A 2092 -24.30 -5.32 -93.13
N TYR A 2093 -23.24 -5.77 -93.81
CA TYR A 2093 -22.93 -5.32 -95.16
C TYR A 2093 -23.62 -6.18 -96.22
N VAL A 2094 -23.98 -5.54 -97.32
CA VAL A 2094 -24.65 -6.19 -98.45
C VAL A 2094 -23.84 -5.91 -99.72
N ASP A 2095 -23.81 -6.89 -100.62
CA ASP A 2095 -23.03 -6.80 -101.85
C ASP A 2095 -23.40 -5.55 -102.64
N THR A 2096 -22.38 -4.74 -102.96
CA THR A 2096 -22.55 -3.38 -103.47
C THR A 2096 -21.88 -3.26 -104.83
N PRO A 2097 -22.64 -3.37 -105.93
CA PRO A 2097 -22.10 -2.96 -107.23
C PRO A 2097 -22.18 -1.45 -107.45
N ILE A 2098 -21.07 -0.78 -107.11
CA ILE A 2098 -20.69 0.49 -107.73
C ILE A 2098 -20.33 0.29 -109.20
N GLU A 2099 -20.74 1.24 -110.04
CA GLU A 2099 -20.37 1.31 -111.44
C GLU A 2099 -19.62 2.60 -111.72
N VAL A 2100 -18.74 2.56 -112.72
CA VAL A 2100 -18.01 3.73 -113.20
C VAL A 2100 -18.18 3.83 -114.70
N VAL A 2101 -18.50 5.02 -115.19
CA VAL A 2101 -18.60 5.32 -116.62
C VAL A 2101 -17.59 6.40 -116.96
N LEU A 2102 -16.56 6.04 -117.74
CA LEU A 2102 -15.40 6.88 -117.99
C LEU A 2102 -15.67 7.82 -119.17
N ASP A 2103 -14.66 8.64 -119.48
CA ASP A 2103 -14.73 9.56 -120.61
C ASP A 2103 -13.39 9.59 -121.34
N GLN A 2104 -13.41 10.20 -122.53
CA GLN A 2104 -12.29 10.22 -123.46
C GLN A 2104 -11.09 11.03 -122.98
N ARG A 2105 -10.71 10.86 -121.71
CA ARG A 2105 -9.51 11.49 -121.17
C ARG A 2105 -8.71 10.44 -120.42
N ASN A 2106 -7.39 10.46 -120.63
CA ASN A 2106 -6.50 9.40 -120.12
C ASN A 2106 -6.24 9.58 -118.63
N ARG A 2107 -7.32 9.60 -117.86
CA ARG A 2107 -7.23 9.63 -116.41
C ARG A 2107 -6.76 8.29 -115.87
N GLN A 2108 -6.39 8.27 -114.59
CA GLN A 2108 -6.02 7.05 -113.91
C GLN A 2108 -6.96 6.80 -112.74
N LEU A 2109 -7.29 5.52 -112.52
CA LEU A 2109 -8.11 5.08 -111.41
C LEU A 2109 -7.30 4.21 -110.48
N VAL A 2110 -7.63 4.26 -109.18
CA VAL A 2110 -7.04 3.37 -108.19
C VAL A 2110 -8.13 2.95 -107.20
N ALA A 2111 -8.10 1.67 -106.82
CA ALA A 2111 -9.00 1.04 -105.87
C ALA A 2111 -8.43 1.10 -104.46
N PRO A 2112 -9.22 1.48 -103.46
CA PRO A 2112 -8.65 1.78 -102.15
C PRO A 2112 -8.63 0.57 -101.24
N GLU A 2113 -7.69 0.60 -100.30
CA GLU A 2113 -7.39 -0.57 -99.47
C GLU A 2113 -8.16 -0.49 -98.17
N LEU A 2114 -8.83 -1.58 -97.81
CA LEU A 2114 -9.87 -1.57 -96.79
C LEU A 2114 -9.48 -2.49 -95.65
N PRO A 2115 -10.04 -2.28 -94.45
CA PRO A 2115 -9.85 -3.23 -93.35
C PRO A 2115 -10.19 -4.66 -93.74
N LYS A 2116 -9.57 -5.61 -93.04
CA LYS A 2116 -9.69 -7.05 -93.27
C LYS A 2116 -11.13 -7.51 -93.51
N GLU A 2117 -12.09 -6.85 -92.85
CA GLU A 2117 -13.47 -7.31 -92.88
C GLU A 2117 -14.23 -6.86 -94.12
N LEU A 2118 -13.82 -5.76 -94.76
CA LEU A 2118 -14.59 -5.21 -95.86
C LEU A 2118 -14.33 -5.91 -97.20
N HIS A 2119 -13.34 -6.80 -97.25
CA HIS A 2119 -12.90 -7.37 -98.52
C HIS A 2119 -13.99 -8.24 -99.15
N GLY A 2120 -14.26 -8.00 -100.43
CA GLY A 2120 -15.21 -8.79 -101.18
C GLY A 2120 -16.63 -8.27 -101.25
N PHE A 2121 -16.96 -7.23 -100.49
CA PHE A 2121 -18.30 -6.65 -100.56
C PHE A 2121 -18.45 -5.62 -101.67
N LEU A 2122 -17.41 -5.36 -102.46
CA LEU A 2122 -17.48 -4.35 -103.51
C LEU A 2122 -17.20 -4.99 -104.86
N CYS A 2123 -17.97 -4.56 -105.87
CA CYS A 2123 -17.70 -4.89 -107.27
C CYS A 2123 -17.76 -3.61 -108.08
N TYR A 2124 -16.74 -3.36 -108.89
CA TYR A 2124 -16.63 -2.14 -109.70
C TYR A 2124 -16.85 -2.46 -111.17
N GLU A 2125 -17.85 -1.82 -111.77
CA GLU A 2125 -18.04 -1.85 -113.23
C GLU A 2125 -17.29 -0.65 -113.83
N ILE A 2126 -16.17 -0.92 -114.48
CA ILE A 2126 -15.40 0.13 -115.15
C ILE A 2126 -15.81 0.11 -116.62
N LYS A 2127 -16.62 1.10 -117.02
CA LYS A 2127 -17.17 1.18 -118.36
C LYS A 2127 -16.69 2.46 -119.05
N GLY A 2128 -16.36 2.34 -120.33
CA GLY A 2128 -15.93 3.52 -121.06
C GLY A 2128 -15.52 3.15 -122.48
N ALA A 2129 -14.97 4.13 -123.18
CA ALA A 2129 -14.58 3.97 -124.57
C ALA A 2129 -13.29 4.71 -124.86
N GLY A 2130 -12.56 4.24 -125.86
CA GLY A 2130 -11.30 4.84 -126.26
C GLY A 2130 -10.17 4.83 -125.24
N GLY A 2131 -9.07 5.47 -125.62
CA GLY A 2131 -8.04 5.91 -124.70
C GLY A 2131 -7.27 4.79 -124.00
N GLU A 2132 -6.44 5.23 -123.07
CA GLU A 2132 -5.49 4.38 -122.35
C GLU A 2132 -5.63 4.71 -120.86
N TYR A 2133 -6.56 4.04 -120.19
CA TYR A 2133 -6.89 4.32 -118.80
C TYR A 2133 -6.31 3.22 -117.90
N LEU A 2134 -5.80 3.62 -116.75
CA LEU A 2134 -5.20 2.69 -115.80
C LEU A 2134 -6.16 2.43 -114.65
N ILE A 2135 -6.40 1.15 -114.37
CA ILE A 2135 -7.16 0.72 -113.19
C ILE A 2135 -6.14 0.27 -112.14
N GLY A 2136 -5.99 1.05 -111.08
CA GLY A 2136 -5.17 0.63 -109.96
C GLY A 2136 -5.82 -0.42 -109.08
N LEU A 2137 -5.34 -1.66 -109.21
CA LEU A 2137 -5.91 -2.78 -108.49
C LEU A 2137 -5.56 -2.71 -107.00
N ASN A 2138 -6.41 -3.35 -106.19
CA ASN A 2138 -6.17 -3.46 -104.76
C ASN A 2138 -6.85 -4.72 -104.24
N GLU A 2139 -6.45 -5.13 -103.04
CA GLU A 2139 -6.90 -6.41 -102.49
C GLU A 2139 -8.40 -6.38 -102.20
N GLY A 2140 -9.01 -7.56 -102.30
CA GLY A 2140 -10.35 -7.75 -101.78
C GLY A 2140 -11.45 -7.05 -102.55
N ALA A 2141 -11.30 -6.95 -103.87
CA ALA A 2141 -12.36 -6.40 -104.70
C ALA A 2141 -12.51 -7.24 -105.96
N LYS A 2142 -13.66 -7.07 -106.62
CA LYS A 2142 -13.90 -7.57 -107.97
C LYS A 2142 -14.13 -6.40 -108.90
N VAL A 2143 -13.73 -6.56 -110.16
CA VAL A 2143 -13.82 -5.47 -111.13
C VAL A 2143 -14.12 -6.06 -112.50
N ASN A 2144 -14.87 -5.30 -113.30
CA ASN A 2144 -15.27 -5.70 -114.65
C ASN A 2144 -14.91 -4.59 -115.62
N LEU A 2145 -14.31 -4.95 -116.74
CA LEU A 2145 -13.89 -4.01 -117.77
C LEU A 2145 -14.83 -4.10 -118.96
N THR A 2146 -15.41 -2.97 -119.36
CA THR A 2146 -16.42 -2.91 -120.42
C THR A 2146 -16.04 -1.77 -121.37
N SER A 2147 -15.05 -2.05 -122.21
CA SER A 2147 -14.52 -1.09 -123.18
C SER A 2147 -15.19 -1.19 -124.55
N ASP A 2148 -16.43 -1.68 -124.61
CA ASP A 2148 -16.94 -2.37 -125.80
C ASP A 2148 -16.87 -1.55 -127.09
N VAL A 2149 -16.56 -0.25 -127.02
CA VAL A 2149 -16.30 0.48 -128.26
C VAL A 2149 -14.86 0.25 -128.71
N ALA A 2150 -13.90 0.54 -127.83
CA ALA A 2150 -12.47 0.38 -128.06
C ALA A 2150 -11.70 0.89 -126.85
N SER A 2151 -10.49 0.37 -126.62
CA SER A 2151 -9.54 0.95 -125.68
C SER A 2151 -8.23 0.15 -125.65
N THR A 2152 -7.30 0.54 -124.78
CA THR A 2152 -6.33 -0.39 -124.22
C THR A 2152 -6.13 -0.03 -122.74
N TRP A 2153 -6.68 -0.84 -121.85
CA TRP A 2153 -6.80 -0.48 -120.44
C TRP A 2153 -5.70 -1.13 -119.62
N ILE A 2154 -5.12 -0.35 -118.70
CA ILE A 2154 -3.93 -0.75 -117.96
C ILE A 2154 -4.36 -1.13 -116.54
N ILE A 2155 -3.73 -2.17 -115.99
CA ILE A 2155 -3.90 -2.56 -114.60
C ILE A 2155 -2.54 -2.53 -113.92
N ASP A 2156 -2.51 -2.02 -112.70
CA ASP A 2156 -1.28 -1.91 -111.92
C ASP A 2156 -1.33 -2.92 -110.78
N SER A 2157 -0.37 -3.85 -110.77
CA SER A 2157 -0.31 -4.87 -109.74
C SER A 2157 0.40 -4.40 -108.47
N SER A 2158 1.16 -3.30 -108.56
CA SER A 2158 2.16 -2.98 -107.54
C SER A 2158 1.54 -2.69 -106.17
N GLN A 2159 0.25 -2.35 -106.13
CA GLN A 2159 -0.41 -2.09 -104.85
C GLN A 2159 -0.81 -3.37 -104.12
N LEU A 2160 -0.98 -4.48 -104.83
CA LEU A 2160 -1.08 -5.77 -104.17
C LEU A 2160 0.26 -6.21 -103.60
N ALA A 2161 0.20 -7.16 -102.67
CA ALA A 2161 1.41 -7.69 -102.03
C ALA A 2161 2.26 -8.51 -102.99
N SER A 2162 1.72 -8.94 -104.13
CA SER A 2162 2.43 -9.83 -105.03
C SER A 2162 2.04 -9.52 -106.47
N ASP A 2163 2.91 -9.93 -107.39
CA ASP A 2163 2.80 -9.57 -108.80
C ASP A 2163 2.63 -10.79 -109.69
N SER A 2164 2.04 -11.86 -109.15
CA SER A 2164 1.81 -13.08 -109.92
C SER A 2164 0.47 -12.97 -110.63
N ILE A 2165 0.40 -13.53 -111.84
CA ILE A 2165 -0.76 -13.35 -112.70
C ILE A 2165 -1.05 -14.65 -113.44
N SER A 2166 -2.34 -14.90 -113.69
CA SER A 2166 -2.80 -15.96 -114.56
C SER A 2166 -3.87 -15.41 -115.49
N VAL A 2167 -3.97 -15.98 -116.68
CA VAL A 2167 -4.86 -15.47 -117.72
C VAL A 2167 -5.82 -16.59 -118.14
N SER A 2168 -7.04 -16.18 -118.50
CA SER A 2168 -8.07 -17.11 -118.95
C SER A 2168 -8.94 -16.40 -119.99
N LYS A 2169 -9.53 -17.20 -120.88
CA LYS A 2169 -10.36 -16.66 -121.96
C LYS A 2169 -11.44 -15.69 -121.48
N ASP A 2170 -11.85 -15.77 -120.22
CA ASP A 2170 -12.90 -14.90 -119.71
C ASP A 2170 -12.41 -13.88 -118.67
N GLN A 2171 -11.29 -14.16 -118.01
CA GLN A 2171 -10.93 -13.45 -116.79
C GLN A 2171 -9.43 -13.57 -116.59
N LEU A 2172 -8.88 -12.69 -115.74
CA LEU A 2172 -7.51 -12.84 -115.26
C LEU A 2172 -7.47 -12.60 -113.76
N LEU A 2173 -6.41 -13.10 -113.14
CA LEU A 2173 -6.24 -13.11 -111.69
C LEU A 2173 -4.87 -12.56 -111.35
N VAL A 2174 -4.80 -11.71 -110.33
CA VAL A 2174 -3.54 -11.11 -109.89
C VAL A 2174 -3.46 -11.15 -108.37
N GLY A 2175 -2.29 -11.52 -107.86
CA GLY A 2175 -2.03 -11.59 -106.43
C GLY A 2175 -1.18 -12.79 -106.04
N GLU A 2176 -1.59 -13.52 -105.00
CA GLU A 2176 -0.93 -14.78 -104.65
C GLU A 2176 -1.85 -15.56 -103.70
N LYS A 2177 -1.50 -16.84 -103.51
CA LYS A 2177 -2.15 -17.72 -102.54
C LYS A 2177 -3.67 -17.82 -102.76
N GLY A 2178 -4.09 -17.79 -104.02
CA GLY A 2178 -5.52 -17.88 -104.31
C GLY A 2178 -6.32 -16.64 -104.00
N LYS A 2179 -5.87 -15.85 -103.02
CA LYS A 2179 -6.47 -14.54 -102.73
C LYS A 2179 -6.02 -13.53 -103.78
N GLU A 2180 -6.44 -13.80 -105.02
CA GLU A 2180 -6.12 -12.98 -106.17
C GLU A 2180 -7.35 -12.22 -106.63
N VAL A 2181 -7.19 -10.93 -106.92
CA VAL A 2181 -8.25 -10.11 -107.46
C VAL A 2181 -8.74 -10.70 -108.78
N VAL A 2182 -10.05 -10.92 -108.88
CA VAL A 2182 -10.66 -11.42 -110.10
C VAL A 2182 -10.99 -10.24 -111.00
N VAL A 2183 -10.43 -10.25 -112.21
CA VAL A 2183 -10.68 -9.25 -113.24
C VAL A 2183 -11.38 -9.95 -114.40
N LYS A 2184 -12.61 -9.52 -114.70
CA LYS A 2184 -13.36 -10.09 -115.80
C LYS A 2184 -13.30 -9.16 -117.01
N LEU A 2185 -13.08 -9.76 -118.18
CA LEU A 2185 -12.41 -9.10 -119.30
C LEU A 2185 -13.37 -9.01 -120.48
N TYR A 2186 -14.38 -8.14 -120.37
CA TYR A 2186 -15.37 -7.97 -121.42
C TYR A 2186 -14.90 -7.00 -122.50
N LEU A 2187 -13.62 -7.06 -122.85
CA LEU A 2187 -13.08 -6.24 -123.92
C LEU A 2187 -13.64 -6.66 -125.27
N ALA A 2188 -13.66 -5.71 -126.21
CA ALA A 2188 -14.08 -5.98 -127.57
C ALA A 2188 -13.28 -5.10 -128.53
N GLN A 2189 -13.39 -5.43 -129.82
CA GLN A 2189 -12.72 -4.71 -130.90
C GLN A 2189 -11.20 -4.68 -130.71
N ASN A 2190 -10.64 -5.80 -130.28
CA ASN A 2190 -9.23 -5.93 -129.92
C ASN A 2190 -8.79 -4.92 -128.86
N SER A 2191 -9.70 -4.54 -127.96
CA SER A 2191 -9.27 -3.96 -126.70
C SER A 2191 -8.45 -4.98 -125.91
N GLN A 2192 -7.37 -4.51 -125.29
CA GLN A 2192 -6.40 -5.40 -124.67
C GLN A 2192 -5.91 -4.79 -123.37
N VAL A 2193 -5.49 -5.66 -122.44
CA VAL A 2193 -5.03 -5.24 -121.12
C VAL A 2193 -3.51 -5.29 -121.08
N LEU A 2194 -2.90 -4.30 -120.43
CA LEU A 2194 -1.47 -4.31 -120.13
C LEU A 2194 -1.28 -4.31 -118.62
N VAL A 2195 -0.41 -5.19 -118.14
CA VAL A 2195 -0.25 -5.45 -116.71
C VAL A 2195 1.08 -4.89 -116.26
N VAL A 2196 1.04 -3.86 -115.41
CA VAL A 2196 2.21 -3.09 -115.01
C VAL A 2196 2.66 -3.59 -113.65
N ASN A 2197 3.97 -3.77 -113.48
CA ASN A 2197 4.56 -4.07 -112.19
C ASN A 2197 5.14 -2.80 -111.58
N GLY A 2198 5.69 -2.93 -110.36
CA GLY A 2198 6.20 -1.78 -109.65
C GLY A 2198 7.33 -1.05 -110.35
N LYS A 2199 8.13 -1.76 -111.15
CA LYS A 2199 9.19 -1.09 -111.88
C LYS A 2199 9.57 -1.89 -113.12
N GLY A 2200 10.06 -1.17 -114.13
CA GLY A 2200 10.72 -1.74 -115.28
C GLY A 2200 9.90 -2.50 -116.30
N GLU A 2201 8.97 -3.33 -115.86
CA GLU A 2201 8.30 -4.26 -116.76
C GLU A 2201 6.81 -3.97 -116.86
N VAL A 2202 6.25 -4.23 -118.05
CA VAL A 2202 4.84 -4.45 -118.27
C VAL A 2202 4.69 -5.77 -119.01
N ARG A 2203 3.59 -6.46 -118.79
CA ARG A 2203 3.26 -7.66 -119.57
C ARG A 2203 2.10 -7.39 -120.52
N LYS A 2204 2.27 -7.81 -121.76
CA LYS A 2204 1.14 -8.08 -122.66
C LYS A 2204 0.54 -9.44 -122.28
N VAL A 2205 -0.77 -9.47 -122.05
CA VAL A 2205 -1.48 -10.71 -121.77
C VAL A 2205 -2.11 -11.26 -123.04
N ASP A 2206 -1.91 -12.55 -123.27
CA ASP A 2206 -2.29 -13.25 -124.49
C ASP A 2206 -3.50 -14.12 -124.17
N PHE A 2207 -4.66 -13.78 -124.74
CA PHE A 2207 -5.85 -14.58 -124.49
C PHE A 2207 -5.77 -15.94 -125.14
N THR A 2208 -5.04 -16.05 -126.26
CA THR A 2208 -4.91 -17.33 -126.95
C THR A 2208 -3.80 -18.19 -126.36
N SER A 2209 -2.65 -17.58 -126.03
CA SER A 2209 -1.54 -18.30 -125.44
C SER A 2209 -1.65 -18.48 -123.94
N LEU A 2210 -2.40 -17.61 -123.25
CA LEU A 2210 -2.46 -17.59 -121.78
C LEU A 2210 -1.08 -17.40 -121.15
N THR A 2211 -0.37 -16.37 -121.65
CA THR A 2211 1.00 -16.09 -121.24
C THR A 2211 1.15 -14.60 -120.98
N ALA A 2212 2.08 -14.25 -120.09
CA ALA A 2212 2.41 -12.87 -119.78
C ALA A 2212 3.76 -12.52 -120.39
N GLN A 2213 3.80 -12.50 -121.72
CA GLN A 2213 5.00 -12.17 -122.47
C GLN A 2213 5.64 -10.88 -121.98
N VAL A 2214 6.95 -10.93 -121.75
CA VAL A 2214 7.70 -9.77 -121.29
C VAL A 2214 7.74 -8.70 -122.37
N ILE A 2215 7.61 -7.44 -121.97
CA ILE A 2215 8.11 -6.31 -122.76
C ILE A 2215 8.54 -5.20 -121.80
N SER A 2216 9.57 -4.46 -122.22
CA SER A 2216 10.11 -3.31 -121.50
C SER A 2216 9.37 -2.00 -121.78
N GLU A 2217 8.08 -2.05 -122.10
CA GLU A 2217 7.34 -0.84 -122.43
C GLU A 2217 6.98 -0.01 -121.19
N ASP A 2218 7.22 -0.54 -120.00
CA ASP A 2218 7.36 0.26 -118.79
C ASP A 2218 8.64 1.09 -118.87
N ALA A 2219 8.99 1.79 -117.79
CA ALA A 2219 10.02 2.83 -117.73
C ALA A 2219 9.64 4.10 -118.48
N SER A 2220 8.33 4.36 -118.63
CA SER A 2220 7.78 5.13 -119.74
C SER A 2220 6.89 6.26 -119.23
N LYS A 2221 6.94 6.56 -117.93
CA LYS A 2221 6.22 7.69 -117.33
C LYS A 2221 4.72 7.65 -117.64
N TRP A 2222 4.18 6.44 -117.76
CA TRP A 2222 2.82 6.21 -118.22
C TRP A 2222 1.78 6.49 -117.14
N GLN A 2223 2.19 6.68 -115.89
CA GLN A 2223 1.26 6.66 -114.77
C GLN A 2223 1.84 7.46 -113.61
N VAL A 2224 0.94 7.91 -112.74
CA VAL A 2224 1.24 8.93 -111.74
C VAL A 2224 2.18 8.35 -110.68
N PRO A 2225 3.11 9.13 -110.14
CA PRO A 2225 3.90 8.69 -108.98
C PRO A 2225 3.02 8.21 -107.83
N GLY A 2226 3.56 7.25 -107.09
CA GLY A 2226 2.77 6.54 -106.08
C GLY A 2226 2.39 7.39 -104.88
N GLN A 2227 3.28 8.30 -104.47
CA GLN A 2227 3.27 8.81 -103.11
C GLN A 2227 1.95 9.49 -102.74
N GLN A 2228 1.39 10.28 -103.66
CA GLN A 2228 0.14 11.00 -103.37
C GLN A 2228 -1.02 10.04 -103.14
N ILE A 2229 -1.20 9.08 -104.06
CA ILE A 2229 -2.25 8.08 -103.89
C ILE A 2229 -2.01 7.26 -102.62
N GLU A 2230 -0.78 6.80 -102.40
CA GLU A 2230 -0.47 6.01 -101.23
C GLU A 2230 -0.78 6.75 -99.94
N GLN A 2231 -0.54 8.07 -99.94
CA GLN A 2231 -0.92 8.91 -98.81
C GLN A 2231 -2.43 8.97 -98.63
N HIS A 2232 -3.17 9.26 -99.71
CA HIS A 2232 -4.63 9.30 -99.59
C HIS A 2232 -5.20 7.98 -99.10
N LEU A 2233 -4.69 6.85 -99.63
CA LEU A 2233 -5.12 5.54 -99.16
C LEU A 2233 -4.76 5.30 -97.70
N SER A 2234 -3.62 5.85 -97.25
CA SER A 2234 -3.27 5.76 -95.83
C SER A 2234 -4.25 6.55 -94.97
N ASP A 2235 -4.68 7.71 -95.46
CA ASP A 2235 -5.67 8.49 -94.73
C ASP A 2235 -7.00 7.75 -94.68
N LEU A 2236 -7.49 7.29 -95.83
CA LEU A 2236 -8.80 6.66 -95.89
C LEU A 2236 -8.84 5.37 -95.06
N ALA A 2237 -7.75 4.60 -95.07
CA ALA A 2237 -7.70 3.37 -94.29
C ALA A 2237 -7.84 3.63 -92.80
N LYS A 2238 -7.48 4.83 -92.33
CA LYS A 2238 -7.61 5.13 -90.90
C LYS A 2238 -9.07 5.20 -90.49
N ALA A 2239 -9.89 5.93 -91.25
CA ALA A 2239 -11.27 6.22 -90.87
C ALA A 2239 -12.06 4.93 -90.66
N HIS A 2240 -11.92 3.97 -91.58
CA HIS A 2240 -12.61 2.69 -91.47
C HIS A 2240 -12.15 1.87 -90.27
N GLN A 2241 -10.90 2.03 -89.83
CA GLN A 2241 -10.47 1.40 -88.60
C GLN A 2241 -11.07 2.10 -87.38
N LEU A 2242 -11.03 3.43 -87.38
CA LEU A 2242 -11.40 4.21 -86.20
C LEU A 2242 -12.86 3.95 -85.81
N HIS A 2243 -13.68 3.54 -86.79
CA HIS A 2243 -15.12 3.41 -86.62
C HIS A 2243 -15.51 2.70 -85.33
N GLY A 2244 -14.76 1.66 -84.97
CA GLY A 2244 -15.08 0.79 -83.85
C GLY A 2244 -16.29 -0.09 -84.07
N GLN A 2245 -17.25 0.00 -83.15
CA GLN A 2245 -18.60 -0.58 -83.31
C GLN A 2245 -18.48 -2.10 -83.47
N TYR A 2246 -19.28 -2.70 -84.35
CA TYR A 2246 -19.25 -4.14 -84.57
C TYR A 2246 -19.70 -4.41 -86.01
N VAL A 2247 -19.34 -5.59 -86.51
CA VAL A 2247 -19.83 -6.09 -87.78
C VAL A 2247 -20.36 -7.50 -87.60
N VAL A 2248 -21.44 -7.82 -88.30
CA VAL A 2248 -22.10 -9.11 -88.19
C VAL A 2248 -21.70 -9.96 -89.39
N VAL A 2249 -21.23 -11.17 -89.12
CA VAL A 2249 -20.75 -12.11 -90.14
C VAL A 2249 -21.73 -13.27 -90.20
N GLU A 2250 -22.15 -13.64 -91.41
CA GLU A 2250 -23.04 -14.77 -91.62
C GLU A 2250 -22.26 -15.98 -92.12
N ASN A 2251 -22.60 -17.15 -91.57
CA ASN A 2251 -21.94 -18.43 -91.85
C ASN A 2251 -20.42 -18.32 -91.67
N TYR A 2252 -20.02 -17.96 -90.45
CA TYR A 2252 -18.61 -17.96 -90.08
C TYR A 2252 -18.13 -19.40 -89.93
N ARG A 2253 -17.34 -19.88 -90.90
CA ARG A 2253 -16.62 -21.14 -90.76
C ARG A 2253 -15.40 -20.95 -89.86
N HIS A 2254 -15.52 -21.34 -88.58
CA HIS A 2254 -14.42 -21.14 -87.66
C HIS A 2254 -13.25 -22.05 -88.00
N GLN A 2255 -13.52 -23.34 -88.17
CA GLN A 2255 -12.49 -24.37 -88.32
C GLN A 2255 -12.96 -25.39 -89.36
N GLY A 2256 -13.36 -24.90 -90.53
CA GLY A 2256 -14.18 -25.69 -91.43
C GLY A 2256 -15.62 -25.87 -90.97
N ARG A 2257 -15.83 -26.10 -89.68
CA ARG A 2257 -17.18 -26.19 -89.14
C ARG A 2257 -17.86 -24.83 -89.20
N ASP A 2258 -19.09 -24.81 -89.71
CA ASP A 2258 -19.86 -23.59 -89.86
C ASP A 2258 -20.56 -23.26 -88.54
N VAL A 2259 -20.19 -22.13 -87.93
CA VAL A 2259 -20.70 -21.74 -86.63
C VAL A 2259 -21.87 -20.76 -86.74
N GLY A 2260 -22.32 -20.46 -87.95
CA GLY A 2260 -23.47 -19.59 -88.16
C GLY A 2260 -23.15 -18.11 -88.12
N ARG A 2261 -24.03 -17.32 -87.50
CA ARG A 2261 -23.75 -15.91 -87.33
C ARG A 2261 -22.55 -15.69 -86.41
N ALA A 2262 -21.76 -14.65 -86.72
CA ALA A 2262 -20.65 -14.23 -85.90
C ALA A 2262 -20.62 -12.71 -85.86
N PHE A 2263 -20.00 -12.18 -84.81
CA PHE A 2263 -19.87 -10.74 -84.61
C PHE A 2263 -18.39 -10.41 -84.51
N TYR A 2264 -17.88 -9.73 -85.53
CA TYR A 2264 -16.49 -9.27 -85.55
C TYR A 2264 -16.35 -8.02 -84.71
N ASP A 2265 -15.63 -8.13 -83.59
CA ASP A 2265 -15.30 -6.96 -82.78
C ASP A 2265 -14.13 -6.25 -83.45
N VAL A 2266 -14.43 -5.10 -84.08
CA VAL A 2266 -13.43 -4.35 -84.84
C VAL A 2266 -12.24 -3.99 -83.97
N THR A 2267 -12.45 -3.83 -82.66
CA THR A 2267 -11.40 -3.38 -81.78
C THR A 2267 -10.50 -4.49 -81.25
N LYS A 2268 -10.95 -5.75 -81.29
CA LYS A 2268 -10.28 -6.79 -80.52
C LYS A 2268 -10.25 -8.08 -81.34
N ASP A 2269 -9.92 -9.17 -80.65
CA ASP A 2269 -9.56 -10.44 -81.28
C ASP A 2269 -10.78 -11.22 -81.80
N ARG A 2270 -11.52 -10.61 -82.72
CA ARG A 2270 -12.50 -11.34 -83.54
C ARG A 2270 -13.46 -12.13 -82.64
N MET A 2271 -13.78 -11.54 -81.49
CA MET A 2271 -14.13 -12.26 -80.27
C MET A 2271 -15.25 -13.28 -80.44
N LEU A 2272 -16.41 -12.85 -80.94
CA LEU A 2272 -17.67 -13.50 -80.58
C LEU A 2272 -18.26 -14.30 -81.73
N PHE A 2273 -18.46 -15.60 -81.48
CA PHE A 2273 -19.18 -16.53 -82.33
C PHE A 2273 -19.68 -17.64 -81.42
N THR A 2274 -20.72 -18.36 -81.87
CA THR A 2274 -21.51 -19.15 -80.93
C THR A 2274 -20.77 -20.37 -80.38
N ASP A 2275 -19.59 -20.71 -80.90
CA ASP A 2275 -18.79 -21.85 -80.47
C ASP A 2275 -19.47 -23.20 -80.64
N THR A 2276 -20.58 -23.29 -81.37
CA THR A 2276 -21.16 -24.59 -81.63
C THR A 2276 -22.03 -24.54 -82.88
N THR A 2277 -22.29 -25.72 -83.43
CA THR A 2277 -23.00 -25.90 -84.70
C THR A 2277 -24.42 -26.37 -84.39
N ASN A 2278 -25.39 -25.46 -84.48
CA ASN A 2278 -26.78 -25.82 -84.31
C ASN A 2278 -27.64 -24.92 -85.20
N GLU A 2279 -28.65 -25.53 -85.84
CA GLU A 2279 -29.41 -24.85 -86.87
C GLU A 2279 -30.29 -23.73 -86.33
N GLN A 2280 -30.65 -23.77 -85.04
CA GLN A 2280 -31.25 -22.60 -84.40
C GLN A 2280 -30.19 -21.58 -83.99
N ALA A 2281 -29.18 -22.03 -83.24
CA ALA A 2281 -28.11 -21.13 -82.80
C ALA A 2281 -27.41 -20.44 -83.96
N LYS A 2282 -27.45 -21.03 -85.16
CA LYS A 2282 -26.99 -20.33 -86.36
C LYS A 2282 -27.60 -18.94 -86.51
N ARG A 2283 -28.85 -18.77 -86.07
CA ARG A 2283 -29.53 -17.48 -86.11
C ARG A 2283 -29.47 -16.71 -84.80
N ALA A 2284 -28.89 -17.30 -83.75
CA ALA A 2284 -28.98 -16.77 -82.39
C ALA A 2284 -28.57 -15.30 -82.35
N GLN A 2285 -29.12 -14.57 -81.38
CA GLN A 2285 -28.96 -13.13 -81.26
C GLN A 2285 -28.04 -12.81 -80.09
N LEU A 2286 -27.17 -11.81 -80.29
CA LEU A 2286 -26.28 -11.36 -79.23
C LEU A 2286 -27.01 -10.39 -78.31
N GLY A 2287 -27.01 -10.70 -77.02
CA GLY A 2287 -27.66 -9.86 -76.02
C GLY A 2287 -26.72 -8.93 -75.28
N ALA A 2288 -25.65 -9.50 -74.70
CA ALA A 2288 -24.76 -8.75 -73.84
C ALA A 2288 -23.38 -9.39 -73.89
N VAL A 2289 -22.35 -8.60 -73.60
CA VAL A 2289 -20.97 -9.07 -73.58
C VAL A 2289 -20.24 -8.47 -72.39
N MET A 2290 -19.41 -9.28 -71.74
CA MET A 2290 -18.65 -8.92 -70.56
C MET A 2290 -17.16 -9.08 -70.86
N GLY A 2291 -16.33 -8.93 -69.82
CA GLY A 2291 -14.94 -9.26 -69.94
C GLY A 2291 -14.73 -10.75 -70.16
N ASP A 2292 -14.42 -11.12 -71.40
CA ASP A 2292 -14.29 -12.52 -71.82
C ASP A 2292 -15.48 -13.36 -71.34
N TYR A 2293 -16.67 -12.80 -71.46
CA TYR A 2293 -17.92 -13.56 -71.49
C TYR A 2293 -18.86 -12.91 -72.48
N ALA A 2294 -19.64 -13.72 -73.19
CA ALA A 2294 -20.71 -13.20 -74.04
C ALA A 2294 -22.03 -13.90 -73.71
N TYR A 2295 -23.11 -13.14 -73.81
CA TYR A 2295 -24.46 -13.64 -73.58
C TYR A 2295 -25.24 -13.55 -74.89
N PHE A 2296 -25.66 -14.71 -75.39
CA PHE A 2296 -26.50 -14.81 -76.56
C PHE A 2296 -27.89 -15.25 -76.14
N TYR A 2297 -28.88 -14.95 -76.98
CA TYR A 2297 -30.24 -15.39 -76.70
C TYR A 2297 -30.98 -15.60 -78.02
N ASP A 2298 -32.10 -16.29 -77.93
CA ASP A 2298 -33.01 -16.51 -79.05
C ASP A 2298 -34.27 -15.68 -78.80
N ALA A 2299 -34.59 -14.80 -79.75
CA ALA A 2299 -35.70 -13.88 -79.58
C ALA A 2299 -37.05 -14.58 -79.59
N ASP A 2300 -37.09 -15.85 -79.98
CA ASP A 2300 -38.32 -16.57 -80.23
C ASP A 2300 -38.46 -17.83 -79.40
N ASN A 2301 -37.36 -18.37 -78.86
CA ASN A 2301 -37.37 -19.57 -78.04
C ASN A 2301 -36.58 -19.32 -76.76
N ALA A 2302 -37.07 -19.89 -75.67
CA ALA A 2302 -36.52 -19.67 -74.32
C ALA A 2302 -35.21 -20.44 -74.18
N VAL A 2303 -34.13 -19.83 -74.67
CA VAL A 2303 -32.78 -20.31 -74.37
C VAL A 2303 -31.83 -19.12 -74.42
N ALA A 2304 -30.76 -19.21 -73.63
CA ALA A 2304 -29.68 -18.23 -73.62
C ALA A 2304 -28.39 -18.93 -73.23
N TRP A 2305 -27.27 -18.42 -73.73
CA TRP A 2305 -25.99 -19.11 -73.61
C TRP A 2305 -24.99 -18.24 -72.87
N ARG A 2306 -24.03 -18.88 -72.20
CA ARG A 2306 -22.73 -18.31 -71.91
C ARG A 2306 -21.73 -18.79 -72.96
N VAL A 2307 -20.96 -17.86 -73.53
CA VAL A 2307 -20.16 -18.12 -74.71
C VAL A 2307 -18.81 -17.43 -74.56
N ASP A 2308 -17.83 -17.91 -75.34
CA ASP A 2308 -16.50 -17.30 -75.47
C ASP A 2308 -15.68 -17.38 -74.17
N ILE A 2309 -15.83 -18.48 -73.43
CA ILE A 2309 -14.85 -18.79 -72.39
C ILE A 2309 -13.54 -19.18 -73.07
N ALA A 2310 -12.59 -18.25 -73.13
CA ALA A 2310 -11.30 -18.44 -73.79
C ALA A 2310 -11.47 -19.01 -75.19
N THR A 2311 -12.56 -18.61 -75.87
CA THR A 2311 -13.02 -19.15 -77.16
C THR A 2311 -13.04 -20.67 -77.18
N GLY A 2312 -13.23 -21.30 -76.02
CA GLY A 2312 -13.37 -22.74 -76.00
C GLY A 2312 -14.74 -23.28 -76.39
N GLN A 2313 -15.22 -24.27 -75.64
CA GLN A 2313 -16.55 -24.83 -75.84
C GLN A 2313 -17.63 -23.88 -75.32
N VAL A 2314 -18.86 -24.09 -75.80
CA VAL A 2314 -20.02 -23.54 -75.12
C VAL A 2314 -20.12 -24.11 -73.71
N ASP A 2315 -20.49 -23.25 -72.76
CA ASP A 2315 -20.40 -23.62 -71.35
C ASP A 2315 -21.73 -24.10 -70.80
N ALA A 2316 -22.68 -23.17 -70.60
CA ALA A 2316 -23.93 -23.45 -69.92
C ALA A 2316 -25.07 -22.71 -70.62
N GLN A 2317 -26.28 -23.24 -70.46
CA GLN A 2317 -27.49 -22.58 -70.92
C GLN A 2317 -28.48 -22.42 -69.78
N PHE A 2318 -29.23 -21.32 -69.82
CA PHE A 2318 -30.13 -20.92 -68.75
C PHE A 2318 -31.55 -21.41 -69.03
N GLU A 2319 -32.19 -21.96 -68.01
CA GLU A 2319 -33.54 -22.50 -68.12
C GLU A 2319 -34.48 -21.76 -67.17
N PRO A 2320 -35.40 -20.93 -67.67
CA PRO A 2320 -36.42 -20.34 -66.81
C PRO A 2320 -37.27 -21.37 -66.08
N TRP A 2321 -37.98 -20.90 -65.05
CA TRP A 2321 -38.74 -21.78 -64.17
C TRP A 2321 -39.74 -22.63 -64.93
N PHE A 2322 -40.35 -22.09 -65.98
CA PHE A 2322 -41.31 -22.82 -66.78
C PHE A 2322 -40.93 -22.78 -68.26
N ASN A 2323 -41.15 -23.91 -68.94
CA ASN A 2323 -40.69 -24.11 -70.31
C ASN A 2323 -41.81 -24.66 -71.20
N GLN A 2324 -43.04 -24.70 -70.70
CA GLN A 2324 -44.12 -25.47 -71.29
C GLN A 2324 -45.25 -24.64 -71.87
N ASN A 2325 -45.18 -23.31 -71.78
CA ASN A 2325 -46.30 -22.48 -72.19
C ASN A 2325 -45.84 -21.33 -73.07
N ALA A 2326 -46.79 -20.81 -73.85
CA ALA A 2326 -46.55 -19.81 -74.87
C ALA A 2326 -46.03 -18.50 -74.27
N GLY A 2327 -45.64 -17.60 -75.16
CA GLY A 2327 -44.83 -16.45 -74.83
C GLY A 2327 -43.34 -16.72 -74.94
N HIS A 2328 -42.57 -15.66 -74.68
CA HIS A 2328 -41.20 -15.55 -75.15
C HIS A 2328 -40.42 -14.62 -74.23
N ILE A 2329 -39.10 -14.65 -74.38
CA ILE A 2329 -38.22 -13.70 -73.71
C ILE A 2329 -38.34 -12.35 -74.42
N SER A 2330 -39.11 -11.44 -73.82
CA SER A 2330 -39.52 -10.21 -74.47
C SER A 2330 -38.44 -9.12 -74.42
N ARG A 2331 -37.46 -9.25 -73.52
CA ARG A 2331 -36.34 -8.32 -73.47
C ARG A 2331 -35.13 -9.04 -72.88
N PHE A 2332 -33.97 -8.80 -73.50
CA PHE A 2332 -32.68 -9.21 -72.95
C PHE A 2332 -31.74 -8.02 -72.97
N TRP A 2333 -31.23 -7.65 -71.80
CA TRP A 2333 -30.55 -6.38 -71.61
C TRP A 2333 -29.68 -6.47 -70.36
N GLN A 2334 -28.70 -5.57 -70.27
CA GLN A 2334 -27.76 -5.57 -69.15
C GLN A 2334 -27.73 -4.20 -68.49
N GLU A 2335 -27.35 -4.19 -67.23
CA GLU A 2335 -26.98 -2.97 -66.52
C GLU A 2335 -25.89 -3.29 -65.51
N GLY A 2336 -24.88 -2.42 -65.43
CA GLY A 2336 -23.90 -2.49 -64.35
C GLY A 2336 -23.21 -3.83 -64.18
N ASP A 2337 -22.92 -4.51 -65.29
CA ASP A 2337 -22.37 -5.87 -65.30
C ASP A 2337 -23.29 -6.87 -64.59
N VAL A 2338 -24.60 -6.62 -64.60
CA VAL A 2338 -25.59 -7.66 -64.37
C VAL A 2338 -26.55 -7.64 -65.55
N VAL A 2339 -27.23 -8.77 -65.76
CA VAL A 2339 -28.06 -8.95 -66.94
C VAL A 2339 -29.44 -9.45 -66.53
N TYR A 2340 -30.46 -8.96 -67.22
CA TYR A 2340 -31.85 -9.10 -66.80
C TYR A 2340 -32.67 -9.74 -67.91
N LEU A 2341 -33.44 -10.76 -67.55
CA LEU A 2341 -34.30 -11.47 -68.50
C LEU A 2341 -35.75 -11.15 -68.17
N ALA A 2342 -36.50 -10.69 -69.16
CA ALA A 2342 -37.93 -10.46 -69.00
C ALA A 2342 -38.70 -11.41 -69.92
N ARG A 2343 -38.94 -12.62 -69.43
CA ARG A 2343 -39.74 -13.59 -70.18
C ARG A 2343 -41.23 -13.26 -70.00
N ARG A 2344 -41.91 -12.99 -71.10
CA ARG A 2344 -43.36 -12.92 -71.11
C ARG A 2344 -43.97 -14.30 -71.34
N TYR A 2345 -44.88 -14.69 -70.45
CA TYR A 2345 -45.61 -15.94 -70.56
C TYR A 2345 -47.06 -15.65 -70.96
N ARG A 2346 -47.63 -16.52 -71.79
CA ARG A 2346 -49.06 -16.55 -72.02
C ARG A 2346 -49.74 -17.58 -71.12
N LEU A 2347 -50.82 -17.18 -70.46
CA LEU A 2347 -51.74 -18.08 -69.80
C LEU A 2347 -53.15 -17.82 -70.30
N LYS A 2348 -53.98 -18.87 -70.27
CA LYS A 2348 -55.34 -18.77 -70.80
C LYS A 2348 -56.19 -17.76 -70.02
N GLU A 2349 -55.77 -17.34 -68.84
CA GLU A 2349 -56.35 -16.14 -68.22
C GLU A 2349 -55.78 -14.86 -68.84
N ARG A 2350 -54.46 -14.71 -68.83
CA ARG A 2350 -53.83 -13.43 -69.13
C ARG A 2350 -52.42 -13.69 -69.66
N GLU A 2351 -51.86 -12.69 -70.33
CA GLU A 2351 -50.42 -12.61 -70.46
C GLU A 2351 -49.77 -12.19 -69.15
N ALA A 2352 -48.61 -12.77 -68.87
CA ALA A 2352 -47.88 -12.53 -67.64
C ALA A 2352 -46.39 -12.47 -67.96
N GLU A 2353 -45.61 -11.99 -66.99
CA GLU A 2353 -44.19 -11.75 -67.22
C GLU A 2353 -43.43 -12.03 -65.93
N LEU A 2354 -42.21 -12.55 -66.09
CA LEU A 2354 -41.30 -12.77 -64.97
C LEU A 2354 -39.95 -12.15 -65.30
N GLY A 2355 -39.31 -11.56 -64.28
CA GLY A 2355 -38.04 -10.90 -64.47
C GLY A 2355 -36.95 -11.58 -63.66
N TYR A 2356 -35.92 -12.07 -64.35
CA TYR A 2356 -34.79 -12.73 -63.71
C TYR A 2356 -33.53 -11.87 -63.79
N ARG A 2357 -32.69 -11.99 -62.77
CA ARG A 2357 -31.38 -11.34 -62.72
C ARG A 2357 -30.31 -12.42 -62.60
N ILE A 2358 -29.30 -12.35 -63.47
CA ILE A 2358 -28.22 -13.33 -63.52
C ILE A 2358 -26.93 -12.68 -63.07
N ILE A 2359 -26.25 -13.30 -62.12
CA ILE A 2359 -24.91 -12.90 -61.71
C ILE A 2359 -24.05 -14.14 -61.60
N GLY A 2360 -22.91 -14.12 -62.29
CA GLY A 2360 -21.96 -15.23 -62.23
C GLY A 2360 -22.59 -16.54 -62.65
N ASP A 2361 -22.50 -17.54 -61.77
CA ASP A 2361 -23.18 -18.82 -62.00
C ASP A 2361 -24.65 -18.79 -61.59
N ARG A 2362 -25.09 -17.75 -60.88
CA ARG A 2362 -26.46 -17.69 -60.37
C ARG A 2362 -27.38 -17.04 -61.39
N MET A 2363 -28.55 -17.63 -61.60
CA MET A 2363 -29.73 -16.92 -62.07
C MET A 2363 -30.69 -16.74 -60.91
N GLU A 2364 -31.19 -15.51 -60.74
CA GLU A 2364 -32.09 -15.18 -59.65
C GLU A 2364 -33.36 -14.55 -60.18
N LEU A 2365 -34.47 -14.79 -59.48
CA LEU A 2365 -35.73 -14.12 -59.73
C LEU A 2365 -35.86 -12.90 -58.82
N VAL A 2366 -36.31 -11.78 -59.40
CA VAL A 2366 -36.46 -10.53 -58.65
C VAL A 2366 -37.85 -9.92 -58.86
N SER A 2367 -38.65 -10.49 -59.76
CA SER A 2367 -40.00 -9.95 -59.96
C SER A 2367 -40.93 -11.04 -60.47
N ALA A 2368 -42.20 -10.91 -60.08
CA ALA A 2368 -43.28 -11.79 -60.52
C ALA A 2368 -44.55 -10.96 -60.68
N VAL A 2369 -45.27 -11.19 -61.77
CA VAL A 2369 -46.60 -10.58 -61.93
C VAL A 2369 -47.68 -11.39 -61.23
N GLY A 2370 -47.49 -12.69 -61.03
CA GLY A 2370 -48.42 -13.47 -60.24
C GLY A 2370 -49.83 -13.44 -60.81
N ASP A 2371 -50.81 -13.57 -59.91
CA ASP A 2371 -52.20 -13.71 -60.34
C ASP A 2371 -53.12 -13.21 -59.23
N ASP A 2372 -54.35 -12.85 -59.62
CA ASP A 2372 -55.35 -12.34 -58.69
C ASP A 2372 -55.46 -13.23 -57.47
N ALA A 2373 -55.56 -14.55 -57.68
CA ALA A 2373 -55.77 -15.46 -56.56
C ALA A 2373 -54.55 -15.51 -55.65
N LEU A 2374 -53.36 -15.25 -56.20
CA LEU A 2374 -52.17 -15.00 -55.39
C LEU A 2374 -52.19 -13.58 -54.81
N LEU A 2375 -52.49 -12.58 -55.64
CA LEU A 2375 -52.37 -11.18 -55.25
C LEU A 2375 -53.27 -10.81 -54.07
N GLN A 2376 -54.46 -11.41 -53.99
CA GLN A 2376 -55.33 -11.18 -52.83
C GLN A 2376 -54.92 -11.99 -51.60
N LEU A 2377 -54.25 -13.12 -51.77
CA LEU A 2377 -53.82 -13.92 -50.64
C LEU A 2377 -52.43 -13.50 -50.16
N SER A 2378 -51.79 -12.61 -50.91
CA SER A 2378 -50.63 -11.82 -50.51
C SER A 2378 -51.01 -10.53 -49.82
N ALA A 2379 -52.22 -10.03 -50.04
CA ALA A 2379 -52.68 -8.81 -49.37
C ALA A 2379 -52.88 -8.98 -47.88
N ARG A 2380 -52.55 -10.14 -47.31
CA ARG A 2380 -52.93 -10.47 -45.94
C ARG A 2380 -51.75 -11.15 -45.26
N ILE A 2381 -52.03 -12.08 -44.32
CA ILE A 2381 -50.97 -12.81 -43.65
C ILE A 2381 -50.11 -13.53 -44.67
N GLY A 2382 -48.79 -13.52 -44.46
CA GLY A 2382 -47.90 -14.18 -45.39
C GLY A 2382 -46.50 -14.42 -44.88
N ARG A 2383 -46.10 -15.69 -44.84
CA ARG A 2383 -44.71 -16.12 -44.74
C ARG A 2383 -44.61 -17.49 -45.37
N HIS A 2384 -43.78 -17.62 -46.40
CA HIS A 2384 -43.88 -18.75 -47.32
C HIS A 2384 -42.60 -19.56 -47.47
N GLY A 2385 -41.46 -19.05 -47.05
CA GLY A 2385 -40.25 -19.84 -46.98
C GLY A 2385 -39.71 -20.32 -48.32
N ASP A 2386 -39.68 -21.63 -48.50
CA ASP A 2386 -39.01 -22.29 -49.61
C ASP A 2386 -39.65 -22.03 -50.97
N GLU A 2387 -40.84 -21.43 -51.02
CA GLU A 2387 -41.49 -21.16 -52.29
C GLU A 2387 -42.10 -19.77 -52.26
N LEU A 2388 -41.89 -19.02 -53.36
CA LEU A 2388 -42.50 -17.70 -53.54
C LEU A 2388 -43.99 -17.83 -53.83
N GLU A 2389 -44.81 -17.59 -52.81
CA GLU A 2389 -46.26 -17.43 -52.96
C GLU A 2389 -46.92 -18.50 -53.83
N ALA A 2390 -46.39 -19.72 -53.82
CA ALA A 2390 -46.88 -20.78 -54.70
C ALA A 2390 -46.99 -20.33 -56.16
N ILE A 2391 -45.94 -19.64 -56.63
CA ILE A 2391 -45.89 -19.26 -58.04
C ILE A 2391 -45.91 -20.49 -58.94
N LEU A 2392 -45.20 -21.55 -58.55
CA LEU A 2392 -45.17 -22.77 -59.34
C LEU A 2392 -46.58 -23.32 -59.56
N GLN A 2393 -47.37 -23.42 -58.49
CA GLN A 2393 -48.77 -23.83 -58.58
C GLN A 2393 -49.66 -22.77 -59.21
N GLY A 2394 -49.14 -21.55 -59.42
CA GLY A 2394 -49.88 -20.49 -60.09
C GLY A 2394 -49.71 -20.43 -61.59
N TYR A 2395 -48.64 -21.04 -62.12
CA TYR A 2395 -48.32 -20.94 -63.54
C TYR A 2395 -48.33 -22.28 -64.24
N ARG A 2396 -47.54 -23.25 -63.78
CA ARG A 2396 -47.21 -24.44 -64.57
C ARG A 2396 -48.43 -25.27 -64.92
N SER A 2397 -49.56 -25.04 -64.23
CA SER A 2397 -50.84 -25.66 -64.55
C SER A 2397 -51.45 -25.18 -65.86
N ASN A 2398 -50.74 -24.35 -66.64
CA ASN A 2398 -51.25 -23.77 -67.87
C ASN A 2398 -50.34 -24.11 -69.05
N SER A 2399 -49.94 -25.37 -69.12
CA SER A 2399 -48.96 -25.83 -70.11
C SER A 2399 -49.56 -25.82 -71.51
N THR A 2400 -48.73 -25.48 -72.50
CA THR A 2400 -49.18 -25.39 -73.89
C THR A 2400 -48.18 -26.06 -74.83
N GLN A 2401 -47.45 -27.07 -74.32
CA GLN A 2401 -46.44 -27.87 -75.03
C GLN A 2401 -45.36 -27.00 -75.69
N ARG A 2402 -45.14 -25.78 -75.20
CA ARG A 2402 -44.05 -24.96 -75.73
C ARG A 2402 -42.69 -25.62 -75.54
N GLY A 2403 -42.58 -26.58 -74.62
CA GLY A 2403 -41.40 -27.40 -74.43
C GLY A 2403 -41.01 -28.26 -75.61
N THR A 2404 -41.90 -28.43 -76.60
CA THR A 2404 -41.49 -29.00 -77.88
C THR A 2404 -40.36 -28.19 -78.54
N LEU A 2405 -40.25 -26.90 -78.24
CA LEU A 2405 -39.22 -26.07 -78.84
C LEU A 2405 -37.97 -25.96 -77.97
N MET A 2406 -37.92 -26.66 -76.83
CA MET A 2406 -36.78 -26.60 -75.91
C MET A 2406 -35.67 -27.51 -76.44
N TYR A 2407 -34.97 -27.03 -77.46
CA TYR A 2407 -33.81 -27.75 -77.99
C TYR A 2407 -32.67 -27.68 -76.98
N THR A 2408 -32.54 -28.74 -76.17
CA THR A 2408 -31.76 -28.68 -74.94
C THR A 2408 -30.26 -28.71 -75.19
N LEU A 2409 -29.83 -29.17 -76.37
CA LEU A 2409 -28.51 -28.87 -76.94
C LEU A 2409 -27.39 -29.16 -75.93
N GLY A 2410 -27.48 -30.33 -75.29
CA GLY A 2410 -26.41 -30.77 -74.41
C GLY A 2410 -26.12 -29.86 -73.23
N ALA A 2411 -27.06 -29.00 -72.85
CA ALA A 2411 -26.76 -27.92 -71.92
C ALA A 2411 -26.47 -28.44 -70.52
N ARG A 2412 -25.48 -27.83 -69.88
CA ARG A 2412 -25.38 -27.76 -68.42
C ARG A 2412 -26.41 -26.75 -67.94
N LEU A 2413 -27.58 -27.25 -67.53
CA LEU A 2413 -28.71 -26.38 -67.21
C LEU A 2413 -28.51 -25.70 -65.86
N ILE A 2414 -28.71 -24.38 -65.85
CA ILE A 2414 -28.68 -23.57 -64.64
C ILE A 2414 -30.11 -23.14 -64.34
N GLN A 2415 -30.53 -23.31 -63.10
CA GLN A 2415 -31.92 -23.04 -62.82
C GLN A 2415 -32.10 -21.93 -61.78
N PRO A 2416 -33.18 -21.16 -61.89
CA PRO A 2416 -33.34 -19.98 -61.03
C PRO A 2416 -33.40 -20.29 -59.55
N THR A 2417 -32.89 -19.34 -58.76
CA THR A 2417 -32.98 -19.33 -57.32
C THR A 2417 -33.56 -17.97 -56.93
N SER A 2418 -34.20 -17.89 -55.77
CA SER A 2418 -35.02 -16.73 -55.46
C SER A 2418 -34.26 -15.76 -54.56
N ALA A 2419 -34.40 -14.47 -54.87
CA ALA A 2419 -33.58 -13.41 -54.33
C ALA A 2419 -34.29 -12.69 -53.20
N ALA A 2420 -33.50 -12.11 -52.29
CA ALA A 2420 -34.00 -11.10 -51.37
C ALA A 2420 -34.72 -9.99 -52.12
N LEU A 2421 -35.85 -9.55 -51.55
CA LEU A 2421 -36.76 -8.56 -52.14
C LEU A 2421 -37.21 -8.98 -53.54
N VAL A 2422 -37.97 -10.07 -53.58
CA VAL A 2422 -38.82 -10.36 -54.73
C VAL A 2422 -40.01 -9.40 -54.69
N THR A 2423 -40.13 -8.56 -55.70
CA THR A 2423 -41.36 -7.79 -55.87
C THR A 2423 -42.47 -8.67 -56.43
N VAL A 2424 -43.68 -8.44 -55.95
CA VAL A 2424 -44.91 -8.93 -56.59
C VAL A 2424 -45.82 -7.72 -56.83
N PHE A 2425 -46.54 -7.73 -57.95
CA PHE A 2425 -47.41 -6.61 -58.28
C PHE A 2425 -48.44 -7.07 -59.31
N GLY A 2426 -49.45 -6.24 -59.49
CA GLY A 2426 -50.45 -6.42 -60.51
C GLY A 2426 -51.72 -5.67 -60.16
N VAL A 2427 -52.54 -5.42 -61.18
CA VAL A 2427 -53.88 -4.90 -60.95
C VAL A 2427 -54.78 -6.05 -60.47
N ASP A 2428 -55.21 -5.98 -59.21
CA ASP A 2428 -56.09 -7.02 -58.68
C ASP A 2428 -57.47 -6.93 -59.30
N ALA A 2429 -58.02 -5.72 -59.38
CA ALA A 2429 -59.30 -5.44 -59.98
C ALA A 2429 -59.31 -3.96 -60.35
N ALA A 2430 -60.32 -3.56 -61.11
CA ALA A 2430 -60.48 -2.16 -61.46
C ALA A 2430 -60.34 -1.26 -60.23
N GLY A 2431 -59.43 -0.29 -60.33
CA GLY A 2431 -59.20 0.70 -59.30
C GLY A 2431 -58.38 0.26 -58.10
N VAL A 2432 -57.92 -0.99 -58.05
CA VAL A 2432 -57.17 -1.47 -56.89
C VAL A 2432 -55.84 -2.09 -57.33
N PRO A 2433 -54.80 -1.29 -57.56
CA PRO A 2433 -53.45 -1.84 -57.60
C PRO A 2433 -52.99 -2.39 -56.26
N HIS A 2434 -52.18 -3.45 -56.31
CA HIS A 2434 -51.42 -3.92 -55.16
C HIS A 2434 -49.97 -4.14 -55.53
N ARG A 2435 -49.10 -4.06 -54.53
CA ARG A 2435 -47.67 -4.30 -54.71
C ARG A 2435 -47.06 -4.63 -53.36
N TYR A 2436 -46.28 -5.71 -53.30
CA TYR A 2436 -45.61 -6.13 -52.07
C TYR A 2436 -44.20 -6.62 -52.38
N TRP A 2437 -43.31 -6.48 -51.40
CA TRP A 2437 -41.97 -7.05 -51.48
C TRP A 2437 -41.83 -8.17 -50.45
N ILE A 2438 -41.58 -9.39 -50.92
CA ILE A 2438 -41.30 -10.52 -50.05
C ILE A 2438 -39.83 -10.47 -49.66
N ARG A 2439 -39.54 -10.32 -48.36
CA ARG A 2439 -38.18 -10.44 -47.87
C ARG A 2439 -37.83 -11.93 -47.70
N THR A 2440 -37.43 -12.54 -48.82
CA THR A 2440 -37.31 -13.99 -48.92
C THR A 2440 -36.46 -14.62 -47.82
N SER A 2441 -35.49 -13.87 -47.28
CA SER A 2441 -34.70 -14.37 -46.15
C SER A 2441 -35.58 -14.75 -44.97
N ASP A 2442 -36.62 -13.95 -44.71
CA ASP A 2442 -37.48 -14.16 -43.56
C ASP A 2442 -38.95 -14.38 -43.93
N GLY A 2443 -39.32 -14.12 -45.18
CA GLY A 2443 -40.66 -14.36 -45.67
C GLY A 2443 -41.66 -13.26 -45.40
N THR A 2444 -41.30 -12.24 -44.62
CA THR A 2444 -42.23 -11.15 -44.35
C THR A 2444 -42.55 -10.42 -45.66
N LEU A 2445 -43.69 -9.73 -45.66
CA LEU A 2445 -44.05 -8.85 -46.76
C LEU A 2445 -43.88 -7.40 -46.34
N ILE A 2446 -43.11 -6.65 -47.14
CA ILE A 2446 -43.19 -5.20 -47.08
C ILE A 2446 -44.51 -4.78 -47.73
N LYS A 2447 -45.34 -4.05 -46.98
CA LYS A 2447 -46.76 -3.93 -47.31
C LYS A 2447 -47.18 -2.46 -47.23
N PRO A 2448 -47.12 -1.74 -48.35
CA PRO A 2448 -47.22 -0.27 -48.32
C PRO A 2448 -48.63 0.18 -47.97
N ASN A 2449 -48.77 0.88 -46.85
CA ASN A 2449 -50.01 1.53 -46.46
C ASN A 2449 -49.84 3.04 -46.63
N LEU A 2450 -50.38 3.58 -47.71
CA LEU A 2450 -50.08 4.94 -48.15
C LEU A 2450 -51.20 5.89 -47.71
N ALA A 2451 -50.80 7.05 -47.17
CA ALA A 2451 -51.71 7.99 -46.53
C ALA A 2451 -52.15 9.07 -47.50
N PRO A 2452 -53.44 9.38 -47.55
CA PRO A 2452 -53.96 10.35 -48.52
C PRO A 2452 -53.30 11.71 -48.35
N PRO A 2453 -53.36 12.58 -49.36
CA PRO A 2453 -52.72 13.90 -49.25
C PRO A 2453 -53.24 14.67 -48.05
N ALA A 2454 -52.39 15.60 -47.56
CA ALA A 2454 -52.61 16.19 -46.24
C ALA A 2454 -53.90 16.99 -46.17
N ASP A 2455 -54.39 17.48 -47.31
CA ASP A 2455 -55.65 18.20 -47.36
C ASP A 2455 -56.84 17.28 -47.67
N GLN A 2456 -56.65 15.97 -47.56
CA GLN A 2456 -57.72 15.00 -47.72
C GLN A 2456 -57.60 13.95 -46.63
N THR A 2457 -58.70 13.21 -46.43
CA THR A 2457 -58.72 11.87 -45.86
C THR A 2457 -59.96 11.15 -46.37
N LEU A 2458 -59.85 9.84 -46.48
CA LEU A 2458 -60.94 8.98 -46.91
C LEU A 2458 -61.15 7.87 -45.89
N HIS A 2459 -62.39 7.40 -45.79
CA HIS A 2459 -62.70 6.10 -45.23
C HIS A 2459 -63.42 5.24 -46.26
N PHE A 2460 -63.31 3.93 -46.11
CA PHE A 2460 -63.81 2.97 -47.09
C PHE A 2460 -64.59 1.86 -46.40
N GLU A 2461 -65.56 1.31 -47.14
CA GLU A 2461 -66.40 0.24 -46.65
C GLU A 2461 -65.58 -0.98 -46.25
N ALA A 2462 -66.17 -1.80 -45.37
CA ALA A 2462 -65.46 -2.93 -44.76
C ALA A 2462 -65.11 -4.01 -45.77
N HIS A 2463 -65.87 -4.15 -46.86
CA HIS A 2463 -65.58 -5.21 -47.82
C HIS A 2463 -64.31 -4.91 -48.61
N GLU A 2464 -64.09 -3.67 -48.98
CA GLU A 2464 -62.90 -3.28 -49.72
C GLU A 2464 -61.76 -2.88 -48.79
N GLN A 2465 -61.93 -3.09 -47.49
CA GLN A 2465 -61.00 -2.55 -46.49
C GLN A 2465 -59.60 -3.12 -46.61
N THR A 2466 -59.43 -4.31 -47.21
CA THR A 2466 -58.11 -4.86 -47.46
C THR A 2466 -57.46 -4.20 -48.67
N ARG A 2467 -57.04 -2.95 -48.45
CA ARG A 2467 -56.43 -2.13 -49.48
C ARG A 2467 -55.49 -1.15 -48.80
N SER A 2468 -54.57 -0.57 -49.57
CA SER A 2468 -53.89 0.64 -49.12
C SER A 2468 -54.80 1.84 -49.28
N ALA A 2469 -54.71 2.78 -48.33
CA ALA A 2469 -55.65 3.90 -48.31
C ALA A 2469 -55.52 4.74 -49.56
N TRP A 2470 -54.34 5.28 -49.81
CA TRP A 2470 -53.97 5.79 -51.12
C TRP A 2470 -53.55 4.63 -52.03
N GLN A 2471 -54.04 4.63 -53.26
CA GLN A 2471 -53.74 3.55 -54.18
C GLN A 2471 -52.34 3.73 -54.75
N ILE A 2472 -51.56 2.65 -54.72
CA ILE A 2472 -50.12 2.66 -55.02
C ILE A 2472 -49.88 3.29 -56.40
N PRO A 2473 -49.02 4.30 -56.49
CA PRO A 2473 -48.70 4.88 -57.80
C PRO A 2473 -48.07 3.86 -58.74
N ALA A 2474 -48.19 4.14 -60.04
CA ALA A 2474 -47.56 3.30 -61.05
C ALA A 2474 -46.04 3.29 -60.89
N ASP A 2475 -45.45 4.46 -60.63
CA ASP A 2475 -44.04 4.61 -60.27
C ASP A 2475 -43.90 4.69 -58.74
N LEU A 2476 -43.77 3.53 -58.11
CA LEU A 2476 -43.42 3.46 -56.70
C LEU A 2476 -42.27 2.48 -56.52
N VAL A 2477 -41.24 2.90 -55.80
CA VAL A 2477 -40.00 2.14 -55.64
C VAL A 2477 -39.62 2.11 -54.16
N LEU A 2478 -39.20 0.94 -53.70
CA LEU A 2478 -38.64 0.80 -52.35
C LEU A 2478 -37.28 1.48 -52.28
N ALA A 2479 -37.19 2.55 -51.50
CA ALA A 2479 -35.91 3.07 -51.04
C ALA A 2479 -35.49 2.37 -49.76
N GLY A 2480 -34.18 2.25 -49.56
CA GLY A 2480 -33.67 1.28 -48.61
C GLY A 2480 -34.05 1.61 -47.18
N SER A 2481 -34.00 0.57 -46.34
CA SER A 2481 -34.60 0.61 -45.01
C SER A 2481 -33.53 0.59 -43.93
N MET A 2482 -33.75 1.38 -42.89
CA MET A 2482 -32.74 1.73 -41.91
C MET A 2482 -33.16 1.25 -40.52
N PRO A 2483 -32.20 0.87 -39.68
CA PRO A 2483 -32.52 0.59 -38.28
C PRO A 2483 -32.92 1.85 -37.54
N LEU A 2484 -34.01 1.77 -36.78
CA LEU A 2484 -34.58 2.94 -36.12
C LEU A 2484 -33.92 3.24 -34.78
N LEU A 2485 -33.23 2.27 -34.19
CA LEU A 2485 -32.85 2.31 -32.77
C LEU A 2485 -34.06 2.55 -31.87
N GLY A 2486 -35.24 2.12 -32.32
CA GLY A 2486 -36.45 2.37 -31.56
C GLY A 2486 -37.43 1.21 -31.63
N GLY A 2487 -36.91 -0.01 -31.72
CA GLY A 2487 -37.71 -1.20 -31.65
C GLY A 2487 -38.28 -1.69 -32.96
N LYS A 2488 -37.97 -1.02 -34.07
CA LYS A 2488 -38.48 -1.41 -35.38
C LYS A 2488 -37.41 -1.17 -36.44
N GLU A 2489 -37.68 -1.67 -37.64
CA GLU A 2489 -37.05 -1.20 -38.86
C GLU A 2489 -38.01 -0.25 -39.57
N VAL A 2490 -37.46 0.85 -40.11
CA VAL A 2490 -38.25 1.85 -40.82
C VAL A 2490 -38.03 1.72 -42.31
N PHE A 2491 -39.12 1.78 -43.07
CA PHE A 2491 -39.10 1.61 -44.52
C PHE A 2491 -39.56 2.90 -45.18
N PHE A 2492 -38.95 3.22 -46.33
CA PHE A 2492 -39.30 4.41 -47.09
C PHE A 2492 -39.77 4.04 -48.49
N PHE A 2493 -40.79 4.74 -48.97
CA PHE A 2493 -41.30 4.59 -50.33
C PHE A 2493 -41.24 5.93 -51.05
N TYR A 2494 -40.90 5.89 -52.33
CA TYR A 2494 -40.75 7.09 -53.15
C TYR A 2494 -41.66 6.98 -54.36
N SER A 2495 -42.14 8.13 -54.85
CA SER A 2495 -42.94 8.17 -56.07
C SER A 2495 -42.59 9.42 -56.87
N LYS A 2496 -41.96 9.23 -58.03
CA LYS A 2496 -41.37 10.35 -58.77
C LYS A 2496 -42.45 11.26 -59.36
N GLU A 2497 -43.56 10.69 -59.83
CA GLU A 2497 -44.68 11.50 -60.29
C GLU A 2497 -45.29 12.31 -59.15
N GLN A 2498 -45.50 11.68 -57.99
CA GLN A 2498 -46.04 12.40 -56.85
C GLN A 2498 -45.03 13.32 -56.19
N LYS A 2499 -43.74 13.07 -56.40
CA LYS A 2499 -42.62 13.75 -55.72
C LYS A 2499 -42.87 13.85 -54.21
N THR A 2500 -43.09 12.69 -53.60
CA THR A 2500 -43.32 12.60 -52.16
C THR A 2500 -42.60 11.37 -51.62
N LEU A 2501 -42.12 11.49 -50.39
CA LEU A 2501 -41.51 10.37 -49.68
C LEU A 2501 -42.41 9.92 -48.54
N PHE A 2502 -42.68 8.62 -48.48
CA PHE A 2502 -43.50 8.02 -47.44
C PHE A 2502 -42.60 7.17 -46.56
N ARG A 2503 -42.59 7.43 -45.25
CA ARG A 2503 -41.88 6.60 -44.31
C ARG A 2503 -42.84 5.67 -43.57
N GLN A 2504 -42.40 4.43 -43.36
CA GLN A 2504 -43.22 3.42 -42.71
C GLN A 2504 -42.37 2.66 -41.70
N GLU A 2505 -42.92 2.43 -40.51
CA GLU A 2505 -42.22 1.72 -39.45
C GLU A 2505 -42.67 0.27 -39.41
N GLY A 2506 -41.72 -0.65 -39.53
CA GLY A 2506 -42.02 -2.05 -39.71
C GLY A 2506 -42.59 -2.39 -41.07
N PRO A 2507 -42.67 -3.70 -41.37
CA PRO A 2507 -43.12 -4.11 -42.71
C PRO A 2507 -44.54 -3.66 -43.04
N GLY A 2508 -45.38 -3.48 -42.02
CA GLY A 2508 -46.79 -3.20 -42.20
C GLY A 2508 -47.63 -4.08 -41.31
N GLN A 2509 -48.95 -3.94 -41.46
CA GLN A 2509 -49.86 -4.77 -40.68
C GLN A 2509 -49.85 -6.20 -41.19
N GLU A 2510 -50.34 -7.11 -40.35
CA GLU A 2510 -50.66 -8.46 -40.81
C GLU A 2510 -51.79 -8.48 -41.82
N VAL A 2511 -52.70 -7.52 -41.76
CA VAL A 2511 -53.77 -7.36 -42.75
C VAL A 2511 -53.90 -5.89 -43.09
N LEU A 2512 -53.98 -5.59 -44.40
CA LEU A 2512 -54.15 -4.22 -44.84
C LEU A 2512 -55.44 -3.63 -44.27
N ASP A 2513 -55.33 -2.45 -43.67
CA ASP A 2513 -56.48 -1.67 -43.24
C ASP A 2513 -56.46 -0.35 -44.00
N ALA A 2514 -57.44 -0.18 -44.91
CA ALA A 2514 -57.56 1.04 -45.69
C ALA A 2514 -57.94 2.25 -44.84
N ASN A 2515 -58.37 2.06 -43.59
CA ASN A 2515 -58.96 3.12 -42.80
C ASN A 2515 -57.98 3.85 -41.91
N GLN A 2516 -56.82 3.26 -41.60
CA GLN A 2516 -55.75 3.96 -40.90
C GLN A 2516 -54.40 3.63 -41.53
N PRO A 2517 -53.90 4.50 -42.41
CA PRO A 2517 -52.66 4.22 -43.12
C PRO A 2517 -51.44 4.27 -42.19
N SER A 2518 -50.34 3.71 -42.68
CA SER A 2518 -49.15 3.48 -41.87
C SER A 2518 -47.90 4.16 -42.42
N ALA A 2519 -47.78 4.31 -43.74
CA ALA A 2519 -46.66 5.04 -44.34
C ALA A 2519 -47.04 6.51 -44.44
N LEU A 2520 -46.26 7.37 -43.80
CA LEU A 2520 -46.63 8.76 -43.54
C LEU A 2520 -45.91 9.67 -44.53
N ARG A 2521 -46.66 10.57 -45.14
CA ARG A 2521 -46.15 11.47 -46.18
C ARG A 2521 -45.17 12.47 -45.56
N VAL A 2522 -43.87 12.21 -45.75
CA VAL A 2522 -42.83 13.00 -45.11
C VAL A 2522 -42.83 14.40 -45.70
N THR A 2523 -42.74 15.41 -44.83
CA THR A 2523 -42.59 16.80 -45.26
C THR A 2523 -41.16 17.05 -45.72
N THR A 2524 -40.99 17.36 -47.01
CA THR A 2524 -39.72 17.74 -47.59
C THR A 2524 -39.96 18.82 -48.63
N PRO A 2525 -39.04 19.78 -48.75
CA PRO A 2525 -39.23 20.90 -49.70
C PRO A 2525 -38.92 20.47 -51.13
N ALA A 2526 -39.95 20.51 -51.98
CA ALA A 2526 -39.80 20.43 -53.44
C ALA A 2526 -38.93 19.26 -53.88
N LEU A 2527 -39.24 18.07 -53.37
CA LEU A 2527 -38.38 16.92 -53.57
C LEU A 2527 -38.31 16.57 -55.05
N THR A 2528 -37.09 16.60 -55.61
CA THR A 2528 -36.87 16.31 -57.02
C THR A 2528 -36.46 14.86 -57.26
N ASN A 2529 -35.59 14.31 -56.42
CA ASN A 2529 -35.16 12.92 -56.58
C ASN A 2529 -34.68 12.40 -55.24
N VAL A 2530 -34.56 11.08 -55.15
CA VAL A 2530 -33.98 10.42 -53.99
C VAL A 2530 -32.95 9.41 -54.47
N ILE A 2531 -31.85 9.29 -53.73
CA ILE A 2531 -30.70 8.47 -54.11
C ILE A 2531 -30.35 7.60 -52.92
N ASN A 2532 -30.05 6.33 -53.19
CA ASN A 2532 -29.58 5.41 -52.14
C ASN A 2532 -28.16 4.98 -52.45
N LEU A 2533 -27.24 5.26 -51.53
CA LEU A 2533 -25.80 5.09 -51.72
C LEU A 2533 -25.27 4.14 -50.66
N ASN A 2534 -24.96 2.90 -51.07
CA ASN A 2534 -24.52 1.84 -50.15
C ASN A 2534 -25.42 1.71 -48.93
N GLY A 2535 -26.70 2.03 -49.07
CA GLY A 2535 -27.66 1.95 -47.99
C GLY A 2535 -28.00 3.27 -47.32
N HIS A 2536 -27.29 4.34 -47.67
CA HIS A 2536 -27.59 5.67 -47.13
C HIS A 2536 -28.42 6.44 -48.14
N LEU A 2537 -29.51 7.05 -47.68
CA LEU A 2537 -30.37 7.82 -48.57
C LEU A 2537 -29.82 9.22 -48.75
N VAL A 2538 -30.07 9.79 -49.94
CA VAL A 2538 -29.77 11.18 -50.24
C VAL A 2538 -30.94 11.76 -51.02
N VAL A 2539 -31.27 13.02 -50.74
CA VAL A 2539 -32.35 13.72 -51.43
C VAL A 2539 -31.76 14.94 -52.15
N VAL A 2540 -32.37 15.30 -53.28
CA VAL A 2540 -32.01 16.49 -54.04
C VAL A 2540 -33.24 17.38 -54.13
N THR A 2541 -33.13 18.61 -53.65
CA THR A 2541 -34.24 19.55 -53.73
C THR A 2541 -34.24 20.24 -55.10
N GLU A 2542 -35.39 20.83 -55.44
CA GLU A 2542 -35.51 21.50 -56.72
C GLU A 2542 -34.77 22.83 -56.78
N ASP A 2543 -34.57 23.48 -55.64
CA ASP A 2543 -33.70 24.65 -55.58
C ASP A 2543 -32.22 24.28 -55.50
N GLY A 2544 -31.88 23.00 -55.33
CA GLY A 2544 -30.54 22.53 -55.49
C GLY A 2544 -29.73 22.38 -54.22
N ARG A 2545 -30.35 22.01 -53.10
CA ARG A 2545 -29.65 21.66 -51.88
C ARG A 2545 -29.69 20.15 -51.69
N VAL A 2546 -28.64 19.62 -51.07
CA VAL A 2546 -28.51 18.20 -50.81
C VAL A 2546 -28.47 17.95 -49.31
N ALA A 2547 -29.23 16.95 -48.86
CA ALA A 2547 -29.33 16.60 -47.45
C ALA A 2547 -29.38 15.09 -47.31
N ARG A 2548 -28.58 14.54 -46.40
CA ARG A 2548 -28.72 13.15 -46.02
C ARG A 2548 -29.94 12.95 -45.13
N LEU A 2549 -30.37 11.69 -45.01
CA LEU A 2549 -31.61 11.34 -44.33
C LEU A 2549 -31.34 10.20 -43.36
N ASP A 2550 -32.10 10.17 -42.27
CA ASP A 2550 -31.87 9.20 -41.20
C ASP A 2550 -33.18 8.78 -40.57
N ALA A 2551 -33.10 7.68 -39.82
CA ALA A 2551 -34.26 6.80 -39.59
C ALA A 2551 -35.46 7.54 -39.00
N LEU A 2552 -35.23 8.64 -38.29
CA LEU A 2552 -36.33 9.43 -37.75
C LEU A 2552 -36.95 10.37 -38.77
N GLY A 2553 -36.59 10.27 -40.04
CA GLY A 2553 -37.13 11.16 -41.05
C GLY A 2553 -36.50 12.54 -41.07
N GLN A 2554 -35.50 12.81 -40.24
CA GLN A 2554 -34.85 14.11 -40.22
C GLN A 2554 -33.82 14.17 -41.34
N LEU A 2555 -33.54 15.39 -41.81
CA LEU A 2555 -32.53 15.60 -42.83
C LEU A 2555 -31.58 16.72 -42.44
N SER A 2556 -30.30 16.51 -42.72
CA SER A 2556 -29.25 17.48 -42.43
C SER A 2556 -28.63 17.93 -43.74
N TYR A 2557 -28.70 19.23 -44.02
CA TYR A 2557 -28.18 19.76 -45.27
C TYR A 2557 -26.66 19.57 -45.33
N ALA A 2558 -26.17 19.28 -46.54
CA ALA A 2558 -24.79 18.84 -46.71
C ALA A 2558 -24.10 19.39 -47.95
N ALA A 2559 -24.82 19.95 -48.92
CA ALA A 2559 -24.20 20.67 -50.02
C ALA A 2559 -25.24 21.52 -50.71
N VAL A 2560 -24.76 22.47 -51.53
CA VAL A 2560 -25.52 22.99 -52.66
C VAL A 2560 -25.03 22.35 -53.95
N ASN A 2561 -25.67 22.71 -55.07
CA ASN A 2561 -25.52 22.01 -56.33
C ASN A 2561 -25.38 23.06 -57.44
N GLU A 2562 -24.96 22.59 -58.62
CA GLU A 2562 -24.82 23.46 -59.78
C GLU A 2562 -26.09 24.27 -60.04
N HIS A 2563 -27.25 23.61 -59.98
CA HIS A 2563 -28.52 24.27 -60.22
C HIS A 2563 -28.88 25.31 -59.16
N TRP A 2564 -28.17 25.31 -58.02
CA TRP A 2564 -28.28 26.39 -57.06
C TRP A 2564 -27.34 27.56 -57.37
N LEU A 2565 -26.11 27.26 -57.80
CA LEU A 2565 -25.14 28.32 -58.07
C LEU A 2565 -25.47 29.10 -59.33
N LYS A 2566 -26.11 28.46 -60.30
CA LYS A 2566 -26.32 29.08 -61.61
C LYS A 2566 -27.10 30.37 -61.48
N GLY A 2567 -26.61 31.42 -62.17
CA GLY A 2567 -27.29 32.69 -62.26
C GLY A 2567 -27.08 33.64 -61.10
N ARG A 2568 -26.72 33.13 -59.92
CA ARG A 2568 -26.43 34.02 -58.80
C ARG A 2568 -25.16 34.81 -59.06
N ILE A 2569 -25.23 36.12 -58.89
CA ILE A 2569 -24.06 36.95 -59.15
C ILE A 2569 -23.10 36.97 -57.95
N HIS A 2570 -23.61 36.74 -56.75
CA HIS A 2570 -22.83 36.80 -55.51
C HIS A 2570 -23.14 35.61 -54.62
N TRP A 2571 -23.05 34.40 -55.19
CA TRP A 2571 -23.57 33.20 -54.52
C TRP A 2571 -22.96 32.99 -53.13
N TRP A 2572 -21.77 33.54 -52.87
CA TRP A 2572 -21.21 33.46 -51.53
C TRP A 2572 -22.02 34.24 -50.51
N GLN A 2573 -22.82 35.21 -50.95
CA GLN A 2573 -23.76 35.85 -50.05
C GLN A 2573 -24.92 34.92 -49.74
N ASP A 2574 -25.57 34.40 -50.79
CA ASP A 2574 -26.79 33.62 -50.63
C ASP A 2574 -26.53 32.30 -49.92
N LEU A 2575 -25.30 31.80 -49.95
CA LEU A 2575 -24.97 30.53 -49.30
C LEU A 2575 -25.17 30.56 -47.79
N THR A 2576 -25.31 31.74 -47.18
CA THR A 2576 -25.75 31.84 -45.80
C THR A 2576 -27.20 31.41 -45.60
N SER A 2577 -28.00 31.40 -46.66
CA SER A 2577 -29.43 31.13 -46.57
C SER A 2577 -29.76 29.64 -46.53
N VAL A 2578 -28.82 28.77 -46.88
CA VAL A 2578 -29.13 27.37 -47.12
C VAL A 2578 -29.59 26.67 -45.84
N THR A 2579 -29.16 27.15 -44.67
CA THR A 2579 -29.51 26.49 -43.42
C THR A 2579 -29.55 27.53 -42.31
N ASP A 2580 -30.22 27.18 -41.21
CA ASP A 2580 -30.39 28.11 -40.10
C ASP A 2580 -29.05 28.55 -39.52
N GLY A 2581 -28.13 27.61 -39.32
CA GLY A 2581 -26.81 27.95 -38.83
C GLY A 2581 -26.00 26.72 -38.54
N ARG A 2582 -24.70 26.96 -38.33
CA ARG A 2582 -23.72 25.89 -38.09
C ARG A 2582 -23.70 24.87 -39.23
N ALA A 2583 -23.86 25.34 -40.46
CA ALA A 2583 -23.90 24.48 -41.62
C ALA A 2583 -22.49 24.27 -42.15
N THR A 2584 -22.20 23.04 -42.61
CA THR A 2584 -20.94 22.75 -43.29
C THR A 2584 -21.27 22.09 -44.62
N LEU A 2585 -20.98 22.79 -45.71
CA LEU A 2585 -21.41 22.41 -47.04
C LEU A 2585 -20.21 22.27 -47.96
N ALA A 2586 -20.19 21.22 -48.76
CA ALA A 2586 -19.46 21.28 -50.02
C ALA A 2586 -20.17 22.23 -50.98
N VAL A 2587 -19.46 22.64 -52.04
CA VAL A 2587 -20.04 23.49 -53.09
C VAL A 2587 -19.63 22.87 -54.43
N PHE A 2588 -20.43 21.91 -54.90
CA PHE A 2588 -20.04 21.07 -56.03
C PHE A 2588 -20.04 21.80 -57.37
N GLY A 2589 -20.56 23.03 -57.43
CA GLY A 2589 -20.69 23.73 -58.70
C GLY A 2589 -19.51 24.51 -59.21
N VAL A 2590 -18.43 24.64 -58.44
CA VAL A 2590 -17.41 25.64 -58.76
C VAL A 2590 -16.45 25.04 -59.79
N LYS A 2591 -16.16 25.82 -60.83
CA LYS A 2591 -15.38 25.37 -61.98
C LYS A 2591 -13.99 26.02 -61.95
N ASP A 2592 -12.97 25.23 -62.26
CA ASP A 2592 -11.65 25.76 -62.55
C ASP A 2592 -11.69 26.64 -63.80
N THR A 2593 -10.61 27.42 -63.98
CA THR A 2593 -10.59 28.48 -64.98
C THR A 2593 -10.81 27.98 -66.40
N ASP A 2594 -10.54 26.70 -66.65
CA ASP A 2594 -10.75 26.12 -67.98
C ASP A 2594 -12.22 25.90 -68.33
N GLY A 2595 -13.12 25.98 -67.35
CA GLY A 2595 -14.52 25.72 -67.62
C GLY A 2595 -14.85 24.26 -67.79
N LYS A 2596 -13.96 23.38 -67.38
CA LYS A 2596 -14.12 21.92 -67.51
C LYS A 2596 -13.83 21.20 -66.21
N SER A 2597 -12.76 21.57 -65.51
CA SER A 2597 -12.43 20.98 -64.23
C SER A 2597 -13.26 21.65 -63.12
N LEU A 2598 -13.39 20.96 -62.00
CA LEU A 2598 -14.20 21.44 -60.89
C LEU A 2598 -13.29 21.85 -59.74
N LEU A 2599 -13.54 23.03 -59.19
CA LEU A 2599 -12.71 23.59 -58.13
C LEU A 2599 -13.26 23.18 -56.77
N PRO A 2600 -12.51 22.43 -55.97
CA PRO A 2600 -13.01 22.02 -54.65
C PRO A 2600 -13.22 23.21 -53.74
N VAL A 2601 -14.44 23.35 -53.23
CA VAL A 2601 -14.84 24.46 -52.38
C VAL A 2601 -15.67 23.90 -51.22
N TRP A 2602 -15.52 24.48 -50.04
CA TRP A 2602 -16.39 24.19 -48.92
C TRP A 2602 -16.89 25.48 -48.29
N TYR A 2603 -17.92 25.36 -47.46
CA TYR A 2603 -18.38 26.41 -46.58
C TYR A 2603 -18.48 25.86 -45.17
N HIS A 2604 -18.06 26.65 -44.18
CA HIS A 2604 -17.98 26.16 -42.81
C HIS A 2604 -18.10 27.35 -41.86
N ASN A 2605 -19.21 27.40 -41.13
CA ASN A 2605 -19.49 28.45 -40.13
C ASN A 2605 -19.30 29.85 -40.69
N GLY A 2606 -19.60 30.03 -41.98
CA GLY A 2606 -19.46 31.31 -42.63
C GLY A 2606 -18.19 31.49 -43.45
N GLN A 2607 -17.18 30.66 -43.21
CA GLN A 2607 -15.93 30.73 -43.97
C GLN A 2607 -16.02 29.82 -45.19
N VAL A 2608 -15.52 30.32 -46.31
CA VAL A 2608 -15.37 29.54 -47.54
C VAL A 2608 -13.93 29.08 -47.66
N VAL A 2609 -13.73 27.78 -47.90
CA VAL A 2609 -12.41 27.21 -48.14
C VAL A 2609 -12.34 26.79 -49.60
N VAL A 2610 -11.29 27.25 -50.29
CA VAL A 2610 -10.99 26.81 -51.65
C VAL A 2610 -9.63 26.16 -51.68
N ALA A 2611 -9.53 25.03 -52.37
CA ALA A 2611 -8.27 24.33 -52.57
C ALA A 2611 -7.47 25.02 -53.68
N SER A 2612 -6.23 25.40 -53.37
CA SER A 2612 -5.40 26.16 -54.29
C SER A 2612 -4.71 25.23 -55.28
N ALA A 2613 -4.09 25.84 -56.30
CA ALA A 2613 -3.78 25.14 -57.55
C ALA A 2613 -3.00 23.86 -57.32
N ALA A 2614 -2.15 23.81 -56.30
CA ALA A 2614 -1.42 22.59 -56.00
C ALA A 2614 -2.33 21.51 -55.42
N LEU A 2615 -3.36 21.93 -54.68
CA LEU A 2615 -4.23 20.97 -54.00
C LEU A 2615 -5.16 20.28 -54.99
N GLN A 2616 -5.66 21.03 -55.98
CA GLN A 2616 -6.96 20.73 -56.60
C GLN A 2616 -7.01 19.31 -57.16
N ASP A 2617 -5.96 18.90 -57.90
CA ASP A 2617 -5.92 17.58 -58.51
C ASP A 2617 -5.71 16.45 -57.51
N LYS A 2618 -5.44 16.76 -56.25
CA LYS A 2618 -5.05 15.76 -55.26
C LYS A 2618 -6.24 15.19 -54.48
N HIS A 2619 -7.46 15.60 -54.81
CA HIS A 2619 -8.67 15.27 -54.04
C HIS A 2619 -8.50 15.75 -52.61
N PRO A 2620 -8.56 17.06 -52.38
CA PRO A 2620 -8.51 17.59 -51.01
C PRO A 2620 -9.72 17.18 -50.18
N GLN A 2621 -9.45 16.70 -48.98
CA GLN A 2621 -10.46 16.43 -47.96
C GLN A 2621 -10.48 17.61 -46.99
N PHE A 2622 -11.64 17.85 -46.38
CA PHE A 2622 -11.74 18.96 -45.45
C PHE A 2622 -11.65 18.51 -44.00
N LEU A 2623 -11.07 19.39 -43.18
CA LEU A 2623 -10.86 19.21 -41.75
C LEU A 2623 -11.06 20.56 -41.07
N GLY A 2624 -11.42 20.52 -39.78
CA GLY A 2624 -12.12 21.62 -39.15
C GLY A 2624 -11.10 22.53 -38.49
N PHE A 2625 -11.49 23.78 -38.24
CA PHE A 2625 -10.50 24.84 -38.22
C PHE A 2625 -9.73 24.89 -36.90
N GLU A 2626 -8.49 25.36 -37.00
CA GLU A 2626 -7.69 25.69 -35.83
C GLU A 2626 -8.43 26.67 -34.92
N VAL A 2627 -8.12 26.63 -33.62
CA VAL A 2627 -8.84 27.45 -32.67
C VAL A 2627 -8.63 28.94 -32.91
N ASP A 2628 -7.66 29.31 -33.75
CA ASP A 2628 -7.57 30.69 -34.24
C ASP A 2628 -8.67 31.02 -35.23
N GLY A 2629 -9.33 30.02 -35.80
CA GLY A 2629 -10.51 30.25 -36.62
C GLY A 2629 -10.25 30.72 -38.04
N SER A 2630 -9.00 30.73 -38.50
CA SER A 2630 -8.69 31.04 -39.89
C SER A 2630 -7.90 29.96 -40.61
N SER A 2631 -7.06 29.19 -39.91
CA SER A 2631 -6.28 28.11 -40.51
C SER A 2631 -7.15 26.87 -40.65
N ALA A 2632 -7.78 26.73 -41.81
CA ALA A 2632 -8.46 25.49 -42.13
C ALA A 2632 -7.46 24.37 -42.41
N ARG A 2633 -7.62 23.26 -41.69
CA ARG A 2633 -6.84 22.06 -41.92
C ARG A 2633 -7.37 21.28 -43.12
N LEU A 2634 -6.48 20.58 -43.81
CA LEU A 2634 -6.83 19.73 -44.93
C LEU A 2634 -5.95 18.49 -44.93
N PHE A 2635 -6.44 17.43 -45.58
CA PHE A 2635 -5.70 16.19 -45.75
C PHE A 2635 -5.82 15.73 -47.19
N GLU A 2636 -4.75 15.13 -47.71
CA GLU A 2636 -4.67 14.73 -49.11
C GLU A 2636 -4.20 13.28 -49.23
N PRO A 2637 -5.14 12.33 -49.31
CA PRO A 2637 -4.82 10.94 -48.94
C PRO A 2637 -3.79 10.30 -49.85
N ALA A 2638 -3.75 10.69 -51.13
CA ALA A 2638 -2.73 10.17 -52.04
C ALA A 2638 -1.33 10.57 -51.62
N SER A 2639 -1.14 11.84 -51.25
CA SER A 2639 0.15 12.26 -50.72
C SER A 2639 0.40 11.71 -49.32
N GLY A 2640 -0.65 11.41 -48.57
CA GLY A 2640 -0.50 11.07 -47.17
C GLY A 2640 -0.23 12.22 -46.24
N LYS A 2641 -0.28 13.46 -46.73
CA LYS A 2641 0.26 14.61 -46.01
C LYS A 2641 -0.86 15.56 -45.61
N LEU A 2642 -0.59 16.30 -44.53
CA LEU A 2642 -1.58 17.13 -43.84
C LEU A 2642 -1.19 18.59 -44.01
N TYR A 2643 -2.18 19.44 -44.30
CA TYR A 2643 -1.91 20.77 -44.82
C TYR A 2643 -2.72 21.82 -44.07
N ARG A 2644 -2.40 23.09 -44.36
CA ARG A 2644 -3.05 24.25 -43.77
C ARG A 2644 -3.37 25.27 -44.87
N GLN A 2645 -4.55 25.88 -44.78
CA GLN A 2645 -5.04 26.68 -45.90
C GLN A 2645 -5.84 27.87 -45.37
N PRO A 2646 -5.48 29.10 -45.76
CA PRO A 2646 -6.23 30.27 -45.30
C PRO A 2646 -7.67 30.26 -45.80
N ALA A 2647 -8.57 30.75 -44.94
CA ALA A 2647 -9.88 31.20 -45.41
C ALA A 2647 -9.73 32.40 -46.34
N MET A 2648 -10.70 32.56 -47.24
CA MET A 2648 -10.70 33.61 -48.25
C MET A 2648 -11.82 34.61 -47.98
N THR A 2649 -11.47 35.88 -47.89
CA THR A 2649 -12.43 36.92 -47.56
C THR A 2649 -13.37 37.19 -48.74
N ALA A 2650 -14.53 37.79 -48.43
CA ALA A 2650 -15.49 38.15 -49.46
C ALA A 2650 -14.93 39.13 -50.48
N ASP A 2651 -14.01 40.01 -50.06
CA ASP A 2651 -13.30 40.85 -51.03
C ASP A 2651 -12.34 40.01 -51.87
N ALA A 2652 -11.65 39.07 -51.24
CA ALA A 2652 -10.77 38.18 -51.99
C ALA A 2652 -11.54 37.26 -52.92
N LEU A 2653 -12.75 36.82 -52.53
CA LEU A 2653 -13.64 36.15 -53.46
C LEU A 2653 -14.08 37.06 -54.60
N ALA A 2654 -14.39 38.33 -54.30
CA ALA A 2654 -14.72 39.30 -55.33
C ALA A 2654 -13.58 39.52 -56.32
N ALA A 2655 -12.34 39.37 -55.86
CA ALA A 2655 -11.19 39.38 -56.78
C ALA A 2655 -11.06 38.06 -57.54
N ALA A 2656 -11.10 36.92 -56.84
CA ALA A 2656 -10.86 35.64 -57.47
C ALA A 2656 -12.00 35.23 -58.41
N PHE A 2657 -13.22 35.65 -58.13
CA PHE A 2657 -14.34 35.36 -59.01
C PHE A 2657 -15.04 36.66 -59.40
N GLY A 2658 -15.48 36.74 -60.65
CA GLY A 2658 -16.08 37.94 -61.18
C GLY A 2658 -17.55 38.05 -60.82
N THR A 2659 -18.37 37.22 -61.47
CA THR A 2659 -19.82 37.20 -61.28
C THR A 2659 -20.35 35.81 -61.58
N ASP A 2660 -19.58 34.79 -61.24
CA ASP A 2660 -19.71 33.50 -61.92
C ASP A 2660 -19.14 32.41 -61.02
N GLU A 2661 -19.49 31.17 -61.35
CA GLU A 2661 -18.98 29.97 -60.70
C GLU A 2661 -17.60 29.55 -61.17
N VAL A 2662 -17.01 30.26 -62.13
CA VAL A 2662 -15.76 29.83 -62.76
C VAL A 2662 -14.63 30.76 -62.36
N LEU A 2663 -13.53 30.17 -61.87
CA LEU A 2663 -12.41 30.93 -61.35
C LEU A 2663 -11.80 31.83 -62.43
N GLU A 2664 -11.31 33.00 -62.00
CA GLU A 2664 -10.57 33.87 -62.89
C GLU A 2664 -9.15 33.36 -63.14
N ALA A 2665 -8.66 33.62 -64.36
CA ALA A 2665 -7.28 33.34 -64.72
C ALA A 2665 -6.30 34.16 -63.87
N SER A 2666 -6.71 35.33 -63.40
CA SER A 2666 -6.01 36.02 -62.32
C SER A 2666 -6.20 35.35 -60.98
N ALA A 2667 -5.86 34.07 -60.90
CA ALA A 2667 -6.13 33.23 -59.74
C ALA A 2667 -5.24 33.61 -58.57
N GLN A 2668 -5.47 34.80 -58.01
CA GLN A 2668 -4.65 35.37 -56.94
C GLN A 2668 -4.99 34.70 -55.61
N LEU A 2669 -4.80 33.38 -55.57
CA LEU A 2669 -5.48 32.48 -54.65
C LEU A 2669 -4.54 32.05 -53.54
N PRO A 2670 -4.97 32.18 -52.28
CA PRO A 2670 -4.10 31.85 -51.13
C PRO A 2670 -3.58 30.43 -51.19
N ALA A 2671 -2.26 30.30 -51.13
CA ALA A 2671 -1.60 29.01 -51.29
C ALA A 2671 -1.51 28.29 -49.94
N ALA A 2672 -1.49 26.96 -50.00
CA ALA A 2672 -1.44 26.15 -48.81
C ALA A 2672 0.00 26.07 -48.27
N ASN A 2673 0.13 25.44 -47.10
CA ASN A 2673 1.41 24.96 -46.62
C ASN A 2673 1.18 23.74 -45.73
N GLU A 2674 2.17 22.86 -45.69
CA GLU A 2674 2.07 21.65 -44.87
C GLU A 2674 1.99 22.00 -43.39
N LEU A 2675 1.31 21.13 -42.64
CA LEU A 2675 1.03 21.33 -41.23
C LEU A 2675 1.94 20.50 -40.33
N GLU A 2676 2.14 19.22 -40.66
CA GLU A 2676 2.94 18.30 -39.86
C GLU A 2676 3.86 17.50 -40.78
N PRO A 2677 4.92 18.15 -41.30
CA PRO A 2677 5.68 17.56 -42.41
C PRO A 2677 6.35 16.22 -42.07
N GLU A 2678 6.56 15.93 -40.79
CA GLU A 2678 7.29 14.74 -40.37
C GLU A 2678 6.49 13.46 -40.49
N LEU A 2679 5.20 13.53 -40.83
CA LEU A 2679 4.32 12.38 -40.77
C LEU A 2679 3.82 12.05 -42.17
N HIS A 2680 3.74 10.75 -42.46
CA HIS A 2680 2.95 10.20 -43.55
C HIS A 2680 1.77 9.43 -42.97
N LEU A 2681 0.56 9.82 -43.39
CA LEU A 2681 -0.66 9.41 -42.71
C LEU A 2681 -1.41 8.39 -43.55
N LYS A 2682 -1.75 7.26 -42.92
CA LYS A 2682 -2.66 6.30 -43.52
C LYS A 2682 -4.07 6.88 -43.65
N ALA A 2683 -4.53 7.58 -42.62
CA ALA A 2683 -5.88 8.12 -42.58
C ALA A 2683 -5.93 9.18 -41.50
N ALA A 2684 -6.75 10.21 -41.74
CA ALA A 2684 -6.97 11.28 -40.78
C ALA A 2684 -8.44 11.61 -40.68
N GLU A 2685 -8.91 11.81 -39.45
CA GLU A 2685 -10.31 12.08 -39.18
C GLU A 2685 -10.40 13.05 -38.02
N GLN A 2686 -11.49 13.81 -37.99
CA GLN A 2686 -11.81 14.65 -36.84
C GLN A 2686 -12.28 13.80 -35.66
N VAL A 2687 -12.07 14.34 -34.45
CA VAL A 2687 -12.52 13.71 -33.22
C VAL A 2687 -12.73 14.83 -32.20
N ASP A 2688 -13.46 14.53 -31.13
CA ASP A 2688 -13.82 15.56 -30.16
C ASP A 2688 -12.58 16.24 -29.58
N ALA A 2689 -11.57 15.45 -29.19
CA ALA A 2689 -10.36 16.03 -28.61
C ALA A 2689 -9.47 16.71 -29.63
N GLY A 2690 -9.66 16.43 -30.91
CA GLY A 2690 -8.78 16.97 -31.94
C GLY A 2690 -8.82 16.13 -33.20
N LEU A 2691 -7.66 15.69 -33.67
CA LEU A 2691 -7.53 14.86 -34.86
C LEU A 2691 -6.91 13.53 -34.48
N ARG A 2692 -7.42 12.45 -35.06
CA ARG A 2692 -6.84 11.13 -34.90
C ARG A 2692 -6.11 10.75 -36.19
N LEU A 2693 -4.84 10.41 -36.06
CA LEU A 2693 -3.94 10.21 -37.20
C LEU A 2693 -3.36 8.81 -37.13
N THR A 2694 -3.43 8.08 -38.24
CA THR A 2694 -2.77 6.79 -38.38
C THR A 2694 -1.59 6.93 -39.33
N THR A 2695 -0.42 6.48 -38.87
CA THR A 2695 0.76 6.47 -39.72
C THR A 2695 0.77 5.18 -40.55
N VAL A 2696 1.36 5.27 -41.76
CA VAL A 2696 1.42 4.13 -42.67
C VAL A 2696 1.93 2.87 -41.97
N LYS A 2697 2.75 3.03 -40.93
CA LYS A 2697 3.23 1.89 -40.17
C LYS A 2697 2.16 1.26 -39.29
N GLY A 2698 1.04 1.96 -39.07
CA GLY A 2698 -0.05 1.45 -38.28
C GLY A 2698 -0.19 2.02 -36.89
N GLU A 2699 0.72 2.90 -36.47
CA GLU A 2699 0.61 3.57 -35.18
C GLU A 2699 -0.42 4.69 -35.26
N ILE A 2700 -1.24 4.81 -34.22
CA ILE A 2700 -2.44 5.63 -34.22
C ILE A 2700 -2.25 6.75 -33.19
N LEU A 2701 -2.32 7.99 -33.64
CA LEU A 2701 -1.98 9.15 -32.83
C LEU A 2701 -3.21 10.03 -32.63
N LEU A 2702 -3.26 10.68 -31.47
CA LEU A 2702 -4.11 11.85 -31.25
C LEU A 2702 -3.27 13.12 -31.26
N ARG A 2703 -3.73 14.12 -32.01
CA ARG A 2703 -3.27 15.50 -31.85
C ARG A 2703 -4.35 16.32 -31.16
N THR A 2704 -4.03 16.85 -29.98
CA THR A 2704 -4.90 17.79 -29.30
C THR A 2704 -4.81 19.18 -29.94
N HIS A 2705 -5.70 20.07 -29.51
CA HIS A 2705 -5.87 21.38 -30.14
C HIS A 2705 -4.61 22.24 -30.05
N ASP A 2706 -3.59 21.76 -29.34
CA ASP A 2706 -2.34 22.50 -29.17
C ASP A 2706 -1.16 21.83 -29.88
N GLY A 2707 -1.38 20.73 -30.59
CA GLY A 2707 -0.34 20.09 -31.35
C GLY A 2707 0.50 19.09 -30.60
N LYS A 2708 0.17 18.78 -29.35
CA LYS A 2708 0.89 17.77 -28.57
C LYS A 2708 0.50 16.39 -29.09
N LEU A 2709 1.22 15.92 -30.09
CA LEU A 2709 1.00 14.58 -30.62
C LEU A 2709 1.22 13.52 -29.54
N GLN A 2710 0.24 12.62 -29.40
CA GLN A 2710 0.31 11.53 -28.44
C GLN A 2710 0.05 10.21 -29.16
N LEU A 2711 0.92 9.24 -28.93
CA LEU A 2711 0.67 7.87 -29.37
C LEU A 2711 -0.48 7.26 -28.57
N VAL A 2712 -1.28 6.44 -29.22
CA VAL A 2712 -2.46 5.85 -28.57
C VAL A 2712 -2.55 4.35 -28.83
N ALA A 2713 -2.34 3.91 -30.07
CA ALA A 2713 -2.56 2.52 -30.41
C ALA A 2713 -1.75 2.15 -31.64
N VAL A 2714 -1.71 0.84 -31.92
CA VAL A 2714 -1.10 0.29 -33.12
C VAL A 2714 -2.08 -0.69 -33.74
N ASP A 2715 -2.19 -0.66 -35.08
CA ASP A 2715 -3.23 -1.39 -35.78
C ASP A 2715 -2.86 -2.86 -35.99
N LYS A 2716 -3.76 -3.57 -36.68
CA LYS A 2716 -3.56 -4.98 -37.00
C LYS A 2716 -2.35 -5.21 -37.89
N ASP A 2717 -2.02 -4.25 -38.75
CA ASP A 2717 -0.83 -4.39 -39.60
C ASP A 2717 0.45 -4.25 -38.78
N TRP A 2718 0.54 -3.20 -37.96
CA TRP A 2718 1.75 -2.99 -37.16
C TRP A 2718 2.04 -4.21 -36.30
N GLN A 2719 1.00 -4.77 -35.67
CA GLN A 2719 1.18 -5.94 -34.81
C GLN A 2719 1.62 -7.17 -35.58
N GLN A 2720 1.15 -7.35 -36.82
CA GLN A 2720 1.62 -8.49 -37.62
C GLN A 2720 3.06 -8.29 -38.11
N ASP A 2721 3.42 -7.07 -38.48
CA ASP A 2721 4.78 -6.79 -38.93
C ASP A 2721 5.80 -6.98 -37.80
N ASN A 2722 5.53 -6.38 -36.65
CA ASN A 2722 6.42 -6.44 -35.49
C ASN A 2722 6.42 -7.81 -34.80
N LEU A 2723 5.40 -8.64 -35.07
CA LEU A 2723 4.93 -9.66 -34.12
C LEU A 2723 6.07 -10.49 -33.52
N VAL A 2724 7.07 -10.86 -34.34
CA VAL A 2724 8.10 -11.77 -33.87
C VAL A 2724 9.00 -11.12 -32.80
N ARG A 2725 9.01 -9.80 -32.71
CA ARG A 2725 9.72 -9.09 -31.65
C ARG A 2725 8.83 -7.99 -31.07
N LEU A 2726 7.52 -8.28 -30.96
CA LEU A 2726 6.53 -7.24 -30.70
C LEU A 2726 6.78 -6.49 -29.40
N SER A 2727 7.21 -7.20 -28.34
CA SER A 2727 7.48 -6.53 -27.07
C SER A 2727 8.63 -5.54 -27.17
N GLN A 2728 9.69 -5.90 -27.90
CA GLN A 2728 10.78 -4.96 -28.16
C GLN A 2728 10.32 -3.81 -29.05
N ALA A 2729 9.54 -4.10 -30.08
CA ALA A 2729 9.02 -3.04 -30.94
C ALA A 2729 8.14 -2.07 -30.17
N LEU A 2730 7.37 -2.57 -29.21
CA LEU A 2730 6.55 -1.72 -28.37
C LEU A 2730 7.40 -0.86 -27.45
N ALA A 2731 8.40 -1.45 -26.80
CA ALA A 2731 9.29 -0.65 -25.96
C ALA A 2731 10.05 0.40 -26.77
N GLU A 2732 10.46 0.04 -27.99
CA GLU A 2732 11.08 1.00 -28.89
C GLU A 2732 10.15 2.15 -29.25
N VAL A 2733 8.91 1.85 -29.64
CA VAL A 2733 8.01 2.93 -30.03
C VAL A 2733 7.57 3.76 -28.83
N ALA A 2734 7.42 3.15 -27.65
CA ALA A 2734 7.27 3.89 -26.39
C ALA A 2734 8.54 4.61 -25.96
N GLY A 2735 9.64 4.44 -26.67
CA GLY A 2735 10.79 5.31 -26.47
C GLY A 2735 10.86 6.45 -27.46
N GLN A 2736 10.53 6.16 -28.72
CA GLN A 2736 10.47 7.21 -29.74
C GLN A 2736 9.45 8.27 -29.39
N TRP A 2737 8.34 7.88 -28.77
CA TRP A 2737 7.36 8.80 -28.22
C TRP A 2737 7.43 8.78 -26.70
N ARG A 2738 7.58 9.96 -26.11
CA ARG A 2738 7.68 10.09 -24.65
C ARG A 2738 6.33 9.77 -24.01
N VAL A 2739 6.08 8.49 -23.76
CA VAL A 2739 4.78 7.98 -23.37
C VAL A 2739 4.98 7.05 -22.17
N LYS A 2740 4.03 7.08 -21.24
CA LYS A 2740 4.04 6.20 -20.09
C LYS A 2740 2.61 5.83 -19.75
N GLY A 2741 2.44 4.71 -19.06
CA GLY A 2741 1.13 4.12 -18.87
C GLY A 2741 0.90 2.85 -19.65
N VAL A 2742 -0.13 2.83 -20.51
CA VAL A 2742 -0.58 1.63 -21.18
C VAL A 2742 -0.81 1.93 -22.66
N LEU A 2743 -0.44 0.97 -23.51
CA LEU A 2743 -0.75 0.99 -24.93
C LEU A 2743 -1.67 -0.16 -25.26
N THR A 2744 -2.54 0.06 -26.24
CA THR A 2744 -3.54 -0.91 -26.66
C THR A 2744 -3.17 -1.52 -28.00
N LEU A 2745 -3.07 -2.84 -28.03
CA LEU A 2745 -3.02 -3.62 -29.28
C LEU A 2745 -4.43 -3.73 -29.86
N GLN A 2746 -4.77 -2.80 -30.74
CA GLN A 2746 -6.07 -2.80 -31.38
C GLN A 2746 -6.19 -4.01 -32.31
N GLY A 2747 -7.43 -4.41 -32.60
CA GLY A 2747 -7.66 -5.45 -33.60
C GLY A 2747 -9.14 -5.64 -33.85
N ASP A 2748 -9.42 -6.49 -34.83
CA ASP A 2748 -10.79 -6.76 -35.26
C ASP A 2748 -11.50 -7.72 -34.31
N ASP A 2749 -10.90 -8.87 -34.03
CA ASP A 2749 -11.48 -9.89 -33.18
C ASP A 2749 -10.74 -10.11 -31.87
N THR A 2750 -9.52 -9.59 -31.76
CA THR A 2750 -8.70 -9.75 -30.56
C THR A 2750 -8.06 -8.41 -30.25
N GLN A 2751 -8.02 -8.07 -28.96
CA GLN A 2751 -7.42 -6.81 -28.52
C GLN A 2751 -6.70 -7.03 -27.20
N GLY A 2752 -5.76 -6.15 -26.92
CA GLY A 2752 -4.86 -6.34 -25.79
C GLY A 2752 -4.16 -5.06 -25.41
N TRP A 2753 -3.45 -5.12 -24.28
CA TRP A 2753 -2.94 -3.94 -23.60
C TRP A 2753 -1.47 -4.17 -23.31
N PHE A 2754 -0.63 -3.20 -23.68
CA PHE A 2754 0.77 -3.18 -23.32
C PHE A 2754 0.98 -2.14 -22.23
N ASP A 2755 1.44 -2.59 -21.06
CA ASP A 2755 1.81 -1.70 -19.96
C ASP A 2755 3.20 -1.13 -20.25
N VAL A 2756 3.25 0.16 -20.59
CA VAL A 2756 4.50 0.80 -20.99
C VAL A 2756 5.54 0.73 -19.88
N GLY A 2757 5.10 0.70 -18.64
CA GLY A 2757 6.02 0.58 -17.52
C GLY A 2757 6.59 -0.79 -17.26
N SER A 2758 6.17 -1.83 -17.97
CA SER A 2758 6.57 -3.19 -17.67
C SER A 2758 6.78 -3.97 -18.95
N GLY A 2759 7.31 -5.18 -18.80
CA GLY A 2759 7.59 -6.05 -19.93
C GLY A 2759 6.39 -6.77 -20.53
N GLN A 2760 5.45 -7.18 -19.68
CA GLN A 2760 4.43 -8.13 -20.08
C GLN A 2760 3.32 -7.44 -20.88
N VAL A 2761 2.59 -8.25 -21.65
CA VAL A 2761 1.49 -7.79 -22.48
C VAL A 2761 0.29 -8.71 -22.29
N PHE A 2762 -0.90 -8.11 -22.23
CA PHE A 2762 -2.12 -8.80 -21.83
C PHE A 2762 -3.07 -8.76 -23.03
N SER A 2763 -3.50 -9.94 -23.47
CA SER A 2763 -4.41 -10.06 -24.62
C SER A 2763 -5.75 -10.62 -24.14
N ILE A 2764 -6.83 -9.93 -24.51
CA ILE A 2764 -8.16 -10.31 -24.04
C ILE A 2764 -8.68 -11.56 -24.74
N GLY A 2765 -8.20 -11.85 -25.94
CA GLY A 2765 -8.90 -12.82 -26.76
C GLY A 2765 -10.17 -12.29 -27.40
N GLY A 2766 -10.99 -13.24 -27.86
CA GLY A 2766 -12.08 -13.05 -28.80
C GLY A 2766 -13.28 -12.25 -28.33
N ILE A 2767 -13.16 -11.55 -27.21
CA ILE A 2767 -14.31 -10.84 -26.64
C ILE A 2767 -14.62 -9.59 -27.46
N PRO A 2768 -15.91 -9.33 -27.74
CA PRO A 2768 -16.27 -8.32 -28.75
C PRO A 2768 -15.73 -6.93 -28.44
N ALA A 2769 -15.35 -6.23 -29.51
CA ALA A 2769 -15.05 -4.80 -29.47
C ALA A 2769 -16.36 -4.00 -29.44
N THR A 2770 -16.22 -2.68 -29.40
CA THR A 2770 -17.28 -1.67 -29.28
C THR A 2770 -17.90 -1.66 -27.89
N ASP A 2771 -17.50 -2.56 -27.00
CA ASP A 2771 -17.95 -2.49 -25.62
C ASP A 2771 -17.33 -1.33 -24.84
N ASN A 2772 -16.45 -0.54 -25.45
CA ASN A 2772 -15.69 0.50 -24.76
C ASN A 2772 -14.95 -0.09 -23.57
N LEU A 2773 -14.34 -1.25 -23.80
CA LEU A 2773 -13.71 -2.03 -22.75
C LEU A 2773 -12.65 -1.21 -22.02
N ARG A 2774 -12.75 -1.18 -20.69
CA ARG A 2774 -11.86 -0.39 -19.84
C ARG A 2774 -10.74 -1.25 -19.29
N PHE A 2775 -9.53 -0.69 -19.28
CA PHE A 2775 -8.41 -1.25 -18.54
C PHE A 2775 -8.15 -0.38 -17.32
N ILE A 2776 -8.27 -0.96 -16.13
CA ILE A 2776 -8.15 -0.21 -14.89
C ILE A 2776 -6.75 -0.34 -14.27
N GLY A 2777 -6.08 -1.46 -14.50
CA GLY A 2777 -4.66 -1.52 -14.20
C GLY A 2777 -4.18 -2.93 -13.98
N ILE A 2778 -2.86 -3.04 -13.85
CA ILE A 2778 -2.19 -4.29 -13.49
C ILE A 2778 -2.51 -4.65 -12.04
N ALA A 2779 -2.79 -5.94 -11.82
CA ALA A 2779 -3.08 -6.47 -10.50
C ALA A 2779 -1.81 -6.57 -9.65
N VAL A 2780 -2.01 -6.75 -8.35
CA VAL A 2780 -0.94 -6.95 -7.38
C VAL A 2780 -1.31 -8.13 -6.49
N GLY A 2781 -0.30 -8.83 -5.98
CA GLY A 2781 -0.52 -9.97 -5.11
C GLY A 2781 -1.04 -11.22 -5.79
N LYS A 2782 -1.70 -11.07 -6.93
CA LYS A 2782 -1.91 -12.19 -7.84
C LYS A 2782 -1.66 -11.74 -9.27
N LYS A 2783 -1.44 -12.73 -10.14
CA LYS A 2783 -1.02 -12.48 -11.50
C LYS A 2783 -2.14 -11.86 -12.34
N GLY A 2784 -1.74 -11.33 -13.48
CA GLY A 2784 -2.67 -10.76 -14.44
C GLY A 2784 -3.03 -9.31 -14.16
N ALA A 2785 -4.12 -8.89 -14.79
CA ALA A 2785 -4.67 -7.54 -14.66
C ALA A 2785 -6.19 -7.62 -14.64
N TYR A 2786 -6.82 -6.51 -14.29
CA TYR A 2786 -8.27 -6.44 -14.17
C TYR A 2786 -8.80 -5.54 -15.28
N VAL A 2787 -9.87 -5.98 -15.93
CA VAL A 2787 -10.53 -5.26 -17.00
C VAL A 2787 -12.02 -5.20 -16.73
N TYR A 2788 -12.61 -4.02 -16.90
CA TYR A 2788 -14.04 -3.82 -16.68
C TYR A 2788 -14.72 -3.49 -18.01
N ASN A 2789 -15.80 -4.22 -18.30
CA ASN A 2789 -16.63 -3.94 -19.46
C ASN A 2789 -17.80 -3.06 -19.06
N PRO A 2790 -17.83 -1.78 -19.44
CA PRO A 2790 -18.90 -0.89 -18.98
C PRO A 2790 -20.27 -1.26 -19.55
N THR A 2791 -20.31 -2.08 -20.61
CA THR A 2791 -21.54 -2.38 -21.34
C THR A 2791 -22.15 -3.70 -20.89
N ASP A 2792 -21.33 -4.71 -20.63
CA ASP A 2792 -21.76 -5.86 -19.85
C ASP A 2792 -22.07 -5.48 -18.41
N GLN A 2793 -21.35 -4.49 -17.87
CA GLN A 2793 -21.19 -4.28 -16.44
C GLN A 2793 -20.65 -5.55 -15.76
N MET A 2794 -19.50 -6.01 -16.26
CA MET A 2794 -18.85 -7.20 -15.76
C MET A 2794 -17.35 -6.95 -15.71
N LEU A 2795 -16.71 -7.50 -14.68
CA LEU A 2795 -15.27 -7.33 -14.46
C LEU A 2795 -14.53 -8.57 -14.94
N TYR A 2796 -13.53 -8.38 -15.80
CA TYR A 2796 -12.71 -9.47 -16.31
C TYR A 2796 -11.33 -9.41 -15.69
N GLN A 2797 -10.84 -10.56 -15.22
CA GLN A 2797 -9.42 -10.76 -14.98
C GLN A 2797 -8.76 -11.25 -16.26
N VAL A 2798 -7.91 -10.42 -16.86
CA VAL A 2798 -7.08 -10.85 -17.98
C VAL A 2798 -5.82 -11.51 -17.40
N LYS A 2799 -5.78 -12.83 -17.44
CA LYS A 2799 -4.67 -13.58 -16.85
C LYS A 2799 -3.40 -13.35 -17.67
N GLU A 2800 -2.30 -13.94 -17.19
CA GLU A 2800 -1.07 -14.01 -17.97
C GLU A 2800 -1.21 -14.90 -19.19
N SER A 2801 -2.18 -15.83 -19.19
CA SER A 2801 -2.34 -16.79 -20.26
C SER A 2801 -3.80 -16.96 -20.68
N GLY A 2802 -4.67 -16.05 -20.28
CA GLY A 2802 -6.06 -16.15 -20.68
C GLY A 2802 -6.87 -14.99 -20.13
N ALA A 2803 -8.19 -15.21 -20.03
CA ALA A 2803 -9.07 -14.24 -19.41
C ALA A 2803 -10.24 -14.96 -18.76
N GLN A 2804 -10.82 -14.31 -17.75
CA GLN A 2804 -11.93 -14.88 -16.99
C GLN A 2804 -12.81 -13.75 -16.49
N LYS A 2805 -14.12 -13.98 -16.49
CA LYS A 2805 -15.04 -13.14 -15.72
C LYS A 2805 -14.83 -13.36 -14.23
N LEU A 2806 -14.49 -12.28 -13.52
CA LEU A 2806 -14.37 -12.34 -12.07
C LEU A 2806 -15.70 -12.08 -11.38
N ASN A 2807 -16.40 -11.00 -11.75
CA ASN A 2807 -17.65 -10.66 -11.10
C ASN A 2807 -18.40 -9.63 -11.94
N HIS A 2808 -19.65 -9.38 -11.54
CA HIS A 2808 -20.56 -8.51 -12.28
C HIS A 2808 -20.77 -7.18 -11.58
N TYR A 2809 -19.69 -6.54 -11.14
CA TYR A 2809 -19.80 -5.26 -10.43
C TYR A 2809 -20.47 -4.22 -11.31
N ALA A 2810 -21.51 -3.58 -10.77
CA ALA A 2810 -22.35 -2.67 -11.55
C ALA A 2810 -21.60 -1.41 -11.98
N ASP A 2811 -20.46 -1.10 -11.36
CA ASP A 2811 -19.50 -0.17 -11.94
C ASP A 2811 -18.14 -0.40 -11.32
N VAL A 2812 -17.11 0.02 -12.06
CA VAL A 2812 -15.71 0.05 -11.61
C VAL A 2812 -15.00 1.14 -12.40
N GLU A 2813 -14.26 1.99 -11.70
CA GLU A 2813 -13.58 3.10 -12.34
C GLU A 2813 -12.31 3.41 -11.56
N ARG A 2814 -11.32 3.97 -12.26
CA ARG A 2814 -10.13 4.53 -11.65
C ARG A 2814 -10.01 6.00 -11.99
N ILE A 2815 -9.72 6.82 -11.00
CA ILE A 2815 -9.35 8.22 -11.21
C ILE A 2815 -8.03 8.45 -10.48
N GLY A 2816 -6.96 8.61 -11.25
CA GLY A 2816 -5.64 8.83 -10.66
C GLY A 2816 -5.20 7.65 -9.82
N SER A 2817 -4.91 7.93 -8.55
CA SER A 2817 -4.50 6.91 -7.59
C SER A 2817 -5.67 6.26 -6.86
N SER A 2818 -6.90 6.48 -7.32
CA SER A 2818 -8.08 6.06 -6.58
C SER A 2818 -9.00 5.24 -7.47
N LEU A 2819 -9.42 4.08 -6.97
CA LEU A 2819 -10.54 3.35 -7.55
C LEU A 2819 -11.86 3.97 -7.11
N LEU A 2820 -12.83 3.97 -8.01
CA LEU A 2820 -14.24 4.04 -7.64
C LEU A 2820 -14.91 2.71 -7.96
N LEU A 2821 -15.47 2.08 -6.94
CA LEU A 2821 -15.90 0.69 -7.01
C LEU A 2821 -17.30 0.57 -6.40
N GLN A 2822 -18.18 -0.15 -7.08
CA GLN A 2822 -19.60 -0.07 -6.79
C GLN A 2822 -20.21 -1.47 -6.84
N ASP A 2823 -21.36 -1.61 -6.17
CA ASP A 2823 -21.83 -2.92 -5.72
C ASP A 2823 -22.05 -3.86 -6.89
N GLY A 2824 -21.86 -5.16 -6.64
CA GLY A 2824 -22.19 -6.19 -7.59
C GLY A 2824 -23.68 -6.43 -7.67
N GLY A 2825 -24.06 -7.46 -8.42
CA GLY A 2825 -25.39 -8.03 -8.27
C GLY A 2825 -25.50 -8.85 -7.00
N LYS A 2826 -24.56 -9.78 -6.80
CA LYS A 2826 -24.22 -10.25 -5.47
C LYS A 2826 -23.75 -9.08 -4.62
N GLY A 2827 -24.26 -9.00 -3.39
CA GLY A 2827 -23.71 -8.02 -2.47
C GLY A 2827 -22.73 -8.63 -1.48
N ASP A 2828 -21.45 -8.57 -1.86
CA ASP A 2828 -20.34 -8.94 -0.97
C ASP A 2828 -19.12 -8.24 -1.58
N LEU A 2829 -18.84 -7.03 -1.10
CA LEU A 2829 -17.93 -6.12 -1.76
C LEU A 2829 -16.60 -6.08 -1.03
N SER A 2830 -15.52 -6.45 -1.73
CA SER A 2830 -14.18 -6.52 -1.18
C SER A 2830 -13.24 -5.96 -2.24
N PRO A 2831 -12.30 -5.11 -1.83
CA PRO A 2831 -11.46 -4.41 -2.83
C PRO A 2831 -10.47 -5.31 -3.55
N MET A 2832 -9.74 -4.71 -4.50
CA MET A 2832 -8.83 -5.41 -5.38
C MET A 2832 -7.46 -4.77 -5.25
N LEU A 2833 -6.41 -5.53 -5.53
CA LEU A 2833 -5.05 -5.04 -5.38
C LEU A 2833 -4.50 -4.61 -6.74
N ILE A 2834 -4.09 -3.35 -6.81
CA ILE A 2834 -3.76 -2.66 -8.06
C ILE A 2834 -2.54 -1.79 -7.75
N ALA A 2835 -1.72 -1.51 -8.77
CA ALA A 2835 -0.35 -1.10 -8.53
C ALA A 2835 -0.15 0.41 -8.58
N GLY A 2836 -0.94 1.11 -9.39
CA GLY A 2836 -0.83 2.56 -9.44
C GLY A 2836 -1.64 3.29 -8.41
N VAL A 2837 -2.35 2.56 -7.54
CA VAL A 2837 -3.41 3.12 -6.70
C VAL A 2837 -3.07 2.89 -5.24
N ASP A 2838 -3.65 3.74 -4.39
CA ASP A 2838 -3.50 3.62 -2.94
C ASP A 2838 -4.80 3.84 -2.19
N SER A 2839 -5.88 4.22 -2.87
CA SER A 2839 -7.12 4.65 -2.27
C SER A 2839 -8.28 3.97 -3.01
N VAL A 2840 -9.32 3.60 -2.28
CA VAL A 2840 -10.51 3.01 -2.89
C VAL A 2840 -11.75 3.57 -2.21
N VAL A 2841 -12.73 3.94 -3.04
CA VAL A 2841 -14.07 4.30 -2.59
C VAL A 2841 -14.99 3.10 -2.77
N LEU A 2842 -15.72 2.74 -1.72
CA LEU A 2842 -16.70 1.67 -1.77
C LEU A 2842 -18.11 2.24 -1.69
N HIS A 2843 -19.03 1.60 -2.40
CA HIS A 2843 -20.44 1.96 -2.33
C HIS A 2843 -21.26 0.70 -2.54
N GLY A 2844 -22.40 0.62 -1.85
CA GLY A 2844 -23.16 -0.61 -1.79
C GLY A 2844 -24.66 -0.39 -1.82
N GLY A 2845 -25.31 -0.90 -2.86
CA GLY A 2845 -26.76 -0.99 -2.88
C GLY A 2845 -27.25 -2.33 -3.41
N ALA A 2846 -27.42 -3.28 -2.52
CA ALA A 2846 -27.93 -4.60 -2.86
C ALA A 2846 -28.47 -5.26 -1.61
N GLY A 2847 -29.25 -6.32 -1.81
CA GLY A 2847 -29.90 -7.01 -0.71
C GLY A 2847 -28.94 -7.53 0.34
N SER A 2848 -29.07 -7.05 1.58
CA SER A 2848 -28.24 -7.46 2.70
C SER A 2848 -26.75 -7.20 2.43
N ASP A 2849 -26.45 -6.21 1.59
CA ASP A 2849 -25.08 -6.01 1.11
C ASP A 2849 -24.12 -5.78 2.26
N THR A 2850 -22.90 -6.28 2.10
CA THR A 2850 -21.91 -6.30 3.17
C THR A 2850 -20.57 -5.85 2.63
N TYR A 2851 -19.86 -5.05 3.42
CA TYR A 2851 -18.48 -4.68 3.13
C TYR A 2851 -17.53 -5.59 3.90
N ARG A 2852 -16.48 -6.06 3.21
CA ARG A 2852 -15.61 -7.10 3.74
C ARG A 2852 -14.17 -6.71 3.44
N LEU A 2853 -13.44 -6.29 4.48
CA LEU A 2853 -12.08 -5.78 4.33
C LEU A 2853 -11.10 -6.83 4.81
N SER A 2854 -10.27 -7.33 3.90
CA SER A 2854 -9.17 -8.20 4.28
C SER A 2854 -8.10 -7.44 5.04
N GLN A 2855 -7.45 -8.14 5.98
CA GLN A 2855 -6.25 -7.61 6.63
C GLN A 2855 -5.20 -7.21 5.62
N THR A 2856 -5.01 -8.01 4.56
CA THR A 2856 -4.02 -7.69 3.55
C THR A 2856 -4.37 -6.39 2.83
N MET A 2857 -5.63 -6.24 2.43
CA MET A 2857 -6.07 -5.01 1.78
C MET A 2857 -5.93 -3.81 2.71
N TRP A 2858 -6.35 -3.96 3.97
CA TRP A 2858 -6.16 -2.86 4.92
C TRP A 2858 -4.70 -2.53 5.11
N SER A 2859 -3.82 -3.53 5.02
CA SER A 2859 -2.37 -3.31 5.04
C SER A 2859 -1.85 -2.69 3.76
N TYR A 2860 -2.61 -2.72 2.67
CA TYR A 2860 -2.14 -2.19 1.39
C TYR A 2860 -2.70 -0.81 1.07
N TYR A 2861 -4.01 -0.63 1.18
CA TYR A 2861 -4.63 0.64 0.83
C TYR A 2861 -4.44 1.65 1.96
N ARG A 2862 -3.88 2.81 1.63
CA ARG A 2862 -3.75 3.90 2.60
C ARG A 2862 -5.11 4.42 3.03
N THR A 2863 -6.07 4.47 2.12
CA THR A 2863 -7.40 4.99 2.43
C THR A 2863 -8.45 4.08 1.81
N VAL A 2864 -9.47 3.74 2.60
CA VAL A 2864 -10.69 3.12 2.12
C VAL A 2864 -11.85 4.06 2.44
N VAL A 2865 -12.57 4.49 1.40
CA VAL A 2865 -13.71 5.39 1.56
C VAL A 2865 -14.98 4.59 1.37
N ILE A 2866 -15.97 4.84 2.23
CA ILE A 2866 -17.24 4.14 2.20
C ILE A 2866 -18.37 5.18 2.13
N ASP A 2867 -19.36 4.89 1.30
CA ASP A 2867 -20.42 5.85 0.99
C ASP A 2867 -21.70 5.09 0.72
N ASN A 2868 -22.83 5.74 0.99
CA ASN A 2868 -24.15 5.15 0.80
C ASN A 2868 -25.15 6.22 0.44
N ASP A 2869 -26.19 5.83 -0.27
CA ASP A 2869 -27.24 6.72 -0.73
C ASP A 2869 -28.47 6.62 0.16
N ASP A 2870 -29.24 7.70 0.19
CA ASP A 2870 -30.38 7.84 1.11
C ASP A 2870 -31.35 6.65 1.08
N PRO A 2871 -31.77 6.12 -0.06
CA PRO A 2871 -32.75 5.01 -0.04
C PRO A 2871 -32.14 3.77 0.59
N ASN A 2872 -32.78 3.28 1.65
CA ASN A 2872 -32.17 2.28 2.52
C ASN A 2872 -31.92 0.97 1.78
N GLN A 2873 -30.70 0.46 1.90
CA GLN A 2873 -30.27 -0.79 1.27
C GLN A 2873 -30.50 -1.98 2.19
N VAL A 2874 -30.09 -1.85 3.45
CA VAL A 2874 -30.54 -2.75 4.52
C VAL A 2874 -30.23 -2.07 5.84
N LEU A 2875 -30.96 -2.44 6.89
CA LEU A 2875 -30.61 -2.00 8.24
C LEU A 2875 -29.36 -2.70 8.76
N ASP A 2876 -29.33 -4.03 8.70
CA ASP A 2876 -28.19 -4.79 9.21
C ASP A 2876 -27.01 -4.76 8.24
N ARG A 2877 -26.60 -3.55 7.89
CA ARG A 2877 -25.55 -3.31 6.90
C ARG A 2877 -24.20 -3.38 7.61
N LEU A 2878 -23.45 -4.45 7.36
CA LEU A 2878 -22.29 -4.80 8.17
C LEU A 2878 -21.01 -4.41 7.43
N ILE A 2879 -20.07 -3.84 8.17
CA ILE A 2879 -18.67 -3.75 7.76
C ILE A 2879 -17.86 -4.73 8.59
N ILE A 2880 -17.23 -5.69 7.93
CA ILE A 2880 -16.34 -6.64 8.58
C ILE A 2880 -14.92 -6.11 8.47
N LEU A 2881 -14.30 -5.82 9.62
CA LEU A 2881 -12.88 -5.48 9.71
C LEU A 2881 -12.11 -6.66 10.28
N ALA A 2882 -11.17 -7.17 9.49
CA ALA A 2882 -10.26 -8.21 9.96
C ALA A 2882 -9.14 -7.66 10.85
N VAL A 2883 -8.98 -6.35 10.90
CA VAL A 2883 -8.01 -5.71 11.78
C VAL A 2883 -8.53 -5.72 13.22
N ASP A 2884 -7.63 -5.91 14.17
CA ASP A 2884 -8.01 -5.93 15.57
C ASP A 2884 -8.33 -4.52 16.07
N ALA A 2885 -9.40 -4.43 16.88
CA ALA A 2885 -10.04 -3.15 17.15
C ALA A 2885 -9.15 -2.23 17.97
N GLU A 2886 -8.24 -2.78 18.78
CA GLU A 2886 -7.65 -2.02 19.86
C GLU A 2886 -6.78 -0.87 19.38
N LYS A 2887 -6.27 -0.93 18.15
CA LYS A 2887 -5.32 0.06 17.66
C LYS A 2887 -6.00 1.14 16.82
N ILE A 2888 -7.32 1.08 16.69
CA ILE A 2888 -8.10 2.02 15.89
C ILE A 2888 -8.46 3.22 16.77
N PHE A 2889 -8.41 4.43 16.20
CA PHE A 2889 -8.76 5.64 16.91
C PHE A 2889 -9.85 6.39 16.13
N VAL A 2890 -10.98 6.62 16.80
CA VAL A 2890 -12.11 7.35 16.24
C VAL A 2890 -11.85 8.86 16.33
N SER A 2891 -12.39 9.59 15.36
CA SER A 2891 -12.45 11.06 15.40
C SER A 2891 -13.44 11.49 14.33
N ARG A 2892 -13.45 12.79 14.02
CA ARG A 2892 -14.29 13.29 12.95
C ARG A 2892 -13.63 14.44 12.21
N HIS A 2893 -14.00 14.59 10.94
CA HIS A 2893 -13.91 15.87 10.25
C HIS A 2893 -15.14 16.72 10.59
N GLU A 2894 -15.33 17.82 9.87
CA GLU A 2894 -16.53 18.62 10.03
C GLU A 2894 -17.81 17.84 9.72
N ASP A 2895 -17.71 16.73 8.97
CA ASP A 2895 -18.88 15.94 8.66
C ASP A 2895 -18.54 14.45 8.64
N ASP A 2896 -17.36 14.11 8.16
CA ASP A 2896 -16.94 12.71 8.12
C ASP A 2896 -16.62 12.20 9.51
N LEU A 2897 -17.04 10.97 9.80
CA LEU A 2897 -16.41 10.17 10.84
C LEU A 2897 -15.15 9.52 10.29
N MET A 2898 -14.16 9.33 11.17
CA MET A 2898 -12.91 8.68 10.79
C MET A 2898 -12.51 7.67 11.85
N LEU A 2899 -12.15 6.46 11.43
CA LEU A 2899 -11.54 5.46 12.29
C LEU A 2899 -10.09 5.33 11.87
N THR A 2900 -9.17 5.82 12.70
CA THR A 2900 -7.77 5.94 12.32
C THR A 2900 -6.94 4.86 12.99
N ASP A 2901 -6.21 4.09 12.20
CA ASP A 2901 -5.20 3.19 12.72
C ASP A 2901 -4.02 4.00 13.26
N SER A 2902 -3.18 3.34 14.07
CA SER A 2902 -2.02 4.01 14.63
C SER A 2902 -0.72 3.22 14.53
N VAL A 2903 -0.77 1.91 14.23
CA VAL A 2903 0.42 1.24 13.71
C VAL A 2903 0.54 1.36 12.20
N ASN A 2904 -0.47 1.92 11.53
CA ASN A 2904 -0.38 2.29 10.14
C ASN A 2904 -1.07 3.64 9.94
N GLY A 2905 -0.75 4.30 8.83
CA GLY A 2905 -1.45 5.51 8.46
C GLY A 2905 -2.82 5.30 7.86
N THR A 2906 -3.36 4.08 7.92
CA THR A 2906 -4.52 3.71 7.13
C THR A 2906 -5.79 4.21 7.81
N VAL A 2907 -6.52 5.09 7.14
CA VAL A 2907 -7.76 5.67 7.65
C VAL A 2907 -8.94 5.00 6.97
N LEU A 2908 -9.96 4.66 7.77
CA LEU A 2908 -11.30 4.39 7.25
C LEU A 2908 -12.19 5.60 7.52
N VAL A 2909 -12.85 6.09 6.47
CA VAL A 2909 -13.73 7.25 6.56
C VAL A 2909 -15.16 6.81 6.30
N ILE A 2910 -16.10 7.40 7.04
CA ILE A 2910 -17.53 7.19 6.81
C ILE A 2910 -18.14 8.55 6.48
N ARG A 2911 -18.53 8.73 5.22
CA ARG A 2911 -18.58 10.02 4.53
C ARG A 2911 -19.64 11.00 5.03
N LYS A 2912 -20.62 10.57 5.85
CA LYS A 2912 -21.67 11.53 6.21
C LYS A 2912 -22.31 11.29 7.58
N VAL A 2913 -21.54 10.82 8.57
CA VAL A 2913 -22.12 10.49 9.87
C VAL A 2913 -22.60 11.74 10.60
N PHE A 2914 -21.91 12.86 10.43
CA PHE A 2914 -22.29 14.14 11.00
C PHE A 2914 -22.91 15.05 9.94
N GLY A 2915 -23.48 16.15 10.41
CA GLY A 2915 -24.02 17.16 9.52
C GLY A 2915 -25.38 16.83 8.93
N SER A 2916 -25.57 17.25 7.68
CA SER A 2916 -26.89 17.24 7.03
C SER A 2916 -27.55 15.87 7.06
N GLN A 2917 -26.84 14.83 6.64
CA GLN A 2917 -27.46 13.51 6.59
C GLN A 2917 -27.60 12.85 7.95
N ALA A 2918 -26.93 13.36 8.99
CA ALA A 2918 -26.95 12.70 10.30
C ALA A 2918 -28.38 12.42 10.77
N VAL A 2919 -29.28 13.39 10.58
CA VAL A 2919 -30.66 13.30 11.05
C VAL A 2919 -31.41 12.09 10.48
N THR A 2920 -30.87 11.45 9.44
CA THR A 2920 -31.42 10.17 8.99
C THR A 2920 -31.34 9.09 10.07
N HIS A 2921 -30.33 9.15 10.94
CA HIS A 2921 -30.13 8.16 12.01
C HIS A 2921 -30.19 6.72 11.49
N ARG A 2922 -29.90 6.53 10.21
CA ARG A 2922 -30.08 5.27 9.50
C ARG A 2922 -28.79 4.45 9.43
N HIS A 2923 -27.79 4.81 10.23
CA HIS A 2923 -26.40 4.55 9.87
C HIS A 2923 -26.04 3.08 10.10
N LEU A 2924 -24.93 2.68 9.48
CA LEU A 2924 -24.50 1.30 9.39
C LEU A 2924 -23.98 0.80 10.74
N GLN A 2925 -23.61 -0.48 10.75
CA GLN A 2925 -23.09 -1.17 11.93
C GLN A 2925 -21.77 -1.83 11.57
N ILE A 2926 -20.86 -1.91 12.55
CA ILE A 2926 -19.47 -2.30 12.32
C ILE A 2926 -19.18 -3.58 13.10
N ASP A 2927 -18.47 -4.50 12.45
CA ASP A 2927 -17.97 -5.72 13.07
C ASP A 2927 -16.45 -5.72 13.03
N LEU A 2928 -15.82 -5.88 14.19
CA LEU A 2928 -14.37 -5.93 14.30
C LEU A 2928 -13.94 -7.23 14.97
N GLU A 2929 -12.73 -7.69 14.63
CA GLU A 2929 -12.11 -8.80 15.35
C GLU A 2929 -11.69 -8.40 16.75
N GLY A 2930 -11.95 -9.27 17.71
CA GLY A 2930 -11.70 -9.01 19.12
C GLY A 2930 -12.72 -9.68 20.00
N SER A 2931 -13.36 -8.91 20.88
CA SER A 2931 -14.61 -9.33 21.50
C SER A 2931 -15.71 -9.50 20.45
N SER A 2932 -15.59 -8.80 19.33
CA SER A 2932 -16.40 -9.01 18.13
C SER A 2932 -17.90 -8.83 18.40
N SER A 2933 -18.23 -8.02 19.40
CA SER A 2933 -19.57 -7.46 19.45
C SER A 2933 -19.82 -6.61 18.21
N VAL A 2934 -21.08 -6.36 17.91
CA VAL A 2934 -21.44 -5.51 16.77
C VAL A 2934 -21.78 -4.13 17.30
N ILE A 2935 -21.13 -3.11 16.75
CA ILE A 2935 -21.29 -1.74 17.21
C ILE A 2935 -22.17 -1.00 16.21
N SER A 2936 -22.97 -0.06 16.72
CA SER A 2936 -23.77 0.81 15.86
C SER A 2936 -23.06 2.15 15.75
N VAL A 2937 -23.05 2.72 14.53
CA VAL A 2937 -22.45 4.03 14.35
C VAL A 2937 -23.22 5.11 15.10
N ASP A 2938 -24.49 4.81 15.43
CA ASP A 2938 -25.20 5.61 16.44
C ASP A 2938 -24.50 5.50 17.79
N HIS A 2939 -24.10 4.30 18.19
CA HIS A 2939 -23.48 4.13 19.49
C HIS A 2939 -22.15 4.87 19.57
N LEU A 2940 -21.38 4.85 18.48
CA LEU A 2940 -20.14 5.62 18.41
C LEU A 2940 -20.37 7.14 18.45
N VAL A 2941 -21.34 7.65 17.70
CA VAL A 2941 -21.61 9.09 17.81
C VAL A 2941 -22.18 9.48 19.17
N LYS A 2942 -22.91 8.57 19.83
CA LYS A 2942 -23.28 8.82 21.23
C LYS A 2942 -22.08 8.84 22.15
N GLY A 2943 -21.15 7.90 21.98
CA GLY A 2943 -19.90 7.97 22.73
C GLY A 2943 -19.14 9.26 22.53
N PHE A 2944 -19.10 9.75 21.29
CA PHE A 2944 -18.50 11.05 21.00
C PHE A 2944 -19.25 12.18 21.69
N THR A 2945 -20.57 12.09 21.77
CA THR A 2945 -21.38 13.13 22.40
C THR A 2945 -21.37 13.06 23.92
N ARG A 2946 -20.97 11.92 24.49
CA ARG A 2946 -20.94 11.74 25.93
C ARG A 2946 -20.03 12.75 26.63
N LEU A 2947 -18.75 12.74 26.27
CA LEU A 2947 -17.82 13.68 26.90
C LEU A 2947 -17.93 15.08 26.27
N GLY A 2948 -17.20 16.02 26.88
CA GLY A 2948 -16.85 17.29 26.25
C GLY A 2948 -16.12 17.16 24.92
N THR A 2949 -15.70 15.95 24.55
CA THR A 2949 -15.24 15.67 23.19
C THR A 2949 -16.25 16.04 22.13
N ALA A 2950 -17.52 16.27 22.49
CA ALA A 2950 -18.49 16.86 21.58
C ALA A 2950 -18.02 18.16 20.96
N ASN A 2951 -17.09 18.88 21.59
CA ASN A 2951 -16.42 19.99 20.93
C ASN A 2951 -15.52 19.48 19.79
N ILE A 2952 -14.47 18.76 20.16
CA ILE A 2952 -13.69 17.93 19.23
C ILE A 2952 -13.11 16.80 20.07
N GLY A 2953 -12.88 15.65 19.44
CA GLY A 2953 -12.66 14.44 20.20
C GLY A 2953 -11.79 13.43 19.49
N LEU A 2954 -11.34 12.44 20.28
CA LEU A 2954 -10.53 11.32 19.84
C LEU A 2954 -10.56 10.30 20.96
N PHE A 2955 -10.75 9.03 20.62
CA PHE A 2955 -10.72 7.99 21.63
C PHE A 2955 -10.56 6.62 20.99
N GLU A 2956 -10.12 5.67 21.81
CA GLU A 2956 -9.95 4.29 21.42
C GLU A 2956 -11.29 3.58 21.35
N LEU A 2957 -11.37 2.55 20.50
CA LEU A 2957 -12.53 1.69 20.40
C LEU A 2957 -12.76 0.79 21.62
N PRO A 2958 -11.72 0.21 22.24
CA PRO A 2958 -11.98 -0.66 23.40
C PRO A 2958 -12.75 0.00 24.53
N TRP A 2959 -12.74 1.34 24.62
CA TRP A 2959 -13.64 2.05 25.52
C TRP A 2959 -15.09 1.98 25.06
N ALA A 2960 -15.37 2.52 23.87
CA ALA A 2960 -16.75 2.62 23.39
C ALA A 2960 -17.41 1.25 23.21
N ILE A 2961 -16.67 0.26 22.71
CA ILE A 2961 -17.26 -1.07 22.53
C ILE A 2961 -17.65 -1.68 23.88
N GLU A 2962 -16.86 -1.44 24.91
CA GLU A 2962 -17.11 -1.98 26.24
C GLU A 2962 -17.85 -1.00 27.14
N LEU A 2963 -18.25 0.15 26.61
CA LEU A 2963 -18.90 1.20 27.40
C LEU A 2963 -20.22 0.71 28.00
#